data_9MT4
#
_entry.id   9MT4
#
loop_
_entity.id
_entity.type
_entity.pdbx_description
1 polymer 'Portal protein'
2 polymer 'Head-closure protein'
3 polymer 'Tail terminator protein'
4 polymer 'Tube protein'
5 polymer 'Phage protein'
6 polymer 'Structural protein'
7 polymer 'Phage protein'
8 polymer 'Collar protein'
#
loop_
_entity_poly.entity_id
_entity_poly.type
_entity_poly.pdbx_seq_one_letter_code
_entity_poly.pdbx_strand_id
1 'polypeptide(L)'
;MAEITETQESLPPFRMGEVGSLGLKVKNGRIYEEPRQALRFPESIKTFQLMMRDPAVAASVNIIKMFVRKVNWRFVPPKG
KEQDPKMLERADFFNSLMDDMEHDWADFINSVMSFCTYGFCVNEKVYKKRQGKKGKYQSKFDDGLIGWAKLPIRNQSTLD
KWYFDEDFRKVTGVRQNLRNVSHIAGAINLGERPLTRKLPRAKFMLFKYDDEYGNPEGRSPLLNAYVPWKYKVQIEEYEA
VGVSRDLVGMPKIGLPPDYLDENAEPEKKAFVQYCKTVVNDMIANDRAGLIWPRYIDPDTKEDIFEFSLVSRQGAKAYDT
GSIIDRYSKQIMMAFMSDVLAMGQSKYGSFSLADSKTSLLAMSVDILLKQIKNVINRDLVAQTYALNMWDDEEHVQITYD
DIETPDLEAIGSYIQKTVAVGALEVDKELSNKLREHIGLPPADESQPVSEKLSPNSQSRSGDGYKTAGEGTAKTPSAKDP
STANKANK
;
B,A
2 'polypeptide(L)'
;MRLLNRHSFVVKRKVSEDGYYNDDGDWVASQDIVEVNCKGNIQPYIKGSVKNGTQIALPEGIRLTDTRILYTTYKLRTSD
DVEWNESDIVMIDGHEYEVFMTMDWSQQLAHTSHYEYIIIRRDKMNAVRNSRT
;
E
3 'polypeptide(L)'
;MQLETAELEKGLVRTLVDVIGHRLARDKNNRPNVIRAYPSDNSNDKGLKPDQPFITVYCQDAATPYGWVLDKFVEDDVVC
YRIAFQIPVLITVNGKGAHSIMLELKQRLEMSSVRDLILEETGATVLDTGAIPNDYTYLNTDFENSAPLVVTLVKNSVLK
DERGSIIERVIVDGELVYEEGQEPPEYTIHLDVDSKGVK
;
F
4 'polypeptide(L)'
;MAMYQQYSPKDVVCSWNGIAIEGFAPDSFLRLQRTSPLVTPVVGAGGQVALTRNADKTGTIEIELMQTSLSNQMLSAIQA
KQDNMELEEDISSNFVIYDPSGSVLATGINAWLQELPQIELGRDQNSKTWIFGCEKLDYTSTIPASSV
;
P,O
5 'polypeptide(L)'
;MGTLTIDGKNKILATLTPTTIILHNVDPTADPTANKVTQPVAIYFSEPDNGLIASEDTVNITVPASATVSHYSLWDANDK
CVATGALSKPQFFAEEGIYVISSVSVDLNK
;
I,J,L,K,M,N
6 'polypeptide(L)'
;MWNPIVNVDITLNTAGTTREGFGLPLFLASTDNFEERVRGYTSLTEVAEDFDENTAAYKAAKQLWSQTPKVTQLYIGRRA
MQYTVSIPNAVTESTDYSITVAAGGGISQPYQYTAQAEDTAENVLQQFKTQIEADPTIKDKVSVNVTGSNGSATMIITKA
GDNDFVKVTTTAQTVYIASTTADTASTALAAIEAYSTDWYFIAAEDRTQQFVLAMASEIQARKKIFFTANSDVTALQGTE
LASANDVPAQLAKNMYTRTVCLWHHAAAEDYPEMAYIAYGAPYDAGSIAWGNAQLTGVAASLQPSNQRPLTSIQKSALDV
RHCNFIDLDGGVPVVRRGITSGGEWIDIVRGVDWLESDLKTSLRDLLINQKGGKITYDDTGITRIRQVIETSLQRAVNRN
FLSSYTVNVPKASQVALADKKARILKDVTFAGILAGAILDVDLKGTVAYE
;
Q,R
7 'polypeptide(L)'
;MCYTGDPANNPLDRVRILCTDTNNDEILIEQSVLEWFYLESGKDEKKAAIKALKYLLFQVAKMGDEKVGGVYLRNSSRFK
SLKAVYDDLVKSSVSGLPYAGGINQCDIDMRRQNPCSVKKYTEYGDAARYEGRDYCNRVNGVFIIERDE
;
C,D
8 'polypeptide(L)'
;MAEVISISNATRVHSYRGVLIITDKLSVEAGSRASLSGYISDGGTSDVFTICRLLDAPMSGKPFISGNCSEIVKIPFDSS
CLLGVKLYNCENKRINVNSIEAAFITLDTAFQSPMTVNKDTNRLEYIFSQNDYKVLVKGKVYDMIVNVVDESGNHSTVLK
QKVRFN
;
G,H
#
# COMPACT_ATOMS: atom_id res chain seq x y z
N LEU A 11 13.79 -70.35 117.83
CA LEU A 11 12.36 -70.18 118.01
C LEU A 11 12.05 -69.81 119.46
N PRO A 12 11.00 -68.99 119.67
CA PRO A 12 10.67 -68.59 121.03
C PRO A 12 10.17 -69.78 121.83
N PRO A 13 10.34 -69.75 123.16
CA PRO A 13 9.86 -70.87 123.98
C PRO A 13 8.35 -70.87 124.09
N PHE A 14 7.82 -72.04 124.46
CA PHE A 14 6.38 -72.18 124.66
C PHE A 14 5.92 -71.22 125.74
N ARG A 15 4.78 -70.57 125.49
CA ARG A 15 4.21 -69.60 126.41
C ARG A 15 2.70 -69.68 126.39
N MET A 16 2.09 -69.53 127.55
CA MET A 16 0.64 -69.48 127.64
C MET A 16 0.14 -68.13 127.15
N GLY A 17 -0.97 -68.14 126.42
CA GLY A 17 -1.52 -66.94 125.85
C GLY A 17 -1.28 -66.84 124.36
N GLU A 18 -2.13 -66.06 123.69
CA GLU A 18 -2.09 -65.98 122.25
C GLU A 18 -0.79 -65.35 121.76
N VAL A 19 -0.35 -65.78 120.58
CA VAL A 19 0.86 -65.26 119.97
C VAL A 19 0.61 -64.65 118.59
N GLY A 20 -0.45 -65.05 117.89
CA GLY A 20 -0.71 -64.55 116.56
C GLY A 20 -2.02 -63.81 116.44
N SER A 21 -2.69 -63.96 115.29
CA SER A 21 -3.94 -63.27 115.04
C SER A 21 -4.75 -64.07 114.02
N LEU A 22 -6.04 -63.76 113.93
CA LEU A 22 -6.91 -64.45 113.00
C LEU A 22 -6.41 -64.32 111.57
N GLY A 23 -5.83 -63.18 111.23
CA GLY A 23 -5.40 -62.93 109.87
C GLY A 23 -6.49 -62.46 108.94
N LEU A 24 -7.55 -61.87 109.48
CA LEU A 24 -8.63 -61.37 108.64
C LEU A 24 -8.15 -60.19 107.80
N LYS A 25 -8.83 -59.96 106.68
CA LYS A 25 -8.46 -58.94 105.72
C LYS A 25 -9.27 -57.65 105.91
N VAL A 26 -9.64 -57.32 107.15
CA VAL A 26 -10.38 -56.09 107.39
C VAL A 26 -9.54 -54.90 106.95
N LYS A 27 -10.20 -53.94 106.31
CA LYS A 27 -9.54 -52.72 105.84
C LYS A 27 -10.46 -51.54 106.11
N ASN A 28 -10.07 -50.68 107.05
CA ASN A 28 -10.85 -49.51 107.41
C ASN A 28 -12.26 -49.89 107.85
N GLY A 29 -12.36 -50.97 108.61
CA GLY A 29 -13.63 -51.38 109.18
C GLY A 29 -14.54 -52.16 108.26
N ARG A 30 -14.11 -52.47 107.04
CA ARG A 30 -14.92 -53.20 106.08
C ARG A 30 -14.20 -54.49 105.70
N ILE A 31 -14.91 -55.61 105.82
CA ILE A 31 -14.32 -56.90 105.51
C ILE A 31 -14.10 -57.03 104.01
N TYR A 32 -12.93 -57.54 103.63
CA TYR A 32 -12.54 -57.68 102.24
C TYR A 32 -12.22 -59.12 101.91
N GLU A 33 -12.90 -60.05 102.58
CA GLU A 33 -12.65 -61.47 102.34
C GLU A 33 -13.02 -61.86 100.91
N GLU A 34 -14.16 -61.38 100.43
CA GLU A 34 -14.64 -61.74 99.11
C GLU A 34 -13.96 -60.87 98.05
N PRO A 35 -13.28 -61.45 97.06
CA PRO A 35 -12.59 -60.60 96.08
C PRO A 35 -13.53 -59.97 95.06
N ARG A 36 -14.58 -60.65 94.64
CA ARG A 36 -15.48 -60.09 93.64
C ARG A 36 -16.20 -58.87 94.20
N GLN A 37 -16.16 -57.77 93.46
CA GLN A 37 -16.78 -56.54 93.93
C GLN A 37 -18.28 -56.68 94.06
N ALA A 38 -18.90 -57.53 93.24
CA ALA A 38 -20.35 -57.66 93.25
C ALA A 38 -20.88 -58.36 94.49
N LEU A 39 -20.02 -58.95 95.31
CA LEU A 39 -20.45 -59.72 96.47
C LEU A 39 -19.88 -59.19 97.77
N ARG A 40 -19.41 -57.94 97.79
CA ARG A 40 -18.96 -57.29 99.01
C ARG A 40 -20.09 -56.42 99.56
N PHE A 41 -19.82 -55.76 100.69
CA PHE A 41 -20.88 -55.11 101.45
C PHE A 41 -21.77 -54.22 100.60
N PRO A 42 -21.25 -53.13 100.02
CA PRO A 42 -22.15 -52.17 99.36
C PRO A 42 -22.99 -52.77 98.25
N GLU A 43 -22.42 -53.70 97.47
CA GLU A 43 -23.12 -54.26 96.32
C GLU A 43 -23.88 -55.53 96.64
N SER A 44 -23.63 -56.16 97.79
CA SER A 44 -24.27 -57.43 98.10
C SER A 44 -25.72 -57.26 98.52
N ILE A 45 -26.10 -56.07 98.97
CA ILE A 45 -27.50 -55.84 99.33
C ILE A 45 -28.39 -55.94 98.11
N LYS A 46 -27.87 -55.49 96.95
CA LYS A 46 -28.64 -55.54 95.72
C LYS A 46 -28.49 -56.86 94.98
N THR A 47 -27.28 -57.43 94.98
CA THR A 47 -27.07 -58.68 94.26
C THR A 47 -27.91 -59.81 94.86
N PHE A 48 -27.97 -59.90 96.19
CA PHE A 48 -28.76 -60.95 96.81
C PHE A 48 -30.24 -60.76 96.51
N GLN A 49 -30.72 -59.52 96.51
CA GLN A 49 -32.11 -59.28 96.17
C GLN A 49 -32.39 -59.60 94.71
N LEU A 50 -31.40 -59.46 93.83
CA LEU A 50 -31.58 -59.87 92.45
C LEU A 50 -31.68 -61.39 92.34
N MET A 51 -30.91 -62.12 93.14
CA MET A 51 -30.92 -63.57 93.05
C MET A 51 -32.23 -64.14 93.59
N MET A 52 -32.83 -63.51 94.59
CA MET A 52 -34.07 -64.02 95.16
C MET A 52 -35.24 -63.94 94.20
N ARG A 53 -35.11 -63.21 93.09
CA ARG A 53 -36.20 -63.14 92.11
C ARG A 53 -36.33 -64.42 91.31
N ASP A 54 -35.27 -65.21 91.20
CA ASP A 54 -35.35 -66.44 90.44
C ASP A 54 -36.22 -67.46 91.19
N PRO A 55 -37.18 -68.10 90.53
CA PRO A 55 -38.03 -69.05 91.26
C PRO A 55 -37.28 -70.16 91.95
N ALA A 56 -36.21 -70.68 91.33
CA ALA A 56 -35.49 -71.79 91.93
C ALA A 56 -34.81 -71.38 93.24
N VAL A 57 -34.06 -70.29 93.22
CA VAL A 57 -33.40 -69.82 94.43
C VAL A 57 -34.43 -69.46 95.50
N ALA A 58 -35.50 -68.79 95.09
CA ALA A 58 -36.52 -68.39 96.05
C ALA A 58 -37.14 -69.60 96.73
N ALA A 59 -37.49 -70.63 95.94
CA ALA A 59 -38.07 -71.83 96.52
C ALA A 59 -37.09 -72.54 97.44
N SER A 60 -35.82 -72.63 97.02
CA SER A 60 -34.83 -73.31 97.83
C SER A 60 -34.64 -72.61 99.17
N VAL A 61 -34.64 -71.27 99.17
CA VAL A 61 -34.49 -70.53 100.42
C VAL A 61 -35.76 -70.66 101.27
N ASN A 62 -36.93 -70.59 100.63
CA ASN A 62 -38.18 -70.58 101.37
C ASN A 62 -38.45 -71.92 102.04
N ILE A 63 -38.08 -73.03 101.41
CA ILE A 63 -38.29 -74.33 102.05
C ILE A 63 -37.46 -74.42 103.33
N ILE A 64 -36.20 -73.97 103.28
CA ILE A 64 -35.36 -73.99 104.47
C ILE A 64 -35.94 -73.09 105.54
N LYS A 65 -36.40 -71.90 105.17
CA LYS A 65 -36.98 -70.99 106.15
C LYS A 65 -38.23 -71.62 106.78
N MET A 66 -39.07 -72.27 105.97
CA MET A 66 -40.28 -72.89 106.50
C MET A 66 -39.95 -74.00 107.48
N PHE A 67 -38.92 -74.80 107.17
CA PHE A 67 -38.60 -75.92 108.05
C PHE A 67 -38.24 -75.44 109.46
N VAL A 68 -37.46 -74.36 109.54
CA VAL A 68 -37.02 -73.88 110.85
C VAL A 68 -38.20 -73.34 111.66
N ARG A 69 -39.12 -72.63 111.01
CA ARG A 69 -40.23 -72.03 111.72
C ARG A 69 -41.27 -73.05 112.17
N LYS A 70 -41.16 -74.30 111.72
CA LYS A 70 -42.13 -75.32 112.10
C LYS A 70 -41.91 -75.83 113.52
N VAL A 71 -40.75 -75.57 114.11
CA VAL A 71 -40.35 -76.21 115.36
C VAL A 71 -40.81 -75.38 116.55
N ASN A 72 -40.99 -76.04 117.68
CA ASN A 72 -41.34 -75.40 118.94
C ASN A 72 -40.13 -75.33 119.85
N TRP A 73 -40.15 -74.37 120.77
CA TRP A 73 -39.05 -74.13 121.70
C TRP A 73 -39.55 -74.25 123.13
N ARG A 74 -38.62 -74.55 124.04
CA ARG A 74 -38.98 -74.81 125.42
C ARG A 74 -37.72 -74.70 126.28
N PHE A 75 -37.92 -74.40 127.56
CA PHE A 75 -36.83 -74.33 128.53
C PHE A 75 -36.90 -75.54 129.45
N VAL A 76 -35.76 -76.17 129.68
CA VAL A 76 -35.69 -77.39 130.48
C VAL A 76 -34.57 -77.29 131.49
N PRO A 77 -34.65 -78.00 132.62
CA PRO A 77 -33.55 -77.95 133.58
C PRO A 77 -32.28 -78.54 133.00
N PRO A 78 -31.12 -78.09 133.45
CA PRO A 78 -29.87 -78.70 132.97
C PRO A 78 -29.75 -80.14 133.40
N LYS A 79 -29.03 -80.93 132.60
CA LYS A 79 -28.90 -82.35 132.88
C LYS A 79 -28.18 -82.58 134.20
N GLY A 80 -28.60 -83.62 134.91
CA GLY A 80 -28.08 -83.95 136.21
C GLY A 80 -28.91 -83.42 137.37
N LYS A 81 -29.74 -82.42 137.11
CA LYS A 81 -30.59 -81.82 138.14
C LYS A 81 -32.01 -81.63 137.61
N GLU A 82 -32.56 -82.70 137.01
CA GLU A 82 -33.82 -82.55 136.30
C GLU A 82 -34.99 -82.33 137.27
N GLN A 83 -34.99 -83.03 138.40
CA GLN A 83 -36.10 -82.99 139.35
C GLN A 83 -35.91 -81.96 140.46
N ASP A 84 -34.85 -81.17 140.42
CA ASP A 84 -34.63 -80.20 141.49
C ASP A 84 -35.70 -79.11 141.41
N PRO A 85 -36.48 -78.87 142.47
CA PRO A 85 -37.51 -77.83 142.38
C PRO A 85 -36.97 -76.46 142.02
N LYS A 86 -35.78 -76.11 142.49
CA LYS A 86 -35.21 -74.81 142.15
C LYS A 86 -35.03 -74.67 140.64
N MET A 87 -34.49 -75.71 140.00
CA MET A 87 -34.30 -75.66 138.56
C MET A 87 -35.64 -75.63 137.84
N LEU A 88 -36.66 -76.30 138.37
CA LEU A 88 -37.99 -76.22 137.78
C LEU A 88 -38.53 -74.80 137.84
N GLU A 89 -38.33 -74.13 138.97
CA GLU A 89 -38.79 -72.75 139.08
C GLU A 89 -38.02 -71.84 138.13
N ARG A 90 -36.73 -72.06 137.97
CA ARG A 90 -35.95 -71.29 137.01
C ARG A 90 -36.47 -71.52 135.60
N ALA A 91 -36.77 -72.77 135.25
CA ALA A 91 -37.30 -73.07 133.93
C ALA A 91 -38.65 -72.39 133.73
N ASP A 92 -39.50 -72.40 134.75
CA ASP A 92 -40.79 -71.72 134.63
C ASP A 92 -40.62 -70.23 134.41
N PHE A 93 -39.69 -69.61 135.16
CA PHE A 93 -39.44 -68.19 134.98
C PHE A 93 -38.97 -67.88 133.56
N PHE A 94 -38.02 -68.67 133.06
CA PHE A 94 -37.50 -68.41 131.72
C PHE A 94 -38.53 -68.70 130.65
N ASN A 95 -39.40 -69.69 130.87
CA ASN A 95 -40.50 -69.95 129.94
C ASN A 95 -41.46 -68.78 129.91
N SER A 96 -41.81 -68.24 131.08
CA SER A 96 -42.70 -67.09 131.11
C SER A 96 -42.07 -65.87 130.45
N LEU A 97 -40.74 -65.78 130.50
CA LEU A 97 -40.06 -64.66 129.85
C LEU A 97 -40.33 -64.65 128.35
N MET A 98 -40.50 -65.82 127.73
CA MET A 98 -40.66 -65.87 126.28
C MET A 98 -41.93 -65.18 125.82
N ASP A 99 -43.02 -65.35 126.56
CA ASP A 99 -44.32 -64.86 126.14
C ASP A 99 -44.64 -63.46 126.65
N ASP A 100 -43.73 -62.85 127.41
CA ASP A 100 -43.96 -61.53 127.99
C ASP A 100 -43.37 -60.40 127.15
N MET A 101 -42.84 -60.70 125.97
CA MET A 101 -42.21 -59.67 125.17
C MET A 101 -43.25 -58.84 124.45
N GLU A 102 -42.80 -57.69 123.92
CA GLU A 102 -43.69 -56.81 123.17
C GLU A 102 -44.18 -57.47 121.89
N HIS A 103 -43.42 -58.43 121.37
CA HIS A 103 -43.80 -59.17 120.19
C HIS A 103 -43.68 -60.67 120.46
N ASP A 104 -44.38 -61.46 119.65
CA ASP A 104 -44.39 -62.90 119.86
C ASP A 104 -43.01 -63.50 119.60
N TRP A 105 -42.74 -64.63 120.26
CA TRP A 105 -41.48 -65.32 120.05
C TRP A 105 -41.36 -65.83 118.62
N ALA A 106 -42.47 -66.29 118.05
CA ALA A 106 -42.44 -66.77 116.67
C ALA A 106 -41.99 -65.69 115.72
N ASP A 107 -42.43 -64.45 115.95
CA ASP A 107 -41.97 -63.34 115.12
C ASP A 107 -40.47 -63.13 115.27
N PHE A 108 -39.95 -63.26 116.49
CA PHE A 108 -38.52 -63.12 116.69
C PHE A 108 -37.75 -64.19 115.91
N ILE A 109 -38.22 -65.43 115.96
CA ILE A 109 -37.55 -66.49 115.20
C ILE A 109 -37.67 -66.21 113.72
N ASN A 110 -38.79 -65.65 113.28
CA ASN A 110 -38.95 -65.30 111.87
C ASN A 110 -37.92 -64.27 111.44
N SER A 111 -37.71 -63.23 112.25
CA SER A 111 -36.75 -62.21 111.89
C SER A 111 -35.32 -62.75 111.88
N VAL A 112 -35.05 -63.79 112.67
CA VAL A 112 -33.71 -64.35 112.73
C VAL A 112 -33.34 -65.00 111.40
N MET A 113 -34.30 -65.61 110.73
CA MET A 113 -34.02 -66.35 109.50
C MET A 113 -33.61 -65.46 108.35
N SER A 114 -33.52 -64.14 108.54
CA SER A 114 -33.04 -63.28 107.46
C SER A 114 -31.59 -63.59 107.09
N PHE A 115 -30.87 -64.31 107.96
CA PHE A 115 -29.48 -64.66 107.68
C PHE A 115 -29.35 -65.79 106.68
N CYS A 116 -30.46 -66.38 106.24
CA CYS A 116 -30.40 -67.33 105.13
C CYS A 116 -30.08 -66.65 103.82
N THR A 117 -30.20 -65.32 103.75
CA THR A 117 -29.89 -64.54 102.55
C THR A 117 -28.59 -63.77 102.67
N TYR A 118 -28.46 -62.94 103.69
CA TYR A 118 -27.25 -62.14 103.88
C TYR A 118 -26.15 -62.89 104.63
N GLY A 119 -26.46 -64.04 105.22
CA GLY A 119 -25.47 -64.83 105.91
C GLY A 119 -25.26 -64.49 107.36
N PHE A 120 -25.90 -63.44 107.87
CA PHE A 120 -25.77 -63.09 109.27
C PHE A 120 -26.95 -62.21 109.66
N CYS A 121 -27.16 -62.08 110.97
CA CYS A 121 -28.23 -61.24 111.50
C CYS A 121 -27.80 -60.68 112.84
N VAL A 122 -28.33 -59.49 113.17
CA VAL A 122 -28.03 -58.80 114.41
C VAL A 122 -29.33 -58.44 115.09
N ASN A 123 -29.47 -58.83 116.35
CA ASN A 123 -30.66 -58.53 117.15
C ASN A 123 -30.21 -57.86 118.44
N GLU A 124 -30.73 -56.67 118.70
CA GLU A 124 -30.39 -55.95 119.91
C GLU A 124 -31.20 -56.47 121.09
N LYS A 125 -30.61 -56.38 122.28
CA LYS A 125 -31.23 -56.87 123.51
C LYS A 125 -31.72 -55.70 124.34
N VAL A 126 -32.99 -55.74 124.73
CA VAL A 126 -33.61 -54.71 125.53
C VAL A 126 -34.24 -55.35 126.76
N TYR A 127 -34.01 -54.76 127.93
CA TYR A 127 -34.47 -55.31 129.19
C TYR A 127 -35.46 -54.36 129.85
N LYS A 128 -36.18 -54.89 130.84
CA LYS A 128 -37.18 -54.12 131.56
C LYS A 128 -37.37 -54.71 132.94
N LYS A 129 -38.02 -53.96 133.81
CA LYS A 129 -38.38 -54.42 135.14
C LYS A 129 -39.82 -54.90 135.13
N ARG A 130 -40.06 -56.01 135.81
CA ARG A 130 -41.40 -56.63 135.84
C ARG A 130 -42.24 -56.05 136.97
N GLN A 131 -42.43 -54.73 136.90
CA GLN A 131 -43.24 -54.01 137.87
C GLN A 131 -44.70 -53.89 137.46
N GLY A 132 -45.16 -54.79 136.59
CA GLY A 132 -46.55 -54.87 136.18
C GLY A 132 -46.93 -53.88 135.10
N LYS A 133 -47.23 -52.65 135.47
CA LYS A 133 -47.56 -51.63 134.47
C LYS A 133 -47.04 -50.24 134.81
N LYS A 134 -46.29 -50.07 135.89
CA LYS A 134 -45.84 -48.74 136.31
C LYS A 134 -44.45 -48.44 135.74
N GLY A 135 -44.38 -48.49 134.42
CA GLY A 135 -43.12 -48.23 133.74
C GLY A 135 -43.33 -48.00 132.27
N LYS A 136 -42.22 -47.72 131.58
CA LYS A 136 -42.28 -47.50 130.14
C LYS A 136 -42.74 -48.75 129.41
N TYR A 137 -42.26 -49.91 129.83
CA TYR A 137 -42.64 -51.20 129.26
C TYR A 137 -43.49 -51.95 130.27
N GLN A 138 -44.63 -52.45 129.82
CA GLN A 138 -45.58 -53.15 130.69
C GLN A 138 -45.38 -54.65 130.61
N SER A 139 -46.10 -55.37 131.47
CA SER A 139 -45.95 -56.81 131.59
C SER A 139 -47.09 -57.35 132.43
N LYS A 140 -47.18 -58.68 132.50
CA LYS A 140 -48.22 -59.35 133.25
C LYS A 140 -47.81 -59.67 134.69
N PHE A 141 -46.56 -59.39 135.07
CA PHE A 141 -46.03 -59.80 136.35
C PHE A 141 -45.53 -58.60 137.13
N ASP A 142 -45.58 -58.71 138.46
CA ASP A 142 -45.21 -57.62 139.35
C ASP A 142 -44.15 -58.04 140.36
N ASP A 143 -43.35 -59.05 140.02
CA ASP A 143 -42.34 -59.56 140.95
C ASP A 143 -41.09 -58.69 141.02
N GLY A 144 -40.91 -57.76 140.09
CA GLY A 144 -39.80 -56.83 140.16
C GLY A 144 -38.48 -57.37 139.66
N LEU A 145 -38.47 -58.53 139.00
CA LEU A 145 -37.24 -59.10 138.48
C LEU A 145 -36.87 -58.38 137.18
N ILE A 146 -35.86 -58.89 136.47
CA ILE A 146 -35.42 -58.34 135.19
C ILE A 146 -35.79 -59.34 134.10
N GLY A 147 -36.49 -58.85 133.07
CA GLY A 147 -36.91 -59.70 131.98
C GLY A 147 -36.62 -59.09 130.64
N TRP A 148 -37.14 -59.68 129.56
CA TRP A 148 -36.88 -59.21 128.21
C TRP A 148 -38.05 -58.38 127.72
N ALA A 149 -37.75 -57.18 127.24
CA ALA A 149 -38.77 -56.29 126.68
C ALA A 149 -39.01 -56.57 125.21
N LYS A 150 -37.95 -56.79 124.45
CA LYS A 150 -38.07 -57.14 123.04
C LYS A 150 -36.67 -57.43 122.50
N LEU A 151 -36.63 -58.03 121.32
CA LEU A 151 -35.39 -58.38 120.63
C LEU A 151 -35.47 -57.88 119.19
N PRO A 152 -35.40 -56.56 118.99
CA PRO A 152 -35.56 -56.02 117.65
C PRO A 152 -34.40 -56.39 116.74
N ILE A 153 -34.69 -56.39 115.45
CA ILE A 153 -33.68 -56.66 114.42
C ILE A 153 -33.10 -55.34 113.96
N ARG A 154 -31.83 -55.38 113.57
CA ARG A 154 -31.16 -54.24 112.96
C ARG A 154 -30.84 -54.61 111.51
N ASN A 155 -31.34 -53.83 110.57
CA ASN A 155 -31.27 -54.22 109.17
C ASN A 155 -29.82 -54.37 108.72
N GLN A 156 -29.58 -55.37 107.87
CA GLN A 156 -28.23 -55.61 107.38
C GLN A 156 -27.76 -54.51 106.44
N SER A 157 -28.68 -53.90 105.70
CA SER A 157 -28.31 -52.85 104.76
C SER A 157 -27.85 -51.57 105.46
N THR A 158 -28.04 -51.45 106.77
CA THR A 158 -27.62 -50.27 107.51
C THR A 158 -26.31 -50.46 108.24
N LEU A 159 -25.96 -51.69 108.62
CA LEU A 159 -24.69 -51.93 109.31
C LEU A 159 -23.53 -51.58 108.38
N ASP A 160 -22.65 -50.70 108.85
CA ASP A 160 -21.65 -50.06 108.01
C ASP A 160 -20.22 -50.47 108.37
N LYS A 161 -19.82 -50.29 109.63
CA LYS A 161 -18.45 -50.51 110.04
C LYS A 161 -18.41 -51.47 111.23
N TRP A 162 -17.39 -52.32 111.24
CA TRP A 162 -17.13 -53.23 112.35
C TRP A 162 -15.90 -52.77 113.11
N TYR A 163 -15.99 -52.80 114.44
CA TYR A 163 -14.88 -52.43 115.30
C TYR A 163 -14.22 -53.68 115.86
N PHE A 164 -12.89 -53.64 115.95
CA PHE A 164 -12.10 -54.74 116.48
C PHE A 164 -11.22 -54.21 117.60
N ASP A 165 -10.50 -55.12 118.25
CA ASP A 165 -9.59 -54.75 119.32
C ASP A 165 -8.30 -54.21 118.70
N GLU A 166 -7.24 -54.11 119.51
CA GLU A 166 -6.02 -53.46 119.05
C GLU A 166 -5.45 -54.16 117.82
N ASP A 167 -5.43 -55.49 117.80
CA ASP A 167 -4.76 -56.25 116.75
C ASP A 167 -5.68 -57.31 116.16
N PHE A 168 -6.97 -56.98 116.02
CA PHE A 168 -7.91 -57.79 115.26
C PHE A 168 -7.94 -59.24 115.76
N ARG A 169 -8.39 -59.40 117.00
CA ARG A 169 -8.65 -60.71 117.59
C ARG A 169 -10.12 -60.97 117.86
N LYS A 170 -10.93 -59.93 118.02
CA LYS A 170 -12.35 -60.10 118.31
C LYS A 170 -13.08 -58.83 117.89
N VAL A 171 -14.40 -58.94 117.80
CA VAL A 171 -15.27 -57.83 117.44
C VAL A 171 -15.76 -57.16 118.71
N THR A 172 -15.57 -55.84 118.80
CA THR A 172 -15.96 -55.07 119.97
C THR A 172 -17.20 -54.22 119.76
N GLY A 173 -17.67 -54.05 118.52
CA GLY A 173 -18.86 -53.25 118.30
C GLY A 173 -19.18 -53.16 116.83
N VAL A 174 -20.19 -52.33 116.53
CA VAL A 174 -20.65 -52.13 115.17
C VAL A 174 -21.32 -50.76 115.11
N ARG A 175 -21.39 -50.19 113.91
CA ARG A 175 -22.01 -48.89 113.70
C ARG A 175 -23.15 -49.03 112.71
N GLN A 176 -24.27 -48.37 113.01
CA GLN A 176 -25.45 -48.37 112.16
C GLN A 176 -25.64 -46.99 111.58
N ASN A 177 -25.71 -46.91 110.26
CA ASN A 177 -25.85 -45.65 109.53
C ASN A 177 -27.29 -45.52 109.06
N LEU A 178 -27.94 -44.41 109.42
CA LEU A 178 -29.36 -44.21 109.17
C LEU A 178 -29.61 -42.96 108.32
N ARG A 179 -28.69 -42.65 107.42
CA ARG A 179 -28.84 -41.45 106.59
C ARG A 179 -29.90 -41.64 105.52
N ASN A 180 -29.91 -42.80 104.86
CA ASN A 180 -30.85 -43.05 103.78
C ASN A 180 -32.17 -43.64 104.25
N VAL A 181 -32.29 -44.01 105.52
CA VAL A 181 -33.52 -44.65 106.01
C VAL A 181 -34.42 -43.53 106.51
N SER A 182 -35.17 -42.94 105.56
CA SER A 182 -36.19 -41.95 105.84
C SER A 182 -35.68 -40.79 106.70
N HIS A 183 -34.36 -40.58 106.73
CA HIS A 183 -33.77 -39.50 107.52
C HIS A 183 -34.25 -39.56 108.97
N PRO A 194 -29.42 -38.61 116.69
CA PRO A 194 -28.30 -38.63 115.74
C PRO A 194 -28.52 -39.60 114.59
N LEU A 195 -27.93 -39.30 113.44
CA LEU A 195 -28.10 -40.15 112.27
C LEU A 195 -27.28 -41.43 112.33
N THR A 196 -26.27 -41.48 113.20
CA THR A 196 -25.42 -42.66 113.35
C THR A 196 -25.35 -43.04 114.83
N ARG A 197 -25.43 -44.33 115.09
CA ARG A 197 -25.38 -44.85 116.45
C ARG A 197 -24.41 -46.02 116.52
N LYS A 198 -23.82 -46.23 117.69
CA LYS A 198 -22.83 -47.27 117.90
C LYS A 198 -23.31 -48.22 118.98
N LEU A 199 -23.13 -49.52 118.74
CA LEU A 199 -23.55 -50.57 119.64
C LEU A 199 -22.35 -51.38 120.09
N PRO A 200 -22.11 -51.54 121.39
CA PRO A 200 -21.05 -52.45 121.83
C PRO A 200 -21.44 -53.89 121.60
N ARG A 201 -20.41 -54.76 121.59
CA ARG A 201 -20.65 -56.17 121.29
C ARG A 201 -21.53 -56.83 122.34
N ALA A 202 -21.47 -56.36 123.58
CA ALA A 202 -22.26 -56.95 124.66
C ALA A 202 -23.75 -56.61 124.53
N LYS A 203 -24.12 -55.74 123.62
CA LYS A 203 -25.48 -55.23 123.52
C LYS A 203 -26.32 -55.96 122.47
N PHE A 204 -25.78 -56.97 121.80
CA PHE A 204 -26.56 -57.63 120.76
C PHE A 204 -26.02 -59.03 120.52
N MET A 205 -26.86 -59.86 119.91
CA MET A 205 -26.50 -61.20 119.47
C MET A 205 -26.14 -61.19 117.99
N LEU A 206 -25.32 -62.17 117.59
CA LEU A 206 -24.86 -62.28 116.23
C LEU A 206 -25.01 -63.73 115.78
N PHE A 207 -25.84 -63.95 114.77
CA PHE A 207 -26.05 -65.27 114.18
C PHE A 207 -25.31 -65.35 112.85
N LYS A 208 -24.68 -66.49 112.60
CA LYS A 208 -23.88 -66.68 111.40
C LYS A 208 -24.25 -68.00 110.74
N TYR A 209 -24.48 -67.96 109.43
CA TYR A 209 -24.77 -69.17 108.68
C TYR A 209 -23.57 -70.11 108.65
N ASP A 210 -22.37 -69.55 108.45
CA ASP A 210 -21.14 -70.32 108.39
C ASP A 210 -20.00 -69.41 108.79
N ASP A 211 -19.25 -69.80 109.82
CA ASP A 211 -18.31 -68.90 110.49
C ASP A 211 -16.88 -69.43 110.45
N GLU A 212 -16.44 -69.98 109.32
CA GLU A 212 -15.05 -70.33 109.17
C GLU A 212 -14.19 -69.07 109.12
N TYR A 213 -13.03 -69.12 109.76
CA TYR A 213 -12.08 -68.02 109.85
C TYR A 213 -12.57 -66.89 110.75
N GLY A 214 -13.69 -67.07 111.44
CA GLY A 214 -14.19 -66.04 112.34
C GLY A 214 -14.61 -64.76 111.65
N ASN A 215 -15.17 -64.86 110.46
CA ASN A 215 -15.65 -63.67 109.76
C ASN A 215 -16.96 -63.21 110.40
N PRO A 216 -17.07 -61.95 110.85
CA PRO A 216 -18.31 -61.53 111.49
C PRO A 216 -19.53 -61.61 110.58
N GLU A 217 -19.35 -61.45 109.27
CA GLU A 217 -20.47 -61.47 108.33
C GLU A 217 -20.82 -62.87 107.85
N GLY A 218 -20.10 -63.90 108.29
CA GLY A 218 -20.44 -65.25 107.90
C GLY A 218 -20.25 -65.47 106.41
N ARG A 219 -21.07 -66.37 105.86
CA ARG A 219 -21.02 -66.68 104.44
C ARG A 219 -22.41 -67.06 103.96
N SER A 220 -22.95 -66.27 103.05
CA SER A 220 -24.30 -66.54 102.57
C SER A 220 -24.32 -67.80 101.74
N PRO A 221 -25.41 -68.59 101.80
CA PRO A 221 -25.49 -69.78 100.95
C PRO A 221 -25.70 -69.47 99.48
N LEU A 222 -26.09 -68.24 99.14
CA LEU A 222 -26.31 -67.88 97.75
C LEU A 222 -25.01 -67.82 96.94
N LEU A 223 -23.86 -67.80 97.60
CA LEU A 223 -22.60 -67.73 96.86
C LEU A 223 -22.38 -68.97 96.01
N ASN A 224 -22.87 -70.12 96.45
CA ASN A 224 -22.66 -71.35 95.70
C ASN A 224 -23.42 -71.35 94.37
N ALA A 225 -24.57 -70.66 94.33
CA ALA A 225 -25.42 -70.66 93.15
C ALA A 225 -25.28 -69.39 92.32
N TYR A 226 -24.22 -68.62 92.54
CA TYR A 226 -24.09 -67.34 91.83
C TYR A 226 -23.92 -67.54 90.33
N VAL A 227 -23.09 -68.51 89.93
CA VAL A 227 -22.74 -68.67 88.52
C VAL A 227 -23.91 -69.31 87.75
N PRO A 228 -24.48 -70.42 88.23
CA PRO A 228 -25.62 -70.99 87.50
C PRO A 228 -26.75 -70.01 87.30
N TRP A 229 -27.06 -69.20 88.31
CA TRP A 229 -28.11 -68.20 88.16
C TRP A 229 -27.73 -67.18 87.09
N LYS A 230 -26.47 -66.72 87.12
CA LYS A 230 -26.03 -65.72 86.15
C LYS A 230 -26.17 -66.24 84.73
N TYR A 231 -25.82 -67.51 84.50
CA TYR A 231 -25.99 -68.07 83.17
C TYR A 231 -27.46 -68.25 82.82
N LYS A 232 -28.25 -68.74 83.77
CA LYS A 232 -29.64 -69.11 83.47
C LYS A 232 -30.47 -67.89 83.09
N VAL A 233 -30.38 -66.81 83.88
CA VAL A 233 -31.19 -65.64 83.57
C VAL A 233 -30.81 -65.07 82.22
N GLN A 234 -29.51 -65.01 81.93
CA GLN A 234 -29.03 -64.47 80.66
C GLN A 234 -29.57 -65.28 79.48
N ILE A 235 -29.49 -66.61 79.58
CA ILE A 235 -29.95 -67.44 78.47
C ILE A 235 -31.46 -67.33 78.32
N GLU A 236 -32.19 -67.22 79.43
CA GLU A 236 -33.64 -67.04 79.33
C GLU A 236 -33.98 -65.74 78.62
N GLU A 237 -33.26 -64.66 78.95
CA GLU A 237 -33.50 -63.39 78.26
C GLU A 237 -33.22 -63.52 76.77
N TYR A 238 -32.13 -64.20 76.41
CA TYR A 238 -31.82 -64.38 75.00
C TYR A 238 -32.94 -65.13 74.29
N GLU A 239 -33.43 -66.22 74.90
CA GLU A 239 -34.50 -66.99 74.28
C GLU A 239 -35.76 -66.15 74.11
N ALA A 240 -36.11 -65.36 75.13
CA ALA A 240 -37.31 -64.53 75.02
C ALA A 240 -37.18 -63.52 73.90
N VAL A 241 -36.01 -62.86 73.79
CA VAL A 241 -35.82 -61.89 72.73
C VAL A 241 -35.91 -62.57 71.36
N GLY A 242 -35.31 -63.75 71.23
CA GLY A 242 -35.38 -64.47 69.96
C GLY A 242 -36.81 -64.81 69.59
N VAL A 243 -37.60 -65.28 70.55
CA VAL A 243 -39.01 -65.57 70.27
C VAL A 243 -39.74 -64.31 69.84
N SER A 244 -39.43 -63.19 70.49
CA SER A 244 -40.10 -61.93 70.15
C SER A 244 -39.79 -61.52 68.72
N ARG A 245 -38.53 -61.66 68.30
CA ARG A 245 -38.09 -61.11 67.02
C ARG A 245 -38.09 -62.13 65.89
N ASP A 246 -38.52 -63.36 66.14
CA ASP A 246 -38.69 -64.31 65.05
C ASP A 246 -39.75 -63.81 64.08
N LEU A 247 -39.32 -63.51 62.84
CA LEU A 247 -40.16 -62.83 61.87
C LEU A 247 -40.50 -63.68 60.65
N VAL A 248 -40.30 -64.99 60.71
CA VAL A 248 -40.55 -65.83 59.55
C VAL A 248 -42.05 -65.88 59.27
N GLY A 249 -42.43 -65.64 58.02
CA GLY A 249 -43.80 -65.80 57.58
C GLY A 249 -44.61 -64.52 57.46
N MET A 250 -44.02 -63.37 57.72
CA MET A 250 -44.79 -62.14 57.62
C MET A 250 -44.98 -61.73 56.16
N PRO A 251 -46.10 -61.12 55.81
CA PRO A 251 -46.32 -60.70 54.42
C PRO A 251 -45.34 -59.63 53.98
N LYS A 252 -45.07 -59.59 52.68
CA LYS A 252 -44.22 -58.57 52.09
C LYS A 252 -44.80 -58.15 50.74
N ILE A 253 -44.77 -56.86 50.47
CA ILE A 253 -45.31 -56.29 49.23
C ILE A 253 -44.18 -55.58 48.50
N GLY A 254 -44.07 -55.84 47.20
CA GLY A 254 -43.11 -55.16 46.37
C GLY A 254 -43.78 -54.38 45.26
N LEU A 255 -43.50 -53.10 45.16
CA LEU A 255 -44.11 -52.21 44.19
C LEU A 255 -43.03 -51.45 43.45
N PRO A 256 -43.32 -50.99 42.23
CA PRO A 256 -42.35 -50.16 41.53
C PRO A 256 -42.06 -48.90 42.33
N PRO A 257 -40.85 -48.35 42.22
CA PRO A 257 -40.51 -47.18 43.04
C PRO A 257 -41.45 -46.00 42.85
N ASP A 258 -41.98 -45.81 41.64
CA ASP A 258 -42.82 -44.64 41.37
C ASP A 258 -44.15 -44.68 42.10
N TYR A 259 -44.56 -45.83 42.66
CA TYR A 259 -45.79 -45.88 43.42
C TYR A 259 -45.66 -45.22 44.79
N LEU A 260 -44.45 -45.13 45.33
CA LEU A 260 -44.23 -44.61 46.67
C LEU A 260 -43.91 -43.13 46.69
N ASP A 261 -43.95 -42.45 45.55
CA ASP A 261 -43.66 -41.03 45.51
C ASP A 261 -44.78 -40.23 46.17
N GLU A 262 -44.45 -39.00 46.57
CA GLU A 262 -45.42 -38.12 47.21
C GLU A 262 -46.27 -37.36 46.20
N ASN A 263 -45.77 -37.15 45.00
CA ASN A 263 -46.50 -36.46 43.94
C ASN A 263 -47.20 -37.42 43.00
N ALA A 264 -47.19 -38.72 43.29
CA ALA A 264 -47.78 -39.70 42.41
C ALA A 264 -49.26 -39.36 42.13
N GLU A 265 -49.78 -39.97 41.08
CA GLU A 265 -51.16 -39.71 40.69
C GLU A 265 -52.11 -40.28 41.75
N PRO A 266 -53.35 -39.78 41.79
CA PRO A 266 -54.29 -40.27 42.81
C PRO A 266 -54.50 -41.77 42.78
N GLU A 267 -54.48 -42.38 41.59
CA GLU A 267 -54.69 -43.83 41.52
C GLU A 267 -53.61 -44.59 42.29
N LYS A 268 -52.35 -44.18 42.11
CA LYS A 268 -51.26 -44.85 42.82
C LYS A 268 -51.36 -44.62 44.32
N LYS A 269 -51.77 -43.42 44.73
CA LYS A 269 -51.94 -43.15 46.16
C LYS A 269 -53.04 -44.04 46.74
N ALA A 270 -54.15 -44.19 46.04
CA ALA A 270 -55.22 -45.07 46.50
C ALA A 270 -54.74 -46.51 46.58
N PHE A 271 -53.97 -46.94 45.58
CA PHE A 271 -53.42 -48.30 45.59
C PHE A 271 -52.55 -48.52 46.83
N VAL A 272 -51.68 -47.55 47.13
CA VAL A 272 -50.80 -47.69 48.28
C VAL A 272 -51.61 -47.71 49.59
N GLN A 273 -52.63 -46.86 49.69
CA GLN A 273 -53.46 -46.87 50.88
C GLN A 273 -54.17 -48.22 51.07
N TYR A 274 -54.68 -48.78 49.98
CA TYR A 274 -55.32 -50.08 50.08
C TYR A 274 -54.31 -51.16 50.48
N CYS A 275 -53.10 -51.09 49.95
CA CYS A 275 -52.06 -52.04 50.36
C CYS A 275 -51.77 -51.92 51.85
N LYS A 276 -51.71 -50.69 52.37
CA LYS A 276 -51.50 -50.50 53.80
C LYS A 276 -52.63 -51.13 54.60
N THR A 277 -53.87 -50.89 54.18
CA THR A 277 -55.01 -51.48 54.89
C THR A 277 -54.92 -53.00 54.89
N VAL A 278 -54.58 -53.58 53.74
CA VAL A 278 -54.46 -55.04 53.65
C VAL A 278 -53.39 -55.54 54.62
N VAL A 279 -52.22 -54.89 54.61
CA VAL A 279 -51.14 -55.31 55.49
C VAL A 279 -51.58 -55.25 56.94
N ASN A 280 -52.35 -54.22 57.30
CA ASN A 280 -52.74 -54.06 58.70
C ASN A 280 -53.81 -55.08 59.10
N ASP A 281 -54.73 -55.42 58.19
CA ASP A 281 -55.95 -56.12 58.58
C ASP A 281 -56.06 -57.54 58.04
N MET A 282 -55.04 -58.06 57.36
CA MET A 282 -55.12 -59.42 56.84
C MET A 282 -54.95 -60.43 57.97
N ILE A 283 -55.86 -61.39 58.04
CA ILE A 283 -55.80 -62.48 59.02
C ILE A 283 -56.31 -63.76 58.36
N ALA A 284 -55.95 -64.89 58.95
CA ALA A 284 -56.43 -66.18 58.48
C ALA A 284 -57.92 -66.27 58.73
N ASN A 285 -58.70 -66.48 57.68
CA ASN A 285 -60.15 -66.42 57.76
C ASN A 285 -60.75 -67.26 56.65
N ASP A 286 -62.03 -67.59 56.81
CA ASP A 286 -62.74 -68.37 55.81
C ASP A 286 -62.93 -67.63 54.50
N ARG A 287 -62.68 -66.31 54.48
CA ARG A 287 -62.79 -65.51 53.26
C ARG A 287 -61.44 -65.00 52.78
N ALA A 288 -60.34 -65.59 53.24
CA ALA A 288 -59.01 -65.11 52.87
C ALA A 288 -58.75 -65.36 51.40
N GLY A 289 -58.30 -64.31 50.71
CA GLY A 289 -57.99 -64.43 49.29
C GLY A 289 -57.41 -63.13 48.79
N LEU A 290 -56.78 -63.22 47.62
CA LEU A 290 -56.10 -62.08 47.02
C LEU A 290 -56.38 -62.02 45.52
N ILE A 291 -56.61 -60.80 45.03
CA ILE A 291 -56.62 -60.52 43.60
C ILE A 291 -55.56 -59.46 43.37
N TRP A 292 -54.49 -59.84 42.67
CA TRP A 292 -53.31 -59.00 42.58
C TRP A 292 -52.91 -58.83 41.11
N PRO A 293 -52.45 -57.64 40.71
CA PRO A 293 -51.99 -57.48 39.32
C PRO A 293 -50.74 -58.31 39.07
N ARG A 294 -50.60 -58.75 37.83
CA ARG A 294 -49.49 -59.63 37.43
C ARG A 294 -49.01 -59.21 36.06
N TYR A 295 -47.75 -58.80 35.97
CA TYR A 295 -47.16 -58.41 34.70
C TYR A 295 -45.68 -58.80 34.71
N ILE A 296 -45.26 -59.59 33.73
CA ILE A 296 -43.88 -60.03 33.62
C ILE A 296 -43.21 -59.20 32.54
N ASP A 297 -42.12 -58.53 32.90
CA ASP A 297 -41.44 -57.66 31.95
C ASP A 297 -40.90 -58.50 30.79
N PRO A 298 -41.09 -58.06 29.54
CA PRO A 298 -40.62 -58.90 28.41
C PRO A 298 -39.12 -59.13 28.40
N ASP A 299 -38.33 -58.16 28.85
CA ASP A 299 -36.88 -58.24 28.73
C ASP A 299 -36.17 -58.70 29.99
N THR A 300 -36.88 -58.84 31.11
CA THR A 300 -36.29 -59.33 32.35
C THR A 300 -36.89 -60.63 32.83
N LYS A 301 -38.11 -60.96 32.42
CA LYS A 301 -38.79 -62.19 32.77
C LYS A 301 -38.99 -62.33 34.28
N GLU A 302 -39.15 -61.21 34.97
CA GLU A 302 -39.43 -61.19 36.39
C GLU A 302 -40.65 -60.32 36.66
N ASP A 303 -41.55 -60.81 37.49
CA ASP A 303 -42.74 -60.04 37.82
C ASP A 303 -42.36 -58.72 38.46
N ILE A 304 -43.02 -57.64 38.03
CA ILE A 304 -42.74 -56.34 38.61
C ILE A 304 -43.45 -56.17 39.95
N PHE A 305 -44.63 -56.75 40.11
CA PHE A 305 -45.30 -56.83 41.40
C PHE A 305 -44.98 -58.17 42.06
N GLU A 306 -45.22 -58.23 43.36
CA GLU A 306 -45.02 -59.50 44.07
C GLU A 306 -45.78 -59.48 45.39
N PHE A 307 -46.13 -60.67 45.85
CA PHE A 307 -46.71 -60.86 47.18
C PHE A 307 -46.21 -62.20 47.70
N SER A 308 -45.46 -62.17 48.80
CA SER A 308 -44.85 -63.39 49.32
C SER A 308 -44.56 -63.19 50.81
N LEU A 309 -44.30 -64.30 51.48
CA LEU A 309 -43.96 -64.32 52.89
C LEU A 309 -42.46 -64.53 53.05
N VAL A 310 -41.82 -63.71 53.89
CA VAL A 310 -40.38 -63.79 54.04
C VAL A 310 -39.99 -65.18 54.53
N SER A 311 -38.90 -65.70 53.98
CA SER A 311 -38.41 -67.03 54.30
C SER A 311 -37.03 -66.95 54.93
N ARG A 312 -36.65 -68.01 55.63
CA ARG A 312 -35.37 -68.10 56.31
C ARG A 312 -34.74 -69.45 56.00
N GLN A 313 -33.40 -69.46 55.93
CA GLN A 313 -32.67 -70.64 55.49
C GLN A 313 -32.22 -71.52 56.66
N GLY A 314 -31.40 -70.97 57.54
CA GLY A 314 -30.78 -71.77 58.59
C GLY A 314 -31.67 -71.96 59.81
N ALA A 315 -31.13 -72.68 60.78
CA ALA A 315 -31.79 -72.92 62.05
C ALA A 315 -30.86 -72.56 63.20
N LYS A 316 -31.45 -72.23 64.34
CA LYS A 316 -30.66 -71.85 65.50
C LYS A 316 -29.67 -72.94 65.85
N ALA A 317 -28.44 -72.54 66.17
CA ALA A 317 -27.35 -73.50 66.37
C ALA A 317 -27.38 -74.14 67.76
N TYR A 318 -28.15 -73.59 68.70
CA TYR A 318 -28.17 -74.08 70.06
C TYR A 318 -29.60 -74.29 70.53
N ASP A 319 -29.78 -75.30 71.38
CA ASP A 319 -31.06 -75.60 72.00
C ASP A 319 -31.07 -74.97 73.39
N THR A 320 -31.83 -73.88 73.55
CA THR A 320 -31.81 -73.14 74.81
C THR A 320 -32.55 -73.88 75.91
N GLY A 321 -33.56 -74.69 75.56
CA GLY A 321 -34.32 -75.38 76.58
C GLY A 321 -33.47 -76.32 77.41
N SER A 322 -32.63 -77.11 76.75
CA SER A 322 -31.77 -78.05 77.46
C SER A 322 -30.80 -77.32 78.37
N ILE A 323 -30.22 -76.22 77.89
CA ILE A 323 -29.27 -75.46 78.69
C ILE A 323 -29.95 -74.89 79.92
N ILE A 324 -31.13 -74.30 79.74
CA ILE A 324 -31.85 -73.71 80.86
C ILE A 324 -32.21 -74.79 81.88
N ASP A 325 -32.67 -75.95 81.40
CA ASP A 325 -33.02 -77.02 82.32
C ASP A 325 -31.78 -77.50 83.08
N ARG A 326 -30.66 -77.63 82.40
CA ARG A 326 -29.43 -78.05 83.05
C ARG A 326 -29.02 -77.08 84.15
N TYR A 327 -29.09 -75.78 83.86
CA TYR A 327 -28.70 -74.80 84.86
C TYR A 327 -29.67 -74.73 86.01
N SER A 328 -30.97 -74.93 85.75
CA SER A 328 -31.93 -75.00 86.84
C SER A 328 -31.63 -76.19 87.76
N LYS A 329 -31.34 -77.34 87.17
CA LYS A 329 -30.99 -78.50 87.98
C LYS A 329 -29.70 -78.25 88.76
N GLN A 330 -28.74 -77.56 88.16
CA GLN A 330 -27.51 -77.23 88.89
C GLN A 330 -27.81 -76.33 90.07
N ILE A 331 -28.67 -75.33 89.89
CA ILE A 331 -29.05 -74.46 91.00
C ILE A 331 -29.69 -75.27 92.11
N MET A 332 -30.63 -76.14 91.75
CA MET A 332 -31.33 -76.92 92.77
C MET A 332 -30.38 -77.86 93.50
N MET A 333 -29.28 -78.25 92.86
CA MET A 333 -28.33 -79.16 93.50
C MET A 333 -27.50 -78.44 94.56
N ALA A 334 -27.29 -77.13 94.40
CA ALA A 334 -26.45 -76.41 95.34
C ALA A 334 -27.03 -76.45 96.75
N PHE A 335 -28.35 -76.30 96.87
CA PHE A 335 -29.01 -76.32 98.16
C PHE A 335 -29.44 -77.71 98.59
N MET A 336 -29.17 -78.74 97.79
CA MET A 336 -29.59 -80.10 98.10
C MET A 336 -31.11 -80.17 98.28
N SER A 337 -31.83 -79.42 97.46
CA SER A 337 -33.28 -79.30 97.54
C SER A 337 -33.94 -79.83 96.28
N ASP A 338 -33.47 -80.98 95.79
CA ASP A 338 -34.08 -81.60 94.61
C ASP A 338 -35.49 -82.10 94.87
N VAL A 339 -35.92 -82.16 96.12
CA VAL A 339 -37.26 -82.64 96.43
C VAL A 339 -38.31 -81.77 95.77
N LEU A 340 -37.98 -80.51 95.48
CA LEU A 340 -38.95 -79.61 94.87
C LEU A 340 -39.41 -80.11 93.51
N ALA A 341 -38.50 -80.70 92.73
CA ALA A 341 -38.83 -81.16 91.38
C ALA A 341 -39.14 -82.64 91.32
N MET A 342 -38.54 -83.46 92.19
CA MET A 342 -38.73 -84.90 92.16
C MET A 342 -39.82 -85.38 93.11
N GLY A 343 -40.47 -84.48 93.83
CA GLY A 343 -41.48 -84.87 94.79
C GLY A 343 -40.87 -85.54 96.01
N GLN A 344 -41.75 -85.96 96.92
CA GLN A 344 -41.32 -86.59 98.16
C GLN A 344 -41.27 -88.09 97.94
N SER A 345 -40.07 -88.62 97.72
CA SER A 345 -39.90 -90.06 97.56
C SER A 345 -40.08 -90.78 98.89
N LYS A 346 -40.47 -92.05 98.82
CA LYS A 346 -40.70 -92.85 100.01
C LYS A 346 -39.43 -93.25 100.72
N TYR A 347 -38.27 -93.12 100.07
CA TYR A 347 -37.00 -93.50 100.68
C TYR A 347 -36.39 -92.38 101.52
N GLY A 348 -36.94 -91.17 101.46
CA GLY A 348 -36.47 -90.06 102.26
C GLY A 348 -37.53 -89.60 103.23
N SER A 349 -37.09 -89.02 104.35
CA SER A 349 -37.98 -88.54 105.40
C SER A 349 -37.52 -87.18 105.88
N PHE A 350 -38.47 -86.40 106.39
CA PHE A 350 -38.16 -85.10 106.97
C PHE A 350 -37.97 -85.16 108.48
N SER A 351 -38.13 -86.33 109.09
CA SER A 351 -38.00 -86.45 110.54
C SER A 351 -36.54 -86.68 110.90
N LEU A 352 -36.06 -85.96 111.92
CA LEU A 352 -34.69 -86.14 112.39
C LEU A 352 -34.55 -87.36 113.30
N ALA A 353 -35.64 -87.87 113.85
CA ALA A 353 -35.61 -89.04 114.71
C ALA A 353 -35.82 -90.34 113.94
N ASP A 354 -35.93 -90.28 112.62
CA ASP A 354 -36.17 -91.44 111.78
C ASP A 354 -34.91 -91.72 110.97
N SER A 355 -34.57 -92.99 110.82
CA SER A 355 -33.36 -93.38 110.10
C SER A 355 -33.57 -93.41 108.60
N LYS A 356 -34.12 -92.32 108.06
CA LYS A 356 -34.15 -92.09 106.62
C LYS A 356 -34.00 -90.60 106.30
N THR A 357 -33.44 -89.81 107.21
CA THR A 357 -33.46 -88.36 107.07
C THR A 357 -32.74 -87.94 105.80
N SER A 358 -33.26 -86.89 105.16
CA SER A 358 -32.65 -86.36 103.96
C SER A 358 -31.65 -85.26 104.29
N LEU A 359 -30.82 -84.91 103.30
CA LEU A 359 -29.77 -83.94 103.52
C LEU A 359 -30.33 -82.58 103.90
N LEU A 360 -31.48 -82.20 103.33
CA LEU A 360 -32.08 -80.92 103.68
C LEU A 360 -32.39 -80.85 105.17
N ALA A 361 -33.02 -81.90 105.71
CA ALA A 361 -33.30 -81.93 107.13
C ALA A 361 -32.02 -81.98 107.95
N MET A 362 -31.03 -82.73 107.48
CA MET A 362 -29.77 -82.79 108.23
C MET A 362 -29.12 -81.41 108.35
N SER A 363 -29.19 -80.61 107.30
CA SER A 363 -28.60 -79.28 107.34
C SER A 363 -29.46 -78.32 108.17
N VAL A 364 -30.78 -78.44 108.08
CA VAL A 364 -31.64 -77.63 108.93
C VAL A 364 -31.35 -77.92 110.39
N ASP A 365 -30.96 -79.16 110.70
CA ASP A 365 -30.56 -79.48 112.07
C ASP A 365 -29.33 -78.68 112.49
N ILE A 366 -28.36 -78.53 111.58
CA ILE A 366 -27.18 -77.72 111.88
C ILE A 366 -27.59 -76.28 112.17
N LEU A 367 -28.48 -75.74 111.35
CA LEU A 367 -28.92 -74.36 111.58
C LEU A 367 -29.61 -74.22 112.93
N LEU A 368 -30.49 -75.18 113.26
CA LEU A 368 -31.19 -75.11 114.53
C LEU A 368 -30.23 -75.18 115.70
N LYS A 369 -29.23 -76.06 115.61
CA LYS A 369 -28.24 -76.16 116.68
C LYS A 369 -27.45 -74.86 116.82
N GLN A 370 -27.11 -74.22 115.69
CA GLN A 370 -26.44 -72.94 115.76
C GLN A 370 -27.28 -71.90 116.51
N ILE A 371 -28.56 -71.82 116.15
CA ILE A 371 -29.43 -70.85 116.82
C ILE A 371 -29.50 -71.14 118.31
N LYS A 372 -29.68 -72.42 118.67
CA LYS A 372 -29.79 -72.80 120.07
C LYS A 372 -28.54 -72.43 120.84
N ASN A 373 -27.37 -72.73 120.28
CA ASN A 373 -26.12 -72.42 120.97
C ASN A 373 -25.95 -70.92 121.15
N VAL A 374 -26.26 -70.13 120.11
CA VAL A 374 -26.11 -68.69 120.25
C VAL A 374 -27.03 -68.17 121.35
N ILE A 375 -28.29 -68.61 121.35
CA ILE A 375 -29.23 -68.12 122.36
C ILE A 375 -28.72 -68.47 123.74
N ASN A 376 -28.37 -69.75 123.95
CA ASN A 376 -27.95 -70.20 125.27
C ASN A 376 -26.74 -69.44 125.76
N ARG A 377 -25.75 -69.24 124.89
CA ARG A 377 -24.48 -68.67 125.31
C ARG A 377 -24.54 -67.15 125.45
N ASP A 378 -25.44 -66.47 124.74
CA ASP A 378 -25.46 -65.02 124.72
C ASP A 378 -26.56 -64.40 125.56
N LEU A 379 -27.77 -64.94 125.55
CA LEU A 379 -28.89 -64.29 126.19
C LEU A 379 -29.11 -64.74 127.64
N VAL A 380 -29.13 -66.05 127.88
CA VAL A 380 -29.42 -66.55 129.22
C VAL A 380 -28.33 -66.13 130.20
N ALA A 381 -27.06 -66.22 129.77
CA ALA A 381 -25.97 -65.91 130.67
C ALA A 381 -26.04 -64.46 131.15
N GLN A 382 -26.31 -63.52 130.23
CA GLN A 382 -26.41 -62.13 130.63
C GLN A 382 -27.63 -61.89 131.51
N THR A 383 -28.73 -62.60 131.26
CA THR A 383 -29.90 -62.45 132.11
C THR A 383 -29.60 -62.91 133.54
N TYR A 384 -28.82 -63.97 133.69
CA TYR A 384 -28.43 -64.39 135.03
C TYR A 384 -27.64 -63.31 135.73
N ALA A 385 -26.70 -62.67 135.02
CA ALA A 385 -25.86 -61.65 135.65
C ALA A 385 -26.69 -60.46 136.09
N LEU A 386 -27.61 -60.00 135.25
CA LEU A 386 -28.40 -58.82 135.59
C LEU A 386 -29.25 -59.06 136.83
N ASN A 387 -29.82 -60.26 136.96
CA ASN A 387 -30.63 -60.58 138.13
C ASN A 387 -29.79 -60.88 139.36
N MET A 388 -28.47 -60.96 139.22
CA MET A 388 -27.57 -61.19 140.35
C MET A 388 -27.79 -62.59 140.94
N TRP A 389 -27.72 -63.60 140.08
CA TRP A 389 -27.95 -64.98 140.46
C TRP A 389 -26.72 -65.82 140.16
N ASP A 390 -26.48 -66.82 141.00
CA ASP A 390 -25.40 -67.79 140.80
C ASP A 390 -25.93 -69.15 141.23
N ASP A 391 -26.28 -69.99 140.25
CA ASP A 391 -26.86 -71.30 140.53
C ASP A 391 -25.95 -72.45 140.15
N GLU A 392 -24.74 -72.18 139.68
CA GLU A 392 -23.78 -73.21 139.29
C GLU A 392 -24.18 -73.87 137.96
N GLU A 393 -25.38 -73.56 137.46
CA GLU A 393 -25.88 -74.14 136.23
C GLU A 393 -26.89 -73.18 135.64
N HIS A 394 -27.13 -73.35 134.34
CA HIS A 394 -28.08 -72.53 133.61
C HIS A 394 -29.08 -73.42 132.89
N VAL A 395 -30.37 -73.05 132.96
CA VAL A 395 -31.38 -73.77 132.20
C VAL A 395 -31.13 -73.56 130.72
N GLN A 396 -31.29 -74.63 129.94
CA GLN A 396 -30.99 -74.62 128.52
C GLN A 396 -32.28 -74.67 127.71
N ILE A 397 -32.29 -73.93 126.61
CA ILE A 397 -33.42 -73.94 125.68
C ILE A 397 -33.17 -75.03 124.64
N THR A 398 -34.17 -75.87 124.42
CA THR A 398 -34.08 -76.97 123.47
C THR A 398 -35.31 -76.97 122.57
N TYR A 399 -35.13 -77.51 121.36
CA TYR A 399 -36.18 -77.54 120.35
C TYR A 399 -36.70 -78.96 120.17
N ASP A 400 -37.69 -79.10 119.31
CA ASP A 400 -38.35 -80.37 119.04
C ASP A 400 -38.12 -80.80 117.60
N ASP A 401 -38.73 -81.90 117.21
CA ASP A 401 -38.53 -82.49 115.90
C ASP A 401 -39.37 -81.78 114.84
N ILE A 402 -38.90 -81.83 113.60
CA ILE A 402 -39.62 -81.21 112.49
C ILE A 402 -40.88 -82.01 112.18
N GLU A 403 -40.77 -83.34 112.12
CA GLU A 403 -41.88 -84.21 111.81
C GLU A 403 -41.72 -85.50 112.61
N THR A 404 -42.84 -86.06 113.05
CA THR A 404 -42.79 -87.28 113.83
C THR A 404 -42.25 -88.43 112.97
N PRO A 405 -41.56 -89.39 113.58
CA PRO A 405 -40.97 -90.48 112.79
C PRO A 405 -42.05 -91.46 112.33
N ASP A 406 -41.60 -92.45 111.54
CA ASP A 406 -42.50 -93.49 111.08
C ASP A 406 -42.96 -94.35 112.24
N LEU A 407 -44.24 -94.71 112.24
CA LEU A 407 -44.83 -95.42 113.36
C LEU A 407 -44.75 -96.93 113.23
N GLU A 408 -44.88 -97.46 112.01
CA GLU A 408 -44.84 -98.91 111.83
C GLU A 408 -43.51 -99.48 112.27
N ALA A 409 -42.41 -98.86 111.84
CA ALA A 409 -41.08 -99.38 112.17
C ALA A 409 -40.85 -99.35 113.67
N ILE A 410 -41.19 -98.24 114.31
CA ILE A 410 -40.96 -98.11 115.74
C ILE A 410 -41.81 -99.12 116.51
N GLY A 411 -43.07 -99.27 116.11
CA GLY A 411 -43.92 -100.25 116.78
C GLY A 411 -43.39 -101.66 116.66
N SER A 412 -42.98 -102.05 115.46
CA SER A 412 -42.45 -103.39 115.26
C SER A 412 -41.16 -103.59 116.07
N TYR A 413 -40.30 -102.58 116.08
CA TYR A 413 -39.05 -102.68 116.83
C TYR A 413 -39.32 -102.85 118.32
N ILE A 414 -40.22 -102.04 118.88
CA ILE A 414 -40.53 -102.15 120.30
C ILE A 414 -41.12 -103.52 120.61
N GLN A 415 -42.06 -103.98 119.76
CA GLN A 415 -42.69 -105.27 120.00
C GLN A 415 -41.65 -106.39 119.98
N LYS A 416 -40.77 -106.39 118.98
CA LYS A 416 -39.80 -107.47 118.86
C LYS A 416 -38.81 -107.47 120.02
N THR A 417 -38.33 -106.27 120.41
CA THR A 417 -37.31 -106.21 121.46
C THR A 417 -37.89 -106.30 122.86
N VAL A 418 -39.22 -106.17 123.03
CA VAL A 418 -39.81 -106.31 124.35
C VAL A 418 -40.44 -107.68 124.54
N ALA A 419 -40.83 -108.36 123.46
CA ALA A 419 -41.39 -109.70 123.59
C ALA A 419 -40.37 -110.67 124.18
N VAL A 420 -39.09 -110.47 123.86
CA VAL A 420 -38.04 -111.36 124.35
C VAL A 420 -37.43 -110.89 125.67
N GLY A 421 -37.85 -109.73 126.17
CA GLY A 421 -37.34 -109.25 127.43
C GLY A 421 -35.96 -108.64 127.38
N ALA A 422 -35.51 -108.21 126.20
CA ALA A 422 -34.19 -107.61 126.05
C ALA A 422 -34.19 -106.10 126.21
N LEU A 423 -35.36 -105.49 126.42
CA LEU A 423 -35.47 -104.04 126.60
C LEU A 423 -36.27 -103.77 127.87
N GLU A 424 -35.76 -102.88 128.71
CA GLU A 424 -36.41 -102.56 129.97
C GLU A 424 -37.47 -101.48 129.74
N VAL A 425 -38.73 -101.83 129.97
CA VAL A 425 -39.82 -100.87 129.81
C VAL A 425 -39.82 -99.92 131.00
N ASP A 426 -39.93 -98.63 130.73
CA ASP A 426 -39.88 -97.60 131.75
C ASP A 426 -40.95 -96.56 131.50
N LYS A 427 -41.34 -95.84 132.56
CA LYS A 427 -42.34 -94.79 132.43
C LYS A 427 -41.91 -93.75 131.40
N GLU A 428 -40.61 -93.44 131.35
CA GLU A 428 -40.11 -92.50 130.36
C GLU A 428 -40.35 -93.03 128.95
N LEU A 429 -40.19 -94.34 128.77
CA LEU A 429 -40.47 -94.94 127.47
C LEU A 429 -41.93 -94.75 127.08
N SER A 430 -42.85 -94.95 128.03
CA SER A 430 -44.26 -94.72 127.74
C SER A 430 -44.51 -93.26 127.38
N ASN A 431 -43.91 -92.34 128.13
CA ASN A 431 -44.07 -90.92 127.83
C ASN A 431 -43.60 -90.61 126.41
N LYS A 432 -42.43 -91.12 126.03
CA LYS A 432 -41.91 -90.87 124.70
C LYS A 432 -42.81 -91.48 123.62
N LEU A 433 -43.27 -92.71 123.85
CA LEU A 433 -44.15 -93.36 122.87
C LEU A 433 -45.46 -92.62 122.70
N ARG A 434 -45.95 -91.97 123.77
CA ARG A 434 -47.17 -91.20 123.64
C ARG A 434 -46.94 -89.89 122.88
N GLU A 435 -45.71 -89.38 122.88
CA GLU A 435 -45.44 -88.12 122.18
C GLU A 435 -45.65 -88.26 120.69
N HIS A 436 -45.43 -89.46 120.15
CA HIS A 436 -45.51 -89.67 118.70
C HIS A 436 -46.94 -89.58 118.18
N ILE A 437 -47.95 -89.55 119.05
CA ILE A 437 -49.33 -89.40 118.62
C ILE A 437 -49.94 -88.16 119.26
N GLY A 438 -49.08 -87.25 119.72
CA GLY A 438 -49.56 -86.00 120.27
C GLY A 438 -50.35 -86.13 121.55
N LEU A 439 -49.98 -87.05 122.44
CA LEU A 439 -50.67 -87.18 123.72
C LEU A 439 -49.77 -86.71 124.86
N PRO A 440 -50.33 -86.21 125.95
CA PRO A 440 -49.51 -85.83 127.11
C PRO A 440 -48.85 -87.05 127.71
N PRO A 441 -47.92 -86.85 128.67
CA PRO A 441 -47.15 -88.00 129.16
C PRO A 441 -48.00 -89.15 129.69
N ALA A 442 -48.84 -88.89 130.69
CA ALA A 442 -49.60 -89.96 131.31
C ALA A 442 -50.69 -89.39 132.18
N ASP A 443 -51.67 -90.25 132.50
CA ASP A 443 -52.73 -89.93 133.43
C ASP A 443 -52.98 -91.15 134.30
N GLU A 444 -52.73 -91.01 135.60
CA GLU A 444 -52.73 -92.15 136.50
C GLU A 444 -53.95 -92.13 137.41
N SER A 445 -55.06 -91.54 136.95
CA SER A 445 -56.31 -91.56 137.71
C SER A 445 -57.55 -91.76 136.86
N GLN A 446 -57.45 -91.87 135.54
CA GLN A 446 -58.62 -92.01 134.69
C GLN A 446 -58.45 -93.18 133.73
N PRO A 447 -58.55 -94.42 134.22
CA PRO A 447 -58.35 -95.57 133.34
C PRO A 447 -59.64 -95.94 132.61
N VAL A 448 -59.48 -96.45 131.38
CA VAL A 448 -60.61 -97.04 130.69
C VAL A 448 -61.16 -98.18 131.54
N SER A 449 -62.48 -98.19 131.71
CA SER A 449 -63.10 -98.99 132.76
C SER A 449 -63.81 -100.20 132.17
N GLU A 450 -64.17 -101.13 133.06
CA GLU A 450 -64.79 -102.38 132.65
C GLU A 450 -66.14 -102.15 131.97
N LYS A 451 -66.89 -101.15 132.44
CA LYS A 451 -68.27 -100.99 131.98
C LYS A 451 -68.36 -100.67 130.49
N LEU A 452 -67.27 -100.23 129.86
CA LEU A 452 -67.26 -99.94 128.43
C LEU A 452 -66.41 -100.92 127.64
N SER A 453 -66.07 -102.07 128.21
CA SER A 453 -65.22 -103.05 127.54
C SER A 453 -66.03 -104.30 127.22
N PRO A 454 -66.13 -104.71 125.95
CA PRO A 454 -66.91 -105.91 125.64
C PRO A 454 -66.26 -107.19 126.17
N LEU B 11 28.60 -102.77 103.72
CA LEU B 11 27.46 -102.07 104.30
C LEU B 11 27.65 -101.86 105.81
N PRO B 12 27.16 -100.75 106.33
CA PRO B 12 27.32 -100.49 107.76
C PRO B 12 26.54 -101.49 108.58
N PRO B 13 26.97 -101.77 109.81
CA PRO B 13 26.23 -102.72 110.65
C PRO B 13 24.94 -102.13 111.16
N PHE B 14 24.04 -103.02 111.58
CA PHE B 14 22.77 -102.59 112.15
C PHE B 14 23.00 -101.73 113.38
N ARG B 15 22.24 -100.64 113.49
CA ARG B 15 22.38 -99.69 114.58
C ARG B 15 21.01 -99.15 114.95
N MET B 16 20.79 -98.97 116.25
CA MET B 16 19.56 -98.35 116.72
C MET B 16 19.61 -96.84 116.47
N GLY B 17 18.48 -96.28 116.05
CA GLY B 17 18.41 -94.87 115.75
C GLY B 17 18.35 -94.63 114.25
N GLU B 18 17.81 -93.47 113.89
CA GLU B 18 17.56 -93.15 112.48
C GLU B 18 18.88 -93.04 111.72
N VAL B 19 18.83 -93.40 110.44
CA VAL B 19 19.98 -93.31 109.56
C VAL B 19 19.73 -92.43 108.35
N GLY B 20 18.49 -92.23 107.93
CA GLY B 20 18.19 -91.45 106.74
C GLY B 20 17.34 -90.23 107.03
N SER B 21 16.46 -89.89 106.09
CA SER B 21 15.61 -88.72 106.23
C SER B 21 14.35 -88.94 105.41
N LEU B 22 13.34 -88.11 105.69
CA LEU B 22 12.07 -88.23 104.97
C LEU B 22 12.27 -88.07 103.47
N GLY B 23 13.20 -87.21 103.08
CA GLY B 23 13.40 -86.94 101.66
C GLY B 23 12.45 -85.90 101.09
N LEU B 24 11.89 -85.04 101.93
CA LEU B 24 10.99 -84.00 101.44
C LEU B 24 11.75 -83.00 100.58
N LYS B 25 11.02 -82.32 99.70
CA LYS B 25 11.59 -81.38 98.75
C LYS B 25 11.48 -79.93 99.23
N VAL B 26 11.57 -79.70 100.54
CA VAL B 26 11.52 -78.34 101.05
C VAL B 26 12.67 -77.53 100.49
N LYS B 27 12.39 -76.28 100.12
CA LYS B 27 13.39 -75.38 99.56
C LYS B 27 13.17 -73.99 100.14
N ASN B 28 14.08 -73.56 101.00
CA ASN B 28 13.99 -72.24 101.64
C ASN B 28 12.68 -72.08 102.41
N GLY B 29 12.28 -73.15 103.09
CA GLY B 29 11.11 -73.11 103.95
C GLY B 29 9.78 -73.26 103.25
N ARG B 30 9.77 -73.51 101.95
CA ARG B 30 8.54 -73.67 101.19
C ARG B 30 8.51 -75.05 100.56
N ILE B 31 7.43 -75.78 100.78
CA ILE B 31 7.31 -77.13 100.25
C ILE B 31 7.14 -77.08 98.74
N TYR B 32 7.85 -77.93 98.03
CA TYR B 32 7.83 -77.98 96.57
C TYR B 32 7.42 -79.36 96.07
N GLU B 33 6.56 -80.02 96.84
CA GLU B 33 6.10 -81.36 96.44
C GLU B 33 5.31 -81.31 95.14
N GLU B 34 4.42 -80.32 95.02
CA GLU B 34 3.56 -80.22 93.85
C GLU B 34 4.31 -79.53 92.71
N PRO B 35 4.45 -80.16 91.54
CA PRO B 35 5.21 -79.51 90.46
C PRO B 35 4.46 -78.39 89.77
N ARG B 36 3.15 -78.50 89.61
CA ARG B 36 2.39 -77.45 88.92
C ARG B 36 2.42 -76.17 89.73
N GLN B 37 2.78 -75.07 89.08
CA GLN B 37 2.89 -73.79 89.78
C GLN B 37 1.53 -73.33 90.29
N ALA B 38 0.44 -73.69 89.61
CA ALA B 38 -0.89 -73.23 90.00
C ALA B 38 -1.39 -73.85 91.29
N LEU B 39 -0.72 -74.88 91.81
CA LEU B 39 -1.19 -75.59 92.99
C LEU B 39 -0.18 -75.57 94.13
N ARG B 40 0.79 -74.65 94.09
CA ARG B 40 1.71 -74.46 95.20
C ARG B 40 1.23 -73.32 96.08
N PHE B 41 1.99 -73.03 97.14
CA PHE B 41 1.51 -72.15 98.20
C PHE B 41 0.94 -70.83 97.68
N PRO B 42 1.75 -69.97 97.05
CA PRO B 42 1.25 -68.63 96.72
C PRO B 42 0.01 -68.64 95.84
N GLU B 43 -0.06 -69.56 94.87
CA GLU B 43 -1.15 -69.58 93.92
C GLU B 43 -2.31 -70.48 94.34
N SER B 44 -2.13 -71.33 95.34
CA SER B 44 -3.17 -72.27 95.72
C SER B 44 -4.29 -71.59 96.52
N ILE B 45 -4.00 -70.45 97.14
CA ILE B 45 -5.04 -69.74 97.87
C ILE B 45 -6.12 -69.25 96.92
N LYS B 46 -5.72 -68.87 95.70
CA LYS B 46 -6.67 -68.38 94.71
C LYS B 46 -7.27 -69.49 93.88
N THR B 47 -6.48 -70.50 93.52
CA THR B 47 -6.99 -71.59 92.69
C THR B 47 -8.09 -72.35 93.41
N PHE B 48 -7.90 -72.65 94.70
CA PHE B 48 -8.92 -73.37 95.45
C PHE B 48 -10.19 -72.55 95.57
N GLN B 49 -10.06 -71.24 95.77
CA GLN B 49 -11.24 -70.39 95.82
C GLN B 49 -11.95 -70.31 94.48
N LEU B 50 -11.19 -70.44 93.38
CA LEU B 50 -11.83 -70.50 92.06
C LEU B 50 -12.61 -71.80 91.89
N MET B 51 -12.08 -72.90 92.41
CA MET B 51 -12.76 -74.19 92.24
C MET B 51 -14.03 -74.26 93.05
N MET B 52 -14.06 -73.62 94.22
CA MET B 52 -15.25 -73.67 95.08
C MET B 52 -16.45 -72.96 94.45
N ARG B 53 -16.25 -72.17 93.40
CA ARG B 53 -17.37 -71.50 92.77
C ARG B 53 -18.22 -72.43 91.94
N ASP B 54 -17.66 -73.56 91.50
CA ASP B 54 -18.42 -74.51 90.70
C ASP B 54 -19.47 -75.19 91.59
N PRO B 55 -20.73 -75.26 91.16
CA PRO B 55 -21.74 -75.89 92.04
C PRO B 55 -21.42 -77.32 92.42
N ALA B 56 -20.84 -78.10 91.52
CA ALA B 56 -20.57 -79.51 91.83
C ALA B 56 -19.53 -79.65 92.93
N VAL B 57 -18.39 -78.95 92.78
CA VAL B 57 -17.35 -79.02 93.80
C VAL B 57 -17.87 -78.47 95.12
N ALA B 58 -18.59 -77.35 95.06
CA ALA B 58 -19.11 -76.75 96.29
C ALA B 58 -20.04 -77.71 97.02
N ALA B 59 -20.96 -78.35 96.29
CA ALA B 59 -21.88 -79.28 96.93
C ALA B 59 -21.13 -80.47 97.50
N SER B 60 -20.15 -81.00 96.76
CA SER B 60 -19.41 -82.16 97.24
C SER B 60 -18.66 -81.84 98.52
N VAL B 61 -18.07 -80.65 98.60
CA VAL B 61 -17.35 -80.26 99.82
C VAL B 61 -18.34 -80.01 100.96
N ASN B 62 -19.46 -79.36 100.65
CA ASN B 62 -20.40 -78.97 101.70
C ASN B 62 -21.08 -80.17 102.32
N ILE B 63 -21.38 -81.21 101.55
CA ILE B 63 -21.98 -82.39 102.14
C ILE B 63 -21.04 -83.04 103.14
N ILE B 64 -19.75 -83.14 102.79
CA ILE B 64 -18.77 -83.71 103.70
C ILE B 64 -18.66 -82.85 104.95
N LYS B 65 -18.61 -81.53 104.79
CA LYS B 65 -18.53 -80.66 105.95
C LYS B 65 -19.75 -80.81 106.85
N MET B 66 -20.93 -80.92 106.25
CA MET B 66 -22.15 -81.07 107.04
C MET B 66 -22.15 -82.37 107.81
N PHE B 67 -21.67 -83.45 107.20
CA PHE B 67 -21.70 -84.74 107.89
C PHE B 67 -20.86 -84.70 109.17
N VAL B 68 -19.69 -84.07 109.13
CA VAL B 68 -18.82 -84.04 110.29
C VAL B 68 -19.44 -83.22 111.41
N ARG B 69 -20.07 -82.09 111.08
CA ARG B 69 -20.64 -81.22 112.10
C ARG B 69 -21.90 -81.80 112.74
N LYS B 70 -22.44 -82.88 112.20
CA LYS B 70 -23.65 -83.48 112.75
C LYS B 70 -23.38 -84.26 114.03
N VAL B 71 -22.14 -84.61 114.30
CA VAL B 71 -21.80 -85.56 115.35
C VAL B 71 -21.58 -84.83 116.68
N ASN B 72 -21.80 -85.55 117.77
CA ASN B 72 -21.56 -85.06 119.12
C ASN B 72 -20.27 -85.65 119.68
N TRP B 73 -19.67 -84.93 120.63
CA TRP B 73 -18.42 -85.32 121.25
C TRP B 73 -18.60 -85.47 122.75
N ARG B 74 -17.73 -86.27 123.36
CA ARG B 74 -17.85 -86.61 124.76
C ARG B 74 -16.53 -87.17 125.26
N PHE B 75 -16.30 -87.05 126.57
CA PHE B 75 -15.12 -87.60 127.22
C PHE B 75 -15.51 -88.81 128.04
N VAL B 76 -14.74 -89.89 127.91
CA VAL B 76 -15.05 -91.15 128.58
C VAL B 76 -13.80 -91.68 129.27
N PRO B 77 -13.94 -92.49 130.33
CA PRO B 77 -12.76 -93.06 130.97
C PRO B 77 -12.05 -94.00 130.02
N PRO B 78 -10.73 -94.15 130.18
CA PRO B 78 -10.00 -95.11 129.34
C PRO B 78 -10.45 -96.53 129.64
N LYS B 79 -10.33 -97.39 128.62
CA LYS B 79 -10.78 -98.77 128.77
C LYS B 79 -9.97 -99.49 129.83
N GLY B 80 -10.64 -100.39 130.55
CA GLY B 80 -10.06 -101.12 131.64
C GLY B 80 -10.29 -100.51 133.01
N LYS B 81 -10.65 -99.23 133.05
CA LYS B 81 -10.90 -98.53 134.31
C LYS B 81 -12.17 -97.69 134.19
N GLU B 82 -13.25 -98.31 133.68
CA GLU B 82 -14.44 -97.54 133.35
C GLU B 82 -15.16 -97.05 134.60
N GLN B 83 -15.23 -97.86 135.65
CA GLN B 83 -15.97 -97.53 136.85
C GLN B 83 -15.13 -96.89 137.94
N ASP B 84 -13.86 -96.61 137.68
CA ASP B 84 -13.02 -96.00 138.71
C ASP B 84 -13.49 -94.58 138.99
N PRO B 85 -13.85 -94.24 140.23
CA PRO B 85 -14.32 -92.86 140.49
C PRO B 85 -13.32 -91.79 140.09
N LYS B 86 -12.03 -92.05 140.24
CA LYS B 86 -11.03 -91.05 139.86
C LYS B 86 -11.12 -90.74 138.36
N MET B 87 -11.24 -91.79 137.54
CA MET B 87 -11.37 -91.56 136.10
C MET B 87 -12.68 -90.86 135.77
N LEU B 88 -13.74 -91.15 136.51
CA LEU B 88 -15.00 -90.43 136.29
C LEU B 88 -14.84 -88.95 136.59
N GLU B 89 -14.12 -88.61 137.67
CA GLU B 89 -13.91 -87.21 137.99
C GLU B 89 -13.04 -86.55 136.93
N ARG B 90 -12.03 -87.26 136.42
CA ARG B 90 -11.22 -86.71 135.34
C ARG B 90 -12.07 -86.45 134.10
N ALA B 91 -12.96 -87.39 133.76
CA ALA B 91 -13.83 -87.21 132.62
C ALA B 91 -14.76 -86.02 132.82
N ASP B 92 -15.29 -85.86 134.03
CA ASP B 92 -16.14 -84.71 134.31
C ASP B 92 -15.38 -83.41 134.15
N PHE B 93 -14.15 -83.36 134.66
CA PHE B 93 -13.34 -82.15 134.52
C PHE B 93 -13.10 -81.81 133.05
N PHE B 94 -12.72 -82.83 132.26
CA PHE B 94 -12.43 -82.57 130.85
C PHE B 94 -13.69 -82.23 130.07
N ASN B 95 -14.83 -82.80 130.46
CA ASN B 95 -16.10 -82.42 129.84
C ASN B 95 -16.43 -80.97 130.14
N SER B 96 -16.27 -80.55 131.39
CA SER B 96 -16.53 -79.16 131.74
C SER B 96 -15.58 -78.23 131.02
N LEU B 97 -14.36 -78.68 130.72
CA LEU B 97 -13.42 -77.84 129.98
C LEU B 97 -13.97 -77.46 128.61
N MET B 98 -14.77 -78.33 127.98
CA MET B 98 -15.23 -78.06 126.62
C MET B 98 -16.14 -76.84 126.57
N ASP B 99 -17.02 -76.68 127.55
CA ASP B 99 -18.03 -75.63 127.53
C ASP B 99 -17.57 -74.35 128.20
N ASP B 100 -16.36 -74.29 128.72
CA ASP B 100 -15.86 -73.12 129.43
C ASP B 100 -15.03 -72.20 128.56
N MET B 101 -14.93 -72.48 127.25
CA MET B 101 -14.11 -71.68 126.37
C MET B 101 -14.81 -70.38 126.02
N GLU B 102 -14.02 -69.44 125.47
CA GLU B 102 -14.57 -68.16 125.04
C GLU B 102 -15.56 -68.34 123.89
N HIS B 103 -15.43 -69.41 123.13
CA HIS B 103 -16.34 -69.72 122.04
C HIS B 103 -16.83 -71.15 122.18
N ASP B 104 -17.96 -71.44 121.53
CA ASP B 104 -18.54 -72.76 121.64
C ASP B 104 -17.67 -73.81 120.99
N TRP B 105 -17.78 -75.05 121.47
CA TRP B 105 -17.03 -76.15 120.89
C TRP B 105 -17.45 -76.41 119.45
N ALA B 106 -18.75 -76.28 119.16
CA ALA B 106 -19.22 -76.48 117.79
C ALA B 106 -18.55 -75.51 116.84
N ASP B 107 -18.35 -74.27 117.26
CA ASP B 107 -17.63 -73.31 116.41
C ASP B 107 -16.20 -73.76 116.16
N PHE B 108 -15.54 -74.30 117.19
CA PHE B 108 -14.18 -74.81 117.01
C PHE B 108 -14.15 -75.94 115.99
N ILE B 109 -15.10 -76.86 116.08
CA ILE B 109 -15.13 -77.96 115.12
C ILE B 109 -15.42 -77.41 113.72
N ASN B 110 -16.26 -76.37 113.64
CA ASN B 110 -16.54 -75.75 112.35
C ASN B 110 -15.28 -75.16 111.73
N SER B 111 -14.47 -74.46 112.52
CA SER B 111 -13.26 -73.87 111.98
C SER B 111 -12.25 -74.93 111.56
N VAL B 112 -12.30 -76.11 112.18
CA VAL B 112 -11.36 -77.18 111.85
C VAL B 112 -11.59 -77.68 110.43
N MET B 113 -12.85 -77.71 110.00
CA MET B 113 -13.20 -78.28 108.69
C MET B 113 -12.69 -77.45 107.53
N SER B 114 -11.99 -76.33 107.78
CA SER B 114 -11.42 -75.58 106.68
C SER B 114 -10.37 -76.37 105.91
N PHE B 115 -9.87 -77.46 106.50
CA PHE B 115 -8.86 -78.29 105.85
C PHE B 115 -9.46 -79.19 104.77
N CYS B 116 -10.78 -79.20 104.60
CA CYS B 116 -11.38 -79.87 103.47
C CYS B 116 -11.08 -79.16 102.16
N THR B 117 -10.61 -77.91 102.22
CA THR B 117 -10.27 -77.14 101.04
C THR B 117 -8.76 -76.99 100.85
N TYR B 118 -8.06 -76.48 101.86
CA TYR B 118 -6.62 -76.28 101.77
C TYR B 118 -5.83 -77.53 102.15
N GLY B 119 -6.48 -78.54 102.72
CA GLY B 119 -5.81 -79.78 103.06
C GLY B 119 -5.18 -79.80 104.43
N PHE B 120 -5.16 -78.69 105.16
CA PHE B 120 -4.60 -78.67 106.50
C PHE B 120 -5.16 -77.47 107.25
N CYS B 121 -5.02 -77.49 108.57
CA CYS B 121 -5.47 -76.40 109.41
C CYS B 121 -4.57 -76.30 110.63
N VAL B 122 -4.44 -75.09 111.16
CA VAL B 122 -3.61 -74.80 112.31
C VAL B 122 -4.44 -74.06 113.34
N ASN B 123 -4.48 -74.57 114.57
CA ASN B 123 -5.21 -73.96 115.67
C ASN B 123 -4.27 -73.77 116.84
N GLU B 124 -4.13 -72.53 117.30
CA GLU B 124 -3.26 -72.24 118.43
C GLU B 124 -3.95 -72.58 119.74
N LYS B 125 -3.14 -72.95 120.73
CA LYS B 125 -3.64 -73.36 122.04
C LYS B 125 -3.38 -72.24 123.05
N VAL B 126 -4.42 -71.84 123.76
CA VAL B 126 -4.35 -70.78 124.77
C VAL B 126 -4.92 -71.33 126.06
N TYR B 127 -4.21 -71.10 127.18
CA TYR B 127 -4.59 -71.63 128.47
C TYR B 127 -4.91 -70.48 129.43
N LYS B 128 -5.54 -70.83 130.54
CA LYS B 128 -5.93 -69.85 131.55
C LYS B 128 -6.06 -70.56 132.89
N LYS B 129 -6.10 -69.76 133.95
CA LYS B 129 -6.35 -70.26 135.30
C LYS B 129 -7.83 -70.10 135.63
N ARG B 130 -8.39 -71.12 136.28
CA ARG B 130 -9.80 -71.14 136.61
C ARG B 130 -10.05 -70.47 137.98
N GLN B 131 -9.66 -69.19 138.05
CA GLN B 131 -9.84 -68.39 139.25
C GLN B 131 -11.16 -67.62 139.23
N GLY B 132 -12.14 -68.09 138.47
CA GLY B 132 -13.47 -67.51 138.45
C GLY B 132 -13.60 -66.29 137.56
N LYS B 133 -13.24 -65.12 138.09
CA LYS B 133 -13.29 -63.91 137.28
C LYS B 133 -12.16 -62.93 137.56
N LYS B 134 -11.20 -63.27 138.41
CA LYS B 134 -10.14 -62.34 138.78
C LYS B 134 -8.92 -62.53 137.88
N GLY B 135 -9.15 -62.38 136.58
CA GLY B 135 -8.08 -62.54 135.62
C GLY B 135 -8.48 -62.00 134.27
N LYS B 136 -7.53 -62.07 133.33
CA LYS B 136 -7.79 -61.60 131.97
C LYS B 136 -8.90 -62.41 131.32
N TYR B 137 -8.89 -63.73 131.51
CA TYR B 137 -9.91 -64.61 130.98
C TYR B 137 -10.77 -65.12 132.13
N GLN B 138 -12.09 -65.02 131.98
CA GLN B 138 -13.03 -65.41 133.02
C GLN B 138 -13.53 -66.83 132.78
N SER B 139 -14.29 -67.33 133.75
CA SER B 139 -14.76 -68.70 133.73
C SER B 139 -15.82 -68.87 134.81
N LYS B 140 -16.46 -70.04 134.81
CA LYS B 140 -17.51 -70.35 135.77
C LYS B 140 -16.99 -71.05 137.01
N PHE B 141 -15.70 -71.37 137.07
CA PHE B 141 -15.14 -72.19 138.14
C PHE B 141 -14.01 -71.44 138.83
N ASP B 142 -13.82 -71.76 140.12
CA ASP B 142 -12.83 -71.08 140.96
C ASP B 142 -11.88 -72.07 141.62
N ASP B 143 -11.68 -73.24 141.00
CA ASP B 143 -10.84 -74.27 141.59
C ASP B 143 -9.35 -74.01 141.39
N GLY B 144 -8.98 -73.08 140.51
CA GLY B 144 -7.59 -72.71 140.34
C GLY B 144 -6.78 -73.65 139.47
N LEU B 145 -7.41 -74.58 138.77
CA LEU B 145 -6.69 -75.50 137.90
C LEU B 145 -6.34 -74.78 136.59
N ILE B 146 -5.83 -75.53 135.62
CA ILE B 146 -5.47 -74.99 134.31
C ILE B 146 -6.46 -75.55 133.29
N GLY B 147 -7.08 -74.65 132.52
CA GLY B 147 -8.05 -75.04 131.52
C GLY B 147 -7.81 -74.39 130.19
N TRP B 148 -8.76 -74.51 129.26
CA TRP B 148 -8.61 -73.97 127.91
C TRP B 148 -9.37 -72.66 127.81
N ALA B 149 -8.69 -71.61 127.35
CA ALA B 149 -9.30 -70.31 127.15
C ALA B 149 -9.95 -70.20 125.77
N LYS B 150 -9.28 -70.70 124.74
CA LYS B 150 -9.84 -70.73 123.40
C LYS B 150 -8.85 -71.46 122.48
N LEU B 151 -9.33 -71.80 121.29
CA LEU B 151 -8.54 -72.50 120.28
C LEU B 151 -8.69 -71.77 118.96
N PRO B 152 -8.11 -70.59 118.83
CA PRO B 152 -8.29 -69.80 117.62
C PRO B 152 -7.64 -70.45 116.41
N ILE B 153 -8.16 -70.12 115.24
CA ILE B 153 -7.61 -70.58 113.98
C ILE B 153 -6.63 -69.56 113.46
N ARG B 154 -5.60 -70.03 112.75
CA ARG B 154 -4.65 -69.19 112.05
C ARG B 154 -4.84 -69.40 110.56
N ASN B 155 -5.13 -68.32 109.84
CA ASN B 155 -5.54 -68.47 108.44
C ASN B 155 -4.45 -69.11 107.61
N GLN B 156 -4.85 -69.95 106.67
CA GLN B 156 -3.87 -70.64 105.82
C GLN B 156 -3.18 -69.68 104.87
N SER B 157 -3.88 -68.63 104.44
CA SER B 157 -3.29 -67.67 103.50
C SER B 157 -2.18 -66.84 104.13
N THR B 158 -2.02 -66.87 105.46
CA THR B 158 -0.99 -66.12 106.13
C THR B 158 0.24 -66.95 106.48
N LEU B 159 0.09 -68.26 106.67
CA LEU B 159 1.23 -69.11 106.98
C LEU B 159 2.20 -69.10 105.80
N ASP B 160 3.46 -68.75 106.08
CA ASP B 160 4.43 -68.46 105.03
C ASP B 160 5.58 -69.45 104.99
N LYS B 161 6.27 -69.68 106.10
CA LYS B 161 7.46 -70.51 106.12
C LYS B 161 7.34 -71.58 107.18
N TRP B 162 7.85 -72.76 106.87
CA TRP B 162 7.91 -73.88 107.81
C TRP B 162 9.35 -74.11 108.24
N TYR B 163 9.54 -74.33 109.54
CA TYR B 163 10.86 -74.59 110.10
C TYR B 163 11.01 -76.08 110.37
N PHE B 164 12.20 -76.61 110.11
CA PHE B 164 12.52 -78.00 110.34
C PHE B 164 13.76 -78.08 111.23
N ASP B 165 14.12 -79.30 111.60
CA ASP B 165 15.31 -79.52 112.42
C ASP B 165 16.55 -79.47 111.51
N GLU B 166 17.68 -79.94 112.01
CA GLU B 166 18.94 -79.79 111.28
C GLU B 166 18.87 -80.43 109.90
N ASP B 167 18.31 -81.63 109.80
CA ASP B 167 18.34 -82.40 108.55
C ASP B 167 16.94 -82.87 108.16
N PHE B 168 15.93 -82.03 108.39
CA PHE B 168 14.59 -82.24 107.85
C PHE B 168 14.03 -83.60 108.25
N ARG B 169 13.84 -83.78 109.56
CA ARG B 169 13.16 -84.95 110.09
C ARG B 169 11.82 -84.64 110.74
N LYS B 170 11.60 -83.40 111.17
CA LYS B 170 10.35 -83.03 111.82
C LYS B 170 10.18 -81.52 111.69
N VAL B 171 8.95 -81.06 111.96
CA VAL B 171 8.61 -79.65 111.90
C VAL B 171 8.74 -79.07 113.30
N THR B 172 9.50 -77.98 113.42
CA THR B 172 9.74 -77.34 114.71
C THR B 172 8.98 -76.03 114.89
N GLY B 173 8.40 -75.48 113.84
CA GLY B 173 7.66 -74.23 113.99
C GLY B 173 7.09 -73.77 112.67
N VAL B 174 6.52 -72.56 112.70
CA VAL B 174 5.92 -71.95 111.53
C VAL B 174 5.92 -70.44 111.74
N ARG B 175 5.86 -69.69 110.65
CA ARG B 175 5.84 -68.23 110.68
C ARG B 175 4.57 -67.72 110.03
N GLN B 176 3.94 -66.74 110.66
CA GLN B 176 2.73 -66.12 110.16
C GLN B 176 3.05 -64.68 109.73
N ASN B 177 2.75 -64.36 108.48
CA ASN B 177 3.01 -63.05 107.91
C ASN B 177 1.71 -62.26 107.86
N LEU B 178 1.71 -61.07 108.45
CA LEU B 178 0.51 -60.27 108.60
C LEU B 178 0.65 -58.90 107.93
N ARG B 179 1.40 -58.83 106.83
CA ARG B 179 1.63 -57.55 106.16
C ARG B 179 0.39 -57.11 105.39
N ASN B 180 -0.27 -58.02 104.70
CA ASN B 180 -1.43 -57.69 103.88
C ASN B 180 -2.75 -57.75 104.64
N VAL B 181 -2.74 -58.26 105.87
CA VAL B 181 -3.99 -58.42 106.64
C VAL B 181 -4.19 -57.13 107.42
N SER B 182 -4.77 -56.14 106.75
CA SER B 182 -5.18 -54.87 107.36
C SER B 182 -4.04 -54.20 108.12
N HIS B 183 -2.79 -54.55 107.82
CA HIS B 183 -1.64 -53.96 108.49
C HIS B 183 -1.77 -54.08 110.01
N PRO B 194 4.49 -56.53 116.21
CA PRO B 194 5.26 -56.83 115.00
C PRO B 194 4.40 -57.41 113.89
N LEU B 195 4.81 -57.19 112.64
CA LEU B 195 4.03 -57.68 111.50
C LEU B 195 4.22 -59.17 111.27
N THR B 196 5.26 -59.78 111.82
CA THR B 196 5.51 -61.21 111.67
C THR B 196 5.71 -61.83 113.04
N ARG B 197 5.14 -63.01 113.24
CA ARG B 197 5.24 -63.72 114.49
C ARG B 197 5.59 -65.18 114.22
N LYS B 198 6.26 -65.81 115.18
CA LYS B 198 6.71 -67.18 115.05
C LYS B 198 6.12 -68.04 116.16
N LEU B 199 5.65 -69.23 115.79
CA LEU B 199 5.01 -70.16 116.70
C LEU B 199 5.79 -71.45 116.76
N PRO B 200 6.21 -71.91 117.94
CA PRO B 200 6.84 -73.24 118.02
C PRO B 200 5.82 -74.34 117.80
N ARG B 201 6.33 -75.53 117.47
CA ARG B 201 5.44 -76.64 117.15
C ARG B 201 4.61 -77.06 118.35
N ALA B 202 5.14 -76.88 119.56
CA ALA B 202 4.40 -77.27 120.77
C ALA B 202 3.23 -76.35 121.06
N LYS B 203 3.09 -75.24 120.33
CA LYS B 203 2.10 -74.22 120.64
C LYS B 203 0.84 -74.34 119.80
N PHE B 204 0.72 -75.36 118.94
CA PHE B 204 -0.48 -75.45 118.11
C PHE B 204 -0.66 -76.89 117.65
N MET B 205 -1.89 -77.18 117.23
CA MET B 205 -2.25 -78.46 116.62
C MET B 205 -2.25 -78.34 115.10
N LEU B 206 -2.04 -79.47 114.44
CA LEU B 206 -1.98 -79.53 112.99
C LEU B 206 -2.85 -80.69 112.51
N PHE B 207 -3.89 -80.37 111.74
CA PHE B 207 -4.76 -81.36 111.15
C PHE B 207 -4.43 -81.50 109.67
N LYS B 208 -4.43 -82.74 109.18
CA LYS B 208 -4.08 -83.03 107.79
C LYS B 208 -5.11 -83.95 107.18
N TYR B 209 -5.57 -83.59 105.99
CA TYR B 209 -6.53 -84.44 105.26
C TYR B 209 -5.88 -85.75 104.85
N ASP B 210 -4.64 -85.71 104.37
CA ASP B 210 -3.92 -86.89 103.94
C ASP B 210 -2.42 -86.61 104.08
N ASP B 211 -1.73 -87.45 104.85
CA ASP B 211 -0.38 -87.13 105.30
C ASP B 211 0.64 -88.19 104.85
N GLU B 212 0.54 -88.66 103.61
CA GLU B 212 1.58 -89.51 103.07
C GLU B 212 2.87 -88.72 102.88
N TYR B 213 3.99 -89.36 103.18
CA TYR B 213 5.32 -88.76 103.08
C TYR B 213 5.58 -87.70 104.16
N GLY B 214 4.66 -87.54 105.11
CA GLY B 214 4.87 -86.57 106.17
C GLY B 214 4.91 -85.13 105.71
N ASN B 215 4.13 -84.78 104.70
CA ASN B 215 4.08 -83.40 104.24
C ASN B 215 3.29 -82.56 105.23
N PRO B 216 3.84 -81.48 105.77
CA PRO B 216 3.07 -80.69 106.75
C PRO B 216 1.78 -80.11 106.19
N GLU B 217 1.72 -79.81 104.89
CA GLU B 217 0.54 -79.22 104.29
C GLU B 217 -0.49 -80.24 103.82
N GLY B 218 -0.21 -81.53 103.99
CA GLY B 218 -1.18 -82.54 103.62
C GLY B 218 -1.43 -82.55 102.12
N ARG B 219 -2.65 -82.93 101.75
CA ARG B 219 -3.04 -82.99 100.35
C ARG B 219 -4.52 -82.69 100.23
N SER B 220 -4.85 -81.60 99.55
CA SER B 220 -6.24 -81.19 99.43
C SER B 220 -7.00 -82.19 98.55
N PRO B 221 -8.28 -82.45 98.85
CA PRO B 221 -9.05 -83.34 97.97
C PRO B 221 -9.40 -82.73 96.64
N LEU B 222 -9.28 -81.40 96.50
CA LEU B 222 -9.60 -80.74 95.24
C LEU B 222 -8.62 -81.08 94.13
N LEU B 223 -7.46 -81.65 94.45
CA LEU B 223 -6.49 -81.97 93.41
C LEU B 223 -7.02 -83.02 92.45
N ASN B 224 -7.87 -83.93 92.94
CA ASN B 224 -8.37 -84.98 92.07
C ASN B 224 -9.31 -84.44 91.00
N ALA B 225 -10.03 -83.36 91.30
CA ALA B 225 -11.02 -82.81 90.39
C ALA B 225 -10.52 -81.58 89.64
N TYR B 226 -9.20 -81.35 89.63
CA TYR B 226 -8.68 -80.14 88.99
C TYR B 226 -8.94 -80.13 87.49
N VAL B 227 -8.73 -81.26 86.82
CA VAL B 227 -8.79 -81.31 85.36
C VAL B 227 -10.24 -81.27 84.89
N PRO B 228 -11.13 -82.11 85.43
CA PRO B 228 -12.53 -82.04 84.99
C PRO B 228 -13.13 -80.66 85.17
N TRP B 229 -12.84 -79.99 86.28
CA TRP B 229 -13.35 -78.62 86.48
C TRP B 229 -12.79 -77.67 85.42
N LYS B 230 -11.49 -77.79 85.13
CA LYS B 230 -10.87 -76.91 84.16
C LYS B 230 -11.52 -77.07 82.80
N TYR B 231 -11.82 -78.31 82.40
CA TYR B 231 -12.50 -78.51 81.11
C TYR B 231 -13.93 -78.01 81.15
N LYS B 232 -14.64 -78.29 82.25
CA LYS B 232 -16.07 -78.01 82.31
C LYS B 232 -16.35 -76.51 82.24
N VAL B 233 -15.63 -75.72 83.04
CA VAL B 233 -15.88 -74.28 83.05
C VAL B 233 -15.59 -73.69 81.68
N GLN B 234 -14.49 -74.12 81.06
CA GLN B 234 -14.11 -73.61 79.76
C GLN B 234 -15.18 -73.91 78.71
N ILE B 235 -15.67 -75.15 78.69
CA ILE B 235 -16.68 -75.51 77.70
C ILE B 235 -17.98 -74.77 77.96
N GLU B 236 -18.34 -74.57 79.23
CA GLU B 236 -19.54 -73.81 79.54
C GLU B 236 -19.42 -72.38 79.03
N GLU B 237 -18.25 -71.76 79.21
CA GLU B 237 -18.05 -70.41 78.71
C GLU B 237 -18.18 -70.38 77.18
N TYR B 238 -17.59 -71.36 76.50
CA TYR B 238 -17.70 -71.40 75.05
C TYR B 238 -19.16 -71.51 74.61
N GLU B 239 -19.93 -72.38 75.27
CA GLU B 239 -21.34 -72.54 74.90
C GLU B 239 -22.11 -71.25 75.13
N ALA B 240 -21.85 -70.57 76.25
CA ALA B 240 -22.56 -69.32 76.53
C ALA B 240 -22.24 -68.26 75.48
N VAL B 241 -20.96 -68.13 75.11
CA VAL B 241 -20.58 -67.15 74.09
C VAL B 241 -21.26 -67.49 72.76
N GLY B 242 -21.28 -68.77 72.40
CA GLY B 242 -21.92 -69.16 71.15
C GLY B 242 -23.41 -68.82 71.14
N VAL B 243 -24.09 -69.08 72.25
CA VAL B 243 -25.51 -68.73 72.33
C VAL B 243 -25.68 -67.22 72.20
N SER B 244 -24.78 -66.46 72.83
CA SER B 244 -24.89 -65.00 72.75
C SER B 244 -24.74 -64.51 71.32
N ARG B 245 -23.78 -65.07 70.57
CA ARG B 245 -23.43 -64.54 69.26
C ARG B 245 -24.12 -65.26 68.11
N ASP B 246 -24.99 -66.23 68.38
CA ASP B 246 -25.78 -66.82 67.32
C ASP B 246 -26.70 -65.77 66.69
N LEU B 247 -26.45 -65.46 65.42
CA LEU B 247 -27.09 -64.33 64.74
C LEU B 247 -28.01 -64.75 63.60
N VAL B 248 -28.40 -66.03 63.53
CA VAL B 248 -29.24 -66.47 62.42
C VAL B 248 -30.63 -65.86 62.55
N GLY B 249 -31.11 -65.26 61.46
CA GLY B 249 -32.48 -64.78 61.38
C GLY B 249 -32.65 -63.29 61.57
N MET B 250 -31.58 -62.52 61.74
CA MET B 250 -31.73 -61.10 61.93
C MET B 250 -32.02 -60.40 60.60
N PRO B 251 -32.81 -59.34 60.61
CA PRO B 251 -33.11 -58.64 59.35
C PRO B 251 -31.88 -57.98 58.75
N LYS B 252 -31.91 -57.84 57.43
CA LYS B 252 -30.84 -57.17 56.69
C LYS B 252 -31.46 -56.33 55.58
N ILE B 253 -30.91 -55.13 55.39
CA ILE B 253 -31.40 -54.19 54.40
C ILE B 253 -30.26 -53.88 53.43
N GLY B 254 -30.56 -53.94 52.14
CA GLY B 254 -29.59 -53.57 51.12
C GLY B 254 -30.07 -52.41 50.28
N LEU B 255 -29.28 -51.34 50.20
CA LEU B 255 -29.63 -50.13 49.49
C LEU B 255 -28.51 -49.76 48.53
N PRO B 256 -28.82 -49.03 47.47
CA PRO B 256 -27.75 -48.55 46.60
C PRO B 256 -26.79 -47.68 47.37
N PRO B 257 -25.51 -47.67 46.97
CA PRO B 257 -24.52 -46.89 47.76
C PRO B 257 -24.87 -45.42 47.90
N ASP B 258 -25.51 -44.82 46.90
CA ASP B 258 -25.79 -43.39 46.93
C ASP B 258 -26.82 -43.00 47.98
N TYR B 259 -27.55 -43.97 48.55
CA TYR B 259 -28.50 -43.64 49.62
C TYR B 259 -27.80 -43.35 50.94
N LEU B 260 -26.59 -43.85 51.14
CA LEU B 260 -25.88 -43.71 52.40
C LEU B 260 -24.95 -42.51 52.44
N ASP B 261 -24.94 -41.69 51.40
CA ASP B 261 -24.06 -40.52 51.38
C ASP B 261 -24.56 -39.47 52.36
N GLU B 262 -23.65 -38.57 52.73
CA GLU B 262 -23.97 -37.50 53.67
C GLU B 262 -24.59 -36.29 52.98
N ASN B 263 -24.31 -36.10 51.69
CA ASN B 263 -24.87 -35.01 50.92
C ASN B 263 -26.11 -35.41 50.13
N ALA B 264 -26.61 -36.63 50.33
CA ALA B 264 -27.74 -37.11 49.57
C ALA B 264 -28.94 -36.16 49.72
N GLU B 265 -29.89 -36.30 48.81
CA GLU B 265 -31.06 -35.45 48.82
C GLU B 265 -31.93 -35.75 50.04
N PRO B 266 -32.77 -34.81 50.44
CA PRO B 266 -33.59 -35.04 51.66
C PRO B 266 -34.44 -36.29 51.58
N GLU B 267 -34.94 -36.66 50.39
CA GLU B 267 -35.77 -37.85 50.29
C GLU B 267 -35.00 -39.09 50.68
N LYS B 268 -33.76 -39.22 50.20
CA LYS B 268 -32.96 -40.39 50.55
C LYS B 268 -32.63 -40.40 52.04
N LYS B 269 -32.36 -39.23 52.63
CA LYS B 269 -32.10 -39.18 54.06
C LYS B 269 -33.31 -39.63 54.86
N ALA B 270 -34.50 -39.18 54.45
CA ALA B 270 -35.72 -39.61 55.14
C ALA B 270 -35.92 -41.11 54.98
N PHE B 271 -35.65 -41.64 53.79
CA PHE B 271 -35.76 -43.08 53.57
C PHE B 271 -34.83 -43.85 54.50
N VAL B 272 -33.59 -43.39 54.64
CA VAL B 272 -32.63 -44.08 55.51
C VAL B 272 -33.07 -43.99 56.96
N GLN B 273 -33.58 -42.83 57.39
CA GLN B 273 -34.05 -42.71 58.76
C GLN B 273 -35.21 -43.65 59.04
N TYR B 274 -36.14 -43.76 58.09
CA TYR B 274 -37.26 -44.70 58.27
C TYR B 274 -36.75 -46.14 58.32
N CYS B 275 -35.77 -46.47 57.49
CA CYS B 275 -35.20 -47.82 57.55
C CYS B 275 -34.58 -48.09 58.91
N LYS B 276 -33.88 -47.10 59.47
CA LYS B 276 -33.30 -47.26 60.81
C LYS B 276 -34.40 -47.51 61.84
N THR B 277 -35.47 -46.72 61.77
CA THR B 277 -36.56 -46.91 62.72
C THR B 277 -37.17 -48.30 62.60
N VAL B 278 -37.36 -48.77 61.36
CA VAL B 278 -37.91 -50.11 61.16
C VAL B 278 -36.99 -51.15 61.76
N VAL B 279 -35.69 -51.04 61.50
CA VAL B 279 -34.74 -52.02 62.02
C VAL B 279 -34.79 -52.04 63.54
N ASN B 280 -34.94 -50.87 64.16
CA ASN B 280 -34.92 -50.81 65.61
C ASN B 280 -36.21 -51.36 66.22
N ASP B 281 -37.36 -51.12 65.57
CA ASP B 281 -38.64 -51.32 66.21
C ASP B 281 -39.48 -52.46 65.64
N MET B 282 -38.96 -53.22 64.68
CA MET B 282 -39.73 -54.32 64.11
C MET B 282 -39.78 -55.49 65.07
N ILE B 283 -41.00 -55.99 65.33
CA ILE B 283 -41.21 -57.16 66.18
C ILE B 283 -42.35 -57.98 65.60
N ALA B 284 -42.40 -59.25 66.00
CA ALA B 284 -43.49 -60.13 65.59
C ALA B 284 -44.79 -59.65 66.22
N ASN B 285 -45.77 -59.34 65.39
CA ASN B 285 -46.99 -58.70 65.86
C ASN B 285 -48.13 -59.03 64.91
N ASP B 286 -49.36 -58.82 65.37
CA ASP B 286 -50.53 -59.06 64.55
C ASP B 286 -50.65 -58.09 63.39
N ARG B 287 -49.85 -57.01 63.38
CA ARG B 287 -49.86 -56.04 62.31
C ARG B 287 -48.56 -56.04 61.50
N ALA B 288 -47.77 -57.10 61.63
CA ALA B 288 -46.46 -57.14 60.95
C ALA B 288 -46.66 -57.22 59.44
N GLY B 289 -45.95 -56.35 58.73
CA GLY B 289 -46.03 -56.33 57.28
C GLY B 289 -45.07 -55.31 56.72
N LEU B 290 -44.80 -55.45 55.43
CA LEU B 290 -43.84 -54.59 54.74
C LEU B 290 -44.37 -54.17 53.38
N ILE B 291 -44.14 -52.91 53.05
CA ILE B 291 -44.32 -52.39 51.70
C ILE B 291 -42.98 -51.84 51.27
N TRP B 292 -42.36 -52.48 50.29
CA TRP B 292 -40.98 -52.20 49.92
C TRP B 292 -40.87 -51.95 48.43
N PRO B 293 -40.04 -51.01 48.00
CA PRO B 293 -39.84 -50.81 46.56
C PRO B 293 -39.18 -52.02 45.93
N ARG B 294 -39.51 -52.26 44.67
CA ARG B 294 -39.01 -53.42 43.94
C ARG B 294 -38.70 -53.00 42.51
N TYR B 295 -37.43 -53.14 42.12
CA TYR B 295 -37.01 -52.81 40.76
C TYR B 295 -35.89 -53.75 40.37
N ILE B 296 -36.08 -54.47 39.26
CA ILE B 296 -35.09 -55.41 38.75
C ILE B 296 -34.37 -54.75 37.59
N ASP B 297 -33.06 -54.65 37.68
CA ASP B 297 -32.28 -53.99 36.65
C ASP B 297 -32.41 -54.75 35.33
N PRO B 298 -32.66 -54.07 34.21
CA PRO B 298 -32.85 -54.81 32.94
C PRO B 298 -31.64 -55.63 32.53
N ASP B 299 -30.43 -55.16 32.81
CA ASP B 299 -29.22 -55.79 32.30
C ASP B 299 -28.54 -56.73 33.30
N THR B 300 -28.98 -56.76 34.55
CA THR B 300 -28.42 -57.65 35.56
C THR B 300 -29.42 -58.66 36.09
N LYS B 301 -30.71 -58.37 35.99
CA LYS B 301 -31.77 -59.27 36.43
C LYS B 301 -31.69 -59.57 37.92
N GLU B 302 -31.18 -58.62 38.71
CA GLU B 302 -31.12 -58.74 40.16
C GLU B 302 -31.73 -57.50 40.79
N ASP B 303 -32.58 -57.72 41.80
CA ASP B 303 -33.21 -56.60 42.49
C ASP B 303 -32.17 -55.68 43.08
N ILE B 304 -32.36 -54.37 42.92
CA ILE B 304 -31.42 -53.43 43.49
C ILE B 304 -31.68 -53.22 44.97
N PHE B 305 -32.94 -53.28 45.41
CA PHE B 305 -33.29 -53.31 46.82
C PHE B 305 -33.46 -54.75 47.27
N GLU B 306 -33.41 -54.95 48.59
CA GLU B 306 -33.64 -56.28 49.13
C GLU B 306 -34.01 -56.18 50.61
N PHE B 307 -34.75 -57.18 51.08
CA PHE B 307 -35.05 -57.36 52.49
C PHE B 307 -35.09 -58.84 52.77
N SER B 308 -34.19 -59.32 53.62
CA SER B 308 -34.08 -60.74 53.89
C SER B 308 -33.44 -60.95 55.25
N LEU B 309 -33.54 -62.17 55.75
CA LEU B 309 -32.96 -62.57 57.02
C LEU B 309 -31.71 -63.39 56.75
N VAL B 310 -30.62 -63.07 57.46
CA VAL B 310 -29.36 -63.75 57.21
C VAL B 310 -29.52 -65.24 57.49
N SER B 311 -28.91 -66.05 56.64
CA SER B 311 -29.01 -67.51 56.72
C SER B 311 -27.62 -68.10 56.96
N ARG B 312 -27.61 -69.33 57.47
CA ARG B 312 -26.39 -70.05 57.78
C ARG B 312 -26.49 -71.46 57.23
N GLN B 313 -25.34 -71.99 56.80
CA GLN B 313 -25.32 -73.28 56.10
C GLN B 313 -25.06 -74.45 57.05
N GLY B 314 -23.91 -74.46 57.72
CA GLY B 314 -23.51 -75.60 58.51
C GLY B 314 -24.10 -75.62 59.90
N ALA B 315 -23.74 -76.66 60.65
CA ALA B 315 -24.16 -76.83 62.03
C ALA B 315 -22.94 -77.09 62.90
N LYS B 316 -23.08 -76.75 64.19
CA LYS B 316 -21.96 -76.93 65.11
C LYS B 316 -21.50 -78.38 65.13
N ALA B 317 -20.18 -78.57 65.12
CA ALA B 317 -19.61 -79.89 64.97
C ALA B 317 -19.62 -80.70 66.26
N TYR B 318 -19.86 -80.06 67.41
CA TYR B 318 -19.80 -80.74 68.70
C TYR B 318 -21.04 -80.43 69.51
N ASP B 319 -21.46 -81.40 70.31
CA ASP B 319 -22.58 -81.25 71.23
C ASP B 319 -22.02 -80.93 72.61
N THR B 320 -22.18 -79.67 73.04
CA THR B 320 -21.58 -79.24 74.28
C THR B 320 -22.32 -79.79 75.50
N GLY B 321 -23.62 -80.04 75.37
CA GLY B 321 -24.38 -80.53 76.51
C GLY B 321 -23.86 -81.86 77.02
N SER B 322 -23.62 -82.80 76.10
CA SER B 322 -23.13 -84.12 76.51
C SER B 322 -21.76 -84.01 77.17
N ILE B 323 -20.87 -83.18 76.62
CA ILE B 323 -19.54 -83.03 77.19
C ILE B 323 -19.62 -82.44 78.60
N ILE B 324 -20.44 -81.41 78.78
CA ILE B 324 -20.57 -80.78 80.08
C ILE B 324 -21.15 -81.77 81.09
N ASP B 325 -22.15 -82.54 80.68
CA ASP B 325 -22.74 -83.53 81.58
C ASP B 325 -21.71 -84.59 81.96
N ARG B 326 -20.92 -85.05 80.98
CA ARG B 326 -19.89 -86.05 81.26
C ARG B 326 -18.88 -85.53 82.27
N TYR B 327 -18.44 -84.29 82.09
CA TYR B 327 -17.44 -83.74 83.02
C TYR B 327 -18.04 -83.49 84.40
N SER B 328 -19.31 -83.09 84.48
CA SER B 328 -19.95 -82.95 85.78
C SER B 328 -20.01 -84.28 86.50
N LYS B 329 -20.38 -85.35 85.78
CA LYS B 329 -20.41 -86.67 86.39
C LYS B 329 -19.02 -87.10 86.82
N GLN B 330 -18.00 -86.77 86.02
CA GLN B 330 -16.63 -87.09 86.42
C GLN B 330 -16.24 -86.38 87.70
N ILE B 331 -16.60 -85.09 87.81
CA ILE B 331 -16.31 -84.36 89.04
C ILE B 331 -16.99 -85.02 90.23
N MET B 332 -18.27 -85.35 90.07
CA MET B 332 -19.01 -85.95 91.18
C MET B 332 -18.43 -87.29 91.58
N MET B 333 -17.78 -87.99 90.64
CA MET B 333 -17.21 -89.30 90.95
C MET B 333 -15.96 -89.18 91.79
N ALA B 334 -15.23 -88.06 91.67
CA ALA B 334 -13.98 -87.92 92.40
C ALA B 334 -14.20 -87.96 93.90
N PHE B 335 -15.26 -87.32 94.38
CA PHE B 335 -15.58 -87.28 95.80
C PHE B 335 -16.47 -88.44 96.24
N MET B 336 -16.85 -89.33 95.33
CA MET B 336 -17.76 -90.43 95.64
C MET B 336 -19.07 -89.91 96.21
N SER B 337 -19.54 -88.79 95.67
CA SER B 337 -20.75 -88.12 96.14
C SER B 337 -21.82 -88.10 95.06
N ASP B 338 -22.02 -89.24 94.39
CA ASP B 338 -23.06 -89.33 93.38
C ASP B 338 -24.46 -89.26 93.97
N VAL B 339 -24.61 -89.36 95.29
CA VAL B 339 -25.91 -89.30 95.92
C VAL B 339 -26.59 -87.96 95.61
N LEU B 340 -25.82 -86.93 95.32
CA LEU B 340 -26.40 -85.61 95.07
C LEU B 340 -27.30 -85.64 93.84
N ALA B 341 -26.93 -86.39 92.81
CA ALA B 341 -27.71 -86.45 91.57
C ALA B 341 -28.65 -87.64 91.50
N MET B 342 -28.29 -88.76 92.12
CA MET B 342 -29.09 -89.98 92.05
C MET B 342 -30.06 -90.12 93.21
N GLY B 343 -30.08 -89.18 94.14
CA GLY B 343 -30.94 -89.29 95.31
C GLY B 343 -30.43 -90.35 96.26
N GLN B 344 -31.18 -90.52 97.35
CA GLN B 344 -30.84 -91.49 98.39
C GLN B 344 -31.49 -92.82 98.07
N SER B 345 -30.72 -93.74 97.51
CA SER B 345 -31.23 -95.07 97.21
C SER B 345 -31.42 -95.87 98.49
N LYS B 346 -32.34 -96.83 98.44
CA LYS B 346 -32.65 -97.66 99.60
C LYS B 346 -31.54 -98.67 99.91
N TYR B 347 -30.62 -98.91 98.98
CA TYR B 347 -29.54 -99.87 99.21
C TYR B 347 -28.35 -99.27 99.93
N GLY B 348 -28.31 -97.95 100.10
CA GLY B 348 -27.24 -97.28 100.81
C GLY B 348 -27.76 -96.61 102.07
N SER B 349 -26.89 -96.46 103.06
CA SER B 349 -27.24 -95.85 104.33
C SER B 349 -26.14 -94.90 104.78
N PHE B 350 -26.51 -93.90 105.56
CA PHE B 350 -25.55 -92.96 106.12
C PHE B 350 -25.09 -93.36 107.52
N SER B 351 -25.62 -94.44 108.08
CA SER B 351 -25.24 -94.87 109.42
C SER B 351 -24.00 -95.73 109.38
N LEU B 352 -23.05 -95.45 110.27
CA LEU B 352 -21.84 -96.25 110.35
C LEU B 352 -22.04 -97.56 111.10
N ALA B 353 -23.12 -97.67 111.89
CA ALA B 353 -23.42 -98.89 112.63
C ALA B 353 -24.33 -99.83 111.87
N ASP B 354 -24.68 -99.49 110.62
CA ASP B 354 -25.57 -100.28 109.80
C ASP B 354 -24.76 -100.92 108.67
N SER B 355 -25.06 -102.17 108.35
CA SER B 355 -24.31 -102.89 107.32
C SER B 355 -24.84 -102.56 105.92
N LYS B 356 -24.95 -101.27 105.62
CA LYS B 356 -25.18 -100.79 104.27
C LYS B 356 -24.47 -99.48 104.01
N THR B 357 -23.45 -99.15 104.79
CA THR B 357 -22.85 -97.82 104.75
C THR B 357 -22.30 -97.51 103.37
N SER B 358 -22.44 -96.25 102.96
CA SER B 358 -21.93 -95.81 101.67
C SER B 358 -20.50 -95.30 101.81
N LEU B 359 -19.84 -95.15 100.66
CA LEU B 359 -18.44 -94.74 100.65
C LEU B 359 -18.25 -93.35 101.26
N LEU B 360 -19.21 -92.45 101.04
CA LEU B 360 -19.10 -91.11 101.61
C LEU B 360 -19.03 -91.19 103.14
N ALA B 361 -19.93 -91.97 103.75
CA ALA B 361 -19.89 -92.13 105.20
C ALA B 361 -18.61 -92.83 105.65
N MET B 362 -18.17 -93.83 104.88
CA MET B 362 -16.95 -94.53 105.27
C MET B 362 -15.75 -93.58 105.30
N SER B 363 -15.67 -92.65 104.35
CA SER B 363 -14.57 -91.69 104.33
C SER B 363 -14.72 -90.63 105.41
N VAL B 364 -15.95 -90.19 105.67
CA VAL B 364 -16.16 -89.26 106.77
C VAL B 364 -15.73 -89.90 108.08
N ASP B 365 -15.87 -91.21 108.19
CA ASP B 365 -15.37 -91.90 109.39
C ASP B 365 -13.85 -91.76 109.51
N ILE B 366 -13.14 -91.86 108.38
CA ILE B 366 -11.70 -91.67 108.42
C ILE B 366 -11.35 -90.28 108.90
N LEU B 367 -12.07 -89.27 108.38
CA LEU B 367 -11.80 -87.90 108.80
C LEU B 367 -12.06 -87.72 110.30
N LEU B 368 -13.17 -88.28 110.79
CA LEU B 368 -13.49 -88.16 112.21
C LEU B 368 -12.43 -88.83 113.07
N LYS B 369 -11.96 -90.00 112.66
CA LYS B 369 -10.91 -90.68 113.41
C LYS B 369 -9.63 -89.86 113.42
N GLN B 370 -9.30 -89.23 112.30
CA GLN B 370 -8.12 -88.36 112.26
C GLN B 370 -8.25 -87.22 113.27
N ILE B 371 -9.41 -86.56 113.28
CA ILE B 371 -9.60 -85.46 114.21
C ILE B 371 -9.48 -85.96 115.66
N LYS B 372 -10.12 -87.08 115.95
CA LYS B 372 -10.09 -87.62 117.31
C LYS B 372 -8.66 -87.94 117.74
N ASN B 373 -7.89 -88.58 116.87
CA ASN B 373 -6.52 -88.93 117.22
C ASN B 373 -5.68 -87.68 117.46
N VAL B 374 -5.81 -86.68 116.59
CA VAL B 374 -5.03 -85.46 116.78
C VAL B 374 -5.38 -84.81 118.11
N ILE B 375 -6.66 -84.68 118.42
CA ILE B 375 -7.05 -84.05 119.67
C ILE B 375 -6.48 -84.81 120.84
N ASN B 376 -6.68 -86.14 120.87
CA ASN B 376 -6.24 -86.94 122.00
C ASN B 376 -4.73 -86.84 122.19
N ARG B 377 -3.98 -86.92 121.10
CA ARG B 377 -2.53 -86.98 121.22
C ARG B 377 -1.88 -85.62 121.46
N ASP B 378 -2.53 -84.53 121.06
CA ASP B 378 -1.91 -83.21 121.14
C ASP B 378 -2.42 -82.35 122.29
N LEU B 379 -3.72 -82.35 122.56
CA LEU B 379 -4.28 -81.41 123.52
C LEU B 379 -4.36 -81.98 124.94
N VAL B 380 -4.90 -83.19 125.10
CA VAL B 380 -5.09 -83.75 126.42
C VAL B 380 -3.74 -83.98 127.09
N ALA B 381 -2.77 -84.51 126.35
CA ALA B 381 -1.48 -84.84 126.95
C ALA B 381 -0.81 -83.59 127.52
N GLN B 382 -0.83 -82.49 126.77
CA GLN B 382 -0.23 -81.26 127.26
C GLN B 382 -0.99 -80.71 128.46
N THR B 383 -2.33 -80.85 128.46
CA THR B 383 -3.11 -80.39 129.60
C THR B 383 -2.74 -81.16 130.87
N TYR B 384 -2.50 -82.46 130.73
CA TYR B 384 -2.06 -83.24 131.89
C TYR B 384 -0.73 -82.70 132.43
N ALA B 385 0.21 -82.40 131.54
CA ALA B 385 1.52 -81.93 131.98
C ALA B 385 1.42 -80.59 132.71
N LEU B 386 0.63 -79.67 132.18
CA LEU B 386 0.53 -78.34 132.78
C LEU B 386 -0.05 -78.43 134.19
N ASN B 387 -1.05 -79.29 134.39
CA ASN B 387 -1.65 -79.46 135.70
C ASN B 387 -0.78 -80.30 136.64
N MET B 388 0.31 -80.88 136.15
CA MET B 388 1.23 -81.64 136.99
C MET B 388 0.55 -82.90 137.53
N TRP B 389 -0.01 -83.69 136.61
CA TRP B 389 -0.74 -84.90 136.95
C TRP B 389 -0.10 -86.10 136.28
N ASP B 390 -0.15 -87.25 136.95
CA ASP B 390 0.33 -88.51 136.40
C ASP B 390 -0.63 -89.60 136.86
N ASP B 391 -1.51 -90.04 135.97
CA ASP B 391 -2.54 -91.02 136.31
C ASP B 391 -2.33 -92.36 135.62
N GLU B 392 -1.24 -92.53 134.86
CA GLU B 392 -0.95 -93.77 134.17
C GLU B 392 -1.86 -93.97 132.96
N GLU B 393 -2.87 -93.12 132.82
CA GLU B 393 -3.83 -93.23 131.73
C GLU B 393 -4.43 -91.85 131.48
N HIS B 394 -4.98 -91.68 130.29
CA HIS B 394 -5.61 -90.42 129.90
C HIS B 394 -7.03 -90.70 129.41
N VAL B 395 -7.97 -89.86 129.84
CA VAL B 395 -9.32 -89.95 129.33
C VAL B 395 -9.33 -89.61 127.86
N GLN B 396 -10.10 -90.36 127.08
CA GLN B 396 -10.14 -90.23 125.63
C GLN B 396 -11.46 -89.61 125.19
N ILE B 397 -11.38 -88.75 124.19
CA ILE B 397 -12.56 -88.15 123.59
C ILE B 397 -13.05 -89.04 122.45
N THR B 398 -14.34 -89.35 122.45
CA THR B 398 -14.94 -90.21 121.45
C THR B 398 -16.20 -89.55 120.90
N TYR B 399 -16.54 -89.89 119.66
CA TYR B 399 -17.68 -89.31 118.97
C TYR B 399 -18.80 -90.35 118.84
N ASP B 400 -19.91 -89.92 118.25
CA ASP B 400 -21.09 -90.74 118.09
C ASP B 400 -21.38 -90.97 116.62
N ASP B 401 -22.50 -91.65 116.34
CA ASP B 401 -22.85 -92.02 114.98
C ASP B 401 -23.49 -90.86 114.24
N ILE B 402 -23.36 -90.88 112.91
CA ILE B 402 -23.97 -89.84 112.08
C ILE B 402 -25.48 -89.98 112.06
N GLU B 403 -25.97 -91.22 111.89
CA GLU B 403 -27.40 -91.50 111.83
C GLU B 403 -27.64 -92.86 112.47
N THR B 404 -28.78 -92.98 113.16
CA THR B 404 -29.10 -94.23 113.81
C THR B 404 -29.31 -95.33 112.77
N PRO B 405 -29.01 -96.58 113.10
CA PRO B 405 -29.14 -97.66 112.12
C PRO B 405 -30.60 -98.02 111.89
N ASP B 406 -30.81 -98.95 110.96
CA ASP B 406 -32.15 -99.43 110.68
C ASP B 406 -32.68 -100.23 111.86
N LEU B 407 -33.97 -100.02 112.18
CA LEU B 407 -34.55 -100.61 113.37
C LEU B 407 -35.16 -101.98 113.11
N GLU B 408 -35.77 -102.19 111.95
CA GLU B 408 -36.41 -103.47 111.67
C GLU B 408 -35.39 -104.61 111.70
N ALA B 409 -34.26 -104.42 111.03
CA ALA B 409 -33.26 -105.48 110.96
C ALA B 409 -32.72 -105.82 112.34
N ILE B 410 -32.39 -104.79 113.13
CA ILE B 410 -31.84 -105.02 114.46
C ILE B 410 -32.86 -105.71 115.35
N GLY B 411 -34.12 -105.27 115.28
CA GLY B 411 -35.15 -105.90 116.10
C GLY B 411 -35.32 -107.37 115.75
N SER B 412 -35.39 -107.67 114.45
CA SER B 412 -35.55 -109.06 114.03
C SER B 412 -34.34 -109.90 114.46
N TYR B 413 -33.14 -109.35 114.31
CA TYR B 413 -31.94 -110.08 114.70
C TYR B 413 -31.94 -110.39 116.19
N ILE B 414 -32.24 -109.38 117.01
CA ILE B 414 -32.27 -109.60 118.46
C ILE B 414 -33.32 -110.65 118.81
N GLN B 415 -34.51 -110.53 118.22
CA GLN B 415 -35.57 -111.48 118.54
C GLN B 415 -35.16 -112.90 118.17
N LYS B 416 -34.62 -113.08 116.97
CA LYS B 416 -34.26 -114.42 116.53
C LYS B 416 -33.15 -115.02 117.38
N THR B 417 -32.13 -114.23 117.71
CA THR B 417 -31.00 -114.76 118.45
C THR B 417 -31.24 -114.84 119.95
N VAL B 418 -32.30 -114.22 120.46
CA VAL B 418 -32.60 -114.34 121.89
C VAL B 418 -33.72 -115.35 122.15
N ALA B 419 -34.58 -115.60 121.16
CA ALA B 419 -35.63 -116.59 121.35
C ALA B 419 -35.03 -117.97 121.58
N VAL B 420 -33.89 -118.28 120.95
CA VAL B 420 -33.26 -119.59 121.08
C VAL B 420 -32.25 -119.63 122.21
N GLY B 421 -32.00 -118.52 122.89
CA GLY B 421 -31.08 -118.50 124.00
C GLY B 421 -29.62 -118.52 123.62
N ALA B 422 -29.28 -118.11 122.39
CA ALA B 422 -27.90 -118.08 121.93
C ALA B 422 -27.21 -116.76 122.19
N LEU B 423 -27.91 -115.77 122.74
CA LEU B 423 -27.34 -114.46 123.04
C LEU B 423 -27.66 -114.10 124.49
N GLU B 424 -26.64 -113.67 125.22
CA GLU B 424 -26.80 -113.33 126.63
C GLU B 424 -27.30 -111.90 126.77
N VAL B 425 -28.51 -111.73 127.30
CA VAL B 425 -29.07 -110.40 127.50
C VAL B 425 -28.41 -109.76 128.71
N ASP B 426 -28.00 -108.50 128.55
CA ASP B 426 -27.28 -107.78 129.59
C ASP B 426 -27.82 -106.37 129.71
N LYS B 427 -27.62 -105.76 130.88
CA LYS B 427 -28.06 -104.38 131.08
C LYS B 427 -27.44 -103.44 130.06
N GLU B 428 -26.18 -103.68 129.68
CA GLU B 428 -25.55 -102.87 128.65
C GLU B 428 -26.28 -103.01 127.32
N LEU B 429 -26.77 -104.21 127.02
CA LEU B 429 -27.55 -104.42 125.81
C LEU B 429 -28.81 -103.58 125.83
N SER B 430 -29.51 -103.55 126.97
CA SER B 430 -30.70 -102.71 127.08
C SER B 430 -30.35 -101.24 126.90
N ASN B 431 -29.27 -100.79 127.52
CA ASN B 431 -28.86 -99.41 127.37
C ASN B 431 -28.61 -99.07 125.90
N LYS B 432 -27.89 -99.94 125.20
CA LYS B 432 -27.61 -99.68 123.79
C LYS B 432 -28.89 -99.69 122.96
N LEU B 433 -29.78 -100.65 123.21
CA LEU B 433 -31.02 -100.70 122.47
C LEU B 433 -31.89 -99.47 122.71
N ARG B 434 -31.82 -98.88 123.89
CA ARG B 434 -32.57 -97.65 124.15
C ARG B 434 -31.96 -96.45 123.44
N GLU B 435 -30.66 -96.49 123.15
CA GLU B 435 -30.01 -95.36 122.49
C GLU B 435 -30.57 -95.14 121.09
N HIS B 436 -31.02 -96.20 120.44
CA HIS B 436 -31.50 -96.11 119.07
C HIS B 436 -32.82 -95.35 118.94
N ILE B 437 -33.50 -95.07 120.04
CA ILE B 437 -34.74 -94.30 120.01
C ILE B 437 -34.58 -93.06 120.87
N GLY B 438 -33.34 -92.66 121.15
CA GLY B 438 -33.10 -91.45 121.89
C GLY B 438 -33.58 -91.46 123.32
N LEU B 439 -33.46 -92.60 124.02
CA LEU B 439 -33.84 -92.64 125.42
C LEU B 439 -32.62 -92.79 126.31
N PRO B 440 -32.66 -92.30 127.55
CA PRO B 440 -31.54 -92.50 128.46
C PRO B 440 -31.36 -93.97 128.79
N PRO B 441 -30.27 -94.34 129.47
CA PRO B 441 -29.98 -95.77 129.66
C PRO B 441 -31.12 -96.54 130.32
N ALA B 442 -31.53 -96.15 131.53
CA ALA B 442 -32.53 -96.91 132.25
C ALA B 442 -33.05 -96.10 133.43
N ASP B 443 -34.21 -96.52 133.93
CA ASP B 443 -34.80 -95.96 135.13
C ASP B 443 -35.37 -97.11 135.95
N GLU B 444 -34.82 -97.32 137.15
CA GLU B 444 -35.13 -98.49 137.95
C GLU B 444 -36.00 -98.13 139.13
N SER B 445 -36.79 -97.06 139.03
CA SER B 445 -37.73 -96.71 140.08
C SER B 445 -39.09 -96.23 139.59
N GLN B 446 -39.33 -96.14 138.29
CA GLN B 446 -40.60 -95.64 137.77
C GLN B 446 -41.16 -96.61 136.73
N PRO B 447 -41.68 -97.76 137.14
CA PRO B 447 -42.21 -98.72 136.17
C PRO B 447 -43.64 -98.40 135.78
N VAL B 448 -43.99 -98.70 134.52
CA VAL B 448 -45.38 -98.65 134.12
C VAL B 448 -46.18 -99.59 135.00
N SER B 449 -47.30 -99.11 135.53
CA SER B 449 -47.98 -99.75 136.64
C SER B 449 -49.25 -100.44 136.18
N GLU B 450 -49.79 -101.28 137.07
CA GLU B 450 -50.96 -102.09 136.77
C GLU B 450 -52.18 -101.21 136.49
N LYS B 451 -52.30 -100.09 137.21
CA LYS B 451 -53.52 -99.30 137.13
C LYS B 451 -53.78 -98.72 135.75
N LEU B 452 -52.77 -98.66 134.88
CA LEU B 452 -52.94 -98.15 133.52
C LEU B 452 -52.79 -99.24 132.46
N SER B 453 -52.87 -100.50 132.85
CA SER B 453 -52.70 -101.63 131.92
C SER B 453 -54.03 -102.35 131.75
N PRO B 454 -54.57 -102.46 130.53
CA PRO B 454 -55.85 -103.17 130.36
C PRO B 454 -55.72 -104.67 130.61
N MET C 1 -29.00 -31.82 9.95
CA MET C 1 -28.29 -32.61 11.00
C MET C 1 -26.89 -32.05 11.24
N ARG C 2 -26.19 -32.61 12.23
CA ARG C 2 -24.93 -32.04 12.68
C ARG C 2 -23.88 -32.01 11.57
N LEU C 3 -23.76 -33.12 10.83
CA LEU C 3 -22.72 -33.18 9.81
C LEU C 3 -23.06 -32.33 8.59
N LEU C 4 -24.36 -32.11 8.33
CA LEU C 4 -24.76 -31.24 7.23
C LEU C 4 -24.52 -29.77 7.53
N ASN C 5 -24.23 -29.41 8.78
CA ASN C 5 -24.04 -28.01 9.17
C ASN C 5 -22.67 -27.80 9.81
N ARG C 6 -21.66 -28.51 9.33
CA ARG C 6 -20.32 -28.37 9.92
C ARG C 6 -19.68 -27.04 9.55
N HIS C 7 -19.98 -26.50 8.37
CA HIS C 7 -19.35 -25.30 7.86
C HIS C 7 -20.36 -24.16 7.79
N SER C 8 -19.88 -22.95 8.00
CA SER C 8 -20.68 -21.73 7.85
C SER C 8 -20.03 -20.83 6.82
N PHE C 9 -20.82 -20.39 5.84
CA PHE C 9 -20.29 -19.58 4.74
C PHE C 9 -21.32 -18.52 4.37
N VAL C 10 -20.87 -17.54 3.59
CA VAL C 10 -21.71 -16.43 3.15
C VAL C 10 -22.12 -16.66 1.71
N VAL C 11 -23.35 -16.28 1.37
CA VAL C 11 -23.91 -16.43 0.04
C VAL C 11 -24.42 -15.08 -0.44
N LYS C 12 -24.02 -14.70 -1.64
CA LYS C 12 -24.50 -13.47 -2.28
C LYS C 12 -25.54 -13.83 -3.32
N ARG C 13 -26.80 -13.55 -3.01
CA ARG C 13 -27.91 -13.75 -3.94
C ARG C 13 -28.35 -12.42 -4.52
N LYS C 14 -28.45 -12.35 -5.83
CA LYS C 14 -28.99 -11.18 -6.50
C LYS C 14 -30.51 -11.25 -6.39
N VAL C 15 -31.06 -10.67 -5.33
CA VAL C 15 -32.48 -10.81 -5.02
C VAL C 15 -33.35 -10.34 -6.18
N SER C 16 -33.06 -9.17 -6.73
CA SER C 16 -33.79 -8.70 -7.90
C SER C 16 -33.42 -9.54 -9.11
N GLU C 17 -34.40 -9.73 -9.98
CA GLU C 17 -34.23 -10.51 -11.21
C GLU C 17 -34.62 -9.63 -12.39
N ASP C 18 -34.13 -8.39 -12.39
CA ASP C 18 -34.48 -7.39 -13.39
C ASP C 18 -33.34 -7.11 -14.35
N GLY C 19 -32.42 -8.06 -14.53
CA GLY C 19 -31.38 -7.86 -15.52
C GLY C 19 -31.98 -7.70 -16.91
N TYR C 20 -31.33 -6.88 -17.73
CA TYR C 20 -31.84 -6.56 -19.05
C TYR C 20 -30.69 -6.21 -19.97
N TYR C 21 -31.02 -5.98 -21.24
CA TYR C 21 -30.06 -5.58 -22.26
C TYR C 21 -30.25 -4.11 -22.57
N ASN C 22 -29.15 -3.36 -22.56
CA ASN C 22 -29.18 -1.92 -22.78
C ASN C 22 -29.69 -1.57 -24.17
N ASP C 23 -29.92 -0.28 -24.40
CA ASP C 23 -30.24 0.18 -25.75
C ASP C 23 -29.06 -0.01 -26.70
N ASP C 24 -27.86 -0.23 -26.17
CA ASP C 24 -26.67 -0.45 -26.99
C ASP C 24 -26.36 -1.93 -27.15
N GLY C 25 -27.05 -2.81 -26.44
CA GLY C 25 -26.87 -4.24 -26.56
C GLY C 25 -26.05 -4.88 -25.46
N ASP C 26 -25.41 -4.08 -24.60
CA ASP C 26 -24.61 -4.63 -23.53
C ASP C 26 -25.49 -5.26 -22.45
N TRP C 27 -24.92 -6.21 -21.72
CA TRP C 27 -25.63 -6.84 -20.62
C TRP C 27 -25.48 -6.02 -19.35
N VAL C 28 -26.58 -5.92 -18.59
CA VAL C 28 -26.60 -5.22 -17.31
C VAL C 28 -27.13 -6.21 -16.28
N ALA C 29 -26.29 -6.57 -15.33
CA ALA C 29 -26.69 -7.54 -14.30
C ALA C 29 -27.72 -6.93 -13.37
N SER C 30 -28.46 -7.82 -12.69
CA SER C 30 -29.48 -7.39 -11.75
C SER C 30 -28.83 -6.56 -10.65
N GLN C 31 -29.53 -5.51 -10.20
CA GLN C 31 -28.88 -4.48 -9.41
C GLN C 31 -28.80 -4.86 -7.93
N ASP C 32 -29.92 -5.26 -7.33
CA ASP C 32 -29.99 -5.44 -5.88
C ASP C 32 -29.30 -6.75 -5.49
N ILE C 33 -28.09 -6.59 -4.94
CA ILE C 33 -27.36 -7.73 -4.38
C ILE C 33 -27.55 -7.74 -2.88
N VAL C 34 -27.74 -8.94 -2.32
CA VAL C 34 -28.02 -9.11 -0.90
C VAL C 34 -27.15 -10.23 -0.35
N GLU C 35 -26.57 -10.03 0.82
CA GLU C 35 -25.76 -11.03 1.48
C GLU C 35 -26.60 -11.82 2.47
N VAL C 36 -26.25 -13.09 2.64
CA VAL C 36 -26.98 -14.00 3.53
C VAL C 36 -25.98 -14.92 4.20
N ASN C 37 -26.39 -15.51 5.33
CA ASN C 37 -25.59 -16.48 6.05
C ASN C 37 -26.24 -17.86 5.93
N CYS C 38 -25.44 -18.86 5.58
CA CYS C 38 -25.92 -20.21 5.34
C CYS C 38 -24.96 -21.20 5.99
N LYS C 39 -25.42 -22.45 6.11
CA LYS C 39 -24.64 -23.52 6.70
C LYS C 39 -24.76 -24.77 5.83
N GLY C 40 -23.64 -25.47 5.70
CA GLY C 40 -23.61 -26.65 4.87
C GLY C 40 -22.38 -27.49 5.14
N ASN C 41 -21.90 -28.15 4.09
CA ASN C 41 -20.69 -28.95 4.16
C ASN C 41 -20.00 -28.91 2.81
N ILE C 42 -18.68 -28.70 2.82
CA ILE C 42 -17.90 -28.53 1.60
C ILE C 42 -16.80 -29.59 1.58
N GLN C 43 -16.68 -30.29 0.47
CA GLN C 43 -15.68 -31.32 0.28
C GLN C 43 -15.12 -31.23 -1.13
N PRO C 44 -13.92 -31.74 -1.37
CA PRO C 44 -13.40 -31.78 -2.74
C PRO C 44 -14.21 -32.74 -3.60
N TYR C 45 -14.28 -32.44 -4.89
CA TYR C 45 -15.05 -33.21 -5.85
C TYR C 45 -14.11 -34.09 -6.67
N ILE C 46 -14.15 -35.39 -6.42
CA ILE C 46 -13.24 -36.35 -7.06
C ILE C 46 -14.03 -37.09 -8.13
N LYS C 47 -13.82 -36.74 -9.39
CA LYS C 47 -14.47 -37.43 -10.49
C LYS C 47 -13.82 -37.08 -11.82
N GLY C 48 -13.39 -38.09 -12.57
CA GLY C 48 -12.86 -37.86 -13.91
C GLY C 48 -11.71 -36.89 -13.92
N SER C 49 -11.74 -35.95 -14.85
CA SER C 49 -10.68 -34.97 -15.03
C SER C 49 -10.90 -33.71 -14.19
N VAL C 50 -11.76 -33.78 -13.17
CA VAL C 50 -11.96 -32.62 -12.31
C VAL C 50 -10.63 -32.21 -11.68
N LYS C 51 -10.47 -30.90 -11.50
CA LYS C 51 -9.21 -30.30 -11.06
C LYS C 51 -9.44 -29.57 -9.74
N ASN C 52 -8.92 -30.12 -8.66
CA ASN C 52 -9.00 -29.48 -7.36
C ASN C 52 -7.65 -28.85 -7.00
N GLY C 53 -7.62 -27.52 -6.91
CA GLY C 53 -6.41 -26.82 -6.54
C GLY C 53 -5.25 -27.16 -7.46
N THR C 54 -5.55 -27.40 -8.73
CA THR C 54 -4.52 -27.83 -9.67
C THR C 54 -3.82 -26.61 -10.26
N GLN C 55 -2.50 -26.59 -10.19
CA GLN C 55 -1.72 -25.54 -10.83
C GLN C 55 -1.62 -25.82 -12.31
N ILE C 56 -1.90 -24.78 -13.12
CA ILE C 56 -1.90 -24.89 -14.58
C ILE C 56 -0.80 -24.01 -15.13
N ALA C 57 0.07 -24.58 -15.96
CA ALA C 57 1.16 -23.85 -16.58
C ALA C 57 0.76 -23.40 -17.97
N LEU C 58 0.94 -22.11 -18.25
CA LEU C 58 0.55 -21.51 -19.51
C LEU C 58 1.68 -20.59 -19.99
N PRO C 59 1.70 -20.27 -21.27
CA PRO C 59 2.67 -19.27 -21.75
C PRO C 59 2.51 -17.92 -21.07
N GLU C 60 1.32 -17.58 -20.61
CA GLU C 60 1.05 -16.30 -19.98
C GLU C 60 1.42 -16.29 -18.50
N GLY C 61 1.69 -17.44 -17.90
CA GLY C 61 2.04 -17.50 -16.50
C GLY C 61 1.52 -18.74 -15.80
N ILE C 62 0.86 -18.56 -14.67
CA ILE C 62 0.35 -19.67 -13.87
C ILE C 62 -1.07 -19.33 -13.43
N ARG C 63 -1.94 -20.34 -13.44
CA ARG C 63 -3.31 -20.22 -12.96
C ARG C 63 -3.55 -21.24 -11.85
N LEU C 64 -4.68 -21.09 -11.17
CA LEU C 64 -5.11 -22.04 -10.16
C LEU C 64 -6.61 -22.26 -10.31
N THR C 65 -7.00 -23.50 -10.57
CA THR C 65 -8.40 -23.87 -10.72
C THR C 65 -8.81 -24.81 -9.58
N ASP C 66 -10.00 -24.59 -9.05
CA ASP C 66 -10.52 -25.39 -7.95
C ASP C 66 -12.02 -25.55 -8.12
N THR C 67 -12.55 -26.66 -7.60
CA THR C 67 -13.97 -26.93 -7.63
C THR C 67 -14.32 -27.87 -6.49
N ARG C 68 -15.53 -27.73 -5.95
CA ARG C 68 -15.94 -28.46 -4.76
C ARG C 68 -17.39 -28.88 -4.89
N ILE C 69 -17.82 -29.73 -3.97
CA ILE C 69 -19.20 -30.19 -3.87
C ILE C 69 -19.75 -29.76 -2.52
N LEU C 70 -20.98 -29.28 -2.51
CA LEU C 70 -21.58 -28.68 -1.32
C LEU C 70 -22.90 -29.36 -1.00
N TYR C 71 -23.03 -29.87 0.22
CA TYR C 71 -24.26 -30.45 0.73
C TYR C 71 -24.89 -29.45 1.69
N THR C 72 -26.16 -29.14 1.46
CA THR C 72 -26.86 -28.18 2.31
C THR C 72 -28.36 -28.34 2.13
N THR C 73 -29.12 -27.84 3.11
CA THR C 73 -30.57 -27.81 3.03
C THR C 73 -31.10 -26.50 2.47
N TYR C 74 -30.23 -25.53 2.19
CA TYR C 74 -30.66 -24.27 1.61
C TYR C 74 -30.78 -24.41 0.10
N LYS C 75 -31.82 -23.79 -0.47
CA LYS C 75 -32.11 -23.92 -1.89
C LYS C 75 -31.40 -22.80 -2.64
N LEU C 76 -30.17 -23.06 -3.07
CA LEU C 76 -29.47 -22.16 -3.99
C LEU C 76 -29.85 -22.49 -5.43
N ARG C 77 -29.80 -21.48 -6.28
CA ARG C 77 -30.22 -21.60 -7.66
C ARG C 77 -29.09 -21.20 -8.61
N THR C 78 -29.03 -21.87 -9.75
CA THR C 78 -28.09 -21.53 -10.81
C THR C 78 -28.80 -20.66 -11.85
N SER C 79 -28.08 -20.29 -12.91
CA SER C 79 -28.65 -19.46 -13.96
C SER C 79 -29.74 -20.23 -14.70
N ASP C 80 -30.79 -19.52 -15.10
CA ASP C 80 -31.91 -20.10 -15.83
C ASP C 80 -32.44 -19.08 -16.81
N ASP C 81 -32.38 -19.40 -18.10
CA ASP C 81 -32.84 -18.49 -19.13
C ASP C 81 -34.37 -18.41 -19.23
N VAL C 82 -35.07 -19.50 -18.94
CA VAL C 82 -36.53 -19.48 -18.98
C VAL C 82 -37.10 -18.68 -17.80
N GLU C 83 -36.61 -18.94 -16.59
CA GLU C 83 -37.06 -18.19 -15.43
C GLU C 83 -36.40 -16.82 -15.33
N TRP C 84 -35.33 -16.60 -16.09
CA TRP C 84 -34.68 -15.28 -16.17
C TRP C 84 -34.15 -14.84 -14.80
N ASN C 85 -33.25 -15.65 -14.26
CA ASN C 85 -32.55 -15.32 -13.02
C ASN C 85 -31.11 -15.79 -13.12
N GLU C 86 -30.24 -15.14 -12.34
CA GLU C 86 -28.82 -15.46 -12.36
C GLU C 86 -28.44 -16.38 -11.19
N SER C 87 -27.22 -16.90 -11.25
CA SER C 87 -26.78 -17.86 -10.26
C SER C 87 -26.30 -17.17 -8.98
N ASP C 88 -26.16 -17.96 -7.93
CA ASP C 88 -25.69 -17.46 -6.64
C ASP C 88 -24.17 -17.56 -6.55
N ILE C 89 -23.62 -16.95 -5.50
CA ILE C 89 -22.19 -16.94 -5.24
C ILE C 89 -21.95 -17.41 -3.81
N VAL C 90 -20.91 -18.23 -3.63
CA VAL C 90 -20.55 -18.77 -2.31
C VAL C 90 -19.12 -18.36 -2.02
N MET C 91 -18.90 -17.77 -0.84
CA MET C 91 -17.60 -17.27 -0.44
C MET C 91 -16.86 -18.34 0.36
N ILE C 92 -15.79 -18.87 -0.24
CA ILE C 92 -14.95 -19.87 0.40
C ILE C 92 -13.52 -19.36 0.41
N ASP C 93 -12.93 -19.27 1.60
CA ASP C 93 -11.55 -18.80 1.78
C ASP C 93 -11.37 -17.37 1.29
N GLY C 94 -12.45 -16.60 1.21
CA GLY C 94 -12.39 -15.23 0.74
C GLY C 94 -12.54 -15.05 -0.75
N HIS C 95 -12.64 -16.14 -1.51
CA HIS C 95 -12.81 -16.08 -2.95
C HIS C 95 -14.24 -16.47 -3.33
N GLU C 96 -14.62 -16.12 -4.56
CA GLU C 96 -15.97 -16.39 -5.04
C GLU C 96 -16.04 -17.77 -5.69
N TYR C 97 -17.16 -18.46 -5.48
CA TYR C 97 -17.42 -19.75 -6.08
C TYR C 97 -18.83 -19.74 -6.68
N GLU C 98 -18.90 -19.82 -8.00
CA GLU C 98 -20.17 -19.71 -8.71
C GLU C 98 -20.82 -21.08 -8.82
N VAL C 99 -22.11 -21.15 -8.49
CA VAL C 99 -22.86 -22.39 -8.53
C VAL C 99 -23.15 -22.75 -9.99
N PHE C 100 -22.65 -23.91 -10.43
CA PHE C 100 -22.79 -24.33 -11.82
C PHE C 100 -23.73 -25.51 -12.01
N MET C 101 -23.88 -26.37 -11.01
CA MET C 101 -24.71 -27.57 -11.13
C MET C 101 -25.56 -27.72 -9.87
N THR C 102 -26.68 -28.41 -10.02
CA THR C 102 -27.58 -28.67 -8.91
C THR C 102 -28.18 -30.06 -9.06
N MET C 103 -28.52 -30.66 -7.92
CA MET C 103 -29.13 -31.98 -7.91
C MET C 103 -30.22 -31.97 -6.83
N ASP C 104 -31.47 -32.17 -7.26
CA ASP C 104 -32.62 -32.00 -6.37
C ASP C 104 -32.97 -33.35 -5.73
N TRP C 105 -32.57 -33.50 -4.47
CA TRP C 105 -32.95 -34.64 -3.65
C TRP C 105 -34.02 -34.29 -2.62
N SER C 106 -34.59 -33.09 -2.69
CA SER C 106 -35.57 -32.66 -1.71
C SER C 106 -36.88 -33.42 -1.90
N GLN C 107 -37.69 -33.44 -0.84
CA GLN C 107 -38.99 -34.08 -0.87
C GLN C 107 -38.88 -35.57 -1.11
N GLN C 108 -37.69 -36.14 -0.87
CA GLN C 108 -37.52 -37.58 -1.04
C GLN C 108 -37.81 -38.32 0.26
N LEU C 109 -37.19 -37.90 1.35
CA LEU C 109 -37.40 -38.55 2.65
C LEU C 109 -37.41 -37.48 3.73
N ALA C 110 -37.93 -37.87 4.90
CA ALA C 110 -38.17 -36.89 5.97
C ALA C 110 -36.88 -36.24 6.44
N HIS C 111 -35.98 -37.03 7.02
CA HIS C 111 -34.82 -36.50 7.72
C HIS C 111 -33.57 -36.36 6.85
N THR C 112 -33.62 -36.82 5.60
CA THR C 112 -32.43 -36.80 4.75
C THR C 112 -32.62 -36.04 3.44
N SER C 113 -33.66 -35.22 3.31
CA SER C 113 -33.80 -34.38 2.13
C SER C 113 -32.78 -33.26 2.15
N HIS C 114 -32.12 -33.03 1.02
CA HIS C 114 -31.07 -32.03 0.93
C HIS C 114 -30.84 -31.68 -0.53
N TYR C 115 -29.76 -30.93 -0.80
CA TYR C 115 -29.38 -30.52 -2.14
C TYR C 115 -27.88 -30.73 -2.30
N GLU C 116 -27.45 -30.93 -3.55
CA GLU C 116 -26.04 -31.02 -3.90
C GLU C 116 -25.72 -30.03 -5.01
N TYR C 117 -24.59 -29.34 -4.87
CA TYR C 117 -24.17 -28.34 -5.84
C TYR C 117 -22.69 -28.52 -6.15
N ILE C 118 -22.31 -28.22 -7.38
CA ILE C 118 -20.91 -28.17 -7.80
C ILE C 118 -20.55 -26.72 -8.04
N ILE C 119 -19.59 -26.21 -7.26
CA ILE C 119 -19.23 -24.80 -7.29
C ILE C 119 -17.80 -24.67 -7.80
N ILE C 120 -17.59 -23.78 -8.77
CA ILE C 120 -16.30 -23.61 -9.43
C ILE C 120 -15.75 -22.24 -9.06
N ARG C 121 -14.48 -22.21 -8.68
CA ARG C 121 -13.81 -20.95 -8.37
C ARG C 121 -13.85 -20.02 -9.58
N ARG C 122 -14.25 -18.77 -9.34
CA ARG C 122 -14.33 -17.79 -10.42
C ARG C 122 -12.93 -17.36 -10.85
N ASP C 123 -12.73 -17.22 -12.16
CA ASP C 123 -11.45 -16.83 -12.70
C ASP C 123 -11.19 -15.35 -12.48
N LYS C 124 -9.92 -14.97 -12.50
CA LYS C 124 -9.53 -13.59 -12.27
C LYS C 124 -9.63 -12.80 -13.57
N MET C 125 -10.30 -11.66 -13.51
CA MET C 125 -10.41 -10.75 -14.65
C MET C 125 -10.74 -9.36 -14.15
N ASN C 126 -10.44 -8.37 -14.99
CA ASN C 126 -10.68 -6.97 -14.66
C ASN C 126 -12.16 -6.63 -14.80
N ALA C 127 -12.56 -5.55 -14.15
CA ALA C 127 -13.98 -5.19 -14.06
C ALA C 127 -14.32 -4.08 -15.04
N VAL C 128 -15.53 -4.16 -15.60
CA VAL C 128 -16.07 -3.12 -16.47
C VAL C 128 -17.57 -3.03 -16.23
N ARG C 129 -18.10 -1.82 -16.34
CA ARG C 129 -19.52 -1.57 -16.10
C ARG C 129 -20.15 -0.97 -17.34
N ASN C 130 -21.41 -1.33 -17.58
CA ASN C 130 -22.18 -0.81 -18.70
C ASN C 130 -23.48 -0.15 -18.28
N SER C 131 -23.72 -0.02 -16.98
CA SER C 131 -25.02 0.41 -16.47
C SER C 131 -25.57 1.59 -17.24
N ARG C 132 -26.85 1.54 -17.57
CA ARG C 132 -27.54 2.65 -18.23
C ARG C 132 -28.05 3.64 -17.19
N MET D 1 27.29 -4.76 -33.98
CA MET D 1 26.13 -5.25 -33.24
C MET D 1 25.80 -6.68 -33.61
N GLN D 2 25.59 -7.51 -32.60
CA GLN D 2 25.17 -8.89 -32.81
C GLN D 2 23.66 -9.02 -32.61
N LEU D 3 23.07 -9.97 -33.32
CA LEU D 3 21.63 -10.22 -33.24
C LEU D 3 21.38 -11.26 -32.14
N GLU D 4 20.58 -10.87 -31.15
CA GLU D 4 20.18 -11.77 -30.08
C GLU D 4 18.73 -11.46 -29.72
N THR D 5 17.85 -12.45 -29.89
CA THR D 5 16.43 -12.24 -29.62
C THR D 5 16.20 -11.90 -28.16
N ALA D 6 17.04 -12.41 -27.26
CA ALA D 6 16.89 -12.09 -25.84
C ALA D 6 16.98 -10.60 -25.60
N GLU D 7 17.75 -9.88 -26.41
CA GLU D 7 17.85 -8.43 -26.28
C GLU D 7 16.74 -7.71 -27.04
N LEU D 8 16.31 -8.24 -28.19
CA LEU D 8 15.20 -7.62 -28.91
C LEU D 8 13.93 -7.64 -28.07
N GLU D 9 13.66 -8.76 -27.41
CA GLU D 9 12.47 -8.84 -26.57
C GLU D 9 12.55 -7.83 -25.43
N LYS D 10 13.71 -7.71 -24.80
CA LYS D 10 13.86 -6.76 -23.71
C LYS D 10 13.66 -5.33 -24.19
N GLY D 11 14.23 -4.99 -25.34
CA GLY D 11 14.05 -3.66 -25.87
C GLY D 11 12.60 -3.35 -26.21
N LEU D 12 11.90 -4.30 -26.82
CA LEU D 12 10.48 -4.10 -27.10
C LEU D 12 9.69 -3.94 -25.82
N VAL D 13 10.00 -4.74 -24.80
CA VAL D 13 9.30 -4.62 -23.53
C VAL D 13 9.52 -3.26 -22.90
N ARG D 14 10.75 -2.76 -22.92
CA ARG D 14 11.03 -1.44 -22.38
C ARG D 14 10.36 -0.34 -23.17
N THR D 15 10.27 -0.48 -24.49
CA THR D 15 9.63 0.54 -25.31
C THR D 15 8.13 0.59 -25.08
N LEU D 16 7.49 -0.59 -25.00
CA LEU D 16 6.05 -0.63 -24.84
C LEU D 16 5.58 -0.01 -23.55
N VAL D 17 6.40 -0.08 -22.49
CA VAL D 17 5.99 0.52 -21.21
C VAL D 17 5.69 1.99 -21.39
N ASP D 18 6.50 2.69 -22.19
CA ASP D 18 6.25 4.10 -22.45
C ASP D 18 5.22 4.31 -23.55
N VAL D 19 5.23 3.47 -24.59
CA VAL D 19 4.34 3.70 -25.73
C VAL D 19 2.87 3.48 -25.35
N ILE D 20 2.56 2.36 -24.70
CA ILE D 20 1.17 1.97 -24.47
C ILE D 20 0.94 1.66 -23.00
N GLY D 21 1.81 2.16 -22.13
CA GLY D 21 1.69 1.84 -20.72
C GLY D 21 0.50 2.46 -20.03
N HIS D 22 -0.11 3.49 -20.62
CA HIS D 22 -1.20 4.19 -19.94
C HIS D 22 -2.50 3.41 -19.97
N ARG D 23 -2.65 2.43 -20.86
CA ARG D 23 -3.88 1.67 -20.95
C ARG D 23 -3.85 0.37 -20.14
N LEU D 24 -2.71 -0.01 -19.59
CA LEU D 24 -2.55 -1.30 -18.95
C LEU D 24 -2.72 -1.20 -17.44
N ALA D 25 -2.84 -2.36 -16.80
CA ALA D 25 -2.84 -2.43 -15.36
C ALA D 25 -1.43 -2.23 -14.83
N ARG D 26 -1.32 -2.06 -13.52
CA ARG D 26 -0.04 -1.78 -12.88
C ARG D 26 0.13 -2.68 -11.67
N ASP D 27 1.38 -3.10 -11.42
CA ASP D 27 1.67 -4.03 -10.35
C ASP D 27 1.95 -3.27 -9.05
N LYS D 28 2.47 -3.98 -8.05
CA LYS D 28 2.73 -3.39 -6.75
C LYS D 28 3.81 -2.31 -6.80
N ASN D 29 4.70 -2.35 -7.79
CA ASN D 29 5.74 -1.35 -7.94
C ASN D 29 5.32 -0.21 -8.86
N ASN D 30 4.06 -0.16 -9.28
CA ASN D 30 3.52 0.88 -10.13
C ASN D 30 3.94 0.73 -11.59
N ARG D 31 4.61 -0.36 -11.93
CA ARG D 31 5.06 -0.57 -13.30
C ARG D 31 3.94 -1.19 -14.14
N PRO D 32 3.73 -0.74 -15.36
CA PRO D 32 2.74 -1.40 -16.22
C PRO D 32 3.09 -2.86 -16.46
N ASN D 33 2.06 -3.69 -16.65
CA ASN D 33 2.23 -5.13 -16.77
C ASN D 33 2.55 -5.50 -18.22
N VAL D 34 3.84 -5.54 -18.52
CA VAL D 34 4.35 -6.08 -19.77
C VAL D 34 5.45 -7.08 -19.44
N ILE D 35 5.37 -8.28 -20.03
CA ILE D 35 6.24 -9.38 -19.66
C ILE D 35 6.62 -10.18 -20.89
N ARG D 36 7.66 -11.00 -20.75
CA ARG D 36 8.04 -11.94 -21.79
C ARG D 36 7.32 -13.27 -21.58
N ALA D 37 7.05 -13.95 -22.70
CA ALA D 37 6.27 -15.17 -22.65
C ALA D 37 7.04 -16.29 -21.96
N TYR D 38 6.30 -17.23 -21.39
CA TYR D 38 6.85 -18.35 -20.65
C TYR D 38 7.82 -17.86 -19.56
N PRO D 39 7.36 -17.03 -18.64
CA PRO D 39 8.25 -16.53 -17.59
C PRO D 39 8.78 -17.66 -16.73
N SER D 40 10.05 -17.56 -16.35
CA SER D 40 10.65 -18.54 -15.46
C SER D 40 12.00 -18.02 -14.99
N ASP D 41 12.45 -18.57 -13.87
CA ASP D 41 13.70 -18.14 -13.26
C ASP D 41 14.33 -19.32 -12.53
N ASN D 42 15.66 -19.31 -12.45
CA ASN D 42 16.41 -20.33 -11.71
C ASN D 42 16.14 -21.73 -12.24
N SER D 43 15.73 -21.80 -13.51
CA SER D 43 15.63 -23.06 -14.24
C SER D 43 14.44 -23.92 -13.84
N ASN D 44 13.69 -23.55 -12.79
CA ASN D 44 12.44 -24.23 -12.53
C ASN D 44 11.32 -23.34 -12.01
N ASP D 45 11.62 -22.14 -11.51
CA ASP D 45 10.58 -21.26 -11.00
C ASP D 45 9.73 -20.75 -12.15
N LYS D 46 8.44 -20.57 -11.87
CA LYS D 46 7.47 -20.18 -12.89
C LYS D 46 6.72 -18.95 -12.42
N GLY D 47 6.58 -17.97 -13.31
CA GLY D 47 5.92 -16.73 -12.96
C GLY D 47 4.41 -16.89 -12.91
N LEU D 48 3.76 -15.97 -12.20
CA LEU D 48 2.32 -15.98 -12.08
C LEU D 48 1.70 -15.06 -13.13
N LYS D 49 0.43 -15.31 -13.42
CA LYS D 49 -0.28 -14.52 -14.40
C LYS D 49 -0.59 -13.13 -13.82
N PRO D 50 -0.13 -12.04 -14.44
CA PRO D 50 -0.36 -10.72 -13.85
C PRO D 50 -1.84 -10.35 -13.87
N ASP D 51 -2.13 -9.18 -13.30
CA ASP D 51 -3.49 -8.65 -13.35
C ASP D 51 -3.77 -8.05 -14.71
N GLN D 52 -4.96 -8.29 -15.23
CA GLN D 52 -5.34 -7.78 -16.53
C GLN D 52 -5.68 -6.30 -16.48
N PRO D 53 -5.56 -5.59 -17.60
CA PRO D 53 -5.01 -6.04 -18.89
C PRO D 53 -3.49 -6.03 -18.86
N PHE D 54 -2.84 -6.92 -19.63
CA PHE D 54 -1.39 -6.95 -19.73
C PHE D 54 -0.99 -7.34 -21.14
N ILE D 55 0.31 -7.38 -21.38
CA ILE D 55 0.87 -7.67 -22.70
C ILE D 55 1.94 -8.74 -22.56
N THR D 56 2.06 -9.57 -23.59
CA THR D 56 3.05 -10.64 -23.65
C THR D 56 3.85 -10.50 -24.94
N VAL D 57 5.16 -10.67 -24.86
CA VAL D 57 6.05 -10.55 -26.01
C VAL D 57 6.76 -11.88 -26.19
N TYR D 58 6.71 -12.42 -27.41
CA TYR D 58 7.26 -13.73 -27.72
C TYR D 58 7.86 -13.70 -29.12
N CYS D 59 9.15 -14.03 -29.23
CA CYS D 59 9.81 -14.06 -30.52
C CYS D 59 9.62 -15.42 -31.16
N GLN D 60 9.12 -15.44 -32.40
CA GLN D 60 8.78 -16.71 -33.05
C GLN D 60 10.00 -17.41 -33.61
N ASP D 61 10.71 -16.79 -34.53
CA ASP D 61 11.87 -17.41 -35.16
C ASP D 61 12.71 -16.33 -35.84
N ALA D 62 13.69 -16.77 -36.62
CA ALA D 62 14.53 -15.85 -37.38
C ALA D 62 14.96 -16.53 -38.67
N ALA D 63 14.93 -15.78 -39.77
CA ALA D 63 15.23 -16.32 -41.09
C ALA D 63 16.13 -15.34 -41.83
N THR D 64 16.69 -15.81 -42.94
CA THR D 64 17.59 -15.02 -43.79
C THR D 64 17.10 -15.10 -45.23
N PRO D 65 15.96 -14.47 -45.54
CA PRO D 65 15.48 -14.48 -46.93
C PRO D 65 16.34 -13.66 -47.87
N TYR D 66 17.20 -12.78 -47.34
CA TYR D 66 18.03 -11.92 -48.18
C TYR D 66 19.43 -12.53 -48.37
N GLY D 67 19.49 -13.54 -49.22
CA GLY D 67 20.78 -14.17 -49.51
C GLY D 67 21.30 -14.91 -48.30
N TRP D 68 22.61 -15.07 -48.23
CA TRP D 68 23.25 -15.76 -47.12
C TRP D 68 24.25 -14.87 -46.41
N VAL D 69 25.04 -14.11 -47.18
CA VAL D 69 26.00 -13.16 -46.63
C VAL D 69 25.84 -11.84 -47.36
N LEU D 70 25.76 -10.76 -46.60
CA LEU D 70 25.60 -9.42 -47.15
C LEU D 70 26.92 -8.74 -47.45
N ASP D 71 27.85 -8.72 -46.49
CA ASP D 71 29.14 -8.07 -46.66
C ASP D 71 30.23 -8.92 -46.05
N LYS D 72 31.42 -8.82 -46.63
CA LYS D 72 32.65 -9.35 -46.05
C LYS D 72 33.73 -8.29 -46.16
N PHE D 73 34.30 -7.88 -45.04
CA PHE D 73 35.23 -6.77 -45.01
C PHE D 73 36.25 -6.99 -43.90
N VAL D 74 37.22 -6.08 -43.84
CA VAL D 74 38.27 -6.11 -42.84
C VAL D 74 38.16 -4.84 -42.00
N GLU D 75 37.85 -5.01 -40.71
CA GLU D 75 37.81 -3.89 -39.79
C GLU D 75 38.81 -4.23 -38.68
N ASP D 76 39.95 -3.55 -38.69
CA ASP D 76 41.11 -4.00 -37.94
C ASP D 76 41.61 -5.27 -38.62
N ASP D 77 42.72 -5.84 -38.16
CA ASP D 77 43.26 -7.03 -38.82
C ASP D 77 42.30 -8.21 -38.78
N VAL D 78 41.29 -8.18 -37.90
CA VAL D 78 40.35 -9.29 -37.80
C VAL D 78 39.34 -9.18 -38.93
N VAL D 79 39.06 -10.31 -39.59
CA VAL D 79 38.06 -10.33 -40.64
C VAL D 79 36.67 -10.24 -40.03
N CYS D 80 35.71 -9.78 -40.82
CA CYS D 80 34.34 -9.56 -40.35
C CYS D 80 33.34 -10.03 -41.40
N TYR D 81 32.15 -10.39 -40.93
CA TYR D 81 31.02 -10.75 -41.78
C TYR D 81 29.78 -10.00 -41.33
N ARG D 82 28.91 -9.67 -42.28
CA ARG D 82 27.62 -9.06 -42.00
C ARG D 82 26.52 -9.90 -42.64
N ILE D 83 25.43 -10.11 -41.90
CA ILE D 83 24.33 -10.95 -42.35
C ILE D 83 23.02 -10.25 -42.03
N ALA D 84 22.07 -10.35 -42.95
CA ALA D 84 20.76 -9.73 -42.80
C ALA D 84 19.76 -10.75 -42.26
N PHE D 85 18.98 -10.35 -41.26
CA PHE D 85 18.04 -11.24 -40.59
C PHE D 85 16.65 -10.62 -40.57
N GLN D 86 15.65 -11.47 -40.38
CA GLN D 86 14.26 -11.06 -40.24
C GLN D 86 13.65 -11.80 -39.06
N ILE D 87 12.95 -11.08 -38.20
CA ILE D 87 12.49 -11.63 -36.93
C ILE D 87 11.02 -11.29 -36.71
N PRO D 88 10.09 -12.21 -36.93
CA PRO D 88 8.68 -11.95 -36.57
C PRO D 88 8.47 -12.09 -35.07
N VAL D 89 7.73 -11.15 -34.50
CA VAL D 89 7.45 -11.12 -33.06
C VAL D 89 5.94 -11.12 -32.88
N LEU D 90 5.49 -11.68 -31.76
CA LEU D 90 4.07 -11.81 -31.46
C LEU D 90 3.76 -11.08 -30.16
N ILE D 91 2.82 -10.14 -30.22
CA ILE D 91 2.40 -9.35 -29.07
C ILE D 91 0.91 -9.58 -28.87
N THR D 92 0.52 -9.93 -27.64
CA THR D 92 -0.86 -10.25 -27.32
C THR D 92 -1.31 -9.42 -26.13
N VAL D 93 -2.58 -9.01 -26.15
CA VAL D 93 -3.21 -8.30 -25.05
C VAL D 93 -4.29 -9.19 -24.47
N ASN D 94 -4.28 -9.35 -23.15
CA ASN D 94 -5.25 -10.19 -22.45
C ASN D 94 -6.05 -9.33 -21.49
N GLY D 95 -7.37 -9.49 -21.53
CA GLY D 95 -8.25 -8.76 -20.64
C GLY D 95 -9.56 -8.39 -21.30
N LYS D 96 -10.10 -7.22 -20.94
CA LYS D 96 -11.33 -6.73 -21.54
C LYS D 96 -11.01 -5.47 -22.32
N GLY D 97 -11.48 -5.39 -23.55
CA GLY D 97 -11.08 -4.32 -24.44
C GLY D 97 -9.73 -4.55 -25.07
N ALA D 98 -9.31 -5.80 -25.22
CA ALA D 98 -8.01 -6.09 -25.81
C ALA D 98 -7.93 -5.56 -27.23
N HIS D 99 -9.00 -5.71 -28.00
CA HIS D 99 -9.00 -5.16 -29.36
C HIS D 99 -8.87 -3.65 -29.36
N SER D 100 -9.55 -2.98 -28.43
CA SER D 100 -9.48 -1.52 -28.38
C SER D 100 -8.08 -1.02 -28.03
N ILE D 101 -7.28 -1.85 -27.35
CA ILE D 101 -5.92 -1.46 -27.02
C ILE D 101 -4.96 -1.81 -28.15
N MET D 102 -5.15 -2.98 -28.76
CA MET D 102 -4.32 -3.35 -29.90
C MET D 102 -4.50 -2.40 -31.07
N LEU D 103 -5.71 -1.87 -31.28
CA LEU D 103 -5.89 -0.91 -32.35
C LEU D 103 -5.02 0.33 -32.13
N GLU D 104 -5.03 0.87 -30.90
CA GLU D 104 -4.23 2.06 -30.64
C GLU D 104 -2.75 1.75 -30.69
N LEU D 105 -2.35 0.54 -30.27
CA LEU D 105 -0.94 0.17 -30.40
C LEU D 105 -0.53 0.11 -31.86
N LYS D 106 -1.38 -0.44 -32.72
CA LYS D 106 -1.13 -0.41 -34.15
C LYS D 106 -0.97 1.02 -34.65
N GLN D 107 -1.89 1.90 -34.28
CA GLN D 107 -1.87 3.25 -34.81
C GLN D 107 -0.67 4.06 -34.33
N ARG D 108 0.06 3.58 -33.33
CA ARG D 108 1.24 4.29 -32.83
C ARG D 108 2.55 3.75 -33.38
N LEU D 109 2.61 2.46 -33.70
CA LEU D 109 3.83 1.92 -34.30
C LEU D 109 4.07 2.46 -35.70
N GLU D 110 3.06 3.06 -36.33
CA GLU D 110 3.20 3.58 -37.68
C GLU D 110 3.62 5.04 -37.70
N MET D 111 3.73 5.69 -36.54
CA MET D 111 4.13 7.08 -36.49
C MET D 111 5.62 7.23 -36.76
N SER D 112 6.00 8.43 -37.22
CA SER D 112 7.41 8.73 -37.43
C SER D 112 8.17 8.60 -36.12
N SER D 113 7.61 9.11 -35.04
CA SER D 113 8.12 8.79 -33.71
C SER D 113 7.72 7.36 -33.35
N VAL D 114 8.27 6.87 -32.24
CA VAL D 114 8.06 5.51 -31.77
C VAL D 114 8.95 4.57 -32.58
N ARG D 115 8.87 4.65 -33.90
CA ARG D 115 9.80 3.90 -34.75
C ARG D 115 11.24 4.34 -34.55
N ASP D 116 11.48 5.56 -34.07
CA ASP D 116 12.84 5.99 -33.75
C ASP D 116 13.26 5.44 -32.39
N LEU D 117 12.33 5.40 -31.43
CA LEU D 117 12.64 4.87 -30.12
C LEU D 117 12.94 3.38 -30.20
N ILE D 118 12.19 2.65 -31.03
CA ILE D 118 12.44 1.23 -31.20
C ILE D 118 13.84 0.99 -31.73
N LEU D 119 14.26 1.80 -32.71
CA LEU D 119 15.61 1.67 -33.25
C LEU D 119 16.66 2.13 -32.25
N GLU D 120 16.33 3.09 -31.39
CA GLU D 120 17.25 3.52 -30.35
C GLU D 120 17.52 2.41 -29.36
N GLU D 121 16.48 1.68 -28.96
CA GLU D 121 16.64 0.61 -27.97
C GLU D 121 17.16 -0.68 -28.60
N THR D 122 16.39 -1.27 -29.52
CA THR D 122 16.75 -2.56 -30.09
C THR D 122 17.71 -2.44 -31.27
N GLY D 123 17.78 -1.29 -31.92
CA GLY D 123 18.58 -1.19 -33.13
C GLY D 123 18.02 -1.99 -34.28
N ALA D 124 16.69 -1.97 -34.45
CA ALA D 124 16.04 -2.70 -35.52
C ALA D 124 14.93 -1.84 -36.09
N THR D 125 14.53 -2.15 -37.32
CA THR D 125 13.53 -1.38 -38.05
C THR D 125 12.26 -2.21 -38.20
N VAL D 126 11.10 -1.56 -38.07
CA VAL D 126 9.83 -2.24 -38.28
C VAL D 126 9.58 -2.37 -39.77
N LEU D 127 9.30 -3.58 -40.23
CA LEU D 127 9.10 -3.87 -41.64
C LEU D 127 7.63 -4.05 -42.01
N ASP D 128 6.85 -4.71 -41.16
CA ASP D 128 5.46 -5.01 -41.48
C ASP D 128 4.67 -5.14 -40.20
N THR D 129 3.35 -5.15 -40.33
CA THR D 129 2.45 -5.32 -39.19
C THR D 129 1.17 -5.97 -39.69
N GLY D 130 0.87 -7.16 -39.20
CA GLY D 130 -0.26 -7.93 -39.69
C GLY D 130 -1.57 -7.49 -39.08
N ALA D 131 -2.62 -8.22 -39.45
CA ALA D 131 -3.96 -7.92 -38.99
C ALA D 131 -4.15 -8.37 -37.54
N ILE D 132 -5.24 -7.90 -36.94
CA ILE D 132 -5.57 -8.22 -35.56
C ILE D 132 -6.88 -9.00 -35.50
N PRO D 133 -6.88 -10.26 -35.11
CA PRO D 133 -8.14 -10.97 -34.87
C PRO D 133 -8.72 -10.58 -33.51
N ASN D 134 -9.92 -11.10 -33.24
CA ASN D 134 -10.65 -10.82 -32.01
C ASN D 134 -11.06 -12.17 -31.40
N ASP D 135 -10.17 -12.74 -30.59
CA ASP D 135 -10.33 -14.11 -30.13
C ASP D 135 -11.05 -14.19 -28.79
N TYR D 136 -11.71 -15.31 -28.55
CA TYR D 136 -12.32 -15.62 -27.27
C TYR D 136 -11.98 -17.06 -26.91
N THR D 137 -11.43 -17.27 -25.72
CA THR D 137 -11.09 -18.59 -25.23
C THR D 137 -11.81 -18.83 -23.91
N TYR D 138 -12.41 -20.01 -23.75
CA TYR D 138 -13.30 -20.24 -22.63
C TYR D 138 -12.61 -20.23 -21.28
N LEU D 139 -11.40 -20.78 -21.17
CA LEU D 139 -10.76 -20.98 -19.87
C LEU D 139 -11.76 -21.75 -19.00
N ASN D 140 -12.02 -21.32 -17.77
CA ASN D 140 -13.09 -21.87 -16.95
C ASN D 140 -13.99 -20.73 -16.50
N THR D 141 -15.27 -21.03 -16.33
CA THR D 141 -16.26 -20.04 -15.93
C THR D 141 -16.54 -19.05 -17.06
N ASP D 142 -15.64 -18.10 -17.30
CA ASP D 142 -15.88 -17.01 -18.23
C ASP D 142 -14.86 -17.02 -19.36
N PHE D 143 -15.28 -16.50 -20.51
CA PHE D 143 -14.37 -16.32 -21.64
C PHE D 143 -13.37 -15.20 -21.35
N GLU D 144 -12.23 -15.25 -22.04
CA GLU D 144 -11.23 -14.20 -21.97
C GLU D 144 -11.03 -13.61 -23.36
N ASN D 145 -11.14 -12.30 -23.48
CA ASN D 145 -10.90 -11.63 -24.75
C ASN D 145 -9.41 -11.42 -24.96
N SER D 146 -8.93 -11.72 -26.16
CA SER D 146 -7.53 -11.59 -26.49
C SER D 146 -7.40 -11.01 -27.90
N ALA D 147 -6.23 -10.44 -28.18
CA ALA D 147 -5.99 -9.81 -29.48
C ALA D 147 -4.52 -9.89 -29.86
N PRO D 148 -4.10 -10.94 -30.56
CA PRO D 148 -2.71 -11.04 -30.99
C PRO D 148 -2.38 -10.16 -32.19
N LEU D 149 -1.09 -9.92 -32.37
CA LEU D 149 -0.58 -9.12 -33.47
C LEU D 149 0.84 -9.55 -33.77
N VAL D 150 1.24 -9.44 -35.03
CA VAL D 150 2.57 -9.84 -35.46
C VAL D 150 3.30 -8.63 -36.04
N VAL D 151 4.47 -8.33 -35.48
CA VAL D 151 5.31 -7.23 -35.92
C VAL D 151 6.66 -7.80 -36.34
N THR D 152 6.99 -7.66 -37.62
CA THR D 152 8.25 -8.17 -38.15
C THR D 152 9.32 -7.08 -38.07
N LEU D 153 10.54 -7.50 -37.74
CA LEU D 153 11.67 -6.60 -37.59
C LEU D 153 12.81 -7.05 -38.49
N VAL D 154 13.73 -6.12 -38.76
CA VAL D 154 14.88 -6.39 -39.61
C VAL D 154 16.12 -5.84 -38.93
N LYS D 155 17.19 -6.63 -38.90
CA LYS D 155 18.42 -6.22 -38.22
C LYS D 155 19.61 -6.86 -38.90
N ASN D 156 20.75 -6.18 -38.83
CA ASN D 156 22.01 -6.66 -39.39
C ASN D 156 22.93 -7.05 -38.23
N SER D 157 23.55 -8.22 -38.35
CA SER D 157 24.45 -8.74 -37.32
C SER D 157 25.86 -8.90 -37.89
N VAL D 158 26.86 -8.64 -37.05
CA VAL D 158 28.26 -8.69 -37.44
C VAL D 158 29.00 -9.61 -36.49
N LEU D 159 29.89 -10.43 -37.06
CA LEU D 159 30.68 -11.38 -36.29
C LEU D 159 32.14 -11.26 -36.71
N LYS D 160 33.03 -11.71 -35.82
CA LYS D 160 34.46 -11.62 -36.03
C LYS D 160 35.03 -13.01 -36.26
N ASP D 161 35.75 -13.17 -37.38
CA ASP D 161 36.43 -14.43 -37.68
C ASP D 161 37.87 -14.35 -37.17
N GLU D 162 38.09 -14.99 -36.02
CA GLU D 162 39.38 -14.92 -35.36
C GLU D 162 40.40 -15.83 -36.03
N ARG D 163 39.94 -16.69 -36.94
CA ARG D 163 40.83 -17.59 -37.66
C ARG D 163 41.37 -16.99 -38.96
N GLY D 164 40.91 -15.80 -39.33
CA GLY D 164 41.30 -15.22 -40.60
C GLY D 164 42.64 -14.54 -40.56
N SER D 165 43.13 -14.21 -41.75
CA SER D 165 44.40 -13.51 -41.90
C SER D 165 44.37 -12.75 -43.21
N ILE D 166 45.31 -11.81 -43.35
CA ILE D 166 45.37 -10.94 -44.51
C ILE D 166 46.70 -11.16 -45.22
N ILE D 167 46.70 -10.86 -46.52
CA ILE D 167 47.90 -10.99 -47.34
C ILE D 167 48.56 -9.61 -47.39
N GLU D 168 49.84 -9.55 -47.04
CA GLU D 168 50.60 -8.30 -47.06
C GLU D 168 51.85 -8.38 -47.90
N ARG D 169 52.14 -9.53 -48.51
CA ARG D 169 53.29 -9.69 -49.38
C ARG D 169 52.93 -10.67 -50.50
N VAL D 170 53.41 -10.37 -51.70
CA VAL D 170 53.14 -11.20 -52.87
C VAL D 170 54.44 -11.44 -53.61
N ILE D 171 54.68 -12.69 -54.00
CA ILE D 171 55.84 -13.07 -54.79
C ILE D 171 55.35 -13.67 -56.10
N VAL D 172 55.87 -13.16 -57.21
CA VAL D 172 55.38 -13.50 -58.55
C VAL D 172 56.55 -13.92 -59.41
N ASP D 173 56.33 -14.93 -60.24
CA ASP D 173 57.32 -15.39 -61.22
C ASP D 173 56.65 -15.53 -62.58
N GLY D 174 57.43 -15.31 -63.64
CA GLY D 174 56.89 -15.39 -64.98
C GLY D 174 57.95 -15.78 -65.98
N GLU D 175 57.49 -16.07 -67.19
CA GLU D 175 58.36 -16.48 -68.28
C GLU D 175 57.79 -15.97 -69.59
N LEU D 176 58.64 -15.94 -70.61
CA LEU D 176 58.23 -15.59 -71.97
C LEU D 176 58.79 -16.63 -72.92
N VAL D 177 58.02 -16.94 -73.96
CA VAL D 177 58.42 -17.98 -74.91
C VAL D 177 57.88 -17.62 -76.28
N TYR D 178 58.70 -17.86 -77.30
CA TYR D 178 58.22 -17.74 -78.68
C TYR D 178 57.16 -18.77 -79.00
N GLU D 179 57.36 -20.02 -78.56
CA GLU D 179 56.45 -21.12 -78.86
C GLU D 179 56.06 -21.79 -77.56
N GLU D 180 54.87 -22.39 -77.55
CA GLU D 180 54.38 -23.06 -76.35
C GLU D 180 55.32 -24.19 -75.97
N GLY D 181 55.63 -24.28 -74.68
CA GLY D 181 56.46 -25.37 -74.19
C GLY D 181 57.94 -25.24 -74.51
N GLN D 182 58.40 -24.04 -74.82
CA GLN D 182 59.83 -23.82 -75.02
C GLN D 182 60.54 -24.05 -73.70
N GLU D 183 61.27 -25.16 -73.59
CA GLU D 183 61.76 -25.59 -72.28
C GLU D 183 62.70 -24.56 -71.66
N PRO D 184 63.71 -24.03 -72.35
CA PRO D 184 64.44 -22.88 -71.80
C PRO D 184 63.73 -21.59 -72.15
N PRO D 185 63.16 -20.89 -71.17
CA PRO D 185 62.40 -19.68 -71.48
C PRO D 185 63.31 -18.56 -72.00
N GLU D 186 62.74 -17.75 -72.89
CA GLU D 186 63.46 -16.60 -73.42
C GLU D 186 63.82 -15.62 -72.33
N TYR D 187 62.89 -15.34 -71.40
CA TYR D 187 63.13 -14.38 -70.35
C TYR D 187 62.33 -14.79 -69.13
N THR D 188 62.82 -14.39 -67.96
CA THR D 188 62.16 -14.66 -66.71
C THR D 188 62.08 -13.37 -65.90
N ILE D 189 60.90 -13.09 -65.36
CA ILE D 189 60.65 -11.89 -64.59
C ILE D 189 60.25 -12.31 -63.18
N HIS D 190 61.02 -11.85 -62.20
CA HIS D 190 60.76 -12.12 -60.79
C HIS D 190 60.45 -10.81 -60.08
N LEU D 191 59.36 -10.80 -59.31
CA LEU D 191 58.89 -9.60 -58.67
C LEU D 191 58.49 -9.90 -57.24
N ASP D 192 58.62 -8.90 -56.38
CA ASP D 192 58.24 -9.01 -54.98
C ASP D 192 57.68 -7.67 -54.51
N VAL D 193 56.51 -7.69 -53.89
CA VAL D 193 55.82 -6.47 -53.50
C VAL D 193 55.39 -6.55 -52.04
N ASP D 194 55.87 -5.61 -51.24
CA ASP D 194 55.49 -5.55 -49.83
C ASP D 194 54.42 -4.48 -49.62
N SER D 195 53.64 -4.64 -48.55
CA SER D 195 52.62 -3.65 -48.22
C SER D 195 53.25 -2.31 -47.85
N LYS D 196 54.34 -2.33 -47.08
CA LYS D 196 54.99 -1.09 -46.66
C LYS D 196 55.55 -0.33 -47.86
N ALA E 2 42.52 -6.38 -79.40
CA ALA E 2 42.49 -4.93 -79.25
C ALA E 2 41.18 -4.37 -79.80
N MET E 3 40.75 -3.24 -79.25
CA MET E 3 39.54 -2.56 -79.69
C MET E 3 39.85 -1.09 -79.90
N TYR E 4 39.16 -0.50 -80.88
CA TYR E 4 39.44 0.87 -81.28
C TYR E 4 38.85 1.86 -80.28
N GLN E 5 39.16 3.14 -80.52
CA GLN E 5 38.69 4.19 -79.62
C GLN E 5 37.18 4.33 -79.70
N GLN E 6 36.58 4.72 -78.58
CA GLN E 6 35.12 4.82 -78.49
C GLN E 6 34.62 6.13 -79.07
N TYR E 7 33.43 6.10 -79.64
CA TYR E 7 32.82 7.28 -80.25
C TYR E 7 31.79 7.88 -79.30
N SER E 8 31.94 9.18 -79.04
CA SER E 8 31.05 9.89 -78.12
C SER E 8 30.45 11.12 -78.79
N PRO E 9 29.17 11.10 -79.14
CA PRO E 9 28.57 12.29 -79.75
C PRO E 9 28.58 13.52 -78.85
N LYS E 10 28.70 13.35 -77.53
CA LYS E 10 28.56 14.49 -76.63
C LYS E 10 29.71 15.47 -76.81
N ASP E 11 30.89 14.98 -77.18
CA ASP E 11 32.09 15.81 -77.24
C ASP E 11 32.41 16.30 -78.65
N VAL E 12 31.39 16.58 -79.46
CA VAL E 12 31.58 17.11 -80.81
C VAL E 12 31.10 18.55 -80.83
N VAL E 13 31.95 19.46 -81.28
CA VAL E 13 31.66 20.89 -81.31
C VAL E 13 31.97 21.42 -82.71
N CYS E 14 31.01 22.11 -83.31
CA CYS E 14 31.18 22.74 -84.61
C CYS E 14 31.14 24.25 -84.45
N SER E 15 31.89 24.94 -85.30
CA SER E 15 31.97 26.40 -85.25
C SER E 15 32.11 26.94 -86.65
N TRP E 16 31.50 28.11 -86.89
CA TRP E 16 31.57 28.75 -88.19
C TRP E 16 31.19 30.22 -88.02
N ASN E 17 32.02 31.10 -88.58
CA ASN E 17 31.76 32.54 -88.53
C ASN E 17 31.83 33.06 -87.10
N GLY E 18 32.50 32.34 -86.22
CA GLY E 18 32.72 32.77 -84.85
C GLY E 18 31.66 32.29 -83.87
N ILE E 19 30.57 31.70 -84.33
CA ILE E 19 29.53 31.20 -83.46
C ILE E 19 29.66 29.68 -83.34
N ALA E 20 29.11 29.14 -82.27
CA ALA E 20 29.10 27.69 -82.07
C ALA E 20 27.72 27.13 -82.38
N ILE E 21 27.70 26.08 -83.20
CA ILE E 21 26.46 25.43 -83.63
C ILE E 21 26.21 24.24 -82.71
N GLU E 22 25.09 24.29 -82.00
CA GLU E 22 24.76 23.28 -81.00
C GLU E 22 23.31 22.83 -81.20
N GLY E 23 22.95 21.75 -80.51
CA GLY E 23 21.62 21.21 -80.60
C GLY E 23 21.44 20.24 -81.74
N PHE E 24 22.28 19.21 -81.79
CA PHE E 24 22.20 18.23 -82.86
C PHE E 24 20.91 17.45 -82.80
N ALA E 25 20.41 17.05 -83.96
CA ALA E 25 19.18 16.29 -84.05
C ALA E 25 19.39 14.87 -83.51
N PRO E 26 18.31 14.12 -83.31
CA PRO E 26 18.45 12.78 -82.72
C PRO E 26 19.41 11.87 -83.46
N ASP E 27 19.45 11.91 -84.79
CA ASP E 27 20.29 10.99 -85.55
C ASP E 27 20.75 11.66 -86.83
N SER E 28 21.88 11.16 -87.35
CA SER E 28 22.45 11.66 -88.60
C SER E 28 22.50 13.18 -88.60
N PHE E 29 23.29 13.76 -87.68
CA PHE E 29 23.31 15.20 -87.52
C PHE E 29 24.43 15.89 -88.30
N LEU E 30 25.23 15.15 -89.07
CA LEU E 30 26.31 15.75 -89.83
C LEU E 30 26.69 14.84 -90.99
N ARG E 31 27.02 15.45 -92.13
CA ARG E 31 27.45 14.73 -93.32
C ARG E 31 28.51 15.54 -94.04
N LEU E 32 29.46 14.83 -94.67
CA LEU E 32 30.52 15.46 -95.45
C LEU E 32 30.67 14.68 -96.75
N GLN E 33 31.00 15.38 -97.83
CA GLN E 33 31.03 14.73 -99.14
C GLN E 33 31.78 15.61 -100.13
N ARG E 34 32.76 15.04 -100.81
CA ARG E 34 33.40 15.70 -101.93
C ARG E 34 32.46 15.69 -103.14
N THR E 35 32.67 16.65 -104.04
CA THR E 35 31.81 16.77 -105.22
C THR E 35 32.17 15.75 -106.29
N SER E 36 33.44 15.72 -106.69
CA SER E 36 33.90 14.87 -107.77
C SER E 36 34.87 13.81 -107.27
N PRO E 37 34.99 12.69 -108.00
CA PRO E 37 35.96 11.66 -107.59
C PRO E 37 37.38 12.07 -107.89
N LEU E 38 38.32 11.38 -107.26
CA LEU E 38 39.73 11.71 -107.43
C LEU E 38 40.21 11.45 -108.85
N VAL E 39 39.81 10.32 -109.44
CA VAL E 39 40.33 9.88 -110.73
C VAL E 39 39.17 9.45 -111.61
N THR E 40 39.31 9.70 -112.91
CA THR E 40 38.30 9.35 -113.90
C THR E 40 38.97 8.55 -115.01
N PRO E 41 39.04 7.22 -114.89
CA PRO E 41 39.74 6.43 -115.91
C PRO E 41 39.03 6.47 -117.25
N VAL E 42 39.83 6.38 -118.32
CA VAL E 42 39.34 6.33 -119.69
C VAL E 42 39.94 5.10 -120.34
N VAL E 43 39.09 4.30 -121.00
CA VAL E 43 39.50 3.03 -121.59
C VAL E 43 39.25 3.10 -123.09
N GLY E 44 40.28 2.79 -123.87
CA GLY E 44 40.13 2.75 -125.31
C GLY E 44 39.53 1.44 -125.78
N ALA E 45 39.25 1.38 -127.09
CA ALA E 45 38.67 0.17 -127.66
C ALA E 45 39.61 -1.01 -127.56
N GLY E 46 40.92 -0.78 -127.54
CA GLY E 46 41.90 -1.83 -127.45
C GLY E 46 42.25 -2.28 -126.04
N GLY E 47 41.61 -1.70 -125.02
CA GLY E 47 41.86 -2.08 -123.65
C GLY E 47 42.88 -1.23 -122.92
N GLN E 48 43.60 -0.36 -123.61
CA GLN E 48 44.56 0.50 -122.94
C GLN E 48 43.83 1.48 -122.02
N VAL E 49 44.54 1.94 -120.99
CA VAL E 49 43.94 2.75 -119.93
C VAL E 49 44.79 3.99 -119.70
N ALA E 50 44.14 5.12 -119.49
CA ALA E 50 44.78 6.35 -119.08
C ALA E 50 43.93 6.97 -117.96
N LEU E 51 44.59 7.74 -117.10
CA LEU E 51 43.95 8.27 -115.90
C LEU E 51 43.87 9.78 -115.98
N THR E 52 42.69 10.33 -115.70
CA THR E 52 42.53 11.76 -115.51
C THR E 52 42.45 12.07 -114.01
N ARG E 53 43.11 13.15 -113.61
CA ARG E 53 43.16 13.56 -112.21
C ARG E 53 42.38 14.86 -112.08
N ASN E 54 41.16 14.77 -111.54
CA ASN E 54 40.28 15.91 -111.43
C ASN E 54 40.86 16.94 -110.45
N ALA E 55 40.82 18.21 -110.86
CA ALA E 55 41.31 19.28 -109.99
C ALA E 55 40.25 19.79 -109.04
N ASP E 56 38.98 19.45 -109.28
CA ASP E 56 37.90 19.91 -108.43
C ASP E 56 38.02 19.25 -107.06
N LYS E 57 38.01 20.08 -106.02
CA LYS E 57 38.10 19.58 -104.65
C LYS E 57 37.09 20.22 -103.72
N THR E 58 36.04 20.85 -104.24
CA THR E 58 35.02 21.44 -103.38
C THR E 58 34.25 20.36 -102.65
N GLY E 59 33.34 20.78 -101.78
CA GLY E 59 32.55 19.83 -101.01
C GLY E 59 31.35 20.52 -100.40
N THR E 60 30.56 19.71 -99.70
CA THR E 60 29.35 20.18 -99.03
C THR E 60 29.30 19.59 -97.61
N ILE E 61 28.93 20.43 -96.65
CA ILE E 61 28.76 20.02 -95.26
C ILE E 61 27.31 20.28 -94.87
N GLU E 62 26.59 19.22 -94.53
CA GLU E 62 25.19 19.30 -94.10
C GLU E 62 25.10 19.03 -92.61
N ILE E 63 24.45 19.93 -91.89
CA ILE E 63 24.27 19.81 -90.45
C ILE E 63 22.78 19.95 -90.13
N GLU E 64 22.30 19.05 -89.28
CA GLU E 64 20.87 18.97 -88.98
C GLU E 64 20.67 19.20 -87.48
N LEU E 65 19.84 20.18 -87.15
CA LEU E 65 19.64 20.62 -85.78
C LEU E 65 18.20 20.35 -85.33
N MET E 66 17.97 20.50 -84.04
CA MET E 66 16.64 20.30 -83.49
C MET E 66 15.71 21.43 -83.92
N GLN E 67 14.41 21.20 -83.78
CA GLN E 67 13.43 22.19 -84.23
C GLN E 67 13.55 23.50 -83.46
N THR E 68 13.67 23.43 -82.14
CA THR E 68 13.68 24.62 -81.30
C THR E 68 15.08 25.01 -80.82
N SER E 69 16.12 24.43 -81.41
CA SER E 69 17.48 24.78 -81.03
C SER E 69 17.71 26.27 -81.21
N LEU E 70 18.38 26.88 -80.24
CA LEU E 70 18.64 28.32 -80.30
C LEU E 70 19.61 28.69 -81.40
N SER E 71 20.43 27.75 -81.87
CA SER E 71 21.36 28.04 -82.95
C SER E 71 20.63 28.35 -84.26
N ASN E 72 19.37 27.98 -84.37
CA ASN E 72 18.60 28.34 -85.56
C ASN E 72 18.41 29.85 -85.67
N GLN E 73 18.33 30.54 -84.55
CA GLN E 73 18.17 31.99 -84.57
C GLN E 73 19.46 32.68 -85.00
N MET E 74 20.60 32.23 -84.49
CA MET E 74 21.87 32.86 -84.83
C MET E 74 22.17 32.74 -86.32
N LEU E 75 21.92 31.56 -86.89
CA LEU E 75 22.14 31.38 -88.33
C LEU E 75 21.23 32.29 -89.15
N SER E 76 19.97 32.41 -88.74
CA SER E 76 19.06 33.30 -89.45
C SER E 76 19.54 34.75 -89.39
N ALA E 77 19.99 35.19 -88.21
CA ALA E 77 20.50 36.55 -88.09
C ALA E 77 21.73 36.77 -88.95
N ILE E 78 22.67 35.82 -88.94
CA ILE E 78 23.87 35.96 -89.75
C ILE E 78 23.52 36.01 -91.22
N GLN E 79 22.62 35.15 -91.67
CA GLN E 79 22.20 35.17 -93.07
C GLN E 79 21.54 36.49 -93.43
N ALA E 80 20.70 37.01 -92.55
CA ALA E 80 20.07 38.30 -92.80
C ALA E 80 21.11 39.40 -92.93
N LYS E 81 22.16 39.34 -92.11
CA LYS E 81 23.23 40.34 -92.22
C LYS E 81 23.90 40.27 -93.59
N GLN E 82 24.18 39.06 -94.07
CA GLN E 82 24.98 38.91 -95.28
C GLN E 82 24.23 39.31 -96.54
N ASP E 83 22.90 39.39 -96.49
CA ASP E 83 22.16 39.80 -97.68
C ASP E 83 22.36 41.27 -98.01
N ASN E 84 22.67 42.11 -97.03
CA ASN E 84 22.83 43.54 -97.23
C ASN E 84 24.28 43.96 -97.45
N MET E 85 25.23 43.03 -97.33
CA MET E 85 26.63 43.37 -97.52
C MET E 85 26.95 43.53 -98.99
N GLU E 86 27.90 44.43 -99.28
CA GLU E 86 28.31 44.68 -100.65
C GLU E 86 29.15 43.52 -101.17
N LEU E 87 29.20 43.38 -102.50
CA LEU E 87 29.87 42.24 -103.12
C LEU E 87 31.36 42.17 -102.80
N GLU E 88 31.99 43.29 -102.42
CA GLU E 88 33.42 43.28 -102.17
C GLU E 88 33.76 42.91 -100.73
N GLU E 89 32.76 42.70 -99.88
CA GLU E 89 33.01 42.22 -98.53
C GLU E 89 33.00 40.70 -98.51
N ASP E 90 33.83 40.12 -97.65
CA ASP E 90 33.99 38.68 -97.59
C ASP E 90 32.86 38.05 -96.77
N ILE E 91 32.34 36.93 -97.26
CA ILE E 91 31.27 36.19 -96.57
C ILE E 91 31.68 34.78 -96.21
N SER E 92 32.90 34.36 -96.52
CA SER E 92 33.34 32.99 -96.27
C SER E 92 34.23 32.93 -95.04
N SER E 93 34.10 31.82 -94.30
CA SER E 93 34.91 31.58 -93.12
C SER E 93 35.10 30.08 -92.96
N ASN E 94 36.19 29.71 -92.30
CA ASN E 94 36.51 28.30 -92.13
C ASN E 94 35.50 27.61 -91.23
N PHE E 95 35.12 26.39 -91.61
CA PHE E 95 34.22 25.57 -90.83
C PHE E 95 35.05 24.55 -90.07
N VAL E 96 35.00 24.61 -88.74
CA VAL E 96 35.88 23.83 -87.87
C VAL E 96 35.05 22.82 -87.11
N ILE E 97 35.49 21.56 -87.15
CA ILE E 97 34.87 20.48 -86.38
C ILE E 97 35.92 19.94 -85.41
N TYR E 98 35.56 19.86 -84.14
CA TYR E 98 36.42 19.33 -83.09
C TYR E 98 35.85 18.01 -82.62
N ASP E 99 36.68 16.97 -82.63
CA ASP E 99 36.21 15.63 -82.29
C ASP E 99 37.37 14.83 -81.70
N PRO E 100 37.41 14.64 -80.38
CA PRO E 100 38.55 13.94 -79.77
C PRO E 100 38.66 12.47 -80.16
N SER E 101 37.61 11.87 -80.70
CA SER E 101 37.64 10.47 -81.10
C SER E 101 38.28 10.25 -82.46
N GLY E 102 38.53 11.31 -83.23
CA GLY E 102 39.18 11.16 -84.51
C GLY E 102 38.37 10.50 -85.58
N SER E 103 37.05 10.41 -85.39
CA SER E 103 36.19 9.78 -86.40
C SER E 103 35.97 10.68 -87.59
N VAL E 104 36.02 12.00 -87.41
CA VAL E 104 35.87 12.96 -88.49
C VAL E 104 37.26 13.47 -88.85
N LEU E 105 37.60 13.42 -90.13
CA LEU E 105 38.95 13.71 -90.60
C LEU E 105 39.05 15.04 -91.32
N ALA E 106 37.93 15.65 -91.71
CA ALA E 106 37.95 16.73 -92.68
C ALA E 106 37.58 18.05 -92.03
N THR E 107 37.92 19.14 -92.73
CA THR E 107 37.58 20.49 -92.31
C THR E 107 37.29 21.32 -93.55
N GLY E 108 36.51 22.38 -93.38
CA GLY E 108 36.11 23.21 -94.50
C GLY E 108 36.92 24.49 -94.64
N ILE E 109 37.49 24.70 -95.81
CA ILE E 109 38.26 25.91 -96.08
C ILE E 109 37.39 26.88 -96.87
N ASN E 110 37.23 28.09 -96.35
CA ASN E 110 36.42 29.13 -96.99
C ASN E 110 35.01 28.61 -97.28
N ALA E 111 34.33 28.26 -96.19
CA ALA E 111 32.97 27.75 -96.27
C ALA E 111 31.96 28.89 -96.29
N TRP E 112 30.85 28.68 -96.99
CA TRP E 112 29.79 29.67 -97.11
C TRP E 112 28.43 29.00 -96.91
N LEU E 113 27.47 29.78 -96.41
CA LEU E 113 26.11 29.29 -96.29
C LEU E 113 25.46 29.22 -97.66
N GLN E 114 24.77 28.11 -97.93
CA GLN E 114 24.27 27.86 -99.28
C GLN E 114 22.75 27.79 -99.35
N GLU E 115 22.12 27.02 -98.46
CA GLU E 115 20.68 26.83 -98.49
C GLU E 115 20.09 27.00 -97.10
N LEU E 116 18.86 27.48 -97.05
CA LEU E 116 18.09 27.62 -95.84
C LEU E 116 17.35 26.33 -95.54
N PRO E 117 16.94 26.11 -94.28
CA PRO E 117 16.28 24.86 -93.93
C PRO E 117 14.81 24.87 -94.31
N GLN E 118 14.33 23.74 -94.81
CA GLN E 118 12.90 23.56 -95.02
C GLN E 118 12.20 23.45 -93.68
N ILE E 119 11.11 24.19 -93.51
CA ILE E 119 10.39 24.27 -92.25
C ILE E 119 9.10 23.47 -92.38
N GLU E 120 8.90 22.52 -91.47
CA GLU E 120 7.73 21.67 -91.45
C GLU E 120 7.25 21.52 -90.02
N LEU E 121 5.94 21.44 -89.84
CA LEU E 121 5.34 21.31 -88.51
C LEU E 121 4.35 20.15 -88.51
N GLY E 122 4.16 19.57 -87.35
CA GLY E 122 3.21 18.48 -87.18
C GLY E 122 3.05 18.16 -85.72
N ARG E 123 2.52 16.97 -85.44
CA ARG E 123 2.39 16.53 -84.05
C ARG E 123 3.75 16.38 -83.38
N ASP E 124 4.73 15.84 -84.10
CA ASP E 124 6.07 15.65 -83.58
C ASP E 124 6.96 16.83 -83.97
N GLN E 125 8.24 16.70 -83.69
CA GLN E 125 9.22 17.73 -84.01
C GLN E 125 10.07 17.29 -85.21
N ASN E 126 10.21 18.19 -86.18
CA ASN E 126 10.97 17.91 -87.39
C ASN E 126 12.28 18.69 -87.35
N SER E 127 13.37 18.01 -87.67
CA SER E 127 14.68 18.65 -87.65
C SER E 127 14.83 19.60 -88.83
N LYS E 128 15.73 20.57 -88.68
CA LYS E 128 15.99 21.59 -89.70
C LYS E 128 17.38 21.34 -90.29
N THR E 129 17.46 21.28 -91.61
CA THR E 129 18.70 20.95 -92.30
C THR E 129 19.31 22.20 -92.93
N TRP E 130 20.56 22.48 -92.57
CA TRP E 130 21.32 23.56 -93.17
C TRP E 130 22.43 22.97 -94.02
N ILE E 131 22.76 23.66 -95.12
CA ILE E 131 23.75 23.19 -96.08
C ILE E 131 24.79 24.28 -96.30
N PHE E 132 26.06 23.88 -96.28
CA PHE E 132 27.18 24.78 -96.49
C PHE E 132 28.05 24.24 -97.62
N GLY E 133 28.70 25.14 -98.34
CA GLY E 133 29.73 24.78 -99.28
C GLY E 133 31.11 25.03 -98.70
N CYS E 134 32.13 24.68 -99.47
CA CYS E 134 33.50 24.94 -99.07
C CYS E 134 34.40 24.87 -100.28
N GLU E 135 35.37 25.78 -100.34
CA GLU E 135 36.28 25.83 -101.49
C GLU E 135 37.13 24.58 -101.57
N LYS E 136 37.57 24.07 -100.42
CA LYS E 136 38.38 22.85 -100.37
C LYS E 136 38.03 22.09 -99.10
N LEU E 137 37.55 20.86 -99.25
CA LEU E 137 37.22 19.99 -98.13
C LEU E 137 38.44 19.12 -97.84
N ASP E 138 39.34 19.63 -97.00
CA ASP E 138 40.58 18.92 -96.72
C ASP E 138 40.32 17.64 -95.96
N TYR E 139 41.13 16.62 -96.23
CA TYR E 139 41.16 15.38 -95.45
C TYR E 139 42.51 15.30 -94.76
N THR E 140 42.49 15.15 -93.44
CA THR E 140 43.70 15.14 -92.64
C THR E 140 43.62 14.03 -91.62
N SER E 141 44.78 13.56 -91.16
CA SER E 141 44.84 12.50 -90.17
C SER E 141 46.17 12.59 -89.44
N THR E 142 46.22 11.97 -88.27
CA THR E 142 47.48 11.84 -87.56
C THR E 142 48.44 10.95 -88.35
N ILE E 143 49.72 11.30 -88.30
CA ILE E 143 50.71 10.54 -89.09
C ILE E 143 50.69 9.09 -88.64
N PRO E 144 50.58 8.11 -89.56
CA PRO E 144 50.57 6.70 -89.17
C PRO E 144 51.79 6.30 -88.33
N GLN F 5 22.24 0.90 -41.69
CA GLN F 5 20.84 0.64 -41.46
C GLN F 5 20.32 -0.35 -42.50
N GLN F 6 19.07 -0.79 -42.35
CA GLN F 6 18.49 -1.80 -43.23
C GLN F 6 17.17 -1.27 -43.79
N TYR F 7 16.79 -1.83 -44.93
CA TYR F 7 15.65 -1.32 -45.68
C TYR F 7 14.35 -1.56 -44.93
N SER F 8 13.45 -0.57 -44.99
CA SER F 8 12.09 -0.69 -44.50
C SER F 8 11.20 0.22 -45.33
N PRO F 9 10.02 -0.25 -45.75
CA PRO F 9 9.19 0.54 -46.68
C PRO F 9 8.53 1.75 -46.04
N LYS F 10 8.68 1.96 -44.73
CA LYS F 10 8.01 3.05 -44.04
C LYS F 10 8.87 4.30 -43.94
N ASP F 11 10.08 4.29 -44.50
CA ASP F 11 10.99 5.43 -44.42
C ASP F 11 11.13 6.18 -45.74
N VAL F 12 10.63 5.64 -46.84
CA VAL F 12 10.79 6.26 -48.15
C VAL F 12 9.95 7.52 -48.21
N VAL F 13 10.55 8.62 -48.66
CA VAL F 13 9.88 9.90 -48.79
C VAL F 13 10.11 10.43 -50.20
N CYS F 14 9.04 10.86 -50.86
CA CYS F 14 9.13 11.43 -52.19
C CYS F 14 8.57 12.85 -52.17
N SER F 15 9.28 13.77 -52.79
CA SER F 15 8.89 15.18 -52.82
C SER F 15 9.07 15.72 -54.22
N TRP F 16 8.04 16.40 -54.73
CA TRP F 16 8.09 17.04 -56.03
C TRP F 16 7.20 18.27 -56.01
N ASN F 17 7.71 19.35 -56.59
CA ASN F 17 7.00 20.62 -56.69
C ASN F 17 6.79 21.29 -55.34
N GLY F 18 7.49 20.83 -54.30
CA GLY F 18 7.35 21.37 -52.97
C GLY F 18 6.40 20.60 -52.07
N ILE F 19 5.58 19.73 -52.63
CA ILE F 19 4.63 18.96 -51.85
C ILE F 19 5.23 17.60 -51.50
N ALA F 20 4.65 16.97 -50.48
CA ALA F 20 5.01 15.62 -50.10
C ALA F 20 3.94 14.63 -50.56
N ILE F 21 4.36 13.40 -50.83
CA ILE F 21 3.49 12.37 -51.36
C ILE F 21 3.46 11.20 -50.38
N GLU F 22 2.26 10.74 -50.04
CA GLU F 22 2.07 9.61 -49.14
C GLU F 22 0.95 8.73 -49.69
N GLY F 23 0.52 7.77 -48.88
CA GLY F 23 -0.50 6.84 -49.31
C GLY F 23 -0.05 5.89 -50.40
N PHE F 24 1.18 5.37 -50.31
CA PHE F 24 1.68 4.48 -51.34
C PHE F 24 0.90 3.18 -51.35
N ALA F 25 0.91 2.50 -52.51
CA ALA F 25 0.26 1.21 -52.61
C ALA F 25 1.02 0.18 -51.77
N PRO F 26 0.38 -0.93 -51.40
CA PRO F 26 1.06 -1.91 -50.54
C PRO F 26 2.35 -2.45 -51.13
N ASP F 27 2.44 -2.64 -52.44
CA ASP F 27 3.64 -3.21 -53.05
C ASP F 27 3.90 -2.57 -54.40
N SER F 28 5.16 -2.57 -54.80
CA SER F 28 5.58 -2.03 -56.10
C SER F 28 5.06 -0.61 -56.30
N PHE F 29 5.32 0.26 -55.32
CA PHE F 29 4.81 1.63 -55.38
C PHE F 29 5.80 2.61 -55.99
N LEU F 30 6.96 2.15 -56.45
CA LEU F 30 7.94 3.05 -57.06
C LEU F 30 8.81 2.25 -58.02
N ARG F 31 9.14 2.86 -59.16
CA ARG F 31 10.01 2.23 -60.16
C ARG F 31 10.85 3.30 -60.84
N LEU F 32 12.10 2.95 -61.13
CA LEU F 32 13.02 3.83 -61.84
C LEU F 32 13.67 3.05 -62.97
N GLN F 33 13.97 3.74 -64.07
CA GLN F 33 14.57 3.10 -65.22
C GLN F 33 15.13 4.15 -66.17
N ARG F 34 16.35 3.93 -66.65
CA ARG F 34 16.91 4.76 -67.70
C ARG F 34 16.28 4.41 -69.04
N THR F 35 16.37 5.34 -69.99
CA THR F 35 15.80 5.10 -71.31
C THR F 35 16.74 4.27 -72.18
N SER F 36 18.01 4.65 -72.23
CA SER F 36 18.98 3.99 -73.10
C SER F 36 20.12 3.39 -72.28
N PRO F 37 20.81 2.38 -72.83
CA PRO F 37 21.96 1.81 -72.12
C PRO F 37 23.15 2.74 -72.11
N LEU F 38 24.08 2.47 -71.18
CA LEU F 38 25.28 3.29 -71.08
C LEU F 38 26.13 3.21 -72.34
N VAL F 39 26.30 2.01 -72.90
CA VAL F 39 27.19 1.79 -74.01
C VAL F 39 26.53 0.85 -75.02
N THR F 40 26.75 1.13 -76.30
CA THR F 40 26.25 0.31 -77.39
C THR F 40 27.43 -0.27 -78.16
N PRO F 41 27.82 -1.53 -77.94
CA PRO F 41 28.97 -2.07 -78.66
C PRO F 41 28.65 -2.34 -80.13
N VAL F 42 29.70 -2.28 -80.95
CA VAL F 42 29.62 -2.56 -82.37
C VAL F 42 30.73 -3.55 -82.71
N VAL F 43 30.38 -4.62 -83.41
CA VAL F 43 31.31 -5.69 -83.75
C VAL F 43 31.40 -5.79 -85.26
N GLY F 44 32.62 -5.71 -85.79
CA GLY F 44 32.82 -5.84 -87.22
C GLY F 44 32.89 -7.28 -87.66
N ALA F 45 33.03 -7.46 -88.97
CA ALA F 45 33.12 -8.81 -89.52
C ALA F 45 34.37 -9.54 -89.05
N GLY F 46 35.44 -8.82 -88.75
CA GLY F 46 36.68 -9.41 -88.29
C GLY F 46 36.78 -9.63 -86.81
N GLY F 47 35.72 -9.34 -86.04
CA GLY F 47 35.72 -9.56 -84.61
C GLY F 47 36.21 -8.39 -83.78
N GLN F 48 36.63 -7.30 -84.40
CA GLN F 48 37.04 -6.12 -83.65
C GLN F 48 35.82 -5.43 -83.04
N VAL F 49 36.04 -4.77 -81.91
CA VAL F 49 34.96 -4.15 -81.14
C VAL F 49 35.29 -2.69 -80.91
N ALA F 50 34.29 -1.83 -81.11
CA ALA F 50 34.38 -0.42 -80.77
C ALA F 50 33.12 -0.03 -80.01
N LEU F 51 33.27 0.92 -79.09
CA LEU F 51 32.20 1.28 -78.17
C LEU F 51 31.69 2.68 -78.46
N THR F 52 30.36 2.84 -78.35
CA THR F 52 29.72 4.14 -78.48
C THR F 52 29.11 4.52 -77.13
N ARG F 53 29.46 5.70 -76.65
CA ARG F 53 28.97 6.20 -75.37
C ARG F 53 27.77 7.10 -75.62
N ASN F 54 26.57 6.59 -75.31
CA ASN F 54 25.34 7.31 -75.59
C ASN F 54 25.26 8.57 -74.73
N ALA F 55 24.81 9.67 -75.35
CA ALA F 55 24.62 10.91 -74.62
C ALA F 55 23.27 10.94 -73.92
N ASP F 56 22.37 10.01 -74.28
CA ASP F 56 21.05 9.98 -73.65
C ASP F 56 21.16 9.60 -72.18
N LYS F 57 20.48 10.38 -71.33
CA LYS F 57 20.46 10.09 -69.90
C LYS F 57 19.10 10.33 -69.28
N THR F 58 18.04 10.44 -70.07
CA THR F 58 16.71 10.63 -69.53
C THR F 58 16.24 9.36 -68.82
N GLY F 59 15.07 9.45 -68.20
CA GLY F 59 14.53 8.32 -67.45
C GLY F 59 13.07 8.51 -67.16
N THR F 60 12.49 7.49 -66.54
CA THR F 60 11.08 7.50 -66.16
C THR F 60 10.92 7.11 -64.70
N ILE F 61 9.94 7.71 -64.04
CA ILE F 61 9.66 7.47 -62.63
C ILE F 61 8.18 7.16 -62.49
N GLU F 62 7.85 5.94 -62.04
CA GLU F 62 6.48 5.51 -61.86
C GLU F 62 6.18 5.37 -60.38
N ILE F 63 5.11 6.00 -59.93
CA ILE F 63 4.72 6.00 -58.52
C ILE F 63 3.25 5.64 -58.42
N GLU F 64 2.92 4.71 -57.53
CA GLU F 64 1.57 4.22 -57.36
C GLU F 64 1.02 4.67 -56.01
N LEU F 65 -0.22 5.13 -55.99
CA LEU F 65 -0.88 5.61 -54.79
C LEU F 65 -2.25 4.95 -54.67
N MET F 66 -2.80 4.99 -53.46
CA MET F 66 -4.15 4.47 -53.26
C MET F 66 -5.17 5.39 -53.92
N GLN F 67 -6.33 4.83 -54.23
CA GLN F 67 -7.34 5.58 -54.98
C GLN F 67 -7.85 6.78 -54.21
N THR F 68 -7.97 6.68 -52.88
CA THR F 68 -8.49 7.76 -52.06
C THR F 68 -7.41 8.58 -51.39
N SER F 69 -6.15 8.38 -51.75
CA SER F 69 -5.07 9.15 -51.15
C SER F 69 -5.22 10.62 -51.50
N LEU F 70 -4.95 11.48 -50.52
CA LEU F 70 -5.13 12.92 -50.74
C LEU F 70 -4.15 13.45 -51.77
N SER F 71 -3.00 12.79 -51.95
CA SER F 71 -2.02 13.26 -52.92
C SER F 71 -2.57 13.26 -54.34
N ASN F 72 -3.60 12.46 -54.61
CA ASN F 72 -4.20 12.47 -55.95
C ASN F 72 -4.81 13.83 -56.26
N GLN F 73 -5.49 14.45 -55.29
CA GLN F 73 -6.07 15.77 -55.53
C GLN F 73 -4.99 16.80 -55.82
N MET F 74 -3.88 16.75 -55.08
CA MET F 74 -2.82 17.75 -55.27
C MET F 74 -2.22 17.66 -56.68
N LEU F 75 -1.95 16.45 -57.14
CA LEU F 75 -1.37 16.29 -58.48
C LEU F 75 -2.35 16.72 -59.56
N SER F 76 -3.63 16.38 -59.42
CA SER F 76 -4.62 16.82 -60.40
C SER F 76 -4.72 18.34 -60.43
N ALA F 77 -4.73 18.97 -59.26
CA ALA F 77 -4.76 20.43 -59.19
C ALA F 77 -3.52 21.05 -59.81
N ILE F 78 -2.34 20.51 -59.58
CA ILE F 78 -1.12 21.01 -60.20
C ILE F 78 -1.18 20.88 -61.71
N GLN F 79 -1.65 19.73 -62.20
CA GLN F 79 -1.75 19.52 -63.64
C GLN F 79 -2.73 20.52 -64.26
N ALA F 80 -3.86 20.76 -63.59
CA ALA F 80 -4.85 21.69 -64.12
C ALA F 80 -4.29 23.10 -64.25
N LYS F 81 -3.48 23.53 -63.29
CA LYS F 81 -2.89 24.87 -63.35
C LYS F 81 -1.97 25.01 -64.56
N GLN F 82 -1.18 23.98 -64.86
CA GLN F 82 -0.20 24.08 -65.93
C GLN F 82 -0.84 24.11 -67.31
N ASP F 83 -2.12 23.74 -67.43
CA ASP F 83 -2.79 23.81 -68.72
C ASP F 83 -3.20 25.22 -69.09
N ASN F 84 -3.12 26.17 -68.16
CA ASN F 84 -3.51 27.56 -68.40
C ASN F 84 -2.32 28.48 -68.19
N MET F 85 -1.16 28.11 -68.73
CA MET F 85 0.04 28.92 -68.64
C MET F 85 0.69 29.02 -70.01
N GLU F 86 1.35 30.15 -70.25
CA GLU F 86 2.08 30.36 -71.49
C GLU F 86 3.35 29.53 -71.50
N LEU F 87 3.88 29.31 -72.70
CA LEU F 87 5.08 28.50 -72.88
C LEU F 87 6.32 29.14 -72.28
N GLU F 88 6.30 30.45 -72.01
CA GLU F 88 7.46 31.09 -71.41
C GLU F 88 7.76 30.54 -70.02
N GLU F 89 6.73 30.33 -69.21
CA GLU F 89 6.93 29.82 -67.86
C GLU F 89 7.27 28.34 -67.90
N ASP F 90 8.01 27.89 -66.89
CA ASP F 90 8.51 26.53 -66.83
C ASP F 90 7.59 25.64 -66.01
N ILE F 91 7.78 24.33 -66.19
CA ILE F 91 6.98 23.33 -65.49
C ILE F 91 7.82 22.26 -64.81
N SER F 92 9.14 22.30 -64.97
CA SER F 92 10.00 21.27 -64.43
C SER F 92 10.39 21.57 -62.99
N SER F 93 10.61 20.50 -62.23
CA SER F 93 11.03 20.62 -60.84
C SER F 93 11.74 19.34 -60.44
N ASN F 94 12.76 19.49 -59.59
CA ASN F 94 13.54 18.34 -59.16
C ASN F 94 12.67 17.35 -58.39
N PHE F 95 12.79 16.08 -58.73
CA PHE F 95 12.12 15.00 -58.02
C PHE F 95 13.12 14.34 -57.08
N VAL F 96 12.92 14.52 -55.77
CA VAL F 96 13.88 14.09 -54.76
C VAL F 96 13.29 12.92 -54.00
N ILE F 97 14.07 11.85 -53.86
CA ILE F 97 13.68 10.67 -53.11
C ILE F 97 14.71 10.42 -52.02
N TYR F 98 14.25 10.21 -50.79
CA TYR F 98 15.11 9.98 -49.65
C TYR F 98 14.82 8.61 -49.05
N ASP F 99 15.88 7.89 -48.71
CA ASP F 99 15.76 6.57 -48.11
C ASP F 99 16.95 6.32 -47.20
N PRO F 100 16.75 6.18 -45.89
CA PRO F 100 17.90 6.07 -44.97
C PRO F 100 18.80 4.89 -45.23
N SER F 101 18.28 3.76 -45.72
CA SER F 101 19.08 2.56 -45.93
C SER F 101 19.96 2.65 -47.18
N GLY F 102 19.78 3.68 -48.00
CA GLY F 102 20.59 3.82 -49.19
C GLY F 102 20.26 2.84 -50.30
N SER F 103 19.07 2.27 -50.29
CA SER F 103 18.67 1.35 -51.35
C SER F 103 18.42 2.08 -52.67
N VAL F 104 17.84 3.28 -52.61
CA VAL F 104 17.54 4.06 -53.80
C VAL F 104 18.29 5.38 -53.77
N LEU F 105 19.46 5.43 -54.39
CA LEU F 105 20.27 6.64 -54.48
C LEU F 105 20.13 7.23 -55.89
N ALA F 106 19.07 8.00 -56.08
CA ALA F 106 18.82 8.62 -57.37
C ALA F 106 17.90 9.81 -57.19
N THR F 107 17.89 10.69 -58.21
CA THR F 107 17.05 11.87 -58.20
C THR F 107 16.92 12.39 -59.63
N GLY F 108 15.72 12.88 -59.95
CA GLY F 108 15.47 13.46 -61.26
C GLY F 108 15.80 14.94 -61.29
N ILE F 109 16.68 15.34 -62.21
CA ILE F 109 17.15 16.72 -62.24
C ILE F 109 16.00 17.67 -62.58
N ASN F 110 15.43 17.51 -63.77
CA ASN F 110 14.29 18.29 -64.21
C ASN F 110 13.15 17.34 -64.56
N ALA F 111 12.23 17.15 -63.64
CA ALA F 111 11.15 16.19 -63.78
C ALA F 111 9.85 16.90 -64.11
N TRP F 112 9.12 16.35 -65.08
CA TRP F 112 7.86 16.90 -65.54
C TRP F 112 6.80 15.80 -65.54
N LEU F 113 5.59 16.15 -65.14
CA LEU F 113 4.49 15.20 -65.19
C LEU F 113 4.20 14.83 -66.64
N GLN F 114 4.02 13.54 -66.89
CA GLN F 114 3.94 13.02 -68.25
C GLN F 114 2.60 12.38 -68.60
N GLU F 115 2.05 11.52 -67.74
CA GLU F 115 0.84 10.79 -68.05
C GLU F 115 -0.11 10.81 -66.86
N LEU F 116 -1.40 10.88 -67.16
CA LEU F 116 -2.43 10.82 -66.14
C LEU F 116 -2.72 9.36 -65.76
N PRO F 117 -3.24 9.12 -64.56
CA PRO F 117 -3.43 7.75 -64.10
C PRO F 117 -4.65 7.08 -64.73
N GLN F 118 -4.55 5.77 -64.94
CA GLN F 118 -5.70 4.99 -65.34
C GLN F 118 -6.58 4.71 -64.13
N ILE F 119 -7.89 4.67 -64.36
CA ILE F 119 -8.87 4.53 -63.28
C ILE F 119 -9.66 3.24 -63.49
N GLU F 120 -9.72 2.42 -62.43
CA GLU F 120 -10.52 1.22 -62.42
C GLU F 120 -11.32 1.17 -61.12
N LEU F 121 -12.56 0.71 -61.18
CA LEU F 121 -13.51 0.78 -60.08
C LEU F 121 -14.06 -0.61 -59.77
N GLY F 122 -13.17 -1.58 -59.66
CA GLY F 122 -13.57 -2.93 -59.34
C GLY F 122 -14.14 -3.08 -57.94
N ARG F 123 -14.12 -4.30 -57.41
CA ARG F 123 -14.73 -4.57 -56.11
C ARG F 123 -14.09 -3.72 -55.01
N ASP F 124 -12.77 -3.87 -54.84
CA ASP F 124 -12.05 -3.22 -53.76
C ASP F 124 -11.26 -2.03 -54.28
N GLN F 125 -10.77 -1.21 -53.36
CA GLN F 125 -10.04 -0.01 -53.73
C GLN F 125 -8.82 -0.35 -54.57
N ASN F 126 -8.64 0.36 -55.68
CA ASN F 126 -7.54 0.10 -56.61
C ASN F 126 -6.47 1.18 -56.48
N SER F 127 -5.47 1.09 -57.35
CA SER F 127 -4.35 2.01 -57.33
C SER F 127 -4.36 2.92 -58.56
N LYS F 128 -3.62 4.02 -58.46
CA LYS F 128 -3.46 4.99 -59.53
C LYS F 128 -1.97 5.16 -59.81
N THR F 129 -1.60 5.11 -61.09
CA THR F 129 -0.20 5.16 -61.50
C THR F 129 0.08 6.51 -62.16
N TRP F 130 1.03 7.25 -61.58
CA TRP F 130 1.49 8.53 -62.13
C TRP F 130 2.87 8.33 -62.71
N ILE F 131 3.11 8.86 -63.91
CA ILE F 131 4.37 8.69 -64.62
C ILE F 131 4.99 10.07 -64.83
N PHE F 132 6.25 10.20 -64.44
CA PHE F 132 7.01 11.43 -64.62
C PHE F 132 8.21 11.15 -65.50
N GLY F 133 8.62 12.14 -66.27
CA GLY F 133 9.85 12.07 -67.03
C GLY F 133 10.93 12.90 -66.35
N CYS F 134 12.17 12.78 -66.81
CA CYS F 134 13.25 13.59 -66.25
C CYS F 134 14.33 13.78 -67.30
N GLU F 135 15.02 14.91 -67.21
CA GLU F 135 16.06 15.21 -68.18
C GLU F 135 17.33 14.40 -67.88
N LYS F 136 17.59 14.13 -66.61
CA LYS F 136 18.80 13.42 -66.21
C LYS F 136 18.49 12.64 -64.94
N LEU F 137 18.42 11.31 -65.06
CA LEU F 137 18.18 10.43 -63.92
C LEU F 137 19.53 10.11 -63.30
N ASP F 138 19.89 10.85 -62.26
CA ASP F 138 21.20 10.71 -61.64
C ASP F 138 21.24 9.52 -60.69
N TYR F 139 22.30 8.74 -60.78
CA TYR F 139 22.57 7.66 -59.83
C TYR F 139 23.76 8.08 -58.96
N THR F 140 23.49 8.48 -57.73
CA THR F 140 24.51 8.94 -56.82
C THR F 140 25.06 7.77 -56.01
N SER F 141 26.13 8.04 -55.26
CA SER F 141 26.77 7.04 -54.42
C SER F 141 27.13 7.66 -53.07
N THR F 142 27.09 6.84 -52.03
CA THR F 142 27.42 7.28 -50.68
C THR F 142 28.91 7.11 -50.37
N ILE F 143 29.70 6.63 -51.31
CA ILE F 143 31.13 6.40 -51.11
C ILE F 143 31.91 7.33 -52.02
N PRO F 144 32.94 8.05 -51.52
CA PRO F 144 33.73 8.92 -52.39
C PRO F 144 34.29 8.20 -53.60
N THR G 3 -34.98 6.11 38.56
CA THR G 3 -35.08 5.35 37.32
C THR G 3 -36.43 4.65 37.23
N LEU G 4 -37.30 5.18 36.37
CA LEU G 4 -38.64 4.63 36.22
C LEU G 4 -38.61 3.35 35.40
N THR G 5 -39.22 2.30 35.94
CA THR G 5 -39.34 1.05 35.20
C THR G 5 -40.46 1.17 34.16
N ILE G 6 -40.60 0.11 33.36
CA ILE G 6 -41.62 0.10 32.32
C ILE G 6 -43.02 0.14 32.94
N ASP G 7 -43.21 -0.55 34.07
CA ASP G 7 -44.52 -0.55 34.71
C ASP G 7 -44.92 0.85 35.14
N GLY G 8 -43.97 1.57 35.76
CA GLY G 8 -44.27 2.93 36.19
C GLY G 8 -44.59 3.85 35.04
N LYS G 9 -43.82 3.75 33.96
CA LYS G 9 -44.07 4.59 32.80
C LYS G 9 -45.43 4.28 32.19
N ASN G 10 -45.77 2.99 32.08
CA ASN G 10 -47.06 2.61 31.52
C ASN G 10 -48.21 3.12 32.39
N LYS G 11 -48.08 2.98 33.71
CA LYS G 11 -49.11 3.48 34.61
C LYS G 11 -49.19 5.00 34.56
N ILE G 12 -48.08 5.65 34.22
CA ILE G 12 -48.04 7.11 34.26
C ILE G 12 -48.75 7.70 33.05
N LEU G 13 -48.38 7.27 31.84
CA LEU G 13 -48.89 7.92 30.64
C LEU G 13 -50.39 7.74 30.48
N ALA G 14 -50.99 6.80 31.21
CA ALA G 14 -52.42 6.61 31.12
C ALA G 14 -53.19 7.82 31.62
N THR G 15 -52.53 8.69 32.40
CA THR G 15 -53.23 9.81 33.02
C THR G 15 -53.21 11.06 32.13
N LEU G 16 -52.16 11.23 31.33
CA LEU G 16 -51.99 12.48 30.59
C LEU G 16 -53.17 12.73 29.66
N THR G 17 -53.35 11.86 28.66
CA THR G 17 -54.52 11.89 27.79
C THR G 17 -54.74 13.26 27.14
N PRO G 18 -53.92 13.65 26.18
CA PRO G 18 -54.23 14.87 25.42
C PRO G 18 -55.40 14.65 24.48
N THR G 19 -56.08 15.74 24.13
CA THR G 19 -57.22 15.62 23.23
C THR G 19 -57.34 16.73 22.20
N THR G 20 -56.41 17.67 22.11
CA THR G 20 -56.48 18.72 21.11
C THR G 20 -55.07 19.14 20.69
N ILE G 21 -54.98 19.77 19.53
CA ILE G 21 -53.72 20.23 18.97
C ILE G 21 -53.94 21.61 18.34
N ILE G 22 -52.96 22.49 18.49
CA ILE G 22 -53.00 23.84 17.92
C ILE G 22 -51.66 24.12 17.27
N LEU G 23 -51.70 24.72 16.08
CA LEU G 23 -50.49 25.15 15.40
C LEU G 23 -50.17 26.60 15.77
N HIS G 24 -48.89 26.92 15.76
CA HIS G 24 -48.41 28.25 16.11
C HIS G 24 -47.40 28.73 15.07
N ASN G 25 -47.46 30.03 14.77
CA ASN G 25 -46.48 30.61 13.86
C ASN G 25 -45.08 30.53 14.44
N VAL G 26 -44.96 30.71 15.76
CA VAL G 26 -43.69 30.52 16.46
C VAL G 26 -44.01 29.88 17.81
N ASP G 27 -42.98 29.30 18.42
CA ASP G 27 -43.10 28.61 19.70
C ASP G 27 -44.01 29.37 20.66
N PRO G 28 -44.98 28.70 21.31
CA PRO G 28 -45.81 29.37 22.32
C PRO G 28 -45.09 29.53 23.65
N THR G 33 -50.20 29.95 24.45
CA THR G 33 -51.42 30.68 24.10
C THR G 33 -51.13 31.76 23.07
N ALA G 34 -49.86 32.18 23.00
CA ALA G 34 -49.47 33.22 22.07
C ALA G 34 -49.37 32.66 20.65
N ASN G 35 -49.59 33.54 19.68
CA ASN G 35 -49.34 33.29 18.27
C ASN G 35 -50.18 32.16 17.69
N LYS G 36 -51.36 31.89 18.24
CA LYS G 36 -52.23 30.87 17.66
C LYS G 36 -52.58 31.25 16.23
N VAL G 37 -52.61 30.24 15.35
CA VAL G 37 -52.93 30.48 13.94
C VAL G 37 -54.13 29.64 13.48
N THR G 38 -54.50 28.59 14.20
CA THR G 38 -55.56 27.70 13.78
C THR G 38 -56.42 27.32 14.98
N GLN G 39 -57.70 27.06 14.70
CA GLN G 39 -58.60 26.58 15.74
C GLN G 39 -58.19 25.18 16.18
N PRO G 40 -58.40 24.83 17.45
CA PRO G 40 -58.01 23.50 17.92
C PRO G 40 -58.81 22.41 17.21
N VAL G 41 -58.16 21.25 17.05
CA VAL G 41 -58.77 20.07 16.45
C VAL G 41 -58.46 18.88 17.35
N ALA G 42 -59.44 18.00 17.49
CA ALA G 42 -59.30 16.89 18.43
C ALA G 42 -58.28 15.86 17.94
N ILE G 43 -57.74 15.10 18.88
CA ILE G 43 -56.81 14.01 18.58
C ILE G 43 -57.01 12.90 19.60
N TYR G 44 -57.04 11.67 19.11
CA TYR G 44 -57.19 10.49 19.95
C TYR G 44 -55.84 9.79 20.06
N PHE G 45 -55.56 9.24 21.23
CA PHE G 45 -54.26 8.64 21.53
C PHE G 45 -54.43 7.21 21.99
N SER G 46 -53.45 6.38 21.66
CA SER G 46 -53.51 4.97 21.99
C SER G 46 -53.03 4.71 23.42
N GLU G 47 -53.12 3.45 23.83
CA GLU G 47 -52.68 3.04 25.15
C GLU G 47 -51.16 3.10 25.21
N PRO G 48 -50.58 3.18 26.41
CA PRO G 48 -49.11 3.24 26.51
C PRO G 48 -48.48 1.86 26.61
N ASP G 49 -47.32 1.74 25.95
CA ASP G 49 -46.47 0.57 26.09
C ASP G 49 -45.01 1.01 25.94
N ASN G 50 -44.13 0.34 26.69
CA ASN G 50 -42.73 0.74 26.76
C ASN G 50 -42.61 2.23 27.07
N GLY G 51 -43.60 2.78 27.77
CA GLY G 51 -43.60 4.20 28.05
C GLY G 51 -43.71 5.07 26.82
N LEU G 52 -44.58 4.71 25.88
CA LEU G 52 -44.74 5.49 24.66
C LEU G 52 -46.20 5.43 24.21
N ILE G 53 -46.71 6.57 23.74
CA ILE G 53 -48.06 6.70 23.22
C ILE G 53 -47.99 7.38 21.86
N ALA G 54 -48.86 6.95 20.94
CA ALA G 54 -48.84 7.45 19.58
C ALA G 54 -50.26 7.77 19.14
N SER G 55 -50.37 8.64 18.14
CA SER G 55 -51.68 9.02 17.62
C SER G 55 -52.37 7.84 16.97
N GLU G 56 -53.67 7.71 17.20
CA GLU G 56 -54.42 6.56 16.71
C GLU G 56 -54.82 6.70 15.25
N ASP G 57 -54.74 7.89 14.67
CA ASP G 57 -55.18 8.09 13.30
C ASP G 57 -54.66 9.44 12.81
N THR G 58 -54.89 9.70 11.52
CA THR G 58 -54.51 10.98 10.93
C THR G 58 -55.49 12.08 11.36
N VAL G 59 -55.02 13.31 11.25
CA VAL G 59 -55.83 14.49 11.56
C VAL G 59 -55.58 15.53 10.48
N ASN G 60 -56.62 16.27 10.12
CA ASN G 60 -56.54 17.33 9.13
C ASN G 60 -56.60 18.69 9.82
N ILE G 61 -55.67 19.57 9.46
CA ILE G 61 -55.64 20.94 9.94
C ILE G 61 -55.57 21.86 8.74
N THR G 62 -56.14 23.07 8.89
CA THR G 62 -56.24 24.02 7.79
C THR G 62 -55.68 25.37 8.23
N VAL G 63 -55.04 26.04 7.28
CA VAL G 63 -54.48 27.37 7.52
C VAL G 63 -54.86 28.26 6.34
N PRO G 64 -55.22 29.53 6.56
CA PRO G 64 -55.53 30.42 5.43
C PRO G 64 -54.29 30.97 4.74
N ALA G 67 -50.31 32.87 5.40
CA ALA G 67 -50.11 32.34 6.74
C ALA G 67 -49.07 31.23 6.74
N THR G 68 -48.25 31.19 7.80
CA THR G 68 -47.18 30.21 7.91
C THR G 68 -47.12 29.71 9.34
N VAL G 69 -46.74 28.45 9.49
CA VAL G 69 -46.66 27.79 10.79
C VAL G 69 -45.37 26.99 10.85
N SER G 70 -44.71 27.04 12.02
CA SER G 70 -43.46 26.32 12.22
C SER G 70 -43.39 25.69 13.60
N HIS G 71 -44.49 25.68 14.34
CA HIS G 71 -44.52 25.07 15.67
C HIS G 71 -45.92 24.52 15.93
N TYR G 72 -46.07 23.87 17.08
CA TYR G 72 -47.33 23.26 17.47
C TYR G 72 -47.35 23.07 18.98
N SER G 73 -48.52 22.66 19.48
CA SER G 73 -48.70 22.39 20.89
C SER G 73 -49.91 21.48 21.07
N LEU G 74 -49.99 20.88 22.25
CA LEU G 74 -51.09 19.98 22.60
C LEU G 74 -51.76 20.49 23.86
N TRP G 75 -53.08 20.32 23.93
CA TRP G 75 -53.86 20.69 25.11
C TRP G 75 -54.80 19.55 25.45
N ASP G 76 -55.52 19.71 26.55
CA ASP G 76 -56.48 18.71 26.99
C ASP G 76 -57.73 19.35 27.57
N ASN G 78 -60.25 20.99 30.25
CA ASN G 78 -59.22 21.62 31.05
C ASN G 78 -58.50 22.71 30.26
N ASP G 79 -58.22 22.42 29.00
CA ASP G 79 -57.47 23.34 28.14
C ASP G 79 -56.13 23.59 28.83
N LYS G 80 -55.42 22.53 29.15
CA LYS G 80 -54.09 22.63 29.71
C LYS G 80 -53.04 22.22 28.68
N CYS G 81 -52.05 23.08 28.47
CA CYS G 81 -50.93 22.77 27.58
C CYS G 81 -50.04 21.76 28.27
N VAL G 82 -49.78 20.64 27.60
CA VAL G 82 -48.98 19.58 28.18
C VAL G 82 -47.74 19.24 27.35
N ALA G 83 -47.62 19.76 26.13
CA ALA G 83 -46.45 19.49 25.31
C ALA G 83 -46.41 20.48 24.16
N THR G 84 -45.20 20.72 23.65
CA THR G 84 -44.99 21.58 22.51
C THR G 84 -43.83 21.01 21.69
N GLY G 85 -43.67 21.52 20.48
CA GLY G 85 -42.62 21.04 19.60
C GLY G 85 -42.57 21.88 18.35
N ALA G 86 -41.49 21.66 17.58
CA ALA G 86 -41.25 22.43 16.38
C ALA G 86 -41.40 21.56 15.14
N LEU G 87 -42.09 22.10 14.14
CA LEU G 87 -42.22 21.42 12.86
C LEU G 87 -40.88 21.34 12.16
N SER G 88 -40.66 20.25 11.42
CA SER G 88 -39.39 20.05 10.74
C SER G 88 -39.08 21.17 9.76
N LYS G 89 -40.09 21.68 9.05
CA LYS G 89 -39.89 22.71 8.06
C LYS G 89 -41.05 23.72 8.11
N PRO G 90 -40.76 25.00 8.31
CA PRO G 90 -41.82 26.00 8.17
C PRO G 90 -42.45 25.92 6.78
N GLN G 91 -43.78 25.99 6.75
CA GLN G 91 -44.51 25.76 5.52
C GLN G 91 -45.47 26.91 5.27
N PHE G 92 -45.40 27.48 4.06
CA PHE G 92 -46.30 28.55 3.69
C PHE G 92 -47.70 28.00 3.38
N PHE G 93 -48.69 28.88 3.44
CA PHE G 93 -50.06 28.52 3.11
C PHE G 93 -50.80 29.70 2.52
N ILE G 98 -54.13 21.96 3.07
CA ILE G 98 -54.38 21.27 4.32
C ILE G 98 -53.10 20.67 4.85
N TYR G 99 -52.73 21.01 6.08
CA TYR G 99 -51.59 20.43 6.76
C TYR G 99 -52.05 19.14 7.44
N VAL G 100 -51.56 18.00 6.93
CA VAL G 100 -51.98 16.70 7.44
C VAL G 100 -50.98 16.26 8.51
N ILE G 101 -51.47 16.05 9.73
CA ILE G 101 -50.64 15.55 10.81
C ILE G 101 -50.56 14.03 10.68
N SER G 102 -49.45 13.54 10.11
CA SER G 102 -49.31 12.11 9.88
C SER G 102 -49.28 11.30 11.17
N SER G 103 -48.56 11.78 12.19
CA SER G 103 -48.48 11.07 13.45
C SER G 103 -47.81 11.97 14.47
N VAL G 104 -47.92 11.57 15.74
CA VAL G 104 -47.29 12.29 16.84
C VAL G 104 -47.22 11.33 18.02
N SER G 105 -46.14 11.43 18.80
CA SER G 105 -45.93 10.50 19.90
C SER G 105 -45.24 11.21 21.05
N VAL G 106 -45.45 10.68 22.26
CA VAL G 106 -44.82 11.18 23.47
C VAL G 106 -44.30 9.97 24.25
N ASP G 107 -43.10 10.08 24.79
CA ASP G 107 -42.46 8.95 25.46
C ASP G 107 -41.65 9.45 26.64
N LEU G 108 -41.32 8.52 27.54
CA LEU G 108 -40.56 8.81 28.74
C LEU G 108 -39.17 8.17 28.70
N ASN G 109 -38.66 7.89 27.51
CA ASN G 109 -37.37 7.25 27.34
C ASN G 109 -36.33 8.11 26.64
N THR H 3 -41.03 17.56 24.03
CA THR H 3 -40.95 17.72 25.48
C THR H 3 -42.31 18.14 26.05
N LEU H 4 -42.53 17.82 27.32
CA LEU H 4 -43.77 18.22 27.98
C LEU H 4 -43.59 19.55 28.70
N THR H 5 -44.72 20.23 28.92
CA THR H 5 -44.72 21.47 29.68
C THR H 5 -44.68 21.16 31.17
N ILE H 6 -44.36 22.19 31.97
CA ILE H 6 -44.31 21.99 33.41
C ILE H 6 -45.66 21.56 33.97
N ASP H 7 -46.76 22.08 33.43
CA ASP H 7 -48.08 21.65 33.89
C ASP H 7 -48.24 20.15 33.75
N GLY H 8 -47.92 19.61 32.58
CA GLY H 8 -48.05 18.17 32.37
C GLY H 8 -47.12 17.38 33.28
N LYS H 9 -45.89 17.84 33.44
CA LYS H 9 -44.94 17.13 34.28
C LYS H 9 -45.44 17.06 35.71
N ASN H 10 -45.98 18.17 36.23
CA ASN H 10 -46.53 18.16 37.58
C ASN H 10 -47.79 17.31 37.66
N LYS H 11 -48.60 17.31 36.60
CA LYS H 11 -49.75 16.42 36.55
C LYS H 11 -49.31 14.97 36.75
N ILE H 12 -48.28 14.55 36.01
CA ILE H 12 -47.81 13.18 36.09
C ILE H 12 -47.24 12.87 37.47
N LEU H 13 -46.42 13.77 38.01
CA LEU H 13 -45.64 13.44 39.19
C LEU H 13 -46.53 13.09 40.38
N ALA H 14 -47.71 13.71 40.47
CA ALA H 14 -48.57 13.49 41.62
C ALA H 14 -49.04 12.04 41.71
N THR H 15 -49.24 11.38 40.57
CA THR H 15 -49.83 10.05 40.58
C THR H 15 -48.80 8.96 40.87
N LEU H 16 -47.53 9.30 41.03
CA LEU H 16 -46.50 8.28 41.23
C LEU H 16 -46.77 7.45 42.47
N THR H 17 -47.09 8.09 43.60
CA THR H 17 -47.42 7.41 44.85
C THR H 17 -46.41 6.34 45.21
N PRO H 18 -45.14 6.69 45.41
CA PRO H 18 -44.16 5.68 45.86
C PRO H 18 -44.26 5.41 47.36
N THR H 19 -45.17 4.52 47.74
CA THR H 19 -45.48 4.35 49.16
C THR H 19 -44.30 3.84 49.98
N THR H 20 -43.56 2.85 49.48
CA THR H 20 -42.59 2.15 50.32
C THR H 20 -41.29 1.94 49.58
N ILE H 21 -40.24 1.60 50.36
CA ILE H 21 -38.90 1.38 49.85
C ILE H 21 -38.37 0.06 50.41
N ILE H 22 -37.55 -0.61 49.61
CA ILE H 22 -36.89 -1.84 50.03
C ILE H 22 -35.50 -1.90 49.42
N LEU H 23 -34.59 -2.55 50.13
CA LEU H 23 -33.20 -2.69 49.71
C LEU H 23 -32.96 -4.07 49.13
N HIS H 24 -31.88 -4.21 48.36
CA HIS H 24 -31.52 -5.44 47.69
C HIS H 24 -30.03 -5.73 47.90
N ASN H 25 -29.67 -6.99 47.74
CA ASN H 25 -28.28 -7.41 47.87
C ASN H 25 -27.54 -7.28 46.55
N PRO H 32 -37.28 -7.75 39.59
CA PRO H 32 -37.48 -6.75 40.64
C PRO H 32 -37.84 -7.37 41.98
N THR H 33 -38.36 -8.60 41.96
CA THR H 33 -38.71 -9.30 43.20
C THR H 33 -37.59 -10.20 43.69
N ALA H 34 -36.45 -10.22 43.01
CA ALA H 34 -35.34 -11.07 43.43
C ALA H 34 -34.45 -10.33 44.43
N ASN H 35 -33.66 -11.11 45.15
CA ASN H 35 -32.65 -10.61 46.10
C ASN H 35 -33.23 -9.69 47.16
N LYS H 36 -34.44 -9.98 47.64
CA LYS H 36 -35.10 -9.13 48.62
C LYS H 36 -34.46 -9.31 49.99
N VAL H 37 -33.90 -8.25 50.55
CA VAL H 37 -33.17 -8.35 51.81
C VAL H 37 -33.95 -7.74 52.97
N THR H 38 -34.25 -6.45 52.91
CA THR H 38 -34.89 -5.75 54.00
C THR H 38 -36.39 -5.66 53.79
N GLN H 39 -37.10 -5.33 54.86
CA GLN H 39 -38.55 -5.30 54.85
C GLN H 39 -39.07 -3.97 54.32
N PRO H 40 -40.34 -3.92 53.91
CA PRO H 40 -40.91 -2.65 53.43
C PRO H 40 -40.89 -1.58 54.51
N VAL H 41 -40.54 -0.36 54.11
CA VAL H 41 -40.52 0.80 54.99
C VAL H 41 -41.31 1.91 54.32
N ALA H 42 -42.36 2.38 55.00
CA ALA H 42 -43.16 3.47 54.44
C ALA H 42 -42.34 4.76 54.38
N ILE H 43 -42.55 5.53 53.33
CA ILE H 43 -41.89 6.82 53.14
C ILE H 43 -42.84 7.76 52.42
N TYR H 44 -43.18 8.87 53.07
CA TYR H 44 -44.11 9.82 52.48
C TYR H 44 -43.46 10.54 51.30
N PHE H 45 -44.30 10.96 50.35
CA PHE H 45 -43.86 11.68 49.16
C PHE H 45 -44.48 13.07 49.16
N SER H 46 -43.77 14.01 48.55
CA SER H 46 -44.19 15.40 48.51
C SER H 46 -44.98 15.68 47.23
N GLU H 47 -45.43 16.93 47.10
CA GLU H 47 -46.21 17.34 45.93
C GLU H 47 -45.27 17.78 44.82
N PRO H 48 -45.75 17.81 43.57
CA PRO H 48 -44.92 18.28 42.46
C PRO H 48 -44.53 19.73 42.64
N ASP H 49 -43.31 20.06 42.17
CA ASP H 49 -42.82 21.42 42.26
C ASP H 49 -41.81 21.61 41.11
N ASN H 50 -42.26 22.21 40.02
CA ASN H 50 -41.44 22.46 38.85
C ASN H 50 -40.74 21.17 38.39
N GLY H 51 -41.58 20.18 38.09
CA GLY H 51 -41.08 18.91 37.59
C GLY H 51 -40.16 18.20 38.56
N LEU H 52 -40.56 18.10 39.83
CA LEU H 52 -39.76 17.40 40.82
C LEU H 52 -40.64 17.02 42.00
N ILE H 53 -40.19 16.00 42.74
CA ILE H 53 -40.82 15.59 43.98
C ILE H 53 -39.73 15.11 44.93
N ALA H 54 -40.12 14.75 46.14
CA ALA H 54 -39.18 14.28 47.15
C ALA H 54 -39.84 13.35 48.15
N ASN H 60 -33.83 5.57 57.44
CA ASN H 60 -32.98 4.66 58.18
C ASN H 60 -33.66 3.31 58.40
N ILE H 61 -32.99 2.25 57.98
CA ILE H 61 -33.49 0.88 58.10
C ILE H 61 -32.37 -0.01 58.59
N THR H 62 -32.72 -0.93 59.49
CA THR H 62 -31.73 -1.90 59.98
C THR H 62 -31.61 -3.06 59.00
N VAL H 63 -30.40 -3.60 58.91
CA VAL H 63 -30.10 -4.66 57.94
C VAL H 63 -29.19 -5.69 58.60
N PRO H 64 -29.72 -6.87 58.98
CA PRO H 64 -28.96 -7.94 59.64
C PRO H 64 -27.63 -8.25 58.97
N ALA H 67 -26.60 -9.42 54.70
CA ALA H 67 -25.40 -8.79 55.24
C ALA H 67 -24.71 -7.94 54.18
N THR H 68 -25.45 -7.57 53.13
CA THR H 68 -24.91 -6.74 52.06
C THR H 68 -26.04 -6.06 51.31
N VAL H 69 -25.86 -4.78 50.97
CA VAL H 69 -26.86 -4.02 50.24
C VAL H 69 -26.17 -3.17 49.19
N SER H 70 -26.72 -3.19 47.96
CA SER H 70 -26.15 -2.44 46.86
C SER H 70 -27.20 -1.68 46.05
N HIS H 71 -28.46 -2.14 46.09
CA HIS H 71 -29.52 -1.57 45.27
C HIS H 71 -30.75 -1.32 46.12
N TYR H 72 -31.70 -0.58 45.54
CA TYR H 72 -32.95 -0.24 46.22
C TYR H 72 -34.10 -0.27 45.22
N SER H 73 -35.31 -0.16 45.75
CA SER H 73 -36.52 -0.18 44.93
C SER H 73 -37.61 0.63 45.62
N LEU H 74 -38.54 1.14 44.82
CA LEU H 74 -39.66 1.92 45.32
C LEU H 74 -40.92 1.49 44.56
N TRP H 75 -42.08 1.70 45.19
CA TRP H 75 -43.34 1.43 44.52
C TRP H 75 -44.55 1.85 45.33
N ASP H 76 -45.73 1.74 44.72
CA ASP H 76 -46.99 2.12 45.34
C ASP H 76 -47.55 0.94 46.15
N ALA H 77 -48.81 1.06 46.53
CA ALA H 77 -49.46 0.09 47.41
C ALA H 77 -49.43 -1.31 46.84
N ASN H 78 -49.79 -1.46 45.56
CA ASN H 78 -49.90 -2.79 44.94
C ASN H 78 -48.56 -3.33 44.46
N ASP H 79 -47.55 -3.34 45.33
CA ASP H 79 -46.19 -3.73 44.92
C ASP H 79 -45.89 -3.07 43.57
N LYS H 80 -45.79 -3.84 42.49
CA LYS H 80 -45.68 -3.28 41.15
C LYS H 80 -44.53 -2.26 41.11
N CYS H 81 -43.32 -2.79 41.23
CA CYS H 81 -42.11 -1.97 41.27
C CYS H 81 -42.19 -0.83 40.27
N VAL H 82 -42.13 0.40 40.78
CA VAL H 82 -42.31 1.58 39.94
C VAL H 82 -40.98 2.20 39.56
N ALA H 83 -39.97 2.10 40.42
CA ALA H 83 -38.66 2.65 40.15
C ALA H 83 -37.61 1.78 40.83
N THR H 84 -36.36 1.92 40.39
CA THR H 84 -35.26 1.14 40.93
C THR H 84 -33.96 1.92 40.71
N GLY H 85 -32.87 1.40 41.24
CA GLY H 85 -31.59 2.06 41.10
C GLY H 85 -30.56 1.39 42.00
N ALA H 86 -29.40 2.05 42.11
CA ALA H 86 -28.30 1.55 42.90
C ALA H 86 -28.00 2.46 44.08
N PRO H 90 -21.89 0.37 48.45
CA PRO H 90 -22.16 -0.89 49.14
C PRO H 90 -21.57 -0.93 50.55
N GLN H 91 -22.03 -1.87 51.36
CA GLN H 91 -21.51 -2.03 52.72
C GLN H 91 -21.93 -3.39 53.23
N PHE H 92 -20.98 -4.12 53.82
CA PHE H 92 -21.26 -5.44 54.38
C PHE H 92 -21.53 -5.31 55.87
N PHE H 93 -22.75 -5.65 56.29
CA PHE H 93 -23.11 -5.61 57.70
C PHE H 93 -22.47 -6.78 58.46
N TYR H 99 -28.33 1.36 58.17
CA TYR H 99 -28.24 2.12 56.93
C TYR H 99 -28.89 3.49 57.11
N VAL H 100 -28.27 4.51 56.55
CA VAL H 100 -28.76 5.88 56.64
C VAL H 100 -29.24 6.31 55.27
N ILE H 101 -30.51 6.73 55.19
CA ILE H 101 -31.11 7.22 53.96
C ILE H 101 -31.60 8.63 54.21
N SER H 102 -30.92 9.62 53.63
CA SER H 102 -31.31 11.01 53.82
C SER H 102 -32.64 11.33 53.14
N SER H 103 -32.78 10.95 51.86
CA SER H 103 -33.99 11.27 51.11
C SER H 103 -33.98 10.59 49.74
N VAL H 104 -35.13 10.56 49.09
CA VAL H 104 -35.26 10.05 47.73
C VAL H 104 -36.07 11.05 46.93
N SER H 105 -35.55 11.46 45.77
CA SER H 105 -36.20 12.46 44.95
C SER H 105 -36.23 11.99 43.50
N VAL H 106 -37.23 12.48 42.76
CA VAL H 106 -37.41 12.17 41.36
C VAL H 106 -37.53 13.47 40.58
N ASP H 107 -37.36 13.39 39.27
CA ASP H 107 -37.47 14.55 38.41
C ASP H 107 -37.84 14.09 37.01
N LEU H 108 -37.79 15.01 36.05
CA LEU H 108 -38.12 14.71 34.68
C LEU H 108 -37.31 15.59 33.72
N GLY I 2 2.04 22.08 -14.57
CA GLY I 2 1.38 23.27 -14.06
C GLY I 2 1.77 24.52 -14.82
N THR I 3 0.93 24.90 -15.79
CA THR I 3 1.19 26.07 -16.62
C THR I 3 -0.11 26.50 -17.29
N LEU I 4 -0.23 27.81 -17.52
CA LEU I 4 -1.39 28.34 -18.21
C LEU I 4 -1.28 28.07 -19.71
N THR I 5 -2.41 27.69 -20.31
CA THR I 5 -2.45 27.48 -21.75
C THR I 5 -2.41 28.83 -22.47
N ILE I 6 -2.21 28.77 -23.78
CA ILE I 6 -2.19 30.00 -24.57
C ILE I 6 -3.52 30.72 -24.48
N ASP I 7 -4.62 29.96 -24.46
CA ASP I 7 -5.94 30.56 -24.32
C ASP I 7 -6.06 31.31 -23.00
N GLY I 8 -5.56 30.71 -21.92
CA GLY I 8 -5.61 31.38 -20.63
C GLY I 8 -4.81 32.67 -20.62
N LYS I 9 -3.63 32.66 -21.23
CA LYS I 9 -2.82 33.87 -21.30
C LYS I 9 -3.52 34.94 -22.13
N ASN I 10 -4.12 34.55 -23.27
CA ASN I 10 -4.82 35.52 -24.10
C ASN I 10 -6.00 36.13 -23.35
N LYS I 11 -6.77 35.31 -22.64
CA LYS I 11 -7.87 35.83 -21.83
C LYS I 11 -7.35 36.76 -20.75
N ILE I 12 -6.23 36.39 -20.14
CA ILE I 12 -5.72 37.12 -18.98
C ILE I 12 -5.26 38.51 -19.37
N LEU I 13 -4.50 38.61 -20.46
CA LEU I 13 -3.86 39.88 -20.81
C LEU I 13 -4.87 40.96 -21.17
N ALA I 14 -6.08 40.56 -21.62
CA ALA I 14 -7.05 41.55 -22.06
C ALA I 14 -7.49 42.48 -20.94
N THR I 15 -7.26 42.12 -19.68
CA THR I 15 -7.69 42.96 -18.57
C THR I 15 -6.68 44.05 -18.22
N LEU I 16 -5.39 43.78 -18.34
CA LEU I 16 -4.37 44.82 -18.14
C LEU I 16 -4.54 45.85 -19.24
N THR I 17 -4.96 47.06 -18.85
CA THR I 17 -5.21 48.15 -19.80
C THR I 17 -4.49 49.40 -19.29
N PRO I 18 -3.16 49.39 -19.23
CA PRO I 18 -2.43 50.60 -18.88
C PRO I 18 -2.60 51.66 -19.96
N THR I 19 -2.70 52.92 -19.52
CA THR I 19 -2.95 54.03 -20.43
C THR I 19 -2.02 55.21 -20.24
N THR I 20 -1.14 55.18 -19.23
CA THR I 20 -0.21 56.27 -19.00
C THR I 20 1.14 55.69 -18.56
N ILE I 21 2.19 56.47 -18.80
CA ILE I 21 3.55 56.09 -18.44
C ILE I 21 4.23 57.28 -17.78
N ILE I 22 4.98 57.02 -16.72
CA ILE I 22 5.69 58.06 -15.97
C ILE I 22 7.13 57.60 -15.77
N LEU I 23 8.04 58.55 -15.71
CA LEU I 23 9.45 58.27 -15.50
C LEU I 23 9.88 58.68 -14.10
N HIS I 24 10.95 58.04 -13.63
CA HIS I 24 11.50 58.31 -12.30
C HIS I 24 13.01 58.30 -12.39
N ASN I 25 13.65 58.97 -11.42
CA ASN I 25 15.09 58.92 -11.28
C ASN I 25 15.53 57.89 -10.25
N VAL I 26 14.58 57.20 -9.62
CA VAL I 26 14.87 56.09 -8.70
C VAL I 26 13.94 54.95 -9.06
N ASP I 27 14.34 53.74 -8.68
CA ASP I 27 13.54 52.56 -9.02
C ASP I 27 12.18 52.65 -8.33
N PRO I 28 11.07 52.60 -9.08
CA PRO I 28 9.76 52.73 -8.44
C PRO I 28 9.27 51.44 -7.79
N THR I 29 10.16 50.45 -7.64
CA THR I 29 9.80 49.24 -6.91
C THR I 29 9.39 49.52 -5.48
N ALA I 30 9.83 50.65 -4.91
CA ALA I 30 9.29 51.14 -3.65
C ALA I 30 7.96 51.82 -3.94
N ASP I 31 7.46 52.63 -3.01
CA ASP I 31 6.23 53.38 -3.25
C ASP I 31 6.25 53.94 -4.67
N PRO I 32 5.35 53.50 -5.56
CA PRO I 32 5.50 53.84 -6.98
C PRO I 32 5.36 55.32 -7.29
N THR I 33 4.75 56.12 -6.42
CA THR I 33 4.53 57.53 -6.67
C THR I 33 5.68 58.40 -6.20
N ALA I 34 6.77 57.81 -5.72
CA ALA I 34 7.91 58.58 -5.25
C ALA I 34 8.90 58.81 -6.39
N ASN I 35 9.63 59.91 -6.29
CA ASN I 35 10.70 60.25 -7.24
C ASN I 35 10.16 60.40 -8.67
N LYS I 36 8.95 60.92 -8.80
CA LYS I 36 8.39 61.19 -10.13
C LYS I 36 9.10 62.37 -10.76
N VAL I 37 9.45 62.24 -12.04
CA VAL I 37 10.27 63.24 -12.73
C VAL I 37 9.56 63.90 -13.89
N THR I 38 8.52 63.28 -14.44
CA THR I 38 7.84 63.81 -15.62
C THR I 38 6.34 63.63 -15.47
N GLN I 39 5.59 64.38 -16.28
CA GLN I 39 4.14 64.25 -16.31
C GLN I 39 3.75 62.98 -17.04
N PRO I 40 2.60 62.41 -16.72
CA PRO I 40 2.15 61.20 -17.42
C PRO I 40 1.87 61.46 -18.89
N VAL I 41 2.13 60.45 -19.71
CA VAL I 41 1.92 60.52 -21.15
C VAL I 41 1.12 59.31 -21.58
N ALA I 42 0.11 59.55 -22.42
CA ALA I 42 -0.78 58.47 -22.84
C ALA I 42 -0.04 57.44 -23.69
N ILE I 43 -0.41 56.18 -23.52
CA ILE I 43 0.16 55.08 -24.30
C ILE I 43 -0.93 54.05 -24.52
N TYR I 44 -0.93 53.45 -25.71
CA TYR I 44 -1.93 52.47 -26.10
C TYR I 44 -1.28 51.13 -26.37
N PHE I 45 -2.06 50.07 -26.21
CA PHE I 45 -1.60 48.71 -26.44
C PHE I 45 -2.60 47.96 -27.31
N SER I 46 -2.11 46.95 -28.02
CA SER I 46 -2.95 46.22 -28.97
C SER I 46 -3.52 44.96 -28.31
N GLU I 47 -4.24 44.17 -29.13
CA GLU I 47 -4.88 42.95 -28.66
C GLU I 47 -3.84 41.91 -28.29
N PRO I 48 -4.13 41.02 -27.34
CA PRO I 48 -3.16 39.99 -26.97
C PRO I 48 -3.14 38.84 -27.97
N ASP I 49 -1.95 38.53 -28.48
CA ASP I 49 -1.76 37.42 -29.40
C ASP I 49 -0.53 36.66 -28.94
N ASN I 50 -0.70 35.36 -28.76
CA ASN I 50 0.37 34.49 -28.27
C ASN I 50 0.82 34.90 -26.88
N GLY I 51 -0.08 35.45 -26.08
CA GLY I 51 0.26 35.86 -24.73
C GLY I 51 1.17 37.06 -24.66
N LEU I 52 1.12 37.95 -25.64
CA LEU I 52 1.99 39.12 -25.68
C LEU I 52 1.23 40.30 -26.30
N ILE I 53 1.42 41.48 -25.72
CA ILE I 53 0.81 42.71 -26.20
C ILE I 53 1.92 43.71 -26.48
N ALA I 54 1.73 44.51 -27.54
CA ALA I 54 2.72 45.49 -27.96
C ALA I 54 2.08 46.86 -28.08
N SER I 55 2.90 47.89 -27.88
CA SER I 55 2.42 49.26 -27.98
C SER I 55 2.05 49.58 -29.42
N GLU I 56 0.98 50.37 -29.59
CA GLU I 56 0.47 50.67 -30.92
C GLU I 56 1.39 51.64 -31.66
N ASP I 57 1.84 52.70 -30.99
CA ASP I 57 2.58 53.76 -31.65
C ASP I 57 3.65 54.30 -30.71
N THR I 58 4.52 55.15 -31.26
CA THR I 58 5.59 55.76 -30.48
C THR I 58 5.02 56.79 -29.52
N VAL I 59 5.74 57.04 -28.43
CA VAL I 59 5.35 57.99 -27.41
C VAL I 59 6.51 58.93 -27.13
N ASN I 60 6.22 60.22 -27.09
CA ASN I 60 7.21 61.25 -26.80
C ASN I 60 6.97 61.78 -25.39
N ILE I 61 8.03 61.83 -24.58
CA ILE I 61 7.96 62.26 -23.20
C ILE I 61 8.87 63.47 -23.04
N THR I 62 8.34 64.54 -22.44
CA THR I 62 9.13 65.75 -22.22
C THR I 62 9.85 65.65 -20.89
N VAL I 63 11.17 65.60 -20.93
CA VAL I 63 12.01 65.56 -19.74
C VAL I 63 12.28 66.99 -19.30
N PRO I 64 11.89 67.40 -18.10
CA PRO I 64 12.15 68.78 -17.68
C PRO I 64 13.63 69.07 -17.61
N ALA I 65 13.97 70.33 -17.88
CA ALA I 65 15.38 70.73 -17.96
C ALA I 65 16.10 70.43 -16.64
N SER I 66 17.33 69.94 -16.77
CA SER I 66 18.21 69.63 -15.64
C SER I 66 17.79 68.38 -14.89
N ALA I 67 16.82 67.62 -15.40
CA ALA I 67 16.36 66.43 -14.71
C ALA I 67 17.14 65.20 -15.16
N THR I 68 16.96 64.11 -14.43
CA THR I 68 17.60 62.83 -14.72
C THR I 68 16.54 61.73 -14.70
N VAL I 69 16.71 60.75 -15.59
CA VAL I 69 15.79 59.62 -15.70
C VAL I 69 16.60 58.34 -15.70
N SER I 70 16.18 57.39 -14.85
CA SER I 70 16.87 56.11 -14.72
C SER I 70 15.90 54.94 -14.68
N HIS I 71 14.60 55.22 -14.56
CA HIS I 71 13.60 54.17 -14.43
C HIS I 71 12.28 54.65 -15.02
N TYR I 72 11.28 53.78 -14.96
CA TYR I 72 9.96 54.06 -15.52
C TYR I 72 8.94 53.17 -14.82
N SER I 73 7.67 53.47 -15.05
CA SER I 73 6.57 52.70 -14.49
C SER I 73 5.31 52.97 -15.29
N LEU I 74 4.48 51.93 -15.42
CA LEU I 74 3.22 52.01 -16.15
C LEU I 74 2.06 52.10 -15.15
N TRP I 75 1.07 52.91 -15.49
CA TRP I 75 -0.06 53.17 -14.63
C TRP I 75 -1.35 52.97 -15.42
N ASP I 76 -2.44 52.71 -14.71
CA ASP I 76 -3.73 52.51 -15.35
C ASP I 76 -4.17 53.76 -16.09
N ASN I 78 -8.13 53.72 -10.51
CA ASN I 78 -7.77 53.60 -11.92
C ASN I 78 -6.39 54.21 -12.13
N ASP I 79 -5.61 54.30 -11.05
CA ASP I 79 -4.27 54.84 -11.13
C ASP I 79 -3.22 53.76 -10.91
N LYS I 80 -3.61 52.65 -10.29
CA LYS I 80 -2.68 51.61 -9.81
C LYS I 80 -1.55 51.35 -10.79
N CYS I 81 -0.31 51.35 -10.28
CA CYS I 81 0.86 51.03 -11.09
C CYS I 81 0.93 49.53 -11.32
N VAL I 82 0.91 49.12 -12.60
CA VAL I 82 0.88 47.70 -12.92
C VAL I 82 2.24 47.15 -13.29
N ALA I 83 3.21 48.00 -13.61
CA ALA I 83 4.52 47.51 -14.04
C ALA I 83 5.59 48.52 -13.66
N THR I 84 6.83 48.03 -13.59
CA THR I 84 7.98 48.87 -13.29
C THR I 84 9.20 48.26 -13.99
N GLY I 85 10.22 49.10 -14.18
CA GLY I 85 11.43 48.65 -14.84
C GLY I 85 12.45 49.77 -14.90
N ALA I 86 13.66 49.39 -15.30
CA ALA I 86 14.76 50.34 -15.41
C ALA I 86 15.05 50.65 -16.87
N LEU I 87 15.32 51.93 -17.15
CA LEU I 87 15.64 52.36 -18.50
C LEU I 87 17.00 51.80 -18.91
N SER I 88 17.22 51.73 -20.22
CA SER I 88 18.45 51.15 -20.76
C SER I 88 19.70 51.89 -20.31
N LYS I 89 19.58 53.16 -19.89
CA LYS I 89 20.75 53.93 -19.50
C LYS I 89 20.29 55.16 -18.73
N PRO I 90 20.87 55.45 -17.56
CA PRO I 90 20.55 56.71 -16.90
C PRO I 90 21.05 57.88 -17.72
N GLN I 91 20.16 58.85 -17.97
CA GLN I 91 20.43 59.97 -18.86
C GLN I 91 20.31 61.27 -18.09
N PHE I 92 21.26 62.17 -18.30
CA PHE I 92 21.27 63.49 -17.65
C PHE I 92 20.86 64.52 -18.68
N PHE I 93 19.61 64.96 -18.63
CA PHE I 93 19.10 66.01 -19.52
C PHE I 93 19.54 67.35 -18.95
N ALA I 94 20.72 67.81 -19.39
CA ALA I 94 21.21 69.11 -18.93
C ALA I 94 20.24 70.22 -19.26
N GLU I 95 19.44 70.05 -20.32
CA GLU I 95 18.39 70.99 -20.68
C GLU I 95 17.16 70.19 -21.12
N GLU I 96 16.07 70.91 -21.36
CA GLU I 96 14.84 70.26 -21.77
C GLU I 96 15.05 69.47 -23.06
N GLY I 97 14.47 68.28 -23.11
CA GLY I 97 14.64 67.42 -24.27
C GLY I 97 13.51 66.43 -24.37
N ILE I 98 13.67 65.49 -25.30
CA ILE I 98 12.64 64.49 -25.59
C ILE I 98 13.25 63.10 -25.40
N TYR I 99 12.54 62.27 -24.65
CA TYR I 99 12.87 60.85 -24.50
C TYR I 99 11.84 60.03 -25.26
N VAL I 100 12.31 59.14 -26.13
CA VAL I 100 11.45 58.43 -27.07
C VAL I 100 11.36 56.97 -26.64
N ILE I 101 10.13 56.47 -26.53
CA ILE I 101 9.86 55.06 -26.30
C ILE I 101 9.37 54.48 -27.63
N SER I 102 10.25 53.79 -28.35
CA SER I 102 9.88 53.26 -29.65
C SER I 102 8.69 52.32 -29.55
N SER I 103 8.77 51.34 -28.65
CA SER I 103 7.67 50.42 -28.42
C SER I 103 8.02 49.54 -27.22
N VAL I 104 6.99 49.20 -26.45
CA VAL I 104 7.14 48.37 -25.25
C VAL I 104 6.05 47.32 -25.27
N SER I 105 6.40 46.12 -24.81
CA SER I 105 5.48 44.98 -24.82
C SER I 105 5.49 44.30 -23.46
N VAL I 106 4.38 43.64 -23.16
CA VAL I 106 4.19 42.90 -21.92
C VAL I 106 3.99 41.43 -22.28
N ASP I 107 4.66 40.55 -21.55
CA ASP I 107 4.67 39.13 -21.87
C ASP I 107 4.30 38.31 -20.64
N LEU I 108 3.81 37.09 -20.90
CA LEU I 108 3.52 36.12 -19.86
C LEU I 108 4.32 34.83 -20.06
N ASN I 109 5.31 34.85 -20.95
CA ASN I 109 6.10 33.67 -21.25
C ASN I 109 7.47 33.74 -20.59
N THR J 3 8.08 44.12 -15.98
CA THR J 3 7.91 43.36 -14.76
C THR J 3 6.66 43.82 -14.01
N LEU J 4 5.76 42.88 -13.75
CA LEU J 4 4.48 43.21 -13.13
C LEU J 4 4.63 43.38 -11.62
N THR J 5 3.87 44.32 -11.07
CA THR J 5 3.81 44.51 -9.63
C THR J 5 2.77 43.57 -9.02
N ILE J 6 2.75 43.51 -7.69
CA ILE J 6 1.79 42.65 -7.00
C ILE J 6 0.37 43.09 -7.31
N ASP J 7 0.12 44.40 -7.33
CA ASP J 7 -1.22 44.89 -7.60
C ASP J 7 -1.70 44.50 -8.99
N GLY J 8 -0.83 44.62 -10.00
CA GLY J 8 -1.20 44.19 -11.33
C GLY J 8 -1.47 42.70 -11.39
N LYS J 9 -0.64 41.90 -10.70
CA LYS J 9 -0.85 40.47 -10.66
C LYS J 9 -2.22 40.14 -10.07
N ASN J 10 -2.58 40.77 -8.96
CA ASN J 10 -3.89 40.53 -8.36
C ASN J 10 -5.02 40.99 -9.26
N LYS J 11 -4.86 42.14 -9.91
CA LYS J 11 -5.85 42.58 -10.89
C LYS J 11 -6.02 41.55 -12.00
N ILE J 12 -4.96 40.82 -12.31
CA ILE J 12 -4.99 39.87 -13.41
C ILE J 12 -5.69 38.58 -12.99
N LEU J 13 -5.24 37.99 -11.87
CA LEU J 13 -5.72 36.66 -11.50
C LEU J 13 -7.21 36.65 -11.21
N ALA J 14 -7.78 37.78 -10.80
CA ALA J 14 -9.18 37.80 -10.41
C ALA J 14 -10.11 37.45 -11.57
N THR J 15 -9.64 37.61 -12.80
CA THR J 15 -10.48 37.38 -13.97
C THR J 15 -10.26 36.01 -14.62
N LEU J 16 -9.39 35.18 -14.07
CA LEU J 16 -9.18 33.85 -14.64
C LEU J 16 -10.43 32.98 -14.48
N THR J 17 -11.00 32.95 -13.28
CA THR J 17 -12.26 32.29 -12.99
C THR J 17 -12.31 30.85 -13.49
N PRO J 18 -11.39 29.99 -13.08
CA PRO J 18 -11.58 28.55 -13.32
C PRO J 18 -12.74 28.01 -12.51
N THR J 19 -13.46 27.05 -13.08
CA THR J 19 -14.72 26.61 -12.49
C THR J 19 -14.83 25.09 -12.39
N THR J 20 -14.14 24.35 -13.24
CA THR J 20 -14.26 22.89 -13.25
C THR J 20 -12.91 22.27 -13.54
N ILE J 21 -12.81 20.97 -13.27
CA ILE J 21 -11.59 20.20 -13.44
C ILE J 21 -11.93 18.86 -14.08
N ILE J 22 -11.10 18.43 -15.03
CA ILE J 22 -11.23 17.15 -15.70
C ILE J 22 -9.88 16.43 -15.60
N LEU J 23 -9.93 15.10 -15.67
CA LEU J 23 -8.75 14.27 -15.55
C LEU J 23 -8.52 13.51 -16.85
N HIS J 24 -7.26 13.44 -17.27
CA HIS J 24 -6.86 12.75 -18.48
C HIS J 24 -5.82 11.69 -18.13
N ASN J 25 -5.61 10.76 -19.06
CA ASN J 25 -4.54 9.77 -18.92
C ASN J 25 -3.35 10.07 -19.81
N VAL J 26 -3.56 10.77 -20.93
CA VAL J 26 -2.48 11.23 -21.79
C VAL J 26 -2.24 12.70 -21.47
N ASP J 27 -1.05 13.20 -21.75
CA ASP J 27 -0.73 14.59 -21.46
C ASP J 27 -1.65 15.49 -22.26
N PRO J 28 -2.47 16.35 -21.62
CA PRO J 28 -3.39 17.20 -22.37
C PRO J 28 -2.79 18.52 -22.83
N THR J 29 -1.48 18.73 -22.68
CA THR J 29 -0.88 20.01 -23.04
C THR J 29 -1.07 20.31 -24.52
N ALA J 30 -0.86 19.34 -25.39
CA ALA J 30 -0.98 19.54 -26.83
C ALA J 30 -2.43 19.61 -27.29
N ASP J 31 -3.32 18.84 -26.68
CA ASP J 31 -4.72 18.82 -27.06
C ASP J 31 -5.59 18.45 -25.87
N PRO J 32 -6.26 19.41 -25.23
CA PRO J 32 -7.07 19.10 -24.05
C PRO J 32 -8.44 18.50 -24.35
N THR J 33 -8.86 18.45 -25.61
CA THR J 33 -10.18 17.95 -25.93
C THR J 33 -10.24 16.42 -25.93
N ALA J 34 -9.09 15.77 -25.99
CA ALA J 34 -9.05 14.32 -26.15
C ALA J 34 -8.58 13.64 -24.86
N ASN J 35 -8.83 12.33 -24.80
CA ASN J 35 -8.34 11.47 -23.72
C ASN J 35 -9.01 11.79 -22.37
N LYS J 36 -10.22 12.33 -22.39
CA LYS J 36 -10.94 12.54 -21.14
C LYS J 36 -11.26 11.20 -20.50
N VAL J 37 -11.23 11.15 -19.16
CA VAL J 37 -11.46 9.92 -18.42
C VAL J 37 -12.59 10.06 -17.40
N THR J 38 -12.88 11.27 -16.92
CA THR J 38 -13.91 11.48 -15.91
C THR J 38 -14.75 12.68 -16.29
N GLN J 39 -15.96 12.73 -15.71
CA GLN J 39 -16.87 13.82 -15.99
C GLN J 39 -16.41 15.10 -15.28
N PRO J 40 -16.72 16.28 -15.82
CA PRO J 40 -16.32 17.52 -15.16
C PRO J 40 -16.89 17.61 -13.75
N VAL J 41 -16.11 18.21 -12.85
CA VAL J 41 -16.52 18.42 -11.47
C VAL J 41 -16.26 19.87 -11.11
N ALA J 42 -17.00 20.37 -10.12
CA ALA J 42 -16.92 21.77 -9.74
C ALA J 42 -15.74 22.00 -8.79
N ILE J 43 -15.16 23.19 -8.91
CA ILE J 43 -14.04 23.61 -8.07
C ILE J 43 -14.16 25.10 -7.83
N TYR J 44 -13.69 25.56 -6.67
CA TYR J 44 -13.81 26.95 -6.25
C TYR J 44 -12.47 27.47 -5.79
N PHE J 45 -12.26 28.78 -5.98
CA PHE J 45 -11.00 29.43 -5.65
C PHE J 45 -11.26 30.71 -4.87
N SER J 46 -10.24 31.15 -4.14
CA SER J 46 -10.32 32.39 -3.39
C SER J 46 -9.73 33.54 -4.21
N GLU J 47 -10.00 34.76 -3.76
CA GLU J 47 -9.52 35.93 -4.46
C GLU J 47 -8.00 36.01 -4.38
N PRO J 48 -7.35 36.63 -5.37
CA PRO J 48 -5.89 36.58 -5.42
C PRO J 48 -5.23 37.37 -4.31
N ASP J 49 -4.03 36.92 -3.94
CA ASP J 49 -3.15 37.68 -3.07
C ASP J 49 -1.72 37.22 -3.32
N ASN J 50 -0.79 38.17 -3.29
CA ASN J 50 0.61 37.92 -3.63
C ASN J 50 0.71 37.24 -5.00
N GLY J 51 -0.22 37.55 -5.89
CA GLY J 51 -0.24 36.90 -7.19
C GLY J 51 -0.44 35.40 -7.11
N LEU J 52 -1.39 34.96 -6.29
CA LEU J 52 -1.63 33.54 -6.08
C LEU J 52 -3.08 33.31 -5.69
N ILE J 53 -3.67 32.23 -6.22
CA ILE J 53 -5.02 31.82 -5.87
C ILE J 53 -4.99 30.34 -5.50
N ALA J 54 -5.78 29.98 -4.50
CA ALA J 54 -5.81 28.62 -3.99
C ALA J 54 -7.24 28.12 -3.89
N SER J 55 -7.41 26.81 -4.00
CA SER J 55 -8.73 26.21 -3.90
C SER J 55 -9.27 26.36 -2.49
N GLU J 56 -10.60 26.50 -2.38
CA GLU J 56 -11.23 26.76 -1.10
C GLU J 56 -11.62 25.49 -0.36
N ASP J 57 -11.60 24.33 -1.02
CA ASP J 57 -11.98 23.08 -0.36
C ASP J 57 -11.55 21.90 -1.24
N THR J 58 -11.67 20.70 -0.67
CA THR J 58 -11.31 19.49 -1.40
C THR J 58 -12.40 19.14 -2.40
N VAL J 59 -11.98 18.48 -3.48
CA VAL J 59 -12.88 18.03 -4.54
C VAL J 59 -12.73 16.53 -4.69
N ASN J 60 -13.85 15.80 -4.56
CA ASN J 60 -13.86 14.35 -4.69
C ASN J 60 -14.29 13.99 -6.10
N ILE J 61 -13.43 13.28 -6.82
CA ILE J 61 -13.67 12.89 -8.21
C ILE J 61 -13.85 11.38 -8.24
N THR J 62 -14.89 10.92 -8.94
CA THR J 62 -15.13 9.50 -9.10
C THR J 62 -14.55 9.02 -10.42
N VAL J 63 -13.74 7.96 -10.36
CA VAL J 63 -13.04 7.42 -11.52
C VAL J 63 -13.66 6.08 -11.87
N PRO J 64 -13.90 5.78 -13.14
CA PRO J 64 -14.48 4.48 -13.49
C PRO J 64 -13.47 3.35 -13.32
N ALA J 65 -14.00 2.13 -13.26
CA ALA J 65 -13.17 0.96 -13.06
C ALA J 65 -12.25 0.72 -14.25
N SER J 66 -11.05 0.23 -13.96
CA SER J 66 -10.05 -0.13 -14.95
C SER J 66 -9.48 1.08 -15.69
N ALA J 67 -9.70 2.28 -15.20
CA ALA J 67 -9.18 3.48 -15.84
C ALA J 67 -7.92 3.97 -15.12
N THR J 68 -7.19 4.84 -15.79
CA THR J 68 -5.96 5.42 -15.27
C THR J 68 -6.00 6.94 -15.42
N VAL J 69 -5.39 7.63 -14.46
CA VAL J 69 -5.33 9.08 -14.46
C VAL J 69 -3.88 9.51 -14.22
N SER J 70 -3.41 10.43 -15.06
CA SER J 70 -2.05 10.94 -14.98
C SER J 70 -1.94 12.45 -15.06
N HIS J 71 -2.95 13.16 -15.55
CA HIS J 71 -2.90 14.62 -15.67
C HIS J 71 -4.27 15.19 -15.35
N TYR J 72 -4.33 16.53 -15.33
CA TYR J 72 -5.57 17.24 -15.07
C TYR J 72 -5.66 18.46 -15.98
N SER J 73 -6.79 19.15 -15.89
CA SER J 73 -7.01 20.38 -16.66
C SER J 73 -8.15 21.16 -16.02
N LEU J 74 -8.09 22.48 -16.12
CA LEU J 74 -9.10 23.37 -15.59
C LEU J 74 -9.81 24.08 -16.74
N TRP J 75 -11.13 24.27 -16.59
CA TRP J 75 -11.96 24.83 -17.63
C TRP J 75 -12.74 26.01 -17.07
N ASP J 76 -13.03 26.99 -17.94
CA ASP J 76 -13.73 28.19 -17.51
C ASP J 76 -15.23 27.93 -17.44
N ALA J 77 -15.97 28.99 -17.15
CA ALA J 77 -17.43 28.95 -17.17
C ALA J 77 -17.93 28.87 -18.61
N ASN J 78 -17.02 29.06 -19.57
CA ASN J 78 -17.35 29.01 -20.99
C ASN J 78 -16.44 28.04 -21.72
N ASP J 79 -16.29 26.84 -21.16
CA ASP J 79 -15.69 25.69 -21.84
C ASP J 79 -14.42 26.04 -22.62
N LYS J 80 -13.45 26.61 -21.90
CA LYS J 80 -12.11 26.82 -22.44
C LYS J 80 -11.07 26.33 -21.44
N CYS J 81 -10.05 25.63 -21.95
CA CYS J 81 -8.99 25.12 -21.10
C CYS J 81 -7.98 26.22 -20.83
N VAL J 82 -7.67 26.44 -19.55
CA VAL J 82 -6.78 27.53 -19.16
C VAL J 82 -5.56 27.05 -18.37
N ALA J 83 -5.54 25.81 -17.90
CA ALA J 83 -4.41 25.33 -17.13
C ALA J 83 -4.31 23.81 -17.28
N THR J 84 -3.08 23.32 -17.26
CA THR J 84 -2.81 21.90 -17.35
C THR J 84 -1.63 21.55 -16.46
N GLY J 85 -1.55 20.28 -16.06
CA GLY J 85 -0.49 19.85 -15.19
C GLY J 85 -0.54 18.34 -15.01
N ALA J 86 0.48 17.84 -14.31
CA ALA J 86 0.59 16.41 -14.08
C ALA J 86 0.33 16.07 -12.62
N LEU J 87 -0.20 14.88 -12.39
CA LEU J 87 -0.45 14.41 -11.03
C LEU J 87 0.85 13.92 -10.40
N SER J 88 0.80 13.74 -9.07
CA SER J 88 1.97 13.24 -8.36
C SER J 88 2.37 11.84 -8.81
N LYS J 89 1.40 10.96 -9.04
CA LYS J 89 1.66 9.60 -9.50
C LYS J 89 0.68 9.24 -10.59
N PRO J 90 1.08 8.41 -11.55
CA PRO J 90 0.09 7.74 -12.40
C PRO J 90 -0.65 6.68 -11.59
N GLN J 91 -1.96 6.84 -11.47
CA GLN J 91 -2.78 6.01 -10.59
C GLN J 91 -3.71 5.15 -11.41
N PHE J 92 -3.67 3.84 -11.18
CA PHE J 92 -4.56 2.89 -11.83
C PHE J 92 -5.60 2.41 -10.83
N PHE J 93 -6.87 2.47 -11.23
CA PHE J 93 -7.99 2.08 -10.37
C PHE J 93 -8.45 0.68 -10.79
N ALA J 94 -8.23 -0.30 -9.92
CA ALA J 94 -8.73 -1.64 -10.18
C ALA J 94 -10.26 -1.64 -10.23
N GLU J 95 -10.88 -0.87 -9.33
CA GLU J 95 -12.33 -0.74 -9.29
C GLU J 95 -12.67 0.72 -8.99
N GLU J 96 -13.94 1.05 -9.16
CA GLU J 96 -14.37 2.43 -8.99
C GLU J 96 -14.00 2.94 -7.60
N GLY J 97 -13.48 4.16 -7.55
CA GLY J 97 -13.04 4.76 -6.30
C GLY J 97 -13.06 6.26 -6.40
N ILE J 98 -12.56 6.90 -5.35
CA ILE J 98 -12.55 8.35 -5.24
C ILE J 98 -11.11 8.83 -5.19
N TYR J 99 -10.74 9.69 -6.14
CA TYR J 99 -9.47 10.39 -6.11
C TYR J 99 -9.68 11.76 -5.47
N VAL J 100 -8.93 12.05 -4.42
CA VAL J 100 -9.15 13.24 -3.59
C VAL J 100 -8.16 14.31 -4.01
N ILE J 101 -8.68 15.48 -4.34
CA ILE J 101 -7.85 16.65 -4.67
C ILE J 101 -7.73 17.48 -3.41
N SER J 102 -6.55 17.45 -2.78
CA SER J 102 -6.35 18.19 -1.55
C SER J 102 -6.42 19.70 -1.78
N SER J 103 -5.70 20.18 -2.80
CA SER J 103 -5.69 21.62 -3.10
C SER J 103 -4.89 21.83 -4.37
N VAL J 104 -5.11 23.00 -4.97
CA VAL J 104 -4.40 23.39 -6.19
C VAL J 104 -4.36 24.91 -6.25
N SER J 105 -3.26 25.45 -6.76
CA SER J 105 -3.06 26.89 -6.82
C SER J 105 -2.37 27.24 -8.14
N VAL J 106 -2.52 28.50 -8.54
CA VAL J 106 -1.93 29.03 -9.77
C VAL J 106 -1.05 30.22 -9.39
N ASP J 107 0.18 30.23 -9.88
CA ASP J 107 1.15 31.25 -9.52
C ASP J 107 1.46 32.16 -10.70
N LEU J 108 1.86 33.39 -10.38
CA LEU J 108 2.42 34.33 -11.35
C LEU J 108 3.80 34.81 -10.91
N ASN J 109 4.37 34.21 -9.87
CA ASN J 109 5.64 34.64 -9.31
C ASN J 109 6.85 34.00 -9.97
N THR K 3 35.74 91.08 -54.22
CA THR K 3 34.35 90.98 -54.64
C THR K 3 34.15 89.75 -55.50
N LEU K 4 34.37 88.58 -54.90
CA LEU K 4 34.27 87.33 -55.65
C LEU K 4 32.84 87.07 -56.10
N THR K 5 32.70 86.44 -57.26
CA THR K 5 31.40 85.99 -57.72
C THR K 5 31.02 84.68 -57.01
N ILE K 6 29.79 84.23 -57.26
CA ILE K 6 29.30 83.01 -56.61
C ILE K 6 30.17 81.83 -57.01
N ASP K 7 30.63 81.80 -58.27
CA ASP K 7 31.48 80.70 -58.72
C ASP K 7 32.77 80.63 -57.92
N GLY K 8 33.40 81.78 -57.67
CA GLY K 8 34.62 81.79 -56.88
C GLY K 8 34.38 81.32 -55.46
N LYS K 9 33.28 81.75 -54.85
CA LYS K 9 32.96 81.31 -53.49
C LYS K 9 32.71 79.81 -53.45
N ASN K 10 32.03 79.27 -54.46
CA ASN K 10 31.77 77.83 -54.48
C ASN K 10 33.06 77.04 -54.68
N LYS K 11 33.92 77.49 -55.58
CA LYS K 11 35.21 76.80 -55.77
C LYS K 11 36.04 76.86 -54.50
N ILE K 12 36.05 78.01 -53.84
CA ILE K 12 36.84 78.18 -52.62
C ILE K 12 36.35 77.24 -51.53
N LEU K 13 35.04 77.21 -51.30
CA LEU K 13 34.52 76.49 -50.15
C LEU K 13 34.61 74.98 -50.33
N ALA K 14 34.75 74.51 -51.56
CA ALA K 14 34.81 73.07 -51.81
C ALA K 14 36.07 72.46 -51.23
N THR K 15 37.08 73.29 -50.94
CA THR K 15 38.35 72.80 -50.45
C THR K 15 38.47 72.82 -48.94
N LEU K 16 37.46 73.33 -48.23
CA LEU K 16 37.45 73.21 -46.77
C LEU K 16 36.97 71.81 -46.39
N THR K 17 37.77 71.12 -45.58
CA THR K 17 37.47 69.76 -45.16
C THR K 17 37.64 69.61 -43.65
N PRO K 18 36.84 70.30 -42.86
CA PRO K 18 36.89 70.13 -41.40
C PRO K 18 36.32 68.79 -40.98
N THR K 19 37.19 67.90 -40.49
CA THR K 19 36.76 66.53 -40.20
C THR K 19 36.24 66.39 -38.77
N THR K 20 36.73 67.20 -37.83
CA THR K 20 36.37 67.02 -36.43
C THR K 20 36.15 68.39 -35.79
N ILE K 21 35.56 68.35 -34.59
CA ILE K 21 35.30 69.55 -33.80
C ILE K 21 35.73 69.27 -32.36
N ILE K 22 36.13 70.33 -31.67
CA ILE K 22 36.56 70.25 -30.28
C ILE K 22 36.04 71.47 -29.52
N LEU K 23 35.61 71.25 -28.29
CA LEU K 23 35.09 72.32 -27.46
C LEU K 23 36.16 72.82 -26.49
N HIS K 24 36.12 74.11 -26.19
CA HIS K 24 37.09 74.74 -25.32
C HIS K 24 36.37 75.61 -24.30
N ASN K 25 36.90 75.65 -23.07
CA ASN K 25 36.40 76.57 -22.06
C ASN K 25 37.06 77.93 -22.15
N VAL K 26 38.36 77.97 -22.44
CA VAL K 26 39.01 79.24 -22.74
C VAL K 26 38.91 79.50 -24.25
N ASP K 27 39.06 80.76 -24.62
CA ASP K 27 38.96 81.12 -26.03
C ASP K 27 40.12 80.47 -26.80
N PRO K 28 39.84 79.63 -27.79
CA PRO K 28 40.91 78.99 -28.56
C PRO K 28 41.45 79.82 -29.72
N THR K 29 40.88 80.99 -29.99
CA THR K 29 41.36 81.80 -31.10
C THR K 29 42.81 82.20 -30.90
N ALA K 30 43.15 82.64 -29.69
CA ALA K 30 44.54 83.01 -29.40
C ALA K 30 45.45 81.79 -29.35
N ASP K 31 44.96 80.67 -28.82
CA ASP K 31 45.74 79.45 -28.71
C ASP K 31 44.79 78.26 -28.86
N PRO K 32 44.64 77.72 -30.07
CA PRO K 32 43.68 76.63 -30.27
C PRO K 32 44.17 75.26 -29.83
N THR K 33 45.41 75.15 -29.34
CA THR K 33 45.98 73.85 -29.01
C THR K 33 45.68 73.43 -27.57
N ALA K 34 45.43 74.39 -26.69
CA ALA K 34 45.24 74.10 -25.27
C ALA K 34 43.77 74.26 -24.88
N ASN K 35 43.48 73.91 -23.62
CA ASN K 35 42.15 74.05 -23.04
C ASN K 35 41.13 73.13 -23.70
N LYS K 36 41.48 71.86 -23.88
CA LYS K 36 40.56 70.88 -24.45
C LYS K 36 39.56 70.43 -23.40
N VAL K 37 38.27 70.65 -23.67
CA VAL K 37 37.23 70.20 -22.75
C VAL K 37 36.73 68.81 -23.13
N THR K 38 36.44 68.61 -24.41
CA THR K 38 35.88 67.35 -24.90
C THR K 38 36.77 66.81 -26.01
N GLN K 39 36.70 65.49 -26.20
CA GLN K 39 37.50 64.82 -27.22
C GLN K 39 36.96 65.10 -28.61
N PRO K 40 37.77 64.90 -29.64
CA PRO K 40 37.31 65.18 -31.01
C PRO K 40 36.08 64.35 -31.37
N VAL K 41 35.16 64.98 -32.10
CA VAL K 41 33.94 64.33 -32.58
C VAL K 41 33.81 64.62 -34.07
N ALA K 42 33.57 63.57 -34.85
CA ALA K 42 33.50 63.72 -36.30
C ALA K 42 32.30 64.55 -36.71
N ILE K 43 32.48 65.37 -37.73
CA ILE K 43 31.42 66.19 -38.30
C ILE K 43 31.49 66.07 -39.82
N TYR K 44 30.35 66.24 -40.47
CA TYR K 44 30.22 66.07 -41.91
C TYR K 44 29.62 67.34 -42.51
N PHE K 45 30.11 67.71 -43.69
CA PHE K 45 29.74 68.97 -44.34
C PHE K 45 29.21 68.69 -45.74
N SER K 46 28.27 69.53 -46.18
CA SER K 46 27.61 69.34 -47.47
C SER K 46 28.40 70.05 -48.57
N GLU K 47 27.85 69.99 -49.78
CA GLU K 47 28.47 70.66 -50.91
C GLU K 47 28.16 72.16 -50.86
N PRO K 48 29.07 73.00 -51.36
CA PRO K 48 28.83 74.45 -51.31
C PRO K 48 27.68 74.87 -52.22
N ASP K 49 26.98 75.92 -51.81
CA ASP K 49 25.89 76.49 -52.58
C ASP K 49 25.74 77.96 -52.19
N ASN K 50 25.77 78.83 -53.20
CA ASN K 50 25.70 80.27 -52.96
C ASN K 50 26.75 80.70 -51.96
N GLY K 51 27.95 80.14 -52.06
CA GLY K 51 29.02 80.50 -51.16
C GLY K 51 28.74 80.21 -49.70
N LEU K 52 28.18 79.05 -49.39
CA LEU K 52 27.92 78.68 -48.01
C LEU K 52 27.84 77.16 -47.91
N ILE K 53 28.28 76.64 -46.76
CA ILE K 53 28.20 75.23 -46.44
C ILE K 53 27.67 75.08 -45.03
N ALA K 54 27.10 73.90 -44.74
CA ALA K 54 26.58 73.60 -43.42
C ALA K 54 26.74 72.11 -43.16
N SER K 55 26.76 71.74 -41.88
CA SER K 55 26.90 70.33 -41.52
C SER K 55 25.62 69.58 -41.84
N GLU K 56 25.77 68.36 -42.37
CA GLU K 56 24.64 67.62 -42.89
C GLU K 56 23.77 66.99 -41.81
N ASP K 57 24.29 66.83 -40.59
CA ASP K 57 23.55 66.13 -39.55
C ASP K 57 23.97 66.64 -38.19
N THR K 58 23.17 66.31 -37.18
CA THR K 58 23.43 66.78 -35.82
C THR K 58 24.67 66.09 -35.25
N VAL K 59 25.23 66.71 -34.21
CA VAL K 59 26.43 66.21 -33.54
C VAL K 59 26.15 66.17 -32.04
N ASN K 60 26.52 65.06 -31.40
CA ASN K 60 26.39 64.91 -29.96
C ASN K 60 27.77 64.76 -29.34
N ILE K 61 27.99 65.45 -28.23
CA ILE K 61 29.29 65.52 -27.57
C ILE K 61 29.10 65.23 -26.08
N THR K 62 30.00 64.44 -25.52
CA THR K 62 29.96 64.13 -24.10
C THR K 62 30.86 65.08 -23.33
N VAL K 63 30.27 65.95 -22.52
CA VAL K 63 31.02 66.94 -21.74
C VAL K 63 31.42 66.28 -20.42
N PRO K 64 32.70 66.30 -20.05
CA PRO K 64 33.12 65.61 -18.83
C PRO K 64 32.55 66.25 -17.59
N ALA K 65 32.88 65.66 -16.44
CA ALA K 65 32.30 66.07 -15.17
C ALA K 65 32.77 67.46 -14.77
N SER K 66 31.84 68.23 -14.20
CA SER K 66 32.16 69.53 -13.62
C SER K 66 32.83 70.46 -14.62
N ALA K 67 32.51 70.30 -15.90
CA ALA K 67 33.13 71.10 -16.94
C ALA K 67 32.13 72.11 -17.51
N THR K 68 32.66 73.13 -18.19
CA THR K 68 31.86 74.15 -18.85
C THR K 68 32.42 74.38 -20.25
N VAL K 69 31.53 74.74 -21.18
CA VAL K 69 31.88 74.90 -22.58
C VAL K 69 31.58 76.33 -23.00
N SER K 70 32.54 76.93 -23.71
CA SER K 70 32.42 78.33 -24.10
C SER K 70 32.60 78.53 -25.60
N HIS K 71 33.45 77.73 -26.24
CA HIS K 71 33.79 77.92 -27.64
C HIS K 71 33.99 76.57 -28.32
N TYR K 72 34.44 76.62 -29.56
CA TYR K 72 34.69 75.44 -30.36
C TYR K 72 35.77 75.74 -31.40
N SER K 73 36.32 74.68 -31.98
CA SER K 73 37.38 74.80 -32.97
C SER K 73 37.34 73.59 -33.89
N LEU K 74 37.51 73.85 -35.19
CA LEU K 74 37.45 72.82 -36.22
C LEU K 74 38.86 72.38 -36.59
N TRP K 75 39.01 71.09 -36.87
CA TRP K 75 40.31 70.51 -37.18
C TRP K 75 40.20 69.57 -38.37
N ASP K 76 41.33 69.33 -39.03
CA ASP K 76 41.37 68.41 -40.16
C ASP K 76 42.81 68.00 -40.48
N LYS K 80 45.68 69.90 -37.76
CA LYS K 80 45.57 71.29 -38.20
C LYS K 80 44.23 71.89 -37.77
N CYS K 81 44.20 73.22 -37.65
CA CYS K 81 43.00 73.96 -37.29
C CYS K 81 42.67 74.95 -38.39
N VAL K 82 41.38 75.15 -38.65
CA VAL K 82 40.94 76.02 -39.74
C VAL K 82 39.94 77.07 -39.31
N ALA K 83 39.26 76.91 -38.17
CA ALA K 83 38.26 77.88 -37.77
C ALA K 83 38.02 77.77 -36.26
N THR K 84 37.43 78.82 -35.70
CA THR K 84 37.04 78.86 -34.31
C THR K 84 35.84 79.78 -34.16
N GLY K 85 35.11 79.62 -33.06
CA GLY K 85 33.94 80.44 -32.82
C GLY K 85 33.42 80.24 -31.42
N ALA K 86 32.59 81.18 -31.00
CA ALA K 86 32.00 81.11 -29.66
C ALA K 86 30.61 80.51 -29.72
N LEU K 87 30.30 79.65 -28.76
CA LEU K 87 28.98 79.04 -28.67
C LEU K 87 27.93 80.11 -28.42
N SER K 88 26.69 79.82 -28.83
CA SER K 88 25.60 80.77 -28.63
C SER K 88 25.44 81.16 -27.17
N LYS K 89 25.71 80.25 -26.23
CA LYS K 89 25.64 80.52 -24.82
C LYS K 89 26.46 79.50 -24.06
N PRO K 90 27.25 79.91 -23.08
CA PRO K 90 27.95 78.93 -22.24
C PRO K 90 26.98 78.17 -21.34
N GLN K 91 27.42 77.00 -20.90
CA GLN K 91 26.55 76.10 -20.15
C GLN K 91 27.38 75.26 -19.20
N PHE K 92 27.11 75.40 -17.90
CA PHE K 92 27.67 74.48 -16.92
C PHE K 92 26.67 73.34 -16.68
N PHE K 93 27.08 72.13 -17.05
CA PHE K 93 26.18 70.99 -17.11
C PHE K 93 25.73 70.53 -15.72
N GLU K 96 27.27 66.58 -15.56
CA GLU K 96 27.72 65.99 -16.81
C GLU K 96 26.52 65.88 -17.74
N GLY K 97 26.76 65.71 -19.03
CA GLY K 97 25.65 65.44 -19.94
C GLY K 97 26.09 65.43 -21.39
N ILE K 98 25.09 65.59 -22.27
CA ILE K 98 25.30 65.60 -23.71
C ILE K 98 24.91 66.98 -24.24
N TYR K 99 25.84 67.63 -24.92
CA TYR K 99 25.60 68.92 -25.56
C TYR K 99 25.28 68.70 -27.02
N VAL K 100 24.18 69.29 -27.49
CA VAL K 100 23.66 69.05 -28.83
C VAL K 100 24.05 70.23 -29.70
N ILE K 101 24.79 69.96 -30.77
CA ILE K 101 25.18 70.96 -31.75
C ILE K 101 24.38 70.71 -33.02
N SER K 102 23.56 71.68 -33.40
CA SER K 102 22.84 71.60 -34.66
C SER K 102 23.78 72.02 -35.80
N SER K 103 23.20 72.26 -36.98
CA SER K 103 24.01 72.58 -38.14
C SER K 103 24.93 73.77 -37.89
N VAL K 104 26.20 73.61 -38.25
CA VAL K 104 27.18 74.68 -38.15
C VAL K 104 27.52 75.14 -39.56
N SER K 105 27.38 76.43 -39.82
CA SER K 105 27.52 76.97 -41.16
C SER K 105 28.78 77.84 -41.27
N VAL K 106 29.46 77.70 -42.40
CA VAL K 106 30.61 78.53 -42.75
C VAL K 106 30.22 79.33 -44.00
N ASP K 107 30.44 80.64 -43.95
CA ASP K 107 29.93 81.54 -44.97
C ASP K 107 31.02 82.51 -45.41
N LEU K 108 30.89 82.97 -46.65
CA LEU K 108 31.75 84.01 -47.21
C LEU K 108 30.96 85.28 -47.54
N ASN K 109 29.69 85.33 -47.15
CA ASN K 109 28.85 86.48 -47.45
C ASN K 109 28.91 87.51 -46.33
N THR L 3 34.42 82.54 -39.32
CA THR L 3 35.58 83.24 -38.80
C THR L 3 36.84 82.39 -38.96
N LEU L 4 37.23 82.16 -40.21
CA LEU L 4 38.38 81.31 -40.49
C LEU L 4 39.65 81.92 -39.93
N THR L 5 40.53 81.06 -39.43
CA THR L 5 41.84 81.50 -38.99
C THR L 5 42.74 81.79 -40.19
N ILE L 6 43.92 82.33 -39.92
CA ILE L 6 44.86 82.63 -40.99
C ILE L 6 45.26 81.37 -41.73
N ASP L 7 45.44 80.27 -41.01
CA ASP L 7 45.82 79.01 -41.65
C ASP L 7 44.76 78.54 -42.63
N GLY L 8 43.48 78.61 -42.23
CA GLY L 8 42.42 78.24 -43.15
C GLY L 8 42.39 79.12 -44.38
N LYS L 9 42.56 80.43 -44.20
CA LYS L 9 42.57 81.34 -45.34
C LYS L 9 43.74 81.06 -46.27
N ASN L 10 44.90 80.71 -45.72
CA ASN L 10 46.02 80.30 -46.56
C ASN L 10 45.68 79.03 -47.32
N LYS L 11 45.02 78.07 -46.67
CA LYS L 11 44.56 76.88 -47.36
C LYS L 11 43.66 77.25 -48.54
N ILE L 12 42.77 78.21 -48.33
CA ILE L 12 41.74 78.51 -49.33
C ILE L 12 42.36 79.14 -50.57
N LEU L 13 43.05 80.27 -50.39
CA LEU L 13 43.45 81.08 -51.53
C LEU L 13 44.40 80.33 -52.46
N ALA L 14 45.07 79.29 -51.97
CA ALA L 14 46.02 78.57 -52.80
C ALA L 14 45.34 77.93 -54.01
N THR L 15 44.05 77.59 -53.90
CA THR L 15 43.38 76.90 -55.00
C THR L 15 42.71 77.88 -55.95
N LEU L 16 42.35 79.07 -55.48
CA LEU L 16 41.71 80.08 -56.33
C LEU L 16 42.80 80.86 -57.07
N THR L 17 43.11 80.37 -58.27
CA THR L 17 44.21 80.93 -59.06
C THR L 17 43.66 81.52 -60.36
N PRO L 18 43.49 82.83 -60.47
CA PRO L 18 43.12 83.42 -61.76
C PRO L 18 44.31 83.47 -62.70
N THR L 19 44.00 83.60 -64.00
CA THR L 19 45.02 83.61 -65.03
C THR L 19 44.87 84.73 -66.05
N THR L 20 43.70 85.34 -66.21
CA THR L 20 43.52 86.41 -67.18
C THR L 20 42.52 87.43 -66.64
N ILE L 21 42.58 88.64 -67.20
CA ILE L 21 41.73 89.75 -66.78
C ILE L 21 41.18 90.43 -68.03
N ILE L 22 39.91 90.84 -67.96
CA ILE L 22 39.24 91.53 -69.05
C ILE L 22 38.46 92.70 -68.47
N LEU L 23 38.50 93.83 -69.16
CA LEU L 23 37.84 95.05 -68.73
C LEU L 23 36.56 95.25 -69.53
N HIS L 24 35.59 95.91 -68.91
CA HIS L 24 34.27 96.12 -69.50
C HIS L 24 33.87 97.59 -69.39
N ASN L 25 33.12 98.05 -70.40
CA ASN L 25 32.54 99.38 -70.33
C ASN L 25 31.37 99.45 -69.36
N VAL L 26 30.74 98.30 -69.06
CA VAL L 26 29.62 98.22 -68.15
C VAL L 26 29.91 97.12 -67.14
N ASP L 27 29.24 97.19 -66.00
CA ASP L 27 29.51 96.27 -64.91
C ASP L 27 29.29 94.82 -65.37
N PRO L 28 30.30 93.96 -65.28
CA PRO L 28 30.11 92.54 -65.64
C PRO L 28 29.64 91.65 -64.50
N THR L 29 29.45 92.19 -63.30
CA THR L 29 28.97 91.36 -62.19
C THR L 29 27.59 90.79 -62.48
N ALA L 30 26.69 91.60 -63.06
CA ALA L 30 25.39 91.08 -63.45
C ALA L 30 25.50 89.99 -64.51
N ASP L 31 26.39 90.17 -65.48
CA ASP L 31 26.62 89.19 -66.53
C ASP L 31 28.06 89.29 -67.01
N PRO L 32 28.90 88.28 -66.75
CA PRO L 32 30.33 88.39 -67.09
C PRO L 32 30.65 88.17 -68.56
N THR L 33 29.66 87.93 -69.42
CA THR L 33 29.95 87.59 -70.80
C THR L 33 30.01 88.84 -71.69
N ALA L 34 28.94 89.63 -71.72
CA ALA L 34 28.86 90.77 -72.61
C ALA L 34 29.69 91.94 -72.03
N ASN L 35 29.69 93.06 -72.74
CA ASN L 35 30.36 94.30 -72.36
C ASN L 35 31.88 94.20 -72.40
N LYS L 36 32.44 93.20 -73.09
CA LYS L 36 33.89 93.05 -73.16
C LYS L 36 34.47 94.08 -74.13
N VAL L 37 35.36 94.93 -73.62
CA VAL L 37 35.99 95.94 -74.47
C VAL L 37 37.39 95.54 -74.90
N THR L 38 38.12 94.80 -74.08
CA THR L 38 39.49 94.38 -74.38
C THR L 38 39.54 92.89 -74.64
N GLN L 39 40.74 92.39 -74.85
CA GLN L 39 41.01 90.98 -75.11
C GLN L 39 41.71 90.34 -73.92
N PRO L 40 41.66 89.02 -73.80
CA PRO L 40 42.28 88.36 -72.64
C PRO L 40 43.74 88.73 -72.50
N VAL L 41 44.12 89.15 -71.30
CA VAL L 41 45.50 89.52 -70.98
C VAL L 41 45.95 88.69 -69.78
N ALA L 42 47.07 87.99 -69.94
CA ALA L 42 47.56 87.12 -68.89
C ALA L 42 47.99 87.93 -67.66
N ILE L 43 47.76 87.34 -66.49
CA ILE L 43 48.16 87.93 -65.22
C ILE L 43 48.57 86.81 -64.28
N TYR L 44 49.56 87.10 -63.43
CA TYR L 44 50.13 86.11 -62.53
C TYR L 44 50.05 86.62 -61.09
N PHE L 45 49.99 85.67 -60.15
CA PHE L 45 49.80 85.98 -58.74
C PHE L 45 50.79 85.18 -57.91
N SER L 46 51.14 85.72 -56.74
CA SER L 46 52.06 85.05 -55.84
C SER L 46 51.30 84.10 -54.92
N GLU L 47 52.00 83.55 -53.93
CA GLU L 47 51.38 82.66 -52.98
C GLU L 47 50.55 83.45 -51.98
N PRO L 48 49.55 82.81 -51.37
CA PRO L 48 48.74 83.51 -50.36
C PRO L 48 49.52 83.75 -49.08
N ASP L 49 49.10 84.79 -48.36
CA ASP L 49 49.72 85.15 -47.10
C ASP L 49 48.80 86.12 -46.36
N ASN L 50 48.41 85.73 -45.14
CA ASN L 50 47.51 86.55 -44.34
C ASN L 50 46.20 86.76 -45.06
N GLY L 51 45.85 85.85 -45.97
CA GLY L 51 44.64 85.99 -46.75
C GLY L 51 44.75 86.92 -47.93
N LEU L 52 45.97 87.14 -48.45
CA LEU L 52 46.20 88.06 -49.55
C LEU L 52 47.05 87.40 -50.62
N ILE L 53 46.65 87.59 -51.88
CA ILE L 53 47.46 87.22 -53.03
C ILE L 53 47.59 88.45 -53.92
N ALA L 54 48.83 88.79 -54.25
CA ALA L 54 49.14 90.00 -54.99
C ALA L 54 49.73 89.65 -56.35
N SER L 55 49.44 90.50 -57.33
CA SER L 55 49.95 90.30 -58.68
C SER L 55 51.46 90.49 -58.70
N GLU L 56 52.13 89.67 -59.51
CA GLU L 56 53.59 89.73 -59.63
C GLU L 56 54.06 90.87 -60.52
N ASP L 57 53.27 91.26 -61.51
CA ASP L 57 53.63 92.36 -62.41
C ASP L 57 52.40 93.17 -62.73
N THR L 58 52.60 94.46 -62.98
CA THR L 58 51.52 95.39 -63.32
C THR L 58 51.20 95.22 -64.80
N VAL L 59 50.20 94.40 -65.08
CA VAL L 59 49.78 94.09 -66.44
C VAL L 59 49.47 95.38 -67.20
N ASN L 60 49.73 95.38 -68.51
CA ASN L 60 49.39 96.48 -69.39
C ASN L 60 48.36 95.98 -70.41
N ILE L 61 47.25 96.70 -70.52
CA ILE L 61 46.13 96.29 -71.37
C ILE L 61 45.92 97.34 -72.43
N THR L 62 45.62 96.90 -73.65
CA THR L 62 45.38 97.78 -74.78
C THR L 62 43.88 97.91 -75.02
N VAL L 63 43.44 99.12 -75.35
CA VAL L 63 42.02 99.37 -75.61
C VAL L 63 41.77 99.32 -77.11
N VAL L 69 36.57 102.47 -69.52
CA VAL L 69 35.80 101.22 -69.44
C VAL L 69 35.16 101.12 -68.07
N SER L 70 35.94 101.41 -67.02
CA SER L 70 35.39 101.62 -65.68
C SER L 70 34.99 100.32 -64.99
N HIS L 71 35.39 99.16 -65.52
CA HIS L 71 35.05 97.90 -64.89
C HIS L 71 36.07 96.83 -65.28
N TYR L 72 36.00 95.70 -64.58
CA TYR L 72 36.94 94.60 -64.75
C TYR L 72 36.26 93.30 -64.35
N SER L 73 36.87 92.18 -64.75
CA SER L 73 36.37 90.86 -64.40
C SER L 73 37.49 89.84 -64.53
N LEU L 74 37.87 89.23 -63.42
CA LEU L 74 38.89 88.18 -63.41
C LEU L 74 38.30 86.88 -63.93
N TRP L 75 39.17 86.03 -64.49
CA TRP L 75 38.78 84.72 -64.96
C TRP L 75 39.84 83.71 -64.57
N ASP L 76 39.42 82.46 -64.42
CA ASP L 76 40.34 81.37 -64.12
C ASP L 76 40.72 80.66 -65.41
N ALA L 77 41.37 79.50 -65.30
CA ALA L 77 41.85 78.77 -66.46
C ALA L 77 40.75 78.03 -67.21
N ASN L 78 39.52 77.99 -66.69
CA ASN L 78 38.46 77.21 -67.31
C ASN L 78 37.25 78.08 -67.61
N ASP L 79 37.50 79.32 -68.02
CA ASP L 79 36.49 80.22 -68.57
C ASP L 79 35.39 80.58 -67.56
N LYS L 80 35.66 80.45 -66.27
CA LYS L 80 34.69 80.82 -65.23
C LYS L 80 35.15 82.10 -64.56
N CYS L 81 34.28 83.11 -64.58
CA CYS L 81 34.59 84.36 -63.91
C CYS L 81 34.62 84.15 -62.40
N VAL L 82 35.60 84.79 -61.73
CA VAL L 82 35.76 84.64 -60.29
C VAL L 82 35.68 85.95 -59.54
N ALA L 83 35.72 87.11 -60.19
CA ALA L 83 35.63 88.38 -59.50
C ALA L 83 35.19 89.45 -60.48
N THR L 84 34.63 90.53 -59.94
CA THR L 84 34.16 91.65 -60.74
C THR L 84 34.17 92.91 -59.88
N GLY L 85 34.11 94.05 -60.55
CA GLY L 85 34.08 95.32 -59.86
C GLY L 85 34.32 96.46 -60.82
N ALA L 86 34.26 97.67 -60.25
CA ALA L 86 34.48 98.89 -61.02
C ALA L 86 35.92 99.38 -60.85
N LEU L 87 36.42 100.04 -61.88
CA LEU L 87 37.78 100.55 -61.89
C LEU L 87 37.84 101.92 -61.22
N SER L 88 39.05 102.48 -61.17
CA SER L 88 39.25 103.78 -60.53
C SER L 88 38.51 104.90 -61.24
N LYS L 89 38.57 104.93 -62.58
CA LYS L 89 37.94 105.99 -63.35
C LYS L 89 37.42 105.47 -64.67
N PRO L 90 36.31 106.01 -65.19
CA PRO L 90 35.87 105.62 -66.54
C PRO L 90 36.79 106.19 -67.61
N GLN L 91 36.68 105.61 -68.80
CA GLN L 91 37.43 106.10 -69.96
C GLN L 91 36.84 105.53 -71.25
N ILE L 98 44.93 103.28 -73.76
CA ILE L 98 45.71 102.29 -73.03
C ILE L 98 45.45 102.43 -71.53
N TYR L 99 45.29 101.30 -70.86
CA TYR L 99 45.05 101.26 -69.42
C TYR L 99 46.15 100.43 -68.76
N VAL L 100 46.69 100.94 -67.66
CA VAL L 100 47.77 100.30 -66.92
C VAL L 100 47.19 99.80 -65.60
N ILE L 101 47.36 98.50 -65.34
CA ILE L 101 46.85 97.88 -64.11
C ILE L 101 47.97 98.01 -63.08
N SER L 102 47.98 99.15 -62.38
CA SER L 102 49.00 99.41 -61.39
C SER L 102 48.88 98.44 -60.22
N VAL L 104 47.39 94.82 -57.92
CA VAL L 104 46.06 94.40 -57.54
C VAL L 104 46.12 93.08 -56.78
N SER L 105 45.25 92.93 -55.78
CA SER L 105 45.25 91.75 -54.93
C SER L 105 43.82 91.34 -54.62
N VAL L 106 43.68 90.14 -54.05
CA VAL L 106 42.40 89.60 -53.63
C VAL L 106 42.48 89.34 -52.13
N ASP L 107 41.46 89.79 -51.40
CA ASP L 107 41.49 89.81 -49.95
C ASP L 107 40.27 89.11 -49.38
N LEU L 108 40.46 88.43 -48.24
CA LEU L 108 39.40 87.78 -47.50
C LEU L 108 39.06 88.53 -46.22
N ASN L 109 39.39 89.82 -46.16
CA ASN L 109 39.13 90.64 -44.98
C ASN L 109 38.33 91.88 -45.36
N MET M 1 -18.24 58.34 -74.23
CA MET M 1 -18.32 59.34 -75.33
C MET M 1 -18.13 58.65 -76.67
N TRP M 2 -18.47 59.34 -77.75
CA TRP M 2 -18.36 58.77 -79.09
C TRP M 2 -16.90 58.51 -79.44
N ASN M 3 -16.64 57.33 -80.01
CA ASN M 3 -15.31 56.93 -80.42
C ASN M 3 -15.31 56.53 -81.89
N PRO M 4 -14.28 56.89 -82.65
CA PRO M 4 -14.17 56.37 -84.02
C PRO M 4 -14.09 54.86 -84.01
N ILE M 5 -14.64 54.24 -85.06
CA ILE M 5 -14.57 52.79 -85.17
C ILE M 5 -13.10 52.34 -85.21
N VAL M 6 -12.25 53.09 -85.91
CA VAL M 6 -10.82 52.85 -85.93
C VAL M 6 -10.11 54.16 -85.65
N ASN M 7 -9.22 54.16 -84.66
CA ASN M 7 -8.46 55.34 -84.29
C ASN M 7 -7.00 55.12 -84.63
N VAL M 8 -6.41 56.04 -85.39
CA VAL M 8 -5.05 55.92 -85.88
C VAL M 8 -4.29 57.20 -85.58
N ASP M 9 -3.06 57.06 -85.09
CA ASP M 9 -2.19 58.19 -84.80
C ASP M 9 -0.79 57.86 -85.29
N ILE M 10 -0.15 58.81 -85.97
CA ILE M 10 1.19 58.61 -86.53
C ILE M 10 2.02 59.84 -86.25
N THR M 11 3.28 59.63 -85.88
CA THR M 11 4.20 60.71 -85.55
C THR M 11 5.55 60.42 -86.21
N LEU M 12 6.32 61.49 -86.39
CA LEU M 12 7.60 61.41 -87.11
C LEU M 12 8.78 61.19 -86.17
N ASN M 13 8.54 60.87 -84.91
CA ASN M 13 9.62 60.60 -83.97
C ASN M 13 10.25 59.25 -84.27
N THR M 14 11.19 58.85 -83.42
CA THR M 14 11.83 57.54 -83.51
C THR M 14 11.81 56.91 -82.13
N ALA M 15 11.55 55.60 -82.10
CA ALA M 15 11.40 54.88 -80.83
C ALA M 15 12.18 53.58 -80.88
N GLY M 16 12.56 53.11 -79.69
CA GLY M 16 13.28 51.86 -79.56
C GLY M 16 12.64 50.98 -78.51
N THR M 17 13.05 49.72 -78.50
CA THR M 17 12.44 48.73 -77.62
C THR M 17 13.16 48.70 -76.27
N THR M 18 12.42 48.25 -75.26
CA THR M 18 12.97 48.04 -73.93
C THR M 18 13.09 46.55 -73.64
N ARG M 19 13.74 46.23 -72.51
CA ARG M 19 13.92 44.85 -72.10
C ARG M 19 13.99 44.79 -70.59
N GLU M 20 13.56 43.66 -70.03
CA GLU M 20 13.47 43.49 -68.59
C GLU M 20 14.60 42.64 -68.07
N GLY M 21 15.13 43.04 -66.91
CA GLY M 21 16.22 42.31 -66.29
C GLY M 21 16.07 42.32 -64.79
N PHE M 22 17.21 42.16 -64.11
CA PHE M 22 17.23 42.11 -62.65
C PHE M 22 17.71 43.46 -62.11
N GLY M 23 16.84 44.13 -61.35
CA GLY M 23 17.21 45.36 -60.69
C GLY M 23 16.95 46.61 -61.52
N LEU M 24 16.45 47.66 -60.86
CA LEU M 24 16.23 48.96 -61.49
C LEU M 24 17.09 50.02 -60.82
N PRO M 25 17.64 50.97 -61.56
CA PRO M 25 18.52 51.97 -60.96
C PRO M 25 17.76 53.01 -60.15
N LEU M 26 18.50 53.66 -59.25
CA LEU M 26 18.01 54.80 -58.49
C LEU M 26 19.07 55.90 -58.50
N PHE M 27 18.63 57.14 -58.57
CA PHE M 27 19.52 58.30 -58.57
C PHE M 27 19.18 59.16 -57.37
N LEU M 28 20.15 59.33 -56.47
CA LEU M 28 19.98 60.08 -55.24
C LEU M 28 20.42 61.52 -55.50
N ALA M 29 19.47 62.37 -55.86
CA ALA M 29 19.76 63.75 -56.21
C ALA M 29 19.39 64.69 -55.08
N SER M 30 19.98 65.89 -55.12
CA SER M 30 19.64 66.96 -54.20
C SER M 30 18.68 67.91 -54.92
N THR M 31 17.40 67.84 -54.58
CA THR M 31 16.37 68.60 -55.28
C THR M 31 15.17 68.77 -54.36
N ASP M 32 14.29 69.68 -54.76
CA ASP M 32 13.05 69.91 -54.02
C ASP M 32 11.85 70.13 -54.94
N ASN M 33 11.93 69.71 -56.20
CA ASN M 33 10.86 70.00 -57.16
C ASN M 33 9.58 69.24 -56.87
N PHE M 34 9.60 68.24 -55.99
CA PHE M 34 8.40 67.49 -55.66
C PHE M 34 8.50 67.00 -54.23
N GLU M 35 7.34 66.69 -53.65
CA GLU M 35 7.27 66.36 -52.23
C GLU M 35 7.75 64.95 -51.95
N GLU M 36 7.12 63.95 -52.59
CA GLU M 36 7.46 62.56 -52.31
C GLU M 36 8.95 62.33 -52.47
N ARG M 37 9.49 61.39 -51.69
CA ARG M 37 10.93 61.17 -51.68
C ARG M 37 11.40 60.28 -52.82
N VAL M 38 10.51 59.63 -53.54
CA VAL M 38 10.86 58.79 -54.68
C VAL M 38 9.76 58.89 -55.71
N ARG M 39 10.15 58.97 -56.99
CA ARG M 39 9.21 59.05 -58.09
C ARG M 39 9.80 58.35 -59.31
N GLY M 40 8.95 57.66 -60.07
CA GLY M 40 9.38 56.87 -61.20
C GLY M 40 9.20 57.61 -62.51
N TYR M 41 10.00 57.23 -63.50
CA TYR M 41 9.95 57.83 -64.83
C TYR M 41 10.23 56.75 -65.86
N THR M 42 9.58 56.85 -67.02
CA THR M 42 9.70 55.85 -68.07
C THR M 42 10.23 56.43 -69.38
N SER M 43 10.69 57.67 -69.39
CA SER M 43 11.26 58.28 -70.58
C SER M 43 11.91 59.60 -70.19
N LEU M 44 12.88 60.01 -71.01
CA LEU M 44 13.56 61.28 -70.75
C LEU M 44 12.59 62.45 -70.80
N THR M 45 11.50 62.31 -71.56
CA THR M 45 10.53 63.40 -71.66
C THR M 45 9.92 63.73 -70.30
N GLU M 46 9.50 62.70 -69.56
CA GLU M 46 8.89 62.94 -68.26
C GLU M 46 9.87 63.58 -67.29
N VAL M 47 11.13 63.15 -67.33
CA VAL M 47 12.14 63.76 -66.47
C VAL M 47 12.29 65.24 -66.82
N ALA M 48 12.19 65.58 -68.10
CA ALA M 48 12.36 66.97 -68.50
C ALA M 48 11.27 67.88 -67.95
N GLU M 49 10.12 67.34 -67.60
CA GLU M 49 9.03 68.16 -67.08
C GLU M 49 9.35 68.69 -65.69
N ASP M 50 9.84 67.82 -64.81
CA ASP M 50 10.17 68.23 -63.44
C ASP M 50 11.62 68.64 -63.28
N PHE M 51 12.42 68.57 -64.34
CA PHE M 51 13.82 68.95 -64.29
C PHE M 51 14.20 69.61 -65.61
N ASP M 52 15.01 70.67 -65.52
CA ASP M 52 15.48 71.35 -66.72
C ASP M 52 16.74 70.67 -67.24
N GLU M 53 17.35 71.28 -68.27
CA GLU M 53 18.42 70.60 -68.99
C GLU M 53 19.73 70.64 -68.22
N ASN M 54 19.97 71.66 -67.41
CA ASN M 54 21.23 71.79 -66.69
C ASN M 54 21.25 71.09 -65.35
N THR M 55 20.11 70.55 -64.89
CA THR M 55 20.08 69.87 -63.61
C THR M 55 20.87 68.57 -63.67
N ALA M 56 21.51 68.22 -62.55
CA ALA M 56 22.26 66.97 -62.49
C ALA M 56 21.37 65.77 -62.73
N ALA M 57 20.16 65.79 -62.15
CA ALA M 57 19.22 64.68 -62.36
C ALA M 57 18.92 64.48 -63.83
N TYR M 58 18.87 65.58 -64.59
CA TYR M 58 18.58 65.46 -66.02
C TYR M 58 19.76 64.84 -66.76
N LYS M 59 20.99 65.23 -66.41
CA LYS M 59 22.16 64.67 -67.08
C LYS M 59 22.22 63.16 -66.88
N ALA M 60 22.07 62.71 -65.63
CA ALA M 60 22.14 61.28 -65.34
C ALA M 60 21.04 60.52 -66.05
N ALA M 61 19.81 61.05 -66.04
CA ALA M 61 18.70 60.39 -66.70
C ALA M 61 18.91 60.33 -68.22
N LYS M 62 19.63 61.28 -68.79
CA LYS M 62 19.90 61.26 -70.23
C LYS M 62 20.93 60.19 -70.57
N GLN M 63 21.97 60.05 -69.76
CA GLN M 63 23.00 59.04 -70.04
C GLN M 63 22.41 57.64 -69.98
N LEU M 64 21.53 57.38 -69.02
CA LEU M 64 20.99 56.04 -68.84
C LEU M 64 20.25 55.57 -70.08
N TRP M 65 19.46 56.45 -70.69
CA TRP M 65 18.63 56.09 -71.82
C TRP M 65 19.31 56.31 -73.16
N SER M 66 20.64 56.42 -73.19
CA SER M 66 21.39 56.53 -74.42
C SER M 66 21.82 55.18 -74.97
N GLN M 67 21.57 54.09 -74.25
CA GLN M 67 21.92 52.76 -74.69
C GLN M 67 20.74 52.09 -75.37
N THR M 68 20.95 50.87 -75.83
CA THR M 68 19.92 50.04 -76.42
C THR M 68 20.25 48.58 -76.17
N PRO M 69 19.29 47.80 -75.66
CA PRO M 69 17.90 48.15 -75.29
C PRO M 69 17.84 49.05 -74.07
N LYS M 70 16.78 49.84 -73.95
CA LYS M 70 16.67 50.85 -72.91
C LYS M 70 16.14 50.26 -71.62
N VAL M 71 16.63 50.79 -70.49
CA VAL M 71 16.13 50.35 -69.20
C VAL M 71 14.65 50.68 -69.09
N THR M 72 13.92 49.83 -68.38
CA THR M 72 12.46 49.96 -68.35
C THR M 72 12.00 51.15 -67.51
N GLN M 73 12.72 51.47 -66.44
CA GLN M 73 12.24 52.49 -65.51
C GLN M 73 13.36 52.99 -64.60
N LEU M 74 13.36 54.29 -64.30
CA LEU M 74 14.34 54.91 -63.42
C LEU M 74 13.62 55.64 -62.29
N TYR M 75 14.15 55.49 -61.08
CA TYR M 75 13.66 56.19 -59.91
C TYR M 75 14.62 57.33 -59.56
N ILE M 76 14.07 58.43 -59.07
CA ILE M 76 14.86 59.57 -58.59
C ILE M 76 14.52 59.81 -57.13
N GLY M 77 15.45 59.51 -56.25
CA GLY M 77 15.30 59.78 -54.83
C GLY M 77 15.61 61.24 -54.52
N ARG M 78 15.13 61.69 -53.38
CA ARG M 78 15.29 63.07 -52.95
C ARG M 78 16.02 63.12 -51.61
N ARG M 79 16.83 64.14 -51.43
CA ARG M 79 17.60 64.33 -50.21
C ARG M 79 17.00 65.45 -49.38
N ALA M 80 17.07 65.29 -48.05
CA ALA M 80 16.55 66.32 -47.16
C ALA M 80 17.29 67.63 -47.38
N MET M 81 16.57 68.73 -47.24
CA MET M 81 17.10 70.05 -47.51
C MET M 81 16.90 70.96 -46.29
N GLN M 82 17.83 71.89 -46.12
CA GLN M 82 17.71 72.93 -45.10
C GLN M 82 18.07 74.27 -45.74
N TYR M 83 17.45 75.34 -45.23
CA TYR M 83 17.61 76.67 -45.78
C TYR M 83 18.16 77.61 -44.72
N THR M 84 19.09 78.47 -45.12
CA THR M 84 19.64 79.51 -44.27
C THR M 84 19.28 80.87 -44.86
N VAL M 85 18.64 81.71 -44.07
CA VAL M 85 18.16 83.02 -44.52
C VAL M 85 18.90 84.09 -43.73
N SER M 86 19.49 85.05 -44.44
CA SER M 86 20.26 86.11 -43.83
C SER M 86 20.03 87.41 -44.60
N ILE M 87 20.26 88.53 -43.90
CA ILE M 87 20.08 89.85 -44.48
C ILE M 87 21.43 90.29 -45.04
N PRO M 88 21.54 90.60 -46.33
CA PRO M 88 22.84 90.94 -46.92
C PRO M 88 23.19 92.42 -46.93
N ASN M 89 22.32 93.30 -46.43
CA ASN M 89 22.54 94.73 -46.54
C ASN M 89 21.99 95.40 -45.29
N ALA M 90 21.84 96.72 -45.36
CA ALA M 90 21.38 97.50 -44.22
C ALA M 90 19.93 97.15 -43.89
N VAL M 91 19.46 97.68 -42.77
CA VAL M 91 18.11 97.44 -42.27
C VAL M 91 17.38 98.77 -42.20
N THR M 92 16.18 98.82 -42.79
CA THR M 92 15.36 100.01 -42.76
C THR M 92 13.88 99.65 -42.82
N ASP M 96 11.44 96.56 -46.43
CA ASP M 96 10.43 95.51 -46.32
C ASP M 96 11.07 94.14 -46.49
N TYR M 97 10.52 93.14 -45.79
CA TYR M 97 11.04 91.79 -45.84
C TYR M 97 9.88 90.81 -45.77
N SER M 98 9.91 89.80 -46.63
CA SER M 98 8.86 88.78 -46.65
C SER M 98 9.38 87.53 -47.33
N ILE M 99 8.96 86.37 -46.83
CA ILE M 99 9.32 85.07 -47.36
C ILE M 99 8.09 84.19 -47.35
N THR M 100 8.15 83.08 -48.08
CA THR M 100 7.08 82.09 -48.09
C THR M 100 7.66 80.72 -47.80
N VAL M 101 6.97 79.96 -46.96
CA VAL M 101 7.42 78.64 -46.53
C VAL M 101 6.39 77.60 -46.95
N ALA M 102 6.87 76.52 -47.55
CA ALA M 102 6.02 75.42 -47.98
C ALA M 102 6.35 74.17 -47.18
N ALA M 103 5.40 73.24 -47.14
CA ALA M 103 5.55 72.02 -46.38
C ALA M 103 4.79 70.89 -47.07
N GLY M 104 4.85 69.71 -46.49
CA GLY M 104 4.17 68.57 -47.09
C GLY M 104 2.67 68.79 -47.10
N GLY M 105 2.01 68.23 -48.12
CA GLY M 105 0.58 68.38 -48.28
C GLY M 105 0.15 69.67 -48.95
N GLY M 106 1.09 70.46 -49.46
CA GLY M 106 0.75 71.72 -50.08
C GLY M 106 0.54 72.87 -49.13
N ILE M 107 0.82 72.67 -47.84
CA ILE M 107 0.62 73.74 -46.85
C ILE M 107 1.68 74.81 -47.07
N SER M 108 1.22 76.02 -47.38
CA SER M 108 2.10 77.16 -47.58
C SER M 108 1.52 78.37 -46.86
N GLN M 109 2.39 79.11 -46.18
CA GLN M 109 1.95 80.29 -45.42
C GLN M 109 2.94 81.43 -45.62
N PRO M 110 2.60 82.46 -46.38
CA PRO M 110 3.49 83.62 -46.50
C PRO M 110 3.57 84.40 -45.20
N TYR M 111 4.69 85.10 -45.04
CA TYR M 111 4.95 85.90 -43.85
C TYR M 111 5.53 87.24 -44.28
N GLN M 112 5.35 88.26 -43.44
CA GLN M 112 5.82 89.59 -43.75
C GLN M 112 6.05 90.38 -42.47
N TYR M 113 7.07 91.24 -42.51
CA TYR M 113 7.35 92.18 -41.41
C TYR M 113 7.91 93.44 -42.05
N THR M 114 7.08 94.46 -42.17
CA THR M 114 7.47 95.73 -42.77
C THR M 114 8.02 96.63 -41.67
N ALA M 115 9.33 96.90 -41.71
CA ALA M 115 9.96 97.74 -40.69
C ALA M 115 9.39 99.15 -40.74
N THR M 120 18.42 96.53 -36.52
CA THR M 120 19.45 95.68 -37.08
C THR M 120 18.83 94.46 -37.74
N ALA M 121 19.66 93.64 -38.39
CA ALA M 121 19.15 92.44 -39.04
C ALA M 121 18.56 91.46 -38.03
N GLU M 122 19.20 91.33 -36.86
CA GLU M 122 18.70 90.40 -35.85
C GLU M 122 17.26 90.73 -35.47
N ASN M 123 16.96 92.00 -35.25
CA ASN M 123 15.61 92.40 -34.86
C ASN M 123 14.59 92.12 -35.96
N VAL M 124 15.02 91.91 -37.20
CA VAL M 124 14.10 91.60 -38.29
C VAL M 124 13.79 90.11 -38.32
N LEU M 125 14.81 89.26 -38.23
CA LEU M 125 14.58 87.82 -38.29
C LEU M 125 13.74 87.34 -37.11
N GLN M 126 13.98 87.89 -35.92
CA GLN M 126 13.22 87.46 -34.75
C GLN M 126 11.73 87.63 -34.95
N GLN M 127 11.32 88.62 -35.77
CA GLN M 127 9.91 88.78 -36.06
C GLN M 127 9.37 87.57 -36.82
N PHE M 128 10.12 87.09 -37.80
CA PHE M 128 9.68 85.92 -38.57
C PHE M 128 9.61 84.68 -37.69
N LYS M 129 10.60 84.50 -36.82
CA LYS M 129 10.63 83.30 -35.97
C LYS M 129 9.39 83.23 -35.08
N THR M 130 9.02 84.36 -34.48
CA THR M 130 7.84 84.38 -33.62
C THR M 130 6.57 84.11 -34.43
N GLN M 131 6.49 84.67 -35.64
CA GLN M 131 5.30 84.46 -36.46
C GLN M 131 5.09 82.99 -36.77
N ILE M 132 6.14 82.30 -37.20
CA ILE M 132 6.00 80.90 -37.58
C ILE M 132 5.65 80.05 -36.36
N GLU M 133 6.34 80.26 -35.24
CA GLU M 133 6.05 79.51 -34.03
C GLU M 133 4.64 79.76 -33.51
N ALA M 134 4.06 80.92 -33.82
CA ALA M 134 2.70 81.24 -33.41
C ALA M 134 1.66 80.88 -34.46
N ASP M 135 2.07 80.45 -35.64
CA ASP M 135 1.11 80.06 -36.67
C ASP M 135 0.34 78.83 -36.21
N PRO M 136 -0.98 78.80 -36.39
CA PRO M 136 -1.74 77.62 -35.94
C PRO M 136 -1.28 76.32 -36.57
N THR M 137 -0.81 76.36 -37.81
CA THR M 137 -0.29 75.19 -38.51
C THR M 137 1.13 75.47 -38.96
N ILE M 138 1.80 74.41 -39.42
CA ILE M 138 3.15 74.46 -39.99
C ILE M 138 4.19 74.51 -38.87
N LYS M 139 3.85 75.11 -37.73
CA LYS M 139 4.82 75.18 -36.63
C LYS M 139 5.16 73.79 -36.11
N ASP M 140 4.18 72.91 -36.01
CA ASP M 140 4.43 71.53 -35.58
C ASP M 140 5.21 70.75 -36.63
N LYS M 141 5.33 71.24 -37.85
CA LYS M 141 5.95 70.52 -38.94
C LYS M 141 7.34 71.00 -39.28
N VAL M 142 7.75 72.18 -38.82
CA VAL M 142 9.05 72.74 -39.15
C VAL M 142 9.71 73.26 -37.89
N SER M 143 11.03 73.44 -37.96
CA SER M 143 11.83 73.98 -36.87
C SER M 143 12.57 75.22 -37.36
N VAL M 144 12.62 76.25 -36.51
CA VAL M 144 13.25 77.52 -36.85
C VAL M 144 14.27 77.85 -35.77
N ASN M 145 15.26 78.65 -36.12
CA ASN M 145 16.32 79.02 -35.20
C ASN M 145 17.02 80.27 -35.73
N VAL M 146 17.43 81.13 -34.82
CA VAL M 146 18.09 82.39 -35.17
C VAL M 146 19.31 82.58 -34.28
N THR M 147 20.38 83.08 -34.88
CA THR M 147 21.62 83.35 -34.16
C THR M 147 22.38 84.42 -34.91
N GLY M 148 23.36 85.01 -34.24
CA GLY M 148 24.11 86.12 -34.80
C GLY M 148 23.63 87.45 -34.24
N SER M 149 24.52 88.44 -34.25
CA SER M 149 24.28 89.72 -33.62
C SER M 149 24.35 90.85 -34.64
N ASN M 150 23.31 91.69 -34.65
CA ASN M 150 23.30 92.95 -35.37
C ASN M 150 23.37 92.67 -36.87
N GLY M 151 24.58 92.55 -37.42
CA GLY M 151 24.75 92.47 -38.86
C GLY M 151 25.05 91.08 -39.38
N SER M 152 25.34 90.15 -38.48
CA SER M 152 25.66 88.77 -38.85
C SER M 152 24.51 87.84 -38.47
N ALA M 153 23.30 88.39 -38.38
CA ALA M 153 22.14 87.58 -38.04
C ALA M 153 21.84 86.58 -39.15
N THR M 154 21.36 85.40 -38.74
CA THR M 154 21.09 84.31 -39.66
C THR M 154 19.92 83.50 -39.13
N MET M 155 19.30 82.75 -40.02
CA MET M 155 18.16 81.91 -39.68
C MET M 155 18.38 80.53 -40.28
N ILE M 156 17.81 79.52 -39.63
CA ILE M 156 17.92 78.12 -40.06
C ILE M 156 16.54 77.50 -39.99
N ILE M 157 16.14 76.84 -41.07
CA ILE M 157 14.84 76.17 -41.17
C ILE M 157 15.07 74.75 -41.65
N THR M 158 14.44 73.79 -40.98
CA THR M 158 14.67 72.39 -41.28
C THR M 158 13.37 71.61 -41.10
N LYS M 159 13.35 70.40 -41.65
CA LYS M 159 12.23 69.48 -41.45
C LYS M 159 12.07 69.16 -39.97
N ALA M 160 10.83 69.09 -39.52
CA ALA M 160 10.53 68.76 -38.13
C ALA M 160 9.30 67.86 -38.08
N GLY M 161 9.24 67.03 -37.03
CA GLY M 161 8.10 66.16 -36.86
C GLY M 161 7.96 65.16 -37.98
N ASP M 162 6.73 64.70 -38.19
CA ASP M 162 6.48 63.71 -39.22
C ASP M 162 6.64 64.30 -40.62
N ASN M 163 6.51 65.62 -40.75
CA ASN M 163 6.64 66.25 -42.05
C ASN M 163 8.00 65.95 -42.66
N ASP M 164 8.00 65.62 -43.94
CA ASP M 164 9.21 65.20 -44.64
C ASP M 164 9.72 66.21 -45.65
N PHE M 165 8.94 67.25 -45.96
CA PHE M 165 9.28 68.19 -47.02
C PHE M 165 9.12 69.62 -46.51
N VAL M 166 10.04 70.49 -46.92
CA VAL M 166 10.01 71.89 -46.53
C VAL M 166 10.74 72.70 -47.59
N LYS M 167 10.26 73.93 -47.83
CA LYS M 167 10.83 74.80 -48.84
C LYS M 167 10.75 76.25 -48.35
N VAL M 168 11.65 77.08 -48.87
CA VAL M 168 11.69 78.51 -48.55
C VAL M 168 12.01 79.27 -49.83
N THR M 169 11.32 80.38 -50.03
CA THR M 169 11.52 81.21 -51.22
C THR M 169 11.15 82.65 -50.87
N THR M 170 11.27 83.53 -51.86
CA THR M 170 10.90 84.93 -51.68
C THR M 170 10.75 85.63 -53.03
N ALA M 172 11.34 89.96 -52.64
CA ALA M 172 12.07 90.76 -51.65
C ALA M 172 13.56 90.49 -51.74
N GLN M 173 14.25 91.32 -52.54
CA GLN M 173 15.68 91.14 -52.74
C GLN M 173 16.48 91.43 -51.48
N THR M 174 15.88 92.07 -50.48
CA THR M 174 16.57 92.33 -49.22
C THR M 174 16.77 91.07 -48.39
N VAL M 175 16.16 89.95 -48.78
CA VAL M 175 16.29 88.69 -48.07
C VAL M 175 17.09 87.73 -48.94
N TYR M 176 18.15 87.15 -48.37
CA TYR M 176 19.03 86.23 -49.06
C TYR M 176 18.75 84.81 -48.58
N ILE M 177 18.56 83.88 -49.53
CA ILE M 177 18.16 82.51 -49.22
C ILE M 177 19.18 81.56 -49.80
N ALA M 178 19.62 80.61 -48.98
CA ALA M 178 20.57 79.58 -49.38
C ALA M 178 20.01 78.22 -49.01
N SER M 179 20.48 77.18 -49.70
CA SER M 179 20.02 75.82 -49.48
C SER M 179 21.21 74.88 -49.46
N THR M 180 21.05 73.77 -48.73
CA THR M 180 22.12 72.80 -48.60
C THR M 180 21.53 71.49 -48.09
N THR M 181 22.11 70.38 -48.54
CA THR M 181 21.66 69.06 -48.09
C THR M 181 21.90 68.91 -46.60
N ALA M 182 20.92 68.33 -45.90
CA ALA M 182 20.97 68.23 -44.46
C ALA M 182 21.27 66.82 -43.95
N ASP M 183 21.01 65.79 -44.73
CA ASP M 183 21.09 64.41 -44.28
C ASP M 183 22.38 63.76 -44.77
N THR M 184 22.93 62.88 -43.95
CA THR M 184 24.13 62.13 -44.30
C THR M 184 23.74 60.91 -45.15
N ALA M 185 24.73 60.08 -45.46
CA ALA M 185 24.46 58.88 -46.24
C ALA M 185 23.57 57.92 -45.47
N SER M 186 23.84 57.72 -44.18
CA SER M 186 23.09 56.75 -43.39
C SER M 186 21.63 57.20 -43.23
N THR M 187 21.43 58.44 -42.80
CA THR M 187 20.07 58.93 -42.56
C THR M 187 19.26 58.98 -43.86
N ALA M 188 19.90 59.43 -44.94
CA ALA M 188 19.18 59.53 -46.21
C ALA M 188 18.75 58.16 -46.70
N LEU M 189 19.64 57.18 -46.63
CA LEU M 189 19.33 55.85 -47.14
C LEU M 189 18.20 55.21 -46.35
N ALA M 190 18.20 55.38 -45.03
CA ALA M 190 17.16 54.80 -44.20
C ALA M 190 15.79 55.38 -44.56
N ALA M 191 15.74 56.69 -44.80
CA ALA M 191 14.46 57.32 -45.13
C ALA M 191 13.90 56.78 -46.43
N ILE M 192 14.75 56.59 -47.43
CA ILE M 192 14.28 56.13 -48.75
C ILE M 192 13.81 54.68 -48.67
N GLU M 193 14.53 53.85 -47.91
CA GLU M 193 14.16 52.44 -47.84
C GLU M 193 12.79 52.26 -47.19
N ALA M 194 12.43 53.10 -46.23
CA ALA M 194 11.13 53.01 -45.59
C ALA M 194 9.98 53.41 -46.51
N TYR M 195 10.29 53.99 -47.67
CA TYR M 195 9.26 54.42 -48.61
C TYR M 195 9.12 53.49 -49.80
N SER M 196 10.24 53.08 -50.40
CA SER M 196 10.20 52.21 -51.58
C SER M 196 11.51 51.44 -51.65
N THR M 197 11.42 50.11 -51.56
CA THR M 197 12.59 49.25 -51.60
C THR M 197 12.80 48.59 -52.95
N ASP M 198 12.10 49.03 -53.99
CA ASP M 198 12.18 48.41 -55.32
C ASP M 198 13.27 49.09 -56.13
N TRP M 199 14.51 48.69 -55.88
CA TRP M 199 15.65 49.18 -56.65
C TRP M 199 16.91 48.42 -56.27
N TYR M 200 17.83 48.26 -57.21
CA TYR M 200 19.06 47.51 -56.98
C TYR M 200 20.30 48.37 -57.10
N PHE M 201 20.47 49.09 -58.21
CA PHE M 201 21.63 49.95 -58.40
C PHE M 201 21.36 51.32 -57.79
N ILE M 202 22.40 51.92 -57.22
CA ILE M 202 22.31 53.25 -56.63
C ILE M 202 23.51 54.07 -57.07
N ALA M 203 23.25 55.30 -57.51
CA ALA M 203 24.27 56.30 -57.78
C ALA M 203 23.81 57.62 -57.20
N ALA M 204 24.76 58.49 -56.87
CA ALA M 204 24.47 59.74 -56.18
C ALA M 204 25.10 60.92 -56.90
N GLU M 205 24.45 62.08 -56.78
CA GLU M 205 24.99 63.31 -57.38
C GLU M 205 26.23 63.77 -56.63
N ASP M 206 26.16 63.81 -55.31
CA ASP M 206 27.28 64.31 -54.51
C ASP M 206 28.51 63.43 -54.71
N ARG M 207 29.68 64.06 -54.84
CA ARG M 207 30.93 63.36 -55.07
C ARG M 207 32.02 63.76 -54.10
N THR M 208 31.66 64.29 -52.93
CA THR M 208 32.66 64.59 -51.92
C THR M 208 33.26 63.30 -51.38
N GLN M 209 34.53 63.38 -50.96
CA GLN M 209 35.20 62.19 -50.44
C GLN M 209 34.48 61.66 -49.21
N GLN M 210 34.07 62.55 -48.32
CA GLN M 210 33.42 62.13 -47.09
C GLN M 210 32.12 61.39 -47.37
N PHE M 211 31.32 61.89 -48.31
CA PHE M 211 30.02 61.28 -48.60
C PHE M 211 30.19 59.92 -49.25
N VAL M 212 31.08 59.82 -50.24
CA VAL M 212 31.18 58.58 -51.00
C VAL M 212 31.62 57.43 -50.10
N LEU M 213 32.61 57.65 -49.24
CA LEU M 213 33.07 56.58 -48.37
C LEU M 213 31.99 56.17 -47.38
N ALA M 214 31.21 57.12 -46.88
CA ALA M 214 30.12 56.78 -45.97
C ALA M 214 29.06 55.93 -46.67
N MET M 215 28.72 56.29 -47.91
CA MET M 215 27.72 55.53 -48.65
C MET M 215 28.21 54.12 -48.94
N ALA M 216 29.51 53.99 -49.24
CA ALA M 216 30.06 52.68 -49.59
C ALA M 216 29.94 51.71 -48.42
N SER M 217 30.26 52.17 -47.21
CA SER M 217 30.15 51.31 -46.05
C SER M 217 28.70 50.93 -45.77
N GLU M 218 27.78 51.87 -45.95
CA GLU M 218 26.37 51.60 -45.70
C GLU M 218 25.84 50.53 -46.65
N ILE M 219 26.21 50.62 -47.93
CA ILE M 219 25.74 49.65 -48.91
C ILE M 219 26.37 48.29 -48.66
N GLN M 220 27.59 48.26 -48.13
CA GLN M 220 28.24 46.98 -47.84
C GLN M 220 27.43 46.13 -46.88
N ALA M 221 26.62 46.74 -46.03
CA ALA M 221 25.79 46.01 -45.08
C ALA M 221 24.45 45.58 -45.67
N ARG M 222 24.07 46.12 -46.81
CA ARG M 222 22.84 45.75 -47.51
C ARG M 222 23.20 44.93 -48.74
N LYS M 223 22.18 44.62 -49.54
CA LYS M 223 22.36 43.83 -50.75
C LYS M 223 22.02 44.71 -51.95
N LYS M 224 22.99 45.52 -52.35
CA LYS M 224 22.86 46.43 -53.47
C LYS M 224 24.23 46.62 -54.09
N ILE M 225 24.30 47.44 -55.13
CA ILE M 225 25.57 47.82 -55.75
C ILE M 225 25.57 49.33 -55.93
N PHE M 226 26.69 49.96 -55.60
CA PHE M 226 26.82 51.41 -55.59
C PHE M 226 27.82 51.82 -56.67
N PHE M 227 27.32 52.38 -57.77
CA PHE M 227 28.16 52.81 -58.87
C PHE M 227 28.56 54.27 -58.68
N THR M 228 29.86 54.55 -58.84
CA THR M 228 30.38 55.89 -58.65
C THR M 228 31.54 56.11 -59.61
N ALA M 229 31.78 57.37 -59.95
CA ALA M 229 32.90 57.75 -60.80
C ALA M 229 33.91 58.55 -60.01
N ASN M 230 35.05 58.81 -60.63
CA ASN M 230 36.12 59.55 -59.98
C ASN M 230 36.99 60.20 -61.05
N SER M 231 37.54 61.37 -60.72
CA SER M 231 38.42 62.07 -61.65
C SER M 231 39.63 62.66 -60.93
N ASP M 232 40.06 62.08 -59.82
CA ASP M 232 41.21 62.59 -59.07
C ASP M 232 42.49 62.14 -59.75
N VAL M 233 43.32 63.10 -60.16
CA VAL M 233 44.53 62.78 -60.91
C VAL M 233 45.54 62.02 -60.06
N THR M 234 45.46 62.12 -58.73
CA THR M 234 46.43 61.43 -57.88
C THR M 234 46.26 59.92 -57.95
N ALA M 235 45.13 59.43 -58.48
CA ALA M 235 44.92 58.00 -58.58
C ALA M 235 45.79 57.36 -59.65
N LEU M 236 46.38 58.15 -60.54
CA LEU M 236 47.17 57.62 -61.64
C LEU M 236 48.65 57.47 -61.31
N GLN M 237 49.06 57.80 -60.09
CA GLN M 237 50.46 57.78 -59.70
C GLN M 237 50.69 56.76 -58.59
N GLY M 238 51.80 56.05 -58.67
CA GLY M 238 52.13 55.04 -57.69
C GLY M 238 51.58 53.68 -58.04
N THR M 239 52.19 52.65 -57.44
CA THR M 239 51.76 51.28 -57.67
C THR M 239 51.72 50.45 -56.39
N GLU M 240 51.79 51.08 -55.22
CA GLU M 240 51.64 50.39 -53.94
C GLU M 240 50.37 50.88 -53.28
N LEU M 241 49.45 49.96 -52.99
CA LEU M 241 48.17 50.34 -52.42
C LEU M 241 48.33 50.92 -51.03
N ALA M 242 49.33 50.47 -50.28
CA ALA M 242 49.52 50.95 -48.91
C ALA M 242 49.81 52.44 -48.89
N SER M 243 50.64 52.92 -49.81
CA SER M 243 51.03 54.32 -49.82
C SER M 243 49.92 55.23 -50.34
N ALA M 244 49.08 54.74 -51.24
CA ALA M 244 48.08 55.58 -51.86
C ALA M 244 47.04 56.06 -50.85
N ASN M 245 46.49 57.24 -51.10
CA ASN M 245 45.50 57.82 -50.21
C ASN M 245 44.32 58.46 -50.95
N ASP M 246 44.24 58.31 -52.27
CA ASP M 246 43.09 58.82 -53.01
C ASP M 246 41.85 58.00 -52.68
N VAL M 247 40.70 58.49 -53.13
CA VAL M 247 39.43 57.81 -52.82
C VAL M 247 39.43 56.37 -53.33
N PRO M 248 39.79 56.09 -54.58
CA PRO M 248 39.83 54.68 -55.01
C PRO M 248 40.75 53.83 -54.17
N ALA M 249 41.90 54.37 -53.76
CA ALA M 249 42.84 53.59 -52.95
C ALA M 249 42.23 53.22 -51.60
N GLN M 250 41.53 54.16 -50.97
CA GLN M 250 40.91 53.87 -49.68
C GLN M 250 39.84 52.80 -49.81
N LEU M 251 39.05 52.85 -50.89
CA LEU M 251 38.01 51.84 -51.08
C LEU M 251 38.60 50.44 -51.18
N ALA M 252 39.68 50.28 -51.94
CA ALA M 252 40.30 48.98 -52.06
C ALA M 252 40.91 48.51 -50.76
N LYS M 253 41.38 49.44 -49.92
CA LYS M 253 41.97 49.07 -48.64
C LYS M 253 40.94 48.38 -47.75
N ASN M 254 39.71 48.86 -47.75
CA ASN M 254 38.66 48.32 -46.89
C ASN M 254 37.97 47.10 -47.48
N MET M 255 38.35 46.68 -48.68
CA MET M 255 37.87 45.44 -49.28
C MET M 255 36.37 45.50 -49.54
N TYR M 256 35.85 46.67 -49.89
CA TYR M 256 34.44 46.81 -50.22
C TYR M 256 34.16 46.11 -51.55
N THR M 257 33.38 45.03 -51.50
CA THR M 257 33.08 44.26 -52.70
C THR M 257 31.82 44.71 -53.41
N ARG M 258 31.03 45.61 -52.82
CA ARG M 258 29.76 46.03 -53.40
C ARG M 258 29.81 47.45 -53.96
N THR M 259 31.01 48.00 -54.15
CA THR M 259 31.18 49.34 -54.71
C THR M 259 32.01 49.25 -55.98
N VAL M 260 31.52 49.88 -57.05
CA VAL M 260 32.19 49.90 -58.34
C VAL M 260 32.60 51.32 -58.64
N CYS M 261 33.89 51.52 -58.92
CA CYS M 261 34.45 52.84 -59.17
C CYS M 261 35.01 52.88 -60.59
N LEU M 262 34.67 53.94 -61.31
CA LEU M 262 35.10 54.13 -62.70
C LEU M 262 35.86 55.44 -62.79
N TRP M 263 37.06 55.40 -63.37
CA TRP M 263 37.87 56.61 -63.54
C TRP M 263 37.58 57.21 -64.90
N HIS M 264 37.27 58.51 -64.92
CA HIS M 264 36.92 59.20 -66.15
C HIS M 264 37.10 60.69 -65.92
N HIS M 265 37.80 61.36 -66.85
CA HIS M 265 38.09 62.77 -66.67
C HIS M 265 36.82 63.59 -66.59
N ALA M 266 35.84 63.27 -67.42
CA ALA M 266 34.59 64.03 -67.47
C ALA M 266 33.66 63.75 -66.32
N ALA M 267 34.11 63.02 -65.28
CA ALA M 267 33.23 62.65 -64.18
C ALA M 267 33.03 63.77 -63.18
N ALA M 268 33.35 65.02 -63.54
CA ALA M 268 33.18 66.13 -62.60
C ALA M 268 31.77 66.70 -62.68
N GLU M 269 31.29 67.00 -63.89
CA GLU M 269 29.92 67.47 -64.08
C GLU M 269 29.04 66.43 -64.75
N ASP M 270 29.60 65.48 -65.48
CA ASP M 270 28.82 64.44 -66.14
C ASP M 270 28.78 63.20 -65.27
N TYR M 271 27.95 62.24 -65.67
CA TYR M 271 27.71 61.01 -64.91
C TYR M 271 27.84 59.83 -65.86
N PRO M 272 29.08 59.45 -66.21
CA PRO M 272 29.27 58.28 -67.08
C PRO M 272 28.86 56.97 -66.44
N GLU M 273 28.72 56.92 -65.11
CA GLU M 273 28.39 55.66 -64.46
C GLU M 273 27.04 55.13 -64.94
N MET M 274 26.05 56.03 -65.06
CA MET M 274 24.71 55.60 -65.46
C MET M 274 24.71 54.94 -66.82
N ALA M 275 25.66 55.29 -67.69
CA ALA M 275 25.80 54.57 -68.96
C ALA M 275 26.23 53.13 -68.71
N TYR M 276 27.17 52.93 -67.79
CA TYR M 276 27.65 51.57 -67.50
C TYR M 276 26.54 50.72 -66.90
N ILE M 277 25.68 51.31 -66.07
CA ILE M 277 24.58 50.56 -65.48
C ILE M 277 23.66 50.03 -66.57
N ALA M 278 23.35 50.85 -67.58
CA ALA M 278 22.46 50.45 -68.64
C ALA M 278 23.05 49.38 -69.56
N TYR M 279 24.34 49.10 -69.43
CA TYR M 279 24.94 48.06 -70.26
C TYR M 279 24.41 46.68 -69.89
N GLY M 280 24.27 46.40 -68.61
CA GLY M 280 23.92 45.08 -68.14
C GLY M 280 22.55 44.99 -67.49
N ALA M 281 22.00 46.12 -67.07
CA ALA M 281 20.70 46.11 -66.41
C ALA M 281 19.61 45.45 -67.27
N PRO M 282 19.54 45.68 -68.58
CA PRO M 282 18.42 45.12 -69.36
C PRO M 282 18.36 43.61 -69.37
N TYR M 283 19.47 42.93 -69.09
CA TYR M 283 19.56 41.49 -69.23
C TYR M 283 19.44 40.80 -67.88
N ASP M 284 19.22 39.49 -67.92
CA ASP M 284 19.02 38.71 -66.70
C ASP M 284 20.34 38.52 -65.96
N ALA M 285 20.24 38.32 -64.65
CA ALA M 285 21.42 38.34 -63.80
C ALA M 285 22.21 37.04 -63.90
N GLY M 286 23.54 37.17 -63.83
CA GLY M 286 24.43 36.04 -63.73
C GLY M 286 24.85 35.41 -65.04
N SER M 287 24.29 35.85 -66.17
CA SER M 287 24.61 35.27 -67.47
C SER M 287 25.25 36.29 -68.41
N ILE M 288 25.95 37.27 -67.87
CA ILE M 288 26.55 38.34 -68.67
C ILE M 288 27.88 38.73 -68.03
N ALA M 289 28.92 38.84 -68.84
CA ALA M 289 30.21 39.32 -68.37
C ALA M 289 30.28 40.83 -68.59
N TRP M 290 30.63 41.57 -67.53
CA TRP M 290 30.59 43.02 -67.60
C TRP M 290 31.85 43.64 -68.19
N GLY M 291 32.91 42.85 -68.40
CA GLY M 291 34.10 43.39 -69.01
C GLY M 291 33.96 43.56 -70.51
N ASN M 292 34.90 44.29 -71.09
CA ASN M 292 34.93 44.54 -72.53
C ASN M 292 33.66 45.23 -73.01
N ALA M 293 33.02 46.02 -72.16
CA ALA M 293 31.75 46.65 -72.52
C ALA M 293 32.00 47.81 -73.49
N GLN M 294 31.10 47.94 -74.46
CA GLN M 294 31.09 49.09 -75.36
C GLN M 294 29.96 50.02 -74.98
N LEU M 295 30.30 51.30 -74.82
CA LEU M 295 29.33 52.33 -74.44
C LEU M 295 29.25 53.36 -75.55
N THR M 296 28.02 53.73 -75.92
CA THR M 296 27.81 54.68 -76.99
C THR M 296 27.90 56.11 -76.47
N GLY M 297 28.78 56.90 -77.09
CA GLY M 297 28.92 58.30 -76.76
C GLY M 297 29.87 58.61 -75.63
N VAL M 298 30.42 57.60 -74.96
CA VAL M 298 31.36 57.82 -73.87
C VAL M 298 32.77 57.76 -74.41
N ALA M 299 33.51 58.85 -74.30
CA ALA M 299 34.87 58.90 -74.80
C ALA M 299 35.82 58.18 -73.83
N ALA M 300 36.98 57.79 -74.36
CA ALA M 300 37.97 57.10 -73.56
C ALA M 300 38.51 58.03 -72.48
N SER M 301 38.97 57.44 -71.38
CA SER M 301 39.58 58.21 -70.31
C SER M 301 40.81 58.95 -70.84
N LEU M 302 40.93 60.22 -70.47
CA LEU M 302 42.03 61.06 -70.94
C LEU M 302 42.69 61.76 -69.77
N GLN M 303 43.98 62.02 -69.93
CA GLN M 303 44.71 62.81 -68.95
C GLN M 303 44.22 64.25 -68.99
N PRO M 304 43.86 64.85 -67.85
CA PRO M 304 43.43 66.26 -67.90
C PRO M 304 44.47 67.20 -68.47
N SER M 305 45.75 66.92 -68.24
CA SER M 305 46.79 67.89 -68.61
C SER M 305 46.86 68.11 -70.11
N ASN M 306 46.84 67.04 -70.91
CA ASN M 306 47.11 67.14 -72.33
C ASN M 306 46.11 66.38 -73.20
N GLN M 307 45.01 65.89 -72.63
CA GLN M 307 43.95 65.23 -73.40
C GLN M 307 44.48 64.05 -74.20
N ARG M 308 45.46 63.33 -73.66
CA ARG M 308 45.94 62.11 -74.29
C ARG M 308 45.38 60.89 -73.57
N PRO M 309 45.13 59.79 -74.27
CA PRO M 309 44.70 58.58 -73.58
C PRO M 309 45.73 58.14 -72.56
N LEU M 310 45.24 57.57 -71.46
CA LEU M 310 46.12 57.19 -70.36
C LEU M 310 47.16 56.20 -70.83
N THR M 311 48.38 56.32 -70.32
CA THR M 311 49.47 55.47 -70.72
C THR M 311 49.40 54.13 -69.98
N SER M 312 50.31 53.23 -70.34
CA SER M 312 50.33 51.91 -69.71
C SER M 312 50.64 52.02 -68.23
N ILE M 313 51.55 52.92 -67.85
CA ILE M 313 51.91 53.09 -66.44
C ILE M 313 50.69 53.52 -65.64
N GLN M 314 49.94 54.48 -66.16
CA GLN M 314 48.78 54.98 -65.43
C GLN M 314 47.69 53.91 -65.31
N LYS M 315 47.54 53.08 -66.35
CA LYS M 315 46.55 52.01 -66.27
C LYS M 315 46.92 51.01 -65.20
N SER M 316 48.21 50.69 -65.05
CA SER M 316 48.64 49.78 -64.00
C SER M 316 48.38 50.37 -62.62
N ALA M 317 48.47 51.69 -62.50
CA ALA M 317 48.16 52.33 -61.22
C ALA M 317 46.70 52.11 -60.85
N LEU M 318 45.81 52.17 -61.83
CA LEU M 318 44.40 51.89 -61.55
C LEU M 318 44.17 50.42 -61.26
N ASP M 319 44.96 49.53 -61.86
CA ASP M 319 44.76 48.10 -61.63
C ASP M 319 44.99 47.72 -60.18
N VAL M 320 46.06 48.25 -59.57
CA VAL M 320 46.32 47.93 -58.17
C VAL M 320 45.28 48.55 -57.25
N ARG M 321 44.57 49.57 -57.71
CA ARG M 321 43.48 50.19 -56.96
C ARG M 321 42.14 49.56 -57.26
N HIS M 322 42.08 48.54 -58.11
CA HIS M 322 40.83 47.89 -58.48
C HIS M 322 39.81 48.91 -58.98
N CYS M 323 40.26 49.81 -59.85
CA CYS M 323 39.42 50.84 -60.43
C CYS M 323 39.30 50.62 -61.94
N ASN M 324 38.08 50.68 -62.44
CA ASN M 324 37.83 50.48 -63.85
C ASN M 324 38.24 51.71 -64.65
N PHE M 325 38.36 51.53 -65.96
CA PHE M 325 38.72 52.61 -66.87
C PHE M 325 38.27 52.22 -68.27
N ILE M 326 38.23 53.22 -69.15
CA ILE M 326 37.82 53.01 -70.54
C ILE M 326 39.10 52.91 -71.36
N ASP M 327 39.60 51.68 -71.50
CA ASP M 327 40.78 51.43 -72.28
C ASP M 327 40.50 51.73 -73.76
N LEU M 328 41.50 51.51 -74.60
CA LEU M 328 41.36 51.69 -76.04
C LEU M 328 41.88 50.46 -76.76
N ASP M 329 41.02 49.84 -77.56
CA ASP M 329 41.44 48.91 -78.60
C ASP M 329 41.97 49.75 -79.74
N GLY M 330 42.09 49.15 -80.93
CA GLY M 330 42.49 49.91 -82.09
C GLY M 330 41.41 50.84 -82.59
N GLY M 331 41.09 51.87 -81.80
CA GLY M 331 40.10 52.86 -82.16
C GLY M 331 38.75 52.69 -81.52
N VAL M 332 38.56 51.70 -80.65
CA VAL M 332 37.28 51.39 -80.04
C VAL M 332 37.43 51.47 -78.53
N PRO M 333 36.74 52.40 -77.85
CA PRO M 333 36.81 52.41 -76.38
C PRO M 333 36.04 51.26 -75.77
N VAL M 334 36.54 50.74 -74.66
CA VAL M 334 35.93 49.61 -73.97
C VAL M 334 36.27 49.68 -72.50
N VAL M 335 35.27 49.47 -71.64
CA VAL M 335 35.49 49.30 -70.21
C VAL M 335 35.97 47.88 -70.00
N ARG M 336 37.22 47.71 -69.60
CA ARG M 336 37.89 46.42 -69.76
C ARG M 336 37.55 45.43 -68.65
N ARG M 337 37.89 45.75 -67.41
CA ARG M 337 37.85 44.72 -66.37
C ARG M 337 36.46 44.55 -65.77
N GLY M 338 35.84 45.64 -65.33
CA GLY M 338 34.53 45.54 -64.71
C GLY M 338 34.54 44.74 -63.42
N ILE M 339 35.52 45.01 -62.56
CA ILE M 339 35.62 44.36 -61.25
C ILE M 339 35.30 45.38 -60.18
N THR M 340 34.67 44.91 -59.10
CA THR M 340 34.38 45.75 -57.96
C THR M 340 35.67 46.09 -57.22
N SER M 341 35.56 47.02 -56.28
CA SER M 341 36.73 47.46 -55.53
C SER M 341 37.30 46.35 -54.65
N GLY M 342 36.53 45.28 -54.41
CA GLY M 342 37.01 44.16 -53.65
C GLY M 342 37.66 43.06 -54.46
N GLY M 343 37.83 43.25 -55.77
CA GLY M 343 38.45 42.27 -56.62
C GLY M 343 37.51 41.21 -57.17
N GLU M 344 36.22 41.31 -56.91
CA GLU M 344 35.26 40.31 -57.34
C GLU M 344 34.54 40.78 -58.60
N TRP M 345 34.43 39.87 -59.58
CA TRP M 345 33.75 40.22 -60.82
C TRP M 345 32.31 40.62 -60.54
N ILE M 346 31.81 41.59 -61.29
CA ILE M 346 30.46 42.11 -61.04
C ILE M 346 29.44 40.98 -61.21
N ASP M 347 29.57 40.20 -62.27
CA ASP M 347 28.55 39.19 -62.56
C ASP M 347 28.47 38.15 -61.45
N ILE M 348 29.54 37.99 -60.68
CA ILE M 348 29.50 37.10 -59.52
C ILE M 348 28.61 37.69 -58.43
N VAL M 349 28.76 38.99 -58.17
CA VAL M 349 27.99 39.64 -57.12
C VAL M 349 26.51 39.70 -57.50
N ARG M 350 26.23 40.09 -58.74
CA ARG M 350 24.85 40.19 -59.20
C ARG M 350 24.17 38.83 -59.18
N GLY M 351 24.88 37.79 -59.63
CA GLY M 351 24.29 36.46 -59.66
C GLY M 351 24.02 35.92 -58.28
N VAL M 352 24.90 36.21 -57.33
CA VAL M 352 24.71 35.72 -55.96
C VAL M 352 23.49 36.39 -55.33
N ASP M 353 23.24 37.65 -55.67
CA ASP M 353 22.09 38.35 -55.11
C ASP M 353 20.78 37.83 -55.69
N TRP M 354 20.76 37.56 -57.00
CA TRP M 354 19.55 37.00 -57.60
C TRP M 354 19.26 35.60 -57.03
N LEU M 355 20.31 34.79 -56.90
CA LEU M 355 20.12 33.45 -56.35
C LEU M 355 19.62 33.52 -54.92
N GLU M 356 20.16 34.44 -54.13
CA GLU M 356 19.77 34.54 -52.73
C GLU M 356 18.37 35.11 -52.56
N SER M 357 17.82 35.76 -53.59
CA SER M 357 16.44 36.22 -53.56
C SER M 357 15.48 35.16 -54.04
N ASP M 358 15.88 34.37 -55.05
CA ASP M 358 15.04 33.27 -55.50
C ASP M 358 14.87 32.22 -54.42
N LEU M 359 15.95 31.91 -53.69
CA LEU M 359 15.86 30.93 -52.61
C LEU M 359 14.93 31.41 -51.52
N LYS M 360 15.00 32.69 -51.17
CA LYS M 360 14.14 33.22 -50.11
C LYS M 360 12.67 33.14 -50.51
N THR M 361 12.36 33.48 -51.76
CA THR M 361 10.96 33.43 -52.20
C THR M 361 10.42 32.01 -52.16
N SER M 362 11.22 31.03 -52.61
CA SER M 362 10.74 29.66 -52.66
C SER M 362 10.48 29.13 -51.26
N LEU M 363 11.40 29.37 -50.33
CA LEU M 363 11.23 28.89 -48.97
C LEU M 363 10.05 29.56 -48.29
N ARG M 364 9.87 30.86 -48.50
CA ARG M 364 8.74 31.55 -47.89
C ARG M 364 7.41 31.07 -48.44
N ASP M 365 7.43 30.41 -49.59
CA ASP M 365 6.19 29.81 -50.10
C ASP M 365 5.74 28.66 -49.21
N LEU M 366 6.68 27.96 -48.59
CA LEU M 366 6.36 26.84 -47.71
C LEU M 366 6.11 27.28 -46.28
N LEU M 367 7.01 28.11 -45.74
CA LEU M 367 6.89 28.52 -44.35
C LEU M 367 5.70 29.43 -44.13
N ILE M 368 5.47 30.39 -45.02
CA ILE M 368 4.44 31.40 -44.83
C ILE M 368 3.19 31.08 -45.63
N ASN M 369 3.33 30.85 -46.93
CA ASN M 369 2.16 30.57 -47.77
C ASN M 369 1.56 29.21 -47.47
N GLN M 370 2.37 28.25 -47.01
CA GLN M 370 1.87 26.94 -46.60
C GLN M 370 1.27 26.18 -47.78
N LYS M 371 2.02 26.10 -48.87
CA LYS M 371 1.62 25.22 -49.97
C LYS M 371 1.94 23.79 -49.61
N GLY M 372 0.93 22.92 -49.67
CA GLY M 372 1.10 21.57 -49.19
C GLY M 372 1.07 21.42 -47.69
N GLY M 373 0.70 22.47 -46.96
CA GLY M 373 0.62 22.41 -45.51
C GLY M 373 1.93 22.75 -44.84
N LYS M 374 1.85 22.92 -43.52
CA LYS M 374 3.04 23.22 -42.73
C LYS M 374 4.05 22.09 -42.85
N ILE M 375 5.28 22.37 -42.40
CA ILE M 375 6.38 21.43 -42.48
C ILE M 375 6.54 20.74 -41.13
N THR M 376 6.54 19.41 -41.15
CA THR M 376 6.80 18.63 -39.95
C THR M 376 8.31 18.54 -39.70
N TYR M 377 8.68 18.24 -38.46
CA TYR M 377 10.08 18.17 -38.05
C TYR M 377 10.60 16.73 -38.04
N ASP M 378 10.14 15.92 -38.97
CA ASP M 378 10.70 14.60 -39.21
C ASP M 378 11.34 14.57 -40.59
N ASP M 379 11.80 13.39 -41.00
CA ASP M 379 12.50 13.27 -42.27
C ASP M 379 11.62 13.70 -43.43
N THR M 380 10.30 13.64 -43.27
CA THR M 380 9.40 14.06 -44.34
C THR M 380 9.55 15.55 -44.63
N GLY M 381 9.56 16.37 -43.58
CA GLY M 381 9.66 17.81 -43.78
C GLY M 381 11.01 18.22 -44.34
N ILE M 382 12.08 17.59 -43.86
CA ILE M 382 13.42 17.98 -44.28
C ILE M 382 13.63 17.68 -45.75
N THR M 383 13.05 16.59 -46.26
CA THR M 383 13.19 16.29 -47.68
C THR M 383 12.52 17.35 -48.54
N ARG M 384 11.43 17.94 -48.04
CA ARG M 384 10.80 19.04 -48.77
C ARG M 384 11.73 20.24 -48.86
N ILE M 385 12.46 20.53 -47.79
CA ILE M 385 13.42 21.65 -47.81
C ILE M 385 14.54 21.35 -48.81
N ARG M 386 14.92 20.08 -48.92
CA ARG M 386 15.94 19.72 -49.90
C ARG M 386 15.44 19.97 -51.32
N GLN M 387 14.17 19.69 -51.57
CA GLN M 387 13.64 19.82 -52.93
C GLN M 387 13.58 21.28 -53.35
N VAL M 388 13.11 22.17 -52.48
CA VAL M 388 12.99 23.57 -52.84
C VAL M 388 14.36 24.19 -53.07
N ILE M 389 15.33 23.88 -52.20
CA ILE M 389 16.68 24.43 -52.38
C ILE M 389 17.30 23.92 -53.67
N GLU M 390 17.16 22.62 -53.95
CA GLU M 390 17.75 22.06 -55.16
C GLU M 390 17.15 22.68 -56.41
N THR M 391 15.84 22.93 -56.39
CA THR M 391 15.20 23.50 -57.57
C THR M 391 15.78 24.87 -57.91
N SER M 392 15.98 25.72 -56.90
CA SER M 392 16.53 27.04 -57.16
C SER M 392 17.93 26.96 -57.71
N LEU M 393 18.76 26.05 -57.17
CA LEU M 393 20.12 25.90 -57.69
C LEU M 393 20.10 25.43 -59.13
N GLN M 394 19.19 24.50 -59.46
CA GLN M 394 19.10 24.03 -60.84
C GLN M 394 18.72 25.17 -61.77
N ARG M 395 17.92 26.12 -61.29
CA ARG M 395 17.59 27.29 -62.09
C ARG M 395 18.84 28.10 -62.42
N ALA M 396 19.79 28.16 -61.48
CA ALA M 396 21.04 28.84 -61.75
C ALA M 396 21.84 28.10 -62.82
N VAL M 397 21.81 26.77 -62.79
CA VAL M 397 22.56 25.99 -63.77
C VAL M 397 21.99 26.20 -65.17
N ASN M 398 20.67 26.37 -65.28
CA ASN M 398 20.06 26.57 -66.58
C ASN M 398 20.51 27.87 -67.22
N ARG M 399 20.81 28.89 -66.43
CA ARG M 399 21.32 30.15 -66.95
C ARG M 399 22.78 30.07 -67.34
N ASN M 400 23.47 28.97 -67.05
CA ASN M 400 24.90 28.82 -67.25
C ASN M 400 25.70 29.58 -66.21
N PHE M 401 25.06 29.99 -65.11
CA PHE M 401 25.79 30.66 -64.04
C PHE M 401 26.66 29.70 -63.25
N LEU M 402 26.15 28.49 -63.00
CA LEU M 402 26.88 27.44 -62.31
C LEU M 402 27.06 26.26 -63.26
N SER M 403 27.68 25.19 -62.73
CA SER M 403 27.85 23.96 -63.49
C SER M 403 27.54 22.71 -62.68
N SER M 404 27.37 22.82 -61.36
CA SER M 404 27.06 21.67 -60.51
C SER M 404 26.75 22.21 -59.12
N TYR M 405 26.42 21.30 -58.20
CA TYR M 405 26.11 21.69 -56.84
C TYR M 405 25.90 20.43 -56.00
N THR M 406 25.86 20.63 -54.68
CA THR M 406 25.51 19.57 -53.75
C THR M 406 24.77 20.19 -52.59
N VAL M 407 23.92 19.39 -51.93
CA VAL M 407 23.13 19.84 -50.81
C VAL M 407 23.25 18.80 -49.69
N ASN M 408 23.39 19.28 -48.46
CA ASN M 408 23.50 18.43 -47.29
C ASN M 408 22.52 18.90 -46.23
N VAL M 409 21.83 17.95 -45.60
CA VAL M 409 20.87 18.27 -44.55
C VAL M 409 21.06 17.31 -43.39
N PRO M 410 20.76 17.76 -42.18
CA PRO M 410 20.92 16.89 -41.01
C PRO M 410 19.86 15.80 -40.98
N LYS M 411 20.24 14.64 -40.42
CA LYS M 411 19.28 13.58 -40.22
C LYS M 411 18.33 13.94 -39.08
N ALA M 412 17.06 13.61 -39.26
CA ALA M 412 16.06 13.96 -38.26
C ALA M 412 16.30 13.26 -36.93
N SER M 413 17.03 12.16 -36.93
CA SER M 413 17.28 11.38 -35.72
C SER M 413 18.54 11.82 -34.98
N GLN M 414 19.23 12.86 -35.46
CA GLN M 414 20.46 13.32 -34.84
C GLN M 414 20.42 14.77 -34.41
N VAL M 415 19.40 15.53 -34.79
CA VAL M 415 19.32 16.93 -34.38
C VAL M 415 19.04 17.00 -32.88
N ALA M 416 19.76 17.86 -32.19
CA ALA M 416 19.59 18.01 -30.75
C ALA M 416 18.16 18.41 -30.43
N LEU M 417 17.62 17.85 -29.35
CA LEU M 417 16.24 18.07 -28.98
C LEU M 417 15.99 19.44 -28.37
N ALA M 418 16.98 20.32 -28.38
CA ALA M 418 16.76 21.71 -28.00
C ALA M 418 16.25 22.54 -29.17
N ASP M 419 16.72 22.24 -30.39
CA ASP M 419 16.20 22.91 -31.57
C ASP M 419 14.77 22.48 -31.88
N LYS M 420 14.43 21.22 -31.58
CA LYS M 420 13.09 20.74 -31.87
C LYS M 420 12.04 21.53 -31.09
N LYS M 421 12.40 22.08 -29.93
CA LYS M 421 11.50 22.92 -29.17
C LYS M 421 11.53 24.37 -29.63
N ALA M 422 12.62 24.80 -30.28
CA ALA M 422 12.70 26.14 -30.83
C ALA M 422 12.18 26.22 -32.26
N ARG M 423 11.85 25.08 -32.88
CA ARG M 423 11.32 25.05 -34.24
C ARG M 423 12.29 25.72 -35.22
N ILE M 424 13.59 25.46 -35.04
CA ILE M 424 14.62 26.04 -35.89
C ILE M 424 15.46 24.90 -36.46
N LEU M 425 15.71 24.96 -37.76
CA LEU M 425 16.51 23.97 -38.47
C LEU M 425 17.82 24.60 -38.88
N LYS M 426 18.93 23.99 -38.48
CA LYS M 426 20.27 24.48 -38.79
C LYS M 426 21.03 23.45 -39.60
N ASP M 427 22.29 23.75 -39.88
CA ASP M 427 23.23 22.85 -40.54
C ASP M 427 22.79 22.47 -41.95
N VAL M 428 22.08 23.36 -42.64
CA VAL M 428 21.74 23.17 -44.04
C VAL M 428 22.75 23.96 -44.86
N THR M 429 23.49 23.26 -45.73
CA THR M 429 24.57 23.88 -46.49
C THR M 429 24.57 23.35 -47.91
N PHE M 430 25.28 24.06 -48.78
CA PHE M 430 25.43 23.65 -50.17
C PHE M 430 26.70 24.25 -50.72
N ALA M 431 27.05 23.85 -51.94
CA ALA M 431 28.22 24.38 -52.62
C ALA M 431 27.95 24.40 -54.11
N GLY M 432 28.60 25.33 -54.81
CA GLY M 432 28.43 25.46 -56.23
C GLY M 432 29.76 25.64 -56.92
N ILE M 433 29.77 25.39 -58.22
CA ILE M 433 30.96 25.54 -59.06
C ILE M 433 30.64 26.56 -60.13
N LEU M 434 31.41 27.64 -60.16
CA LEU M 434 31.17 28.72 -61.11
C LEU M 434 31.51 28.27 -62.54
N ALA M 435 30.80 28.85 -63.50
CA ALA M 435 31.01 28.50 -64.90
C ALA M 435 32.28 29.14 -65.45
N GLY M 436 32.43 30.45 -65.26
CA GLY M 436 33.58 31.17 -65.75
C GLY M 436 33.34 31.74 -67.14
N ALA M 437 34.34 32.49 -67.61
CA ALA M 437 34.29 33.12 -68.92
C ALA M 437 35.71 33.47 -69.34
N ILE M 438 35.83 33.99 -70.56
CA ILE M 438 37.12 34.35 -71.14
C ILE M 438 37.05 35.81 -71.58
N LEU M 439 38.08 36.58 -71.24
CA LEU M 439 38.16 37.98 -71.62
C LEU M 439 39.44 38.34 -72.34
N ASP M 440 40.54 37.65 -72.06
CA ASP M 440 41.83 37.93 -72.67
C ASP M 440 42.37 36.66 -73.33
N VAL M 441 43.36 36.85 -74.20
CA VAL M 441 43.96 35.75 -74.96
C VAL M 441 45.46 36.01 -75.11
N ASP M 442 46.24 34.94 -75.08
CA ASP M 442 47.68 34.99 -75.30
C ASP M 442 48.06 33.99 -76.38
N LEU M 443 48.96 34.40 -77.27
CA LEU M 443 49.23 33.64 -78.48
C LEU M 443 50.70 33.77 -78.85
N LYS M 444 51.25 32.70 -79.40
CA LYS M 444 52.63 32.69 -79.89
C LYS M 444 52.69 31.82 -81.13
N GLY M 445 53.62 32.15 -82.03
CA GLY M 445 53.74 31.43 -83.28
C GLY M 445 55.10 31.63 -83.90
N THR M 446 55.32 30.93 -85.01
CA THR M 446 56.61 30.98 -85.70
C THR M 446 56.38 30.92 -87.20
N VAL M 447 57.32 31.47 -87.95
CA VAL M 447 57.29 31.46 -89.40
C VAL M 447 58.63 30.94 -89.89
N ALA M 448 58.60 30.01 -90.83
CA ALA M 448 59.82 29.44 -91.37
C ALA M 448 59.54 28.86 -92.75
N TYR M 449 60.61 28.63 -93.50
CA TYR M 449 60.50 28.03 -94.82
C TYR M 449 60.13 26.55 -94.70
N TRP N 2 21.41 79.99 -100.28
CA TRP N 2 20.89 79.37 -101.50
C TRP N 2 22.06 78.78 -102.29
N ASN N 3 21.81 77.62 -102.89
CA ASN N 3 22.80 76.91 -103.67
C ASN N 3 22.21 76.54 -105.01
N PRO N 4 23.02 76.54 -106.08
CA PRO N 4 22.49 76.17 -107.39
C PRO N 4 22.03 74.73 -107.43
N ILE N 5 21.10 74.45 -108.33
CA ILE N 5 20.61 73.08 -108.49
C ILE N 5 21.77 72.15 -108.87
N VAL N 6 22.67 72.61 -109.73
CA VAL N 6 23.86 71.86 -110.12
C VAL N 6 25.06 72.76 -109.96
N ASN N 7 26.12 72.24 -109.35
CA ASN N 7 27.35 72.99 -109.09
C ASN N 7 28.51 72.32 -109.80
N VAL N 8 29.32 73.11 -110.48
CA VAL N 8 30.41 72.60 -111.31
C VAL N 8 31.66 73.44 -111.05
N ASP N 9 32.81 72.78 -110.91
CA ASP N 9 34.08 73.44 -110.64
C ASP N 9 35.00 73.47 -111.85
N ILE N 10 35.34 72.29 -112.38
CA ILE N 10 36.18 72.18 -113.57
C ILE N 10 37.44 73.03 -113.42
N THR N 11 38.22 72.78 -112.37
CA THR N 11 39.51 73.43 -112.24
C THR N 11 40.46 72.93 -113.32
N LEU N 12 41.36 73.82 -113.75
CA LEU N 12 42.32 73.51 -114.81
C LEU N 12 43.66 73.05 -114.21
N ASN N 13 43.65 71.84 -113.68
CA ASN N 13 44.82 71.25 -113.05
C ASN N 13 44.77 69.73 -113.17
N THR N 14 45.93 69.15 -113.47
CA THR N 14 46.05 67.70 -113.50
C THR N 14 45.99 67.15 -112.07
N ALA N 15 45.53 65.91 -111.96
CA ALA N 15 45.37 65.29 -110.65
C ALA N 15 45.76 63.82 -110.76
N GLY N 16 46.10 63.24 -109.60
CA GLY N 16 46.46 61.84 -109.53
C GLY N 16 45.60 61.12 -108.53
N THR N 17 45.77 59.80 -108.48
CA THR N 17 44.98 58.96 -107.59
C THR N 17 45.77 58.56 -106.37
N THR N 18 45.07 58.41 -105.25
CA THR N 18 45.68 57.99 -104.00
C THR N 18 45.33 56.54 -103.70
N ARG N 19 46.27 55.84 -103.06
CA ARG N 19 46.06 54.47 -102.64
C ARG N 19 46.69 54.30 -101.27
N GLU N 20 46.20 53.35 -100.50
CA GLU N 20 46.62 53.15 -99.13
C GLU N 20 46.82 51.67 -98.85
N GLY N 21 47.72 51.39 -97.92
CA GLY N 21 48.07 50.02 -97.60
C GLY N 21 48.30 49.87 -96.11
N PHE N 22 49.44 49.28 -95.77
CA PHE N 22 49.79 49.02 -94.38
C PHE N 22 50.84 50.01 -93.92
N GLY N 23 50.46 50.92 -93.02
CA GLY N 23 51.41 51.80 -92.37
C GLY N 23 51.59 53.14 -93.06
N LEU N 24 51.66 54.20 -92.25
CA LEU N 24 51.93 55.54 -92.77
C LEU N 24 53.29 56.03 -92.27
N PRO N 25 54.00 56.83 -93.07
CA PRO N 25 55.34 57.25 -92.69
C PRO N 25 55.34 58.43 -91.72
N LEU N 26 56.50 58.62 -91.09
CA LEU N 26 56.73 59.75 -90.19
C LEU N 26 58.17 60.21 -90.37
N PHE N 27 58.36 61.52 -90.53
CA PHE N 27 59.66 62.12 -90.72
C PHE N 27 60.00 62.97 -89.51
N LEU N 28 61.14 62.68 -88.90
CA LEU N 28 61.56 63.32 -87.64
C LEU N 28 62.65 64.34 -87.95
N ALA N 29 62.30 65.61 -87.84
CA ALA N 29 63.18 66.69 -88.25
C ALA N 29 63.33 67.71 -87.13
N SER N 30 64.43 68.45 -87.18
CA SER N 30 64.68 69.53 -86.22
C SER N 30 64.02 70.80 -86.75
N THR N 31 62.97 71.25 -86.06
CA THR N 31 62.19 72.39 -86.53
C THR N 31 61.57 73.10 -85.33
N ASP N 32 61.14 74.34 -85.57
CA ASP N 32 60.43 75.13 -84.57
C ASP N 32 59.27 75.88 -85.19
N ASN N 33 58.75 75.37 -86.30
CA ASN N 33 57.68 76.08 -87.02
C ASN N 33 56.31 75.83 -86.42
N PHE N 34 56.17 74.87 -85.51
CA PHE N 34 54.91 74.68 -84.80
C PHE N 34 55.20 74.05 -83.45
N GLU N 35 54.24 74.21 -82.54
CA GLU N 35 54.43 73.78 -81.15
C GLU N 35 54.19 72.28 -80.99
N GLU N 36 53.09 71.77 -81.54
CA GLU N 36 52.76 70.37 -81.37
C GLU N 36 53.89 69.49 -81.86
N ARG N 37 54.17 68.41 -81.12
CA ARG N 37 55.27 67.54 -81.48
C ARG N 37 54.96 66.64 -82.67
N VAL N 38 53.72 66.64 -83.15
CA VAL N 38 53.34 65.85 -84.32
C VAL N 38 52.25 66.58 -85.08
N ARG N 39 52.27 66.47 -86.40
CA ARG N 39 51.26 67.04 -87.27
C ARG N 39 51.07 66.13 -88.48
N GLY N 40 49.96 66.32 -89.17
CA GLY N 40 49.63 65.48 -90.32
C GLY N 40 49.24 66.32 -91.51
N TYR N 41 49.85 66.01 -92.66
CA TYR N 41 49.57 66.68 -93.92
C TYR N 41 49.20 65.63 -94.96
N THR N 42 48.20 65.95 -95.79
CA THR N 42 47.74 65.03 -96.81
C THR N 42 48.22 65.39 -98.21
N SER N 43 48.99 66.47 -98.36
CA SER N 43 49.50 66.85 -99.67
C SER N 43 50.69 67.78 -99.48
N LEU N 44 51.46 67.94 -100.56
CA LEU N 44 52.67 68.75 -100.49
C LEU N 44 52.34 70.23 -100.30
N THR N 45 51.22 70.69 -100.86
CA THR N 45 50.90 72.11 -100.76
C THR N 45 50.71 72.54 -99.32
N GLU N 46 50.13 71.68 -98.48
CA GLU N 46 49.98 72.00 -97.07
C GLU N 46 51.34 72.13 -96.39
N VAL N 47 52.29 71.26 -96.75
CA VAL N 47 53.63 71.38 -96.20
C VAL N 47 54.25 72.72 -96.57
N ALA N 48 53.98 73.22 -97.77
CA ALA N 48 54.50 74.49 -98.22
C ALA N 48 54.03 75.65 -97.36
N GLU N 49 52.93 75.50 -96.63
CA GLU N 49 52.43 76.53 -95.74
C GLU N 49 53.22 76.64 -94.45
N ASP N 50 53.52 75.51 -93.80
CA ASP N 50 54.27 75.52 -92.55
C ASP N 50 55.77 75.47 -92.77
N PHE N 51 56.23 75.29 -94.01
CA PHE N 51 57.65 75.20 -94.31
C PHE N 51 57.91 75.84 -95.65
N ASP N 52 59.20 76.08 -95.94
CA ASP N 52 59.65 76.66 -97.19
C ASP N 52 60.39 75.62 -98.01
N GLU N 53 60.98 76.07 -99.12
CA GLU N 53 61.57 75.15 -100.08
C GLU N 53 62.95 74.67 -99.66
N ASN N 54 63.55 75.28 -98.64
CA ASN N 54 64.92 74.94 -98.26
C ASN N 54 65.00 74.07 -97.02
N THR N 55 63.89 73.85 -96.31
CA THR N 55 63.91 73.04 -95.11
C THR N 55 63.91 71.56 -95.45
N ALA N 56 64.51 70.77 -94.57
CA ALA N 56 64.58 69.32 -94.79
C ALA N 56 63.19 68.71 -94.85
N ALA N 57 62.27 69.20 -94.04
CA ALA N 57 60.92 68.63 -94.04
C ALA N 57 60.26 68.76 -95.40
N TYR N 58 60.38 69.94 -96.03
CA TYR N 58 59.79 70.11 -97.35
C TYR N 58 60.50 69.24 -98.39
N LYS N 59 61.82 69.10 -98.28
CA LYS N 59 62.53 68.20 -99.17
C LYS N 59 61.96 66.78 -99.07
N ALA N 60 61.83 66.27 -97.84
CA ALA N 60 61.32 64.93 -97.64
C ALA N 60 59.89 64.80 -98.16
N ALA N 61 59.05 65.79 -97.88
CA ALA N 61 57.68 65.75 -98.37
C ALA N 61 57.64 65.71 -99.88
N LYS N 62 58.48 66.51 -100.54
CA LYS N 62 58.51 66.52 -102.01
C LYS N 62 58.97 65.18 -102.55
N GLN N 63 59.97 64.57 -101.92
CA GLN N 63 60.45 63.27 -102.39
C GLN N 63 59.38 62.20 -102.25
N LEU N 64 58.66 62.19 -101.14
CA LEU N 64 57.71 61.12 -100.86
C LEU N 64 56.59 61.09 -101.90
N TRP N 65 56.07 62.26 -102.25
CA TRP N 65 54.93 62.36 -103.15
C TRP N 65 55.34 62.40 -104.61
N SER N 66 56.58 62.07 -104.93
CA SER N 66 56.99 61.96 -106.34
C SER N 66 56.47 60.67 -106.96
N GLN N 67 56.37 59.60 -106.16
CA GLN N 67 55.93 58.32 -106.68
C GLN N 67 54.43 58.33 -106.91
N THR N 68 53.96 57.31 -107.65
CA THR N 68 52.56 57.17 -108.00
C THR N 68 52.21 55.69 -107.97
N PRO N 69 51.10 55.30 -107.31
CA PRO N 69 50.12 56.12 -106.58
C PRO N 69 50.73 56.78 -105.35
N LYS N 70 50.07 57.81 -104.81
CA LYS N 70 50.65 58.65 -103.78
C LYS N 70 50.15 58.22 -102.41
N VAL N 71 51.04 58.25 -101.42
CA VAL N 71 50.68 57.82 -100.08
C VAL N 71 49.58 58.72 -99.55
N THR N 72 48.73 58.16 -98.67
CA THR N 72 47.56 58.89 -98.20
C THR N 72 47.93 60.08 -97.31
N GLN N 73 48.86 59.86 -96.37
CA GLN N 73 49.14 60.88 -95.36
C GLN N 73 50.60 60.80 -94.96
N LEU N 74 51.08 61.89 -94.36
CA LEU N 74 52.46 62.01 -93.89
C LEU N 74 52.46 62.69 -92.54
N TYR N 75 53.35 62.25 -91.66
CA TYR N 75 53.50 62.86 -90.34
C TYR N 75 54.88 63.50 -90.21
N ILE N 76 54.95 64.53 -89.38
CA ILE N 76 56.20 65.23 -89.11
C ILE N 76 56.34 65.42 -87.61
N GLY N 77 57.52 65.11 -87.09
CA GLY N 77 57.77 65.22 -85.67
C GLY N 77 58.82 66.26 -85.37
N ARG N 78 58.69 66.90 -84.21
CA ARG N 78 59.55 68.00 -83.80
C ARG N 78 60.52 67.51 -82.74
N ARG N 79 61.81 67.77 -82.94
CA ARG N 79 62.80 67.43 -81.94
C ARG N 79 63.06 68.60 -81.00
N ALA N 80 63.44 68.29 -79.76
CA ALA N 80 63.77 69.33 -78.80
C ALA N 80 65.02 70.08 -79.26
N MET N 81 65.05 71.38 -78.97
CA MET N 81 66.10 72.27 -79.45
C MET N 81 66.71 73.05 -78.29
N GLN N 82 67.98 73.42 -78.48
CA GLN N 82 68.70 74.32 -77.59
C GLN N 82 69.30 75.45 -78.42
N TYR N 83 69.32 76.63 -77.84
CA TYR N 83 69.79 77.83 -78.52
C TYR N 83 71.04 78.37 -77.82
N THR N 84 71.79 79.19 -78.55
CA THR N 84 73.00 79.79 -78.03
C THR N 84 73.12 81.20 -78.60
N VAL N 85 73.51 82.14 -77.74
CA VAL N 85 73.58 83.54 -78.09
C VAL N 85 74.95 84.09 -77.71
N SER N 86 75.55 84.82 -78.64
CA SER N 86 76.83 85.45 -78.41
C SER N 86 76.88 86.75 -79.22
N ILE N 87 77.71 87.67 -78.75
CA ILE N 87 77.89 88.98 -79.37
C ILE N 87 79.01 88.85 -80.39
N PRO N 88 78.77 89.16 -81.67
CA PRO N 88 79.84 89.04 -82.67
C PRO N 88 80.77 90.25 -82.70
N ASN N 89 80.68 91.08 -81.67
CA ASN N 89 81.47 92.31 -81.60
C ASN N 89 81.82 92.57 -80.13
N ALA N 90 82.80 93.44 -79.93
CA ALA N 90 83.25 93.75 -78.59
C ALA N 90 82.16 94.48 -77.81
N VAL N 91 82.23 94.37 -76.48
CA VAL N 91 81.30 95.08 -75.61
C VAL N 91 81.45 96.58 -75.87
N THR N 92 80.36 97.22 -76.29
CA THR N 92 80.37 98.64 -76.62
C THR N 92 79.21 99.33 -75.92
N GLU N 93 79.47 100.52 -75.39
CA GLU N 93 78.43 101.32 -74.78
C GLU N 93 77.73 102.17 -75.84
N SER N 94 76.55 102.67 -75.49
CA SER N 94 75.70 103.39 -76.45
C SER N 94 75.40 102.51 -77.66
N THR N 95 75.38 101.20 -77.45
CA THR N 95 75.07 100.23 -78.49
C THR N 95 73.93 99.33 -78.04
N ASP N 96 73.06 98.96 -78.98
CA ASP N 96 71.88 98.19 -78.64
C ASP N 96 72.18 96.69 -78.63
N TYR N 97 71.49 95.97 -77.75
CA TYR N 97 71.53 94.51 -77.70
C TYR N 97 70.17 94.03 -77.23
N SER N 98 69.46 93.27 -78.07
CA SER N 98 68.12 92.84 -77.74
C SER N 98 67.84 91.47 -78.36
N ILE N 99 66.95 90.72 -77.71
CA ILE N 99 66.49 89.43 -78.20
C ILE N 99 65.04 89.25 -77.79
N THR N 100 64.46 88.14 -78.23
CA THR N 100 63.09 87.78 -77.89
C THR N 100 63.05 86.30 -77.51
N VAL N 101 62.30 85.99 -76.45
CA VAL N 101 62.18 84.63 -75.94
C VAL N 101 60.70 84.26 -75.94
N ALA N 102 60.39 83.13 -76.56
CA ALA N 102 59.03 82.62 -76.62
C ALA N 102 58.99 81.21 -76.03
N ALA N 103 57.86 80.86 -75.45
CA ALA N 103 57.69 79.56 -74.83
C ALA N 103 56.34 78.98 -75.22
N GLY N 104 56.10 77.74 -74.82
CA GLY N 104 54.86 77.09 -75.17
C GLY N 104 53.67 77.83 -74.58
N GLY N 105 52.56 77.82 -75.32
CA GLY N 105 51.36 78.50 -74.89
C GLY N 105 51.21 79.91 -75.41
N GLY N 106 51.99 80.31 -76.41
CA GLY N 106 51.90 81.64 -76.96
C GLY N 106 52.64 82.70 -76.18
N ILE N 107 53.47 82.32 -75.22
CA ILE N 107 54.20 83.30 -74.41
C ILE N 107 55.31 83.93 -75.26
N SER N 108 55.51 85.22 -75.06
CA SER N 108 56.58 85.94 -75.75
C SER N 108 56.97 87.14 -74.90
N GLN N 109 58.28 87.37 -74.77
CA GLN N 109 58.78 88.42 -73.90
C GLN N 109 60.06 89.02 -74.48
N PRO N 110 60.06 90.31 -74.81
CA PRO N 110 61.30 90.94 -75.28
C PRO N 110 62.23 91.28 -74.13
N TYR N 111 63.52 91.31 -74.44
CA TYR N 111 64.55 91.65 -73.48
C TYR N 111 65.53 92.62 -74.13
N GLN N 112 65.89 93.68 -73.41
CA GLN N 112 66.70 94.75 -73.97
C GLN N 112 67.70 95.23 -72.93
N TYR N 113 68.93 95.47 -73.39
CA TYR N 113 69.96 96.13 -72.61
C TYR N 113 70.75 97.03 -73.57
N THR N 114 70.32 98.28 -73.67
CA THR N 114 71.01 99.25 -74.52
C THR N 114 72.17 99.85 -73.75
N ALA N 115 73.35 99.26 -73.90
CA ALA N 115 74.54 99.70 -73.17
C ALA N 115 74.74 101.21 -73.31
N ALA N 121 81.83 91.43 -73.32
CA ALA N 121 80.53 91.04 -73.86
C ALA N 121 79.74 90.23 -72.84
N GLU N 122 80.43 89.75 -71.80
CA GLU N 122 79.79 88.91 -70.81
C GLU N 122 78.71 89.66 -70.06
N ASN N 123 78.89 90.96 -69.86
CA ASN N 123 77.94 91.74 -69.08
C ASN N 123 76.58 91.85 -69.76
N VAL N 124 76.54 91.98 -71.08
CA VAL N 124 75.25 92.05 -71.78
C VAL N 124 74.50 90.73 -71.61
N LEU N 125 75.21 89.61 -71.77
CA LEU N 125 74.57 88.31 -71.58
C LEU N 125 74.09 88.14 -70.15
N GLN N 126 74.87 88.62 -69.17
CA GLN N 126 74.43 88.53 -67.78
C GLN N 126 73.21 89.40 -67.53
N GLN N 127 73.14 90.57 -68.16
CA GLN N 127 71.96 91.41 -68.05
C GLN N 127 70.74 90.67 -68.60
N PHE N 128 70.88 90.04 -69.76
CA PHE N 128 69.78 89.27 -70.32
C PHE N 128 69.39 88.13 -69.38
N LYS N 129 70.37 87.43 -68.82
CA LYS N 129 70.08 86.31 -67.94
C LYS N 129 69.32 86.77 -66.71
N THR N 130 69.75 87.87 -66.10
CA THR N 130 69.06 88.39 -64.92
C THR N 130 67.65 88.83 -65.27
N GLN N 131 67.46 89.53 -66.40
CA GLN N 131 66.12 89.93 -66.79
C GLN N 131 65.23 88.72 -67.00
N ILE N 132 65.76 87.67 -67.64
CA ILE N 132 64.96 86.48 -67.91
C ILE N 132 64.59 85.78 -66.61
N GLU N 133 65.56 85.63 -65.70
CA GLU N 133 65.30 84.94 -64.45
C GLU N 133 64.39 85.74 -63.51
N ALA N 134 64.35 87.06 -63.66
CA ALA N 134 63.41 87.88 -62.90
C ALA N 134 62.10 88.08 -63.63
N ASP N 135 61.96 87.55 -64.84
CA ASP N 135 60.73 87.72 -65.60
C ASP N 135 59.59 87.00 -64.89
N PRO N 136 58.38 87.59 -64.86
CA PRO N 136 57.28 86.93 -64.16
C PRO N 136 56.94 85.54 -64.70
N THR N 137 57.10 85.32 -66.00
CA THR N 137 56.69 84.07 -66.63
C THR N 137 57.84 83.25 -67.16
N ILE N 138 58.78 83.85 -67.88
CA ILE N 138 59.83 83.08 -68.55
C ILE N 138 60.73 82.38 -67.54
N LYS N 139 61.03 83.01 -66.41
CA LYS N 139 61.86 82.37 -65.42
C LYS N 139 61.31 81.02 -64.99
N ASP N 140 59.99 80.87 -64.98
CA ASP N 140 59.38 79.61 -64.58
C ASP N 140 59.72 78.49 -65.55
N LYS N 141 59.73 78.78 -66.85
CA LYS N 141 59.77 77.73 -67.86
C LYS N 141 60.86 77.92 -68.91
N VAL N 142 62.00 78.49 -68.54
CA VAL N 142 63.17 78.56 -69.40
C VAL N 142 64.42 78.57 -68.54
N SER N 143 65.48 77.94 -69.04
CA SER N 143 66.75 77.86 -68.36
C SER N 143 67.83 78.56 -69.17
N VAL N 144 68.72 79.28 -68.47
CA VAL N 144 69.78 80.05 -69.10
C VAL N 144 71.09 79.76 -68.38
N ASN N 145 72.15 79.57 -69.16
CA ASN N 145 73.49 79.40 -68.63
C ASN N 145 74.46 80.23 -69.46
N VAL N 146 75.46 80.80 -68.78
CA VAL N 146 76.38 81.75 -69.41
C VAL N 146 77.80 81.44 -68.97
N THR N 147 78.75 81.61 -69.89
CA THR N 147 80.16 81.42 -69.60
C THR N 147 81.01 82.30 -70.51
N THR N 154 79.43 83.60 -74.05
CA THR N 154 78.40 82.82 -74.72
C THR N 154 77.25 82.50 -73.77
N MET N 155 76.07 82.27 -74.34
CA MET N 155 74.86 81.99 -73.58
C MET N 155 74.15 80.79 -74.19
N ILE N 156 73.39 80.09 -73.36
CA ILE N 156 72.66 78.89 -73.77
C ILE N 156 71.26 78.95 -73.17
N ILE N 157 70.28 78.45 -73.92
CA ILE N 157 68.89 78.44 -73.49
C ILE N 157 68.28 77.09 -73.85
N THR N 158 67.53 76.52 -72.92
CA THR N 158 66.99 75.18 -73.10
C THR N 158 65.64 75.09 -72.39
N LYS N 159 65.15 73.86 -72.20
CA LYS N 159 63.91 73.64 -71.48
C LYS N 159 64.08 73.97 -70.00
N ALA N 160 62.94 74.12 -69.33
CA ALA N 160 62.88 74.20 -67.88
C ALA N 160 61.54 73.68 -67.41
N GLY N 161 61.59 72.70 -66.51
CA GLY N 161 60.36 72.10 -66.03
C GLY N 161 59.62 71.40 -67.16
N ASP N 162 58.30 71.59 -67.19
CA ASP N 162 57.46 70.84 -68.10
C ASP N 162 57.53 71.37 -69.53
N ASN N 163 57.76 72.68 -69.68
CA ASN N 163 57.59 73.36 -70.97
C ASN N 163 58.22 72.55 -72.11
N ASP N 164 57.51 72.49 -73.24
CA ASP N 164 57.87 71.63 -74.34
C ASP N 164 58.38 72.39 -75.57
N PHE N 165 58.16 73.69 -75.64
CA PHE N 165 58.53 74.48 -76.81
C PHE N 165 59.19 75.78 -76.38
N VAL N 166 60.24 76.17 -77.10
CA VAL N 166 60.97 77.39 -76.82
C VAL N 166 61.61 77.88 -78.11
N LYS N 167 61.67 79.20 -78.27
CA LYS N 167 62.24 79.81 -79.46
C LYS N 167 62.96 81.09 -79.07
N VAL N 168 63.99 81.44 -79.84
CA VAL N 168 64.77 82.66 -79.63
C VAL N 168 64.99 83.31 -80.98
N THR N 169 64.83 84.63 -81.03
CA THR N 169 64.96 85.36 -82.28
C THR N 169 65.27 86.83 -81.98
N THR N 170 65.92 87.48 -82.95
CA THR N 170 66.22 88.89 -82.83
C THR N 170 66.31 89.55 -84.21
N GLN N 173 70.55 92.64 -84.64
CA GLN N 173 71.63 92.62 -85.62
C GLN N 173 72.99 92.67 -84.94
N THR N 174 73.01 93.25 -83.74
CA THR N 174 74.22 93.27 -82.91
C THR N 174 74.40 91.99 -82.11
N VAL N 175 73.47 91.05 -82.21
CA VAL N 175 73.51 89.79 -81.46
C VAL N 175 73.41 88.65 -82.45
N TYR N 176 73.90 87.48 -82.03
CA TYR N 176 73.92 86.29 -82.88
C TYR N 176 73.20 85.15 -82.19
N ILE N 177 72.55 84.30 -83.00
CA ILE N 177 71.76 83.19 -82.49
C ILE N 177 72.04 81.96 -83.34
N ALA N 178 72.24 80.82 -82.67
CA ALA N 178 72.41 79.54 -83.35
C ALA N 178 71.64 78.48 -82.57
N SER N 179 71.26 77.42 -83.27
CA SER N 179 70.43 76.37 -82.69
C SER N 179 70.98 75.00 -83.05
N THR N 180 70.65 74.01 -82.21
CA THR N 180 71.09 72.65 -82.42
C THR N 180 70.15 71.70 -81.68
N THR N 181 70.16 70.44 -82.08
CA THR N 181 69.34 69.44 -81.41
C THR N 181 69.90 69.13 -80.04
N ALA N 182 69.02 69.07 -79.03
CA ALA N 182 69.42 68.83 -77.66
C ALA N 182 69.19 67.40 -77.20
N ASP N 183 68.06 66.80 -77.55
CA ASP N 183 67.72 65.47 -77.06
C ASP N 183 68.41 64.40 -77.88
N THR N 184 68.55 63.21 -77.28
CA THR N 184 69.05 62.06 -78.00
C THR N 184 67.90 61.34 -78.71
N ALA N 185 68.25 60.28 -79.43
CA ALA N 185 67.25 59.53 -80.19
C ALA N 185 66.20 58.91 -79.26
N SER N 186 66.65 58.33 -78.14
CA SER N 186 65.72 57.63 -77.24
C SER N 186 64.68 58.59 -76.68
N THR N 187 65.14 59.71 -76.12
CA THR N 187 64.22 60.66 -75.51
C THR N 187 63.27 61.26 -76.55
N ALA N 188 63.78 61.62 -77.73
CA ALA N 188 62.92 62.18 -78.76
C ALA N 188 61.86 61.18 -79.19
N LEU N 189 62.26 59.93 -79.41
CA LEU N 189 61.30 58.91 -79.82
C LEU N 189 60.26 58.67 -78.75
N ALA N 190 60.66 58.63 -77.47
CA ALA N 190 59.68 58.44 -76.41
C ALA N 190 58.70 59.60 -76.36
N ALA N 191 59.21 60.84 -76.45
CA ALA N 191 58.33 62.00 -76.41
C ALA N 191 57.37 62.04 -77.59
N ILE N 192 57.81 61.60 -78.77
CA ILE N 192 56.95 61.58 -79.94
C ILE N 192 55.92 60.46 -79.86
N GLU N 193 56.33 59.28 -79.36
CA GLU N 193 55.36 58.20 -79.18
C GLU N 193 54.31 58.57 -78.16
N ALA N 194 54.67 59.37 -77.15
CA ALA N 194 53.69 59.76 -76.15
C ALA N 194 52.53 60.55 -76.74
N TYR N 195 52.69 61.10 -77.94
CA TYR N 195 51.69 61.98 -78.54
C TYR N 195 51.01 61.42 -79.77
N SER N 196 51.58 60.40 -80.42
CA SER N 196 50.97 59.82 -81.60
C SER N 196 51.54 58.42 -81.83
N THR N 197 50.65 57.42 -81.82
CA THR N 197 51.05 56.03 -82.00
C THR N 197 50.78 55.52 -83.41
N ASP N 198 50.30 56.35 -84.32
CA ASP N 198 49.85 55.90 -85.63
C ASP N 198 50.94 56.22 -86.64
N TRP N 199 51.85 55.27 -86.86
CA TRP N 199 52.86 55.36 -87.91
C TRP N 199 53.63 54.05 -87.88
N TYR N 200 54.13 53.65 -89.06
CA TYR N 200 54.87 52.40 -89.17
C TYR N 200 56.28 52.63 -89.71
N PHE N 201 56.42 53.51 -90.69
CA PHE N 201 57.73 53.87 -91.21
C PHE N 201 58.23 55.14 -90.54
N ILE N 202 59.52 55.17 -90.21
CA ILE N 202 60.14 56.32 -89.58
C ILE N 202 61.47 56.62 -90.27
N ALA N 203 61.72 57.90 -90.52
CA ALA N 203 62.97 58.36 -91.09
C ALA N 203 63.44 59.57 -90.28
N ALA N 204 64.75 59.79 -90.28
CA ALA N 204 65.36 60.83 -89.47
C ALA N 204 66.14 61.81 -90.34
N GLU N 205 66.06 63.09 -89.96
CA GLU N 205 66.84 64.12 -90.63
C GLU N 205 68.31 64.04 -90.23
N ASP N 206 68.58 63.82 -88.96
CA ASP N 206 69.95 63.76 -88.45
C ASP N 206 70.64 62.53 -89.02
N ARG N 207 71.86 62.70 -89.52
CA ARG N 207 72.63 61.61 -90.11
C ARG N 207 73.98 61.42 -89.43
N THR N 208 74.09 61.82 -88.17
CA THR N 208 75.29 61.54 -87.39
C THR N 208 75.32 60.08 -86.97
N GLN N 209 76.52 59.57 -86.74
CA GLN N 209 76.67 58.16 -86.38
C GLN N 209 75.97 57.85 -85.06
N GLN N 210 76.15 58.72 -84.06
CA GLN N 210 75.59 58.46 -82.74
C GLN N 210 74.07 58.40 -82.80
N PHE N 211 73.44 59.41 -83.39
CA PHE N 211 71.97 59.42 -83.45
C PHE N 211 71.44 58.26 -84.27
N VAL N 212 72.10 57.96 -85.40
CA VAL N 212 71.62 56.88 -86.25
C VAL N 212 71.66 55.56 -85.51
N LEU N 213 72.77 55.27 -84.84
CA LEU N 213 72.86 54.00 -84.11
C LEU N 213 71.90 53.97 -82.93
N ALA N 214 71.74 55.09 -82.21
CA ALA N 214 70.80 55.11 -81.09
C ALA N 214 69.38 54.90 -81.55
N MET N 215 69.02 55.44 -82.72
CA MET N 215 67.68 55.26 -83.26
C MET N 215 67.47 53.83 -83.74
N ALA N 216 68.49 53.25 -84.38
CA ALA N 216 68.38 51.87 -84.83
C ALA N 216 68.22 50.92 -83.65
N SER N 217 68.96 51.16 -82.57
CA SER N 217 68.84 50.32 -81.39
C SER N 217 67.48 50.42 -80.71
N GLU N 218 66.77 51.53 -80.92
CA GLU N 218 65.47 51.69 -80.26
C GLU N 218 64.35 51.05 -81.06
N ILE N 219 64.32 51.27 -82.37
CA ILE N 219 63.28 50.68 -83.20
C ILE N 219 63.38 49.16 -83.19
N GLN N 220 64.57 48.62 -82.93
CA GLN N 220 64.73 47.17 -82.89
C GLN N 220 63.90 46.55 -81.78
N ALA N 221 63.56 47.33 -80.76
CA ALA N 221 62.78 46.84 -79.62
C ALA N 221 61.29 47.13 -79.76
N ARG N 222 60.84 47.60 -80.92
CA ARG N 222 59.44 47.88 -81.19
C ARG N 222 59.06 47.13 -82.46
N LYS N 223 57.86 47.40 -82.96
CA LYS N 223 57.37 46.83 -84.21
C LYS N 223 57.20 47.97 -85.20
N LYS N 224 58.31 48.37 -85.82
CA LYS N 224 58.34 49.43 -86.81
C LYS N 224 59.50 49.14 -87.74
N ILE N 225 59.70 50.04 -88.72
CA ILE N 225 60.81 49.92 -89.65
C ILE N 225 61.45 51.29 -89.80
N PHE N 226 62.79 51.32 -89.78
CA PHE N 226 63.56 52.56 -89.79
C PHE N 226 64.36 52.62 -91.09
N PHE N 227 64.15 53.67 -91.87
CA PHE N 227 64.82 53.86 -93.14
C PHE N 227 65.85 54.97 -93.00
N THR N 228 67.04 54.74 -93.57
CA THR N 228 68.12 55.71 -93.50
C THR N 228 69.03 55.57 -94.71
N ALA N 229 69.66 56.67 -95.10
CA ALA N 229 70.63 56.67 -96.18
C ALA N 229 72.03 56.88 -95.61
N ASN N 230 73.03 56.93 -96.48
CA ASN N 230 74.41 57.11 -96.04
C ASN N 230 75.29 57.41 -97.24
N SER N 231 76.20 58.37 -97.08
CA SER N 231 77.12 58.77 -98.14
C SER N 231 78.57 58.60 -97.75
N ASP N 232 78.88 57.77 -96.76
CA ASP N 232 80.26 57.61 -96.32
C ASP N 232 81.04 56.75 -97.30
N VAL N 233 82.15 57.31 -97.82
CA VAL N 233 82.92 56.63 -98.85
C VAL N 233 83.68 55.42 -98.34
N THR N 234 83.98 55.35 -97.04
CA THR N 234 84.73 54.21 -96.53
C THR N 234 83.94 52.92 -96.66
N ALA N 235 82.61 53.01 -96.77
CA ALA N 235 81.80 51.80 -96.87
C ALA N 235 81.97 51.09 -98.21
N LEU N 236 82.55 51.76 -99.19
CA LEU N 236 82.67 51.21 -100.54
C LEU N 236 83.91 50.33 -100.73
N GLN N 237 84.77 50.21 -99.72
CA GLN N 237 86.08 49.60 -99.93
C GLN N 237 86.25 48.29 -99.19
N GLY N 238 86.00 48.30 -97.88
CA GLY N 238 86.33 47.14 -97.05
C GLY N 238 85.46 45.93 -97.31
N THR N 239 86.02 44.91 -97.95
CA THR N 239 85.27 43.68 -98.18
C THR N 239 85.14 42.84 -96.92
N GLU N 240 86.13 42.88 -96.04
CA GLU N 240 86.07 42.13 -94.79
C GLU N 240 85.14 42.83 -93.80
N LEU N 241 84.02 42.19 -93.47
CA LEU N 241 83.05 42.81 -92.57
C LEU N 241 83.65 43.07 -91.19
N ALA N 242 84.54 42.19 -90.74
CA ALA N 242 85.14 42.36 -89.42
C ALA N 242 85.95 43.64 -89.34
N SER N 243 86.73 43.94 -90.39
CA SER N 243 87.59 45.12 -90.35
C SER N 243 86.78 46.41 -90.52
N ALA N 244 85.74 46.39 -91.35
CA ALA N 244 84.97 47.59 -91.61
C ALA N 244 84.31 48.10 -90.33
N ASN N 245 84.27 49.41 -90.16
CA ASN N 245 83.63 50.01 -89.00
C ASN N 245 82.82 51.25 -89.34
N ASP N 246 82.47 51.45 -90.60
CA ASP N 246 81.55 52.51 -90.96
C ASP N 246 80.15 52.20 -90.44
N VAL N 247 79.23 53.14 -90.62
CA VAL N 247 77.90 52.98 -90.04
C VAL N 247 77.18 51.75 -90.60
N PRO N 248 77.13 51.53 -91.91
CA PRO N 248 76.49 50.29 -92.40
C PRO N 248 77.12 49.03 -91.83
N ALA N 249 78.45 49.00 -91.68
CA ALA N 249 79.10 47.83 -91.13
C ALA N 249 78.67 47.58 -89.69
N GLN N 250 78.60 48.63 -88.87
CA GLN N 250 78.16 48.46 -87.49
C GLN N 250 76.70 48.03 -87.44
N LEU N 251 75.86 48.59 -88.31
CA LEU N 251 74.46 48.15 -88.36
C LEU N 251 74.38 46.66 -88.69
N ALA N 252 75.17 46.20 -89.67
CA ALA N 252 75.16 44.79 -90.02
C ALA N 252 75.66 43.93 -88.86
N LYS N 253 76.68 44.42 -88.14
CA LYS N 253 77.28 43.62 -87.07
C LYS N 253 76.30 43.34 -85.94
N ASN N 254 75.49 44.33 -85.57
CA ASN N 254 74.56 44.18 -84.46
C ASN N 254 73.33 43.36 -84.83
N MET N 255 73.15 43.00 -86.10
CA MET N 255 72.02 42.18 -86.54
C MET N 255 70.69 42.89 -86.31
N TYR N 256 70.61 44.14 -86.72
CA TYR N 256 69.34 44.87 -86.64
C TYR N 256 68.48 44.54 -87.85
N THR N 257 67.52 43.63 -87.67
CA THR N 257 66.66 43.21 -88.78
C THR N 257 65.64 44.26 -89.17
N ARG N 258 65.39 45.26 -88.31
CA ARG N 258 64.36 46.26 -88.56
C ARG N 258 64.92 47.57 -89.07
N THR N 259 66.18 47.59 -89.51
CA THR N 259 66.81 48.79 -90.04
C THR N 259 67.10 48.58 -91.53
N VAL N 260 66.95 49.64 -92.31
CA VAL N 260 67.19 49.60 -93.75
C VAL N 260 68.16 50.71 -94.10
N CYS N 261 69.22 50.36 -94.83
CA CYS N 261 70.24 51.31 -95.24
C CYS N 261 70.31 51.35 -96.75
N LEU N 262 70.47 52.55 -97.30
CA LEU N 262 70.52 52.75 -98.75
C LEU N 262 71.65 53.73 -99.05
N TRP N 263 72.78 53.22 -99.54
CA TRP N 263 73.90 54.08 -99.86
C TRP N 263 73.57 54.96 -101.05
N HIS N 264 73.83 56.25 -100.93
CA HIS N 264 73.59 57.20 -102.01
C HIS N 264 74.49 58.41 -101.81
N HIS N 265 75.05 58.90 -102.91
CA HIS N 265 75.97 60.04 -102.81
C HIS N 265 75.27 61.29 -102.32
N ALA N 266 74.02 61.51 -102.71
CA ALA N 266 73.29 62.71 -102.35
C ALA N 266 72.60 62.60 -101.00
N ALA N 267 73.00 61.66 -100.15
CA ALA N 267 72.35 61.52 -98.85
C ALA N 267 72.95 62.46 -97.82
N ALA N 268 73.11 63.72 -98.17
CA ALA N 268 73.48 64.75 -97.21
C ALA N 268 72.46 65.89 -97.25
N GLU N 269 72.09 66.33 -98.45
CA GLU N 269 71.09 67.39 -98.60
C GLU N 269 69.72 66.85 -99.02
N ASP N 270 69.68 65.68 -99.67
CA ASP N 270 68.43 65.15 -100.20
C ASP N 270 68.08 63.89 -99.44
N TYR N 271 66.84 63.44 -99.63
CA TYR N 271 66.27 62.34 -98.84
C TYR N 271 65.62 61.31 -99.77
N PRO N 272 66.43 60.43 -100.37
CA PRO N 272 65.85 59.33 -101.15
C PRO N 272 65.13 58.28 -100.32
N GLU N 273 65.30 58.29 -99.00
CA GLU N 273 64.62 57.30 -98.16
C GLU N 273 63.11 57.39 -98.33
N MET N 274 62.58 58.61 -98.38
CA MET N 274 61.15 58.77 -98.59
C MET N 274 60.71 58.25 -99.95
N ALA N 275 61.53 58.47 -100.98
CA ALA N 275 61.21 57.94 -102.30
C ALA N 275 61.14 56.42 -102.27
N TYR N 276 62.09 55.79 -101.58
CA TYR N 276 62.05 54.33 -101.45
C TYR N 276 60.82 53.88 -100.68
N ILE N 277 60.48 54.60 -99.60
CA ILE N 277 59.32 54.23 -98.79
C ILE N 277 58.05 54.29 -99.61
N ALA N 278 57.90 55.34 -100.41
CA ALA N 278 56.66 55.51 -101.18
C ALA N 278 56.45 54.39 -102.20
N TYR N 279 57.48 53.62 -102.51
CA TYR N 279 57.35 52.60 -103.54
C TYR N 279 56.54 51.40 -103.06
N GLY N 280 56.51 51.15 -101.75
CA GLY N 280 55.84 49.98 -101.22
C GLY N 280 54.74 50.30 -100.22
N ALA N 281 54.77 51.51 -99.68
CA ALA N 281 53.75 51.89 -98.70
C ALA N 281 52.33 51.76 -99.23
N PRO N 282 52.01 52.20 -100.46
CA PRO N 282 50.62 52.15 -100.92
C PRO N 282 50.04 50.75 -101.06
N TYR N 283 50.87 49.71 -101.14
CA TYR N 283 50.41 48.37 -101.49
C TYR N 283 50.31 47.51 -100.24
N ASP N 284 49.68 46.36 -100.40
CA ASP N 284 49.34 45.48 -99.29
C ASP N 284 50.57 44.73 -98.81
N ALA N 285 50.62 44.44 -97.51
CA ALA N 285 51.78 43.80 -96.91
C ALA N 285 51.87 42.34 -97.36
N GLY N 286 53.09 41.90 -97.65
CA GLY N 286 53.34 40.51 -97.95
C GLY N 286 53.06 40.09 -99.38
N SER N 287 52.56 40.99 -100.22
CA SER N 287 52.17 40.64 -101.58
C SER N 287 53.09 41.22 -102.64
N ILE N 288 54.11 41.99 -102.24
CA ILE N 288 55.00 42.66 -103.20
C ILE N 288 56.43 42.47 -102.73
N ALA N 289 57.33 42.29 -103.69
CA ALA N 289 58.76 42.22 -103.40
C ALA N 289 59.39 43.59 -103.58
N TRP N 290 60.15 44.02 -102.58
CA TRP N 290 60.74 45.35 -102.56
C TRP N 290 62.01 45.45 -103.39
N GLY N 291 62.52 44.35 -103.91
CA GLY N 291 63.70 44.38 -104.74
C GLY N 291 63.39 44.77 -106.17
N ASN N 292 64.43 45.19 -106.89
CA ASN N 292 64.32 45.59 -108.28
C ASN N 292 63.26 46.66 -108.47
N ALA N 293 63.22 47.64 -107.57
CA ALA N 293 62.24 48.71 -107.66
C ALA N 293 62.75 49.80 -108.59
N GLN N 294 61.81 50.50 -109.24
CA GLN N 294 62.12 51.63 -110.12
C GLN N 294 61.58 52.90 -109.47
N LEU N 295 62.45 53.65 -108.83
CA LEU N 295 62.07 54.90 -108.19
C LEU N 295 62.10 56.02 -109.23
N THR N 296 61.01 56.79 -109.30
CA THR N 296 60.92 57.88 -110.27
C THR N 296 61.66 59.11 -109.74
N GLY N 297 62.47 59.71 -110.61
CA GLY N 297 63.16 60.95 -110.29
C GLY N 297 64.40 60.80 -109.44
N VAL N 298 64.94 59.59 -109.30
CA VAL N 298 66.13 59.34 -108.51
C VAL N 298 67.20 58.75 -109.41
N ALA N 299 68.40 59.32 -109.36
CA ALA N 299 69.51 58.84 -110.17
C ALA N 299 70.25 57.71 -109.48
N ALA N 300 71.08 57.01 -110.23
CA ALA N 300 71.84 55.90 -109.68
C ALA N 300 72.90 56.40 -108.71
N SER N 301 73.34 55.50 -107.84
CA SER N 301 74.40 55.82 -106.88
C SER N 301 75.68 56.11 -107.64
N LEU N 302 76.28 57.27 -107.37
CA LEU N 302 77.49 57.70 -108.04
C LEU N 302 78.63 57.84 -107.05
N GLN N 303 79.85 57.66 -107.54
CA GLN N 303 81.02 57.89 -106.70
C GLN N 303 81.18 59.38 -106.43
N PRO N 304 81.39 59.79 -105.17
CA PRO N 304 81.55 61.21 -104.91
C PRO N 304 82.68 61.84 -105.72
N SER N 305 83.77 61.11 -105.92
CA SER N 305 84.79 61.54 -106.85
C SER N 305 84.56 60.90 -108.23
N ASN N 306 84.82 61.68 -109.27
CA ASN N 306 84.74 61.24 -110.66
C ASN N 306 83.29 61.06 -111.12
N GLN N 307 82.33 61.15 -110.20
CA GLN N 307 80.91 61.17 -110.53
C GLN N 307 80.55 60.16 -111.62
N ARG N 308 80.98 58.92 -111.44
CA ARG N 308 80.57 57.82 -112.32
C ARG N 308 79.90 56.72 -111.51
N PRO N 309 79.02 55.93 -112.14
CA PRO N 309 78.33 54.87 -111.38
C PRO N 309 79.31 53.92 -110.70
N LEU N 310 78.84 53.25 -109.65
CA LEU N 310 79.71 52.39 -108.86
C LEU N 310 80.23 51.23 -109.71
N THR N 311 81.46 50.83 -109.44
CA THR N 311 82.04 49.64 -110.06
C THR N 311 81.55 48.39 -109.33
N SER N 312 81.84 47.23 -109.93
CA SER N 312 81.39 45.98 -109.34
C SER N 312 82.04 45.72 -107.99
N ILE N 313 83.29 46.12 -107.81
CA ILE N 313 83.97 45.87 -106.54
C ILE N 313 83.30 46.66 -105.41
N GLN N 314 82.98 47.93 -105.66
CA GLN N 314 82.30 48.72 -104.65
C GLN N 314 80.91 48.16 -104.36
N LYS N 315 80.21 47.68 -105.38
CA LYS N 315 78.91 47.06 -105.15
C LYS N 315 79.05 45.81 -104.29
N SER N 316 80.08 45.00 -104.54
CA SER N 316 80.30 43.83 -103.69
C SER N 316 80.61 44.24 -102.25
N ALA N 317 81.42 45.30 -102.09
CA ALA N 317 81.71 45.79 -100.75
C ALA N 317 80.44 46.20 -100.02
N LEU N 318 79.54 46.91 -100.71
CA LEU N 318 78.24 47.21 -100.12
C LEU N 318 77.45 45.93 -99.84
N ASP N 319 77.59 44.94 -100.71
CA ASP N 319 76.85 43.69 -100.56
C ASP N 319 77.21 42.98 -99.26
N VAL N 320 78.51 42.92 -98.95
CA VAL N 320 78.92 42.20 -97.74
C VAL N 320 78.42 42.91 -96.48
N ARG N 321 77.99 44.16 -96.58
CA ARG N 321 77.46 44.88 -95.44
C ARG N 321 75.93 44.81 -95.35
N HIS N 322 75.28 44.04 -96.22
CA HIS N 322 73.82 43.99 -96.28
C HIS N 322 73.21 45.38 -96.46
N CYS N 323 73.81 46.16 -97.36
CA CYS N 323 73.35 47.51 -97.65
C CYS N 323 72.82 47.59 -99.07
N ASN N 324 71.78 48.41 -99.27
CA ASN N 324 71.17 48.55 -100.57
C ASN N 324 71.87 49.64 -101.38
N PHE N 325 71.64 49.61 -102.69
CA PHE N 325 72.18 50.62 -103.60
C PHE N 325 71.26 50.73 -104.80
N ILE N 326 71.38 51.84 -105.52
CA ILE N 326 70.64 52.05 -106.75
C ILE N 326 71.55 51.64 -107.90
N ASP N 327 71.35 50.41 -108.40
CA ASP N 327 72.13 49.89 -109.50
C ASP N 327 71.72 50.57 -110.80
N LEU N 328 72.29 50.08 -111.91
CA LEU N 328 71.99 50.61 -113.24
C LEU N 328 72.01 49.42 -114.21
N ASP N 329 70.84 48.85 -114.47
CA ASP N 329 70.72 47.72 -115.36
C ASP N 329 70.65 48.21 -116.80
N GLY N 330 71.82 48.32 -117.45
CA GLY N 330 71.87 48.74 -118.82
C GLY N 330 71.74 50.24 -118.99
N GLY N 331 70.53 50.76 -118.79
CA GLY N 331 70.30 52.18 -118.85
C GLY N 331 69.24 52.66 -117.88
N VAL N 332 68.79 51.78 -116.99
CA VAL N 332 67.68 52.06 -116.08
C VAL N 332 68.17 51.82 -114.66
N PRO N 333 67.96 52.74 -113.73
CA PRO N 333 68.36 52.47 -112.33
C PRO N 333 67.30 51.65 -111.60
N VAL N 334 67.77 50.75 -110.74
CA VAL N 334 66.88 49.88 -109.97
C VAL N 334 67.51 49.60 -108.61
N VAL N 335 66.71 49.73 -107.56
CA VAL N 335 67.17 49.47 -106.19
C VAL N 335 67.28 47.95 -106.03
N ARG N 336 68.38 47.48 -105.45
CA ARG N 336 68.71 46.06 -105.47
C ARG N 336 68.53 45.38 -104.12
N ARG N 337 67.77 44.28 -104.14
CA ARG N 337 67.72 43.26 -103.09
C ARG N 337 66.94 43.65 -101.84
N GLY N 338 66.58 44.93 -101.71
CA GLY N 338 65.62 45.34 -100.68
C GLY N 338 65.70 44.59 -99.37
N ILE N 339 66.90 44.44 -98.79
CA ILE N 339 67.08 43.67 -97.57
C ILE N 339 67.43 44.59 -96.42
N THR N 340 66.89 44.28 -95.24
CA THR N 340 67.31 44.96 -94.03
C THR N 340 68.72 44.54 -93.64
N SER N 341 69.31 45.31 -92.72
CA SER N 341 70.69 45.04 -92.33
C SER N 341 70.84 43.67 -91.68
N GLY N 342 69.76 43.12 -91.13
CA GLY N 342 69.82 41.84 -90.46
C GLY N 342 69.78 40.64 -91.37
N GLY N 343 69.68 40.84 -92.68
CA GLY N 343 69.66 39.76 -93.64
C GLY N 343 68.28 39.36 -94.10
N GLU N 344 67.24 39.75 -93.37
CA GLU N 344 65.87 39.40 -93.76
C GLU N 344 65.37 40.33 -94.85
N TRP N 345 64.49 39.82 -95.70
CA TRP N 345 63.85 40.66 -96.70
C TRP N 345 62.80 41.56 -96.04
N ILE N 346 62.68 42.78 -96.54
CA ILE N 346 61.68 43.70 -95.99
C ILE N 346 60.30 43.10 -96.09
N ASP N 347 60.06 42.31 -97.14
CA ASP N 347 58.74 41.72 -97.34
C ASP N 347 58.36 40.83 -96.18
N ILE N 348 59.28 40.00 -95.70
CA ILE N 348 58.96 39.07 -94.62
C ILE N 348 58.59 39.83 -93.37
N VAL N 349 59.36 40.86 -93.02
CA VAL N 349 59.10 41.62 -91.80
C VAL N 349 57.74 42.30 -91.88
N ARG N 350 57.49 42.98 -93.00
CA ARG N 350 56.22 43.69 -93.15
C ARG N 350 55.04 42.73 -93.13
N GLY N 351 55.16 41.58 -93.78
CA GLY N 351 54.08 40.62 -93.76
C GLY N 351 53.83 40.05 -92.39
N VAL N 352 54.89 39.79 -91.63
CA VAL N 352 54.73 39.28 -90.27
C VAL N 352 53.99 40.30 -89.42
N ASP N 353 54.38 41.57 -89.52
CA ASP N 353 53.69 42.60 -88.75
C ASP N 353 52.22 42.71 -89.15
N TRP N 354 51.93 42.64 -90.45
CA TRP N 354 50.54 42.70 -90.89
C TRP N 354 49.75 41.51 -90.34
N LEU N 355 50.35 40.33 -90.35
CA LEU N 355 49.67 39.15 -89.84
C LEU N 355 49.34 39.31 -88.36
N GLU N 356 50.32 39.80 -87.58
CA GLU N 356 50.06 40.06 -86.17
C GLU N 356 48.91 41.03 -85.99
N SER N 357 48.91 42.13 -86.74
CA SER N 357 47.83 43.10 -86.62
C SER N 357 46.48 42.49 -86.99
N ASP N 358 46.44 41.67 -88.03
CA ASP N 358 45.18 41.06 -88.46
C ASP N 358 44.64 40.12 -87.39
N LEU N 359 45.49 39.29 -86.82
CA LEU N 359 45.04 38.41 -85.74
C LEU N 359 44.52 39.23 -84.56
N LYS N 360 45.28 40.28 -84.19
CA LYS N 360 44.89 41.12 -83.07
C LYS N 360 43.56 41.81 -83.30
N THR N 361 43.24 42.14 -84.56
CA THR N 361 41.95 42.75 -84.88
C THR N 361 40.82 41.73 -84.88
N SER N 362 41.05 40.54 -85.45
CA SER N 362 39.99 39.53 -85.51
C SER N 362 39.59 39.08 -84.11
N LEU N 363 40.57 38.79 -83.25
CA LEU N 363 40.22 38.37 -81.90
C LEU N 363 39.56 39.49 -81.12
N ARG N 364 40.00 40.74 -81.33
CA ARG N 364 39.32 41.86 -80.71
C ARG N 364 37.86 41.91 -81.12
N ASP N 365 37.58 41.79 -82.42
CA ASP N 365 36.19 41.82 -82.87
C ASP N 365 35.38 40.68 -82.30
N LEU N 366 35.98 39.50 -82.13
CA LEU N 366 35.26 38.40 -81.49
C LEU N 366 34.92 38.75 -80.04
N LEU N 367 35.90 39.29 -79.29
CA LEU N 367 35.72 39.44 -77.85
C LEU N 367 34.81 40.61 -77.51
N ILE N 368 34.93 41.72 -78.22
CA ILE N 368 34.24 42.95 -77.79
C ILE N 368 32.73 42.83 -77.98
N ASN N 369 32.31 42.24 -79.10
CA ASN N 369 30.92 42.31 -79.53
C ASN N 369 30.02 41.25 -78.88
N GLN N 370 30.31 40.84 -77.64
CA GLN N 370 29.51 39.82 -76.96
C GLN N 370 28.50 40.39 -75.99
N LYS N 371 27.93 41.57 -76.26
CA LYS N 371 26.93 42.13 -75.36
C LYS N 371 25.77 41.17 -75.18
N GLY N 372 25.35 40.98 -73.93
CA GLY N 372 24.26 40.09 -73.60
C GLY N 372 24.63 38.63 -73.50
N GLY N 373 25.90 38.28 -73.61
CA GLY N 373 26.31 36.89 -73.54
C GLY N 373 27.70 36.70 -72.96
N LYS N 374 28.31 35.55 -73.24
CA LYS N 374 29.64 35.24 -72.73
C LYS N 374 30.39 34.44 -73.78
N ILE N 375 31.66 34.17 -73.49
CA ILE N 375 32.42 33.09 -74.11
C ILE N 375 32.88 32.18 -72.99
N THR N 376 32.10 31.13 -72.73
CA THR N 376 32.28 30.29 -71.55
C THR N 376 33.61 29.56 -71.61
N TYR N 377 34.16 29.29 -70.43
CA TYR N 377 35.46 28.62 -70.32
C TYR N 377 35.28 27.10 -70.40
N ASP N 378 35.10 26.63 -71.64
CA ASP N 378 34.98 25.21 -71.92
C ASP N 378 35.34 24.99 -73.38
N ASP N 379 35.24 23.72 -73.80
CA ASP N 379 35.67 23.36 -75.15
C ASP N 379 34.91 24.12 -76.22
N THR N 380 33.61 24.34 -76.06
CA THR N 380 32.85 25.08 -77.07
C THR N 380 33.37 26.49 -77.21
N GLY N 381 33.71 27.15 -76.10
CA GLY N 381 34.25 28.50 -76.18
C GLY N 381 35.62 28.51 -76.86
N ILE N 382 36.42 27.48 -76.62
CA ILE N 382 37.78 27.45 -77.18
C ILE N 382 37.73 27.18 -78.67
N THR N 383 36.73 26.41 -79.12
CA THR N 383 36.65 26.10 -80.55
C THR N 383 36.39 27.37 -81.38
N ARG N 384 35.63 28.32 -80.84
CA ARG N 384 35.41 29.57 -81.56
C ARG N 384 36.70 30.35 -81.72
N ILE N 385 37.52 30.39 -80.68
CA ILE N 385 38.83 31.02 -80.79
C ILE N 385 39.69 30.30 -81.80
N ARG N 386 39.64 28.97 -81.84
CA ARG N 386 40.30 28.22 -82.90
C ARG N 386 39.85 28.72 -84.26
N GLN N 387 38.53 28.83 -84.45
CA GLN N 387 37.99 29.14 -85.77
C GLN N 387 38.42 30.52 -86.24
N VAL N 388 38.36 31.52 -85.36
CA VAL N 388 38.74 32.87 -85.80
C VAL N 388 40.20 32.94 -86.18
N ILE N 389 41.07 32.28 -85.40
CA ILE N 389 42.50 32.27 -85.72
C ILE N 389 42.74 31.56 -87.05
N GLU N 390 42.04 30.45 -87.27
CA GLU N 390 42.20 29.75 -88.54
C GLU N 390 41.77 30.59 -89.71
N THR N 391 40.66 31.33 -89.56
CA THR N 391 40.22 32.22 -90.62
C THR N 391 41.24 33.31 -90.89
N SER N 392 41.81 33.89 -89.84
CA SER N 392 42.81 34.93 -90.03
C SER N 392 44.04 34.40 -90.75
N LEU N 393 44.50 33.20 -90.40
CA LEU N 393 45.64 32.61 -91.10
C LEU N 393 45.30 32.30 -92.56
N GLN N 394 44.07 31.82 -92.80
CA GLN N 394 43.66 31.56 -94.17
C GLN N 394 43.66 32.85 -94.98
N ARG N 395 43.32 33.97 -94.36
CA ARG N 395 43.41 35.24 -95.07
C ARG N 395 44.82 35.51 -95.56
N ALA N 396 45.84 35.26 -94.73
CA ALA N 396 47.22 35.41 -95.17
C ALA N 396 47.56 34.42 -96.27
N VAL N 397 47.06 33.19 -96.18
CA VAL N 397 47.33 32.20 -97.22
C VAL N 397 46.71 32.65 -98.54
N ASN N 398 45.64 33.43 -98.49
CA ASN N 398 44.97 33.90 -99.71
C ASN N 398 45.81 34.91 -100.48
N ARG N 399 46.71 35.64 -99.82
CA ARG N 399 47.56 36.61 -100.47
C ARG N 399 48.78 35.98 -101.14
N ASN N 400 48.95 34.67 -101.03
CA ASN N 400 50.15 33.99 -101.49
C ASN N 400 51.36 34.44 -100.68
N PHE N 401 51.12 34.87 -99.45
CA PHE N 401 52.19 35.16 -98.51
C PHE N 401 52.66 33.86 -97.84
N LEU N 402 51.75 33.15 -97.19
CA LEU N 402 52.03 31.83 -96.67
C LEU N 402 51.56 30.77 -97.66
N SER N 403 51.77 29.51 -97.31
CA SER N 403 51.26 28.38 -98.09
C SER N 403 50.71 27.25 -97.24
N SER N 404 50.68 27.39 -95.93
CA SER N 404 50.12 26.38 -95.02
C SER N 404 50.24 26.91 -93.60
N TYR N 405 49.66 26.18 -92.67
CA TYR N 405 49.71 26.58 -91.27
C TYR N 405 49.14 25.46 -90.41
N THR N 406 49.31 25.61 -89.10
CA THR N 406 48.74 24.70 -88.12
C THR N 406 48.44 25.47 -86.85
N VAL N 407 47.44 25.01 -86.11
CA VAL N 407 47.01 25.65 -84.87
C VAL N 407 46.80 24.59 -83.81
N ASN N 408 47.18 24.91 -82.58
CA ASN N 408 47.00 24.02 -81.43
C ASN N 408 46.38 24.81 -80.28
N VAL N 409 45.43 24.19 -79.59
CA VAL N 409 44.77 24.84 -78.46
C VAL N 409 44.64 23.85 -77.32
N PRO N 410 44.64 24.35 -76.08
CA PRO N 410 44.53 23.46 -74.93
C PRO N 410 43.11 22.99 -74.69
N LYS N 411 43.01 21.88 -73.96
CA LYS N 411 41.69 21.36 -73.58
C LYS N 411 41.18 22.08 -72.34
N ALA N 412 39.86 22.25 -72.26
CA ALA N 412 39.27 22.92 -71.11
C ALA N 412 39.51 22.16 -69.82
N SER N 413 39.51 20.83 -69.87
CA SER N 413 39.74 20.02 -68.69
C SER N 413 41.21 19.98 -68.28
N GLN N 414 42.04 20.82 -68.88
CA GLN N 414 43.48 20.82 -68.62
C GLN N 414 44.01 22.18 -68.20
N VAL N 415 43.22 23.25 -68.32
CA VAL N 415 43.67 24.58 -67.96
C VAL N 415 43.82 24.68 -66.44
N ALA N 416 44.72 25.55 -66.00
CA ALA N 416 44.96 25.74 -64.57
C ALA N 416 43.86 26.61 -63.95
N LEU N 417 43.85 26.65 -62.62
CA LEU N 417 42.84 27.42 -61.90
C LEU N 417 43.13 28.92 -61.93
N ALA N 418 44.40 29.31 -61.93
CA ALA N 418 44.72 30.74 -61.97
C ALA N 418 44.19 31.39 -63.24
N ASP N 419 44.32 30.69 -64.37
CA ASP N 419 43.80 31.23 -65.62
C ASP N 419 42.28 31.40 -65.56
N LYS N 420 41.58 30.42 -65.01
CA LYS N 420 40.13 30.54 -64.86
C LYS N 420 39.73 31.68 -63.94
N LYS N 421 40.51 31.92 -62.88
CA LYS N 421 40.20 33.04 -61.99
C LYS N 421 40.49 34.37 -62.67
N ALA N 422 41.51 34.42 -63.52
CA ALA N 422 41.84 35.64 -64.24
C ALA N 422 41.11 35.77 -65.57
N ARG N 423 40.34 34.76 -65.96
CA ARG N 423 39.58 34.80 -67.22
C ARG N 423 40.49 35.08 -68.41
N ILE N 424 41.59 34.34 -68.51
CA ILE N 424 42.54 34.48 -69.61
C ILE N 424 42.92 33.10 -70.11
N LEU N 425 43.05 32.98 -71.43
CA LEU N 425 43.42 31.73 -72.09
C LEU N 425 44.85 31.85 -72.60
N LYS N 426 45.67 30.84 -72.32
CA LYS N 426 47.07 30.82 -72.72
C LYS N 426 47.36 29.53 -73.49
N ASP N 427 48.63 29.35 -73.85
CA ASP N 427 49.15 28.15 -74.49
C ASP N 427 48.60 27.93 -75.89
N VAL N 428 48.11 28.98 -76.55
CA VAL N 428 47.71 28.88 -77.95
C VAL N 428 48.92 29.16 -78.82
N THR N 429 49.17 28.29 -79.80
CA THR N 429 50.33 28.41 -80.67
C THR N 429 49.93 28.04 -82.09
N PHE N 430 50.77 28.43 -83.04
CA PHE N 430 50.53 28.15 -84.45
C PHE N 430 51.85 28.21 -85.21
N ALA N 431 51.79 27.91 -86.50
CA ALA N 431 52.96 27.88 -87.35
C ALA N 431 52.54 28.12 -88.79
N GLY N 432 53.51 28.46 -89.64
CA GLY N 432 53.25 28.72 -91.03
C GLY N 432 54.48 28.49 -91.87
N ILE N 433 54.30 28.62 -93.19
CA ILE N 433 55.37 28.43 -94.16
C ILE N 433 55.28 29.53 -95.20
N LEU N 434 56.44 30.02 -95.65
CA LEU N 434 56.49 31.15 -96.57
C LEU N 434 56.46 30.67 -98.02
N ALA N 435 56.22 31.61 -98.93
CA ALA N 435 56.05 31.29 -100.35
C ALA N 435 57.36 31.46 -101.13
N GLY N 436 57.92 32.67 -101.13
CA GLY N 436 59.11 32.97 -101.91
C GLY N 436 58.76 33.66 -103.22
N ALA N 437 59.82 34.03 -103.94
CA ALA N 437 59.68 34.74 -105.21
C ALA N 437 60.93 34.54 -106.03
N ILE N 438 61.01 35.22 -107.18
CA ILE N 438 62.16 35.17 -108.06
C ILE N 438 62.61 36.60 -108.32
N LEU N 439 63.93 36.82 -108.24
CA LEU N 439 64.49 38.14 -108.50
C LEU N 439 65.65 38.14 -109.48
N ASP N 440 66.40 37.05 -109.62
CA ASP N 440 67.55 36.99 -110.50
C ASP N 440 67.44 35.75 -111.39
N VAL N 441 68.26 35.71 -112.43
CA VAL N 441 68.28 34.61 -113.38
C VAL N 441 69.73 34.36 -113.81
N ASP N 442 70.04 33.09 -114.02
CA ASP N 442 71.32 32.66 -114.56
C ASP N 442 71.08 31.78 -115.77
N LEU N 443 71.85 32.01 -116.83
CA LEU N 443 71.53 31.42 -118.13
C LEU N 443 72.81 31.06 -118.85
N LYS N 444 72.80 29.92 -119.55
CA LYS N 444 73.94 29.47 -120.34
C LYS N 444 73.44 28.77 -121.59
N GLY N 445 74.12 29.00 -122.71
CA GLY N 445 73.72 28.42 -123.98
C GLY N 445 74.91 28.14 -124.86
N THR N 446 74.62 27.65 -126.07
CA THR N 446 75.64 27.31 -127.04
C THR N 446 75.12 27.57 -128.45
N VAL N 447 76.05 27.73 -129.38
CA VAL N 447 75.73 27.96 -130.79
C VAL N 447 76.70 27.16 -131.64
N ALA N 448 76.20 26.55 -132.70
CA ALA N 448 77.04 25.75 -133.58
C ALA N 448 76.30 25.56 -134.90
N TYR N 449 77.00 24.94 -135.86
CA TYR N 449 76.42 24.63 -137.16
C TYR N 449 75.55 23.38 -137.06
N CYS O 2 -14.63 -25.00 24.81
CA CYS O 2 -13.99 -23.69 24.92
C CYS O 2 -13.04 -23.67 26.10
N TYR O 3 -12.33 -24.78 26.28
CA TYR O 3 -11.33 -24.86 27.34
C TYR O 3 -10.11 -24.03 26.98
N THR O 4 -9.81 -23.04 27.81
CA THR O 4 -8.75 -22.08 27.52
C THR O 4 -7.39 -22.49 28.10
N GLY O 5 -7.29 -23.67 28.71
CA GLY O 5 -6.02 -24.11 29.24
C GLY O 5 -5.53 -23.30 30.42
N ASP O 6 -6.43 -22.89 31.31
CA ASP O 6 -6.07 -22.12 32.49
C ASP O 6 -6.84 -22.63 33.71
N PRO O 7 -6.57 -23.87 34.13
CA PRO O 7 -7.25 -24.39 35.32
C PRO O 7 -6.92 -23.62 36.60
N ALA O 8 -5.79 -22.93 36.64
CA ALA O 8 -5.38 -22.23 37.85
C ALA O 8 -6.36 -21.13 38.21
N ASN O 9 -6.83 -20.37 37.21
CA ASN O 9 -7.68 -19.21 37.46
C ASN O 9 -9.16 -19.54 37.20
N ASN O 10 -9.46 -20.00 35.99
CA ASN O 10 -10.84 -20.08 35.54
C ASN O 10 -11.60 -21.23 36.20
N PRO O 11 -12.55 -20.96 37.10
CA PRO O 11 -13.33 -22.06 37.68
C PRO O 11 -14.10 -22.85 36.64
N LEU O 12 -14.52 -22.21 35.55
CA LEU O 12 -15.16 -22.96 34.48
C LEU O 12 -14.20 -23.97 33.85
N ASP O 13 -12.92 -23.59 33.68
CA ASP O 13 -11.93 -24.58 33.24
C ASP O 13 -11.74 -25.68 34.27
N ARG O 14 -11.74 -25.35 35.55
CA ARG O 14 -11.61 -26.41 36.55
C ARG O 14 -12.79 -27.39 36.45
N VAL O 15 -13.99 -26.87 36.23
CA VAL O 15 -15.15 -27.75 36.06
C VAL O 15 -15.01 -28.58 34.80
N ARG O 16 -14.58 -27.96 33.70
CA ARG O 16 -14.38 -28.66 32.44
C ARG O 16 -13.31 -29.74 32.54
N ILE O 17 -12.40 -29.62 33.50
CA ILE O 17 -11.43 -30.67 33.77
C ILE O 17 -12.03 -31.76 34.64
N LEU O 18 -12.82 -31.39 35.65
CA LEU O 18 -13.44 -32.38 36.51
C LEU O 18 -14.39 -33.28 35.73
N CYS O 19 -15.21 -32.70 34.85
CA CYS O 19 -15.99 -33.46 33.88
C CYS O 19 -15.25 -33.42 32.56
N THR O 20 -14.93 -34.59 32.02
CA THR O 20 -13.97 -34.71 30.92
C THR O 20 -14.60 -34.21 29.62
N ASP O 21 -14.50 -32.89 29.43
CA ASP O 21 -14.95 -32.23 28.21
C ASP O 21 -13.96 -31.16 27.77
N THR O 22 -12.67 -31.44 27.94
CA THR O 22 -11.61 -30.50 27.60
C THR O 22 -11.04 -30.89 26.24
N ASN O 23 -11.79 -30.56 25.18
CA ASN O 23 -11.34 -30.83 23.82
C ASN O 23 -12.09 -29.88 22.90
N ASN O 24 -11.37 -28.94 22.30
CA ASN O 24 -12.01 -27.85 21.56
C ASN O 24 -12.70 -28.31 20.29
N ASP O 25 -12.30 -29.45 19.73
CA ASP O 25 -12.92 -29.95 18.51
C ASP O 25 -14.05 -30.93 18.78
N GLU O 26 -14.33 -31.24 20.04
CA GLU O 26 -15.27 -32.31 20.38
C GLU O 26 -16.15 -31.81 21.53
N ILE O 27 -16.41 -30.51 21.55
CA ILE O 27 -17.12 -29.88 22.67
C ILE O 27 -18.57 -30.37 22.62
N LEU O 28 -18.96 -31.15 23.63
CA LEU O 28 -20.31 -31.69 23.72
C LEU O 28 -21.20 -30.91 24.67
N ILE O 29 -20.63 -30.24 25.67
CA ILE O 29 -21.38 -29.50 26.67
C ILE O 29 -21.22 -28.02 26.35
N GLU O 30 -22.34 -27.34 26.12
CA GLU O 30 -22.29 -25.93 25.76
C GLU O 30 -21.82 -25.06 26.92
N GLN O 31 -21.15 -23.97 26.57
CA GLN O 31 -20.62 -23.07 27.60
C GLN O 31 -21.75 -22.45 28.42
N SER O 32 -22.83 -22.05 27.75
CA SER O 32 -23.97 -21.49 28.45
C SER O 32 -24.65 -22.50 29.37
N VAL O 33 -24.75 -23.75 28.94
CA VAL O 33 -25.30 -24.79 29.81
C VAL O 33 -24.40 -24.99 31.03
N LEU O 34 -23.09 -25.03 30.80
CA LEU O 34 -22.16 -25.27 31.90
C LEU O 34 -22.22 -24.14 32.91
N GLU O 35 -22.31 -22.90 32.44
CA GLU O 35 -22.40 -21.77 33.35
C GLU O 35 -23.67 -21.83 34.19
N TRP O 36 -24.79 -22.21 33.58
CA TRP O 36 -26.02 -22.34 34.34
C TRP O 36 -25.91 -23.42 35.39
N PHE O 37 -25.30 -24.56 35.05
CA PHE O 37 -25.09 -25.60 36.06
C PHE O 37 -24.21 -25.08 37.19
N TYR O 38 -23.15 -24.34 36.87
CA TYR O 38 -22.26 -23.81 37.89
C TYR O 38 -23.01 -22.88 38.82
N LEU O 39 -23.86 -22.02 38.27
CA LEU O 39 -24.62 -21.08 39.10
C LEU O 39 -25.66 -21.82 39.94
N GLU O 40 -26.29 -22.85 39.40
CA GLU O 40 -27.26 -23.62 40.18
C GLU O 40 -26.59 -24.32 41.35
N SER O 41 -25.42 -24.89 41.12
CA SER O 41 -24.63 -25.46 42.22
C SER O 41 -24.08 -24.39 43.15
N GLY O 42 -24.37 -23.13 42.85
CA GLY O 42 -23.90 -21.99 43.63
C GLY O 42 -22.48 -21.62 43.23
N LYS O 43 -21.50 -22.31 43.78
CA LYS O 43 -20.15 -22.22 43.25
C LYS O 43 -19.39 -23.54 43.36
N ASP O 44 -20.03 -24.64 43.74
CA ASP O 44 -19.32 -25.88 44.02
C ASP O 44 -18.96 -26.55 42.70
N GLU O 45 -17.67 -26.54 42.37
CA GLU O 45 -17.23 -27.14 41.11
C GLU O 45 -17.52 -28.63 41.09
N LYS O 46 -17.46 -29.30 42.24
CA LYS O 46 -17.74 -30.73 42.26
C LYS O 46 -19.18 -31.01 41.85
N LYS O 47 -20.13 -30.29 42.44
CA LYS O 47 -21.53 -30.46 42.07
C LYS O 47 -21.80 -30.04 40.64
N ALA O 48 -21.17 -28.97 40.18
CA ALA O 48 -21.32 -28.60 38.77
C ALA O 48 -20.85 -29.73 37.86
N ALA O 49 -19.71 -30.32 38.18
CA ALA O 49 -19.17 -31.39 37.34
C ALA O 49 -20.09 -32.62 37.36
N ILE O 50 -20.60 -32.98 38.54
CA ILE O 50 -21.45 -34.15 38.60
C ILE O 50 -22.78 -33.92 37.90
N LYS O 51 -23.27 -32.69 37.89
CA LYS O 51 -24.46 -32.37 37.10
C LYS O 51 -24.15 -32.48 35.61
N ALA O 52 -23.02 -31.92 35.18
CA ALA O 52 -22.68 -31.91 33.77
C ALA O 52 -22.44 -33.32 33.25
N LEU O 53 -21.90 -34.19 34.08
CA LEU O 53 -21.68 -35.58 33.65
C LEU O 53 -23.00 -36.28 33.39
N LYS O 54 -23.98 -36.09 34.28
CA LYS O 54 -25.29 -36.67 34.07
C LYS O 54 -25.91 -36.13 32.79
N TYR O 55 -25.78 -34.82 32.55
CA TYR O 55 -26.31 -34.26 31.31
C TYR O 55 -25.60 -34.85 30.10
N LEU O 56 -24.29 -35.07 30.22
CA LEU O 56 -23.51 -35.59 29.11
C LEU O 56 -23.89 -37.02 28.76
N LEU O 57 -24.26 -37.82 29.75
CA LEU O 57 -24.76 -39.16 29.44
C LEU O 57 -25.94 -39.09 28.48
N PHE O 58 -26.94 -38.27 28.83
CA PHE O 58 -28.08 -38.09 27.95
C PHE O 58 -27.64 -37.57 26.59
N GLN O 59 -26.73 -36.60 26.57
CA GLN O 59 -26.33 -36.02 25.29
C GLN O 59 -25.70 -37.07 24.38
N VAL O 60 -24.85 -37.94 24.93
CA VAL O 60 -24.20 -38.95 24.12
C VAL O 60 -25.20 -40.02 23.69
N ALA O 61 -26.10 -40.43 24.57
CA ALA O 61 -27.00 -41.54 24.25
C ALA O 61 -27.85 -41.23 23.03
N LYS O 62 -28.06 -39.95 22.74
CA LYS O 62 -29.00 -39.57 21.69
C LYS O 62 -28.43 -39.78 20.29
N MET O 63 -27.15 -39.51 20.11
CA MET O 63 -26.55 -39.41 18.79
C MET O 63 -26.38 -40.79 18.15
N GLY O 64 -26.29 -40.79 16.82
CA GLY O 64 -26.12 -42.01 16.05
C GLY O 64 -25.27 -41.80 14.83
N ASP O 65 -25.05 -42.86 14.04
CA ASP O 65 -24.15 -42.81 12.91
C ASP O 65 -24.68 -41.88 11.83
N GLU O 66 -23.77 -41.24 11.10
CA GLU O 66 -24.12 -40.32 10.03
C GLU O 66 -23.10 -40.47 8.91
N LYS O 67 -23.51 -40.15 7.70
CA LYS O 67 -22.64 -40.20 6.53
C LYS O 67 -23.00 -39.08 5.59
N VAL O 68 -22.02 -38.24 5.26
CA VAL O 68 -22.13 -37.30 4.16
C VAL O 68 -21.01 -37.64 3.20
N GLY O 69 -21.12 -37.23 1.95
CA GLY O 69 -20.16 -37.65 0.95
C GLY O 69 -18.72 -37.50 1.40
N GLY O 70 -18.04 -38.63 1.59
CA GLY O 70 -16.62 -38.61 1.92
C GLY O 70 -16.31 -38.76 3.39
N VAL O 71 -17.19 -38.25 4.25
CA VAL O 71 -17.00 -38.25 5.70
C VAL O 71 -18.05 -39.15 6.32
N TYR O 72 -17.62 -40.02 7.24
CA TYR O 72 -18.52 -40.96 7.88
C TYR O 72 -18.12 -41.12 9.34
N LEU O 73 -19.05 -40.82 10.24
CA LEU O 73 -18.81 -40.86 11.68
C LEU O 73 -19.70 -41.93 12.30
N ARG O 74 -19.13 -42.78 13.13
CA ARG O 74 -19.86 -43.84 13.81
C ARG O 74 -19.82 -43.57 15.31
N ASN O 75 -21.01 -43.45 15.92
CA ASN O 75 -21.13 -43.10 17.33
C ASN O 75 -21.91 -44.11 18.15
N SER O 76 -22.40 -45.19 17.54
CA SER O 76 -23.27 -46.12 18.25
C SER O 76 -22.56 -46.86 19.38
N SER O 77 -21.23 -46.85 19.40
CA SER O 77 -20.50 -47.59 20.43
C SER O 77 -20.03 -46.71 21.59
N ARG O 78 -20.19 -45.39 21.48
CA ARG O 78 -19.67 -44.50 22.52
C ARG O 78 -20.38 -44.73 23.85
N PHE O 79 -21.70 -44.92 23.82
CA PHE O 79 -22.46 -44.99 25.05
C PHE O 79 -22.07 -46.20 25.89
N LYS O 80 -21.85 -47.34 25.25
CA LYS O 80 -21.46 -48.53 26.00
C LYS O 80 -20.25 -48.24 26.87
N SER O 81 -19.18 -47.72 26.26
CA SER O 81 -17.97 -47.43 27.01
C SER O 81 -18.20 -46.37 28.06
N LEU O 82 -18.92 -45.30 27.70
CA LEU O 82 -19.12 -44.21 28.64
C LEU O 82 -19.86 -44.68 29.88
N LYS O 83 -20.92 -45.46 29.70
CA LYS O 83 -21.64 -46.00 30.84
C LYS O 83 -20.79 -46.97 31.64
N ALA O 84 -20.07 -47.86 30.95
CA ALA O 84 -19.22 -48.80 31.68
C ALA O 84 -18.23 -48.07 32.57
N VAL O 85 -17.66 -46.96 32.11
CA VAL O 85 -16.76 -46.18 32.94
C VAL O 85 -17.53 -45.47 34.05
N TYR O 86 -18.71 -44.94 33.73
CA TYR O 86 -19.43 -44.12 34.69
C TYR O 86 -19.85 -44.93 35.90
N ASP O 87 -20.53 -46.07 35.70
CA ASP O 87 -20.96 -46.84 36.86
C ASP O 87 -19.78 -47.35 37.67
N ASP O 88 -18.65 -47.63 37.03
CA ASP O 88 -17.50 -48.14 37.76
C ASP O 88 -16.82 -47.06 38.58
N LEU O 89 -16.72 -45.84 38.06
CA LEU O 89 -15.93 -44.81 38.72
C LEU O 89 -16.76 -43.86 39.58
N VAL O 90 -18.07 -43.79 39.40
CA VAL O 90 -18.88 -42.81 40.14
C VAL O 90 -19.98 -43.52 40.91
N LYS O 91 -20.83 -44.27 40.20
CA LYS O 91 -22.00 -44.85 40.84
C LYS O 91 -21.62 -45.80 41.96
N SER O 92 -20.46 -46.45 41.86
CA SER O 92 -20.11 -47.49 42.82
C SER O 92 -19.37 -46.94 44.04
N SER O 93 -19.03 -45.65 44.05
CA SER O 93 -18.25 -45.07 45.13
C SER O 93 -19.18 -44.77 46.30
N VAL O 94 -18.99 -45.52 47.40
CA VAL O 94 -19.85 -45.35 48.57
C VAL O 94 -19.31 -44.24 49.45
N SER O 95 -20.23 -43.47 50.03
CA SER O 95 -19.89 -42.45 51.01
C SER O 95 -20.86 -42.58 52.17
N GLY O 96 -20.42 -42.09 53.33
CA GLY O 96 -21.22 -42.30 54.52
C GLY O 96 -20.88 -43.64 55.15
N LEU O 97 -21.71 -44.03 56.12
CA LEU O 97 -21.46 -45.21 56.93
C LEU O 97 -22.69 -46.08 56.95
N PRO O 98 -22.52 -47.39 57.11
CA PRO O 98 -23.69 -48.27 57.29
C PRO O 98 -24.29 -48.12 58.67
N TYR O 99 -25.26 -48.96 59.01
CA TYR O 99 -25.88 -48.91 60.32
C TYR O 99 -25.98 -50.32 60.89
N ALA O 100 -25.70 -50.45 62.18
CA ALA O 100 -25.80 -51.72 62.89
C ALA O 100 -26.70 -51.50 64.10
N GLY O 101 -27.87 -52.11 64.06
CA GLY O 101 -28.86 -51.85 65.10
C GLY O 101 -28.40 -52.37 66.45
N GLY O 102 -28.71 -51.61 67.50
CA GLY O 102 -28.49 -52.09 68.85
C GLY O 102 -27.05 -52.31 69.22
N ILE O 103 -26.12 -51.53 68.66
CA ILE O 103 -24.71 -51.72 68.94
C ILE O 103 -24.13 -50.64 69.84
N ASN O 104 -24.82 -49.52 69.98
CA ASN O 104 -24.31 -48.36 70.72
C ASN O 104 -25.25 -48.01 71.85
N GLN O 105 -24.73 -47.94 73.07
CA GLN O 105 -25.57 -47.65 74.22
C GLN O 105 -26.15 -46.25 74.14
N CYS O 106 -25.34 -45.27 73.73
CA CYS O 106 -25.83 -43.91 73.60
C CYS O 106 -26.94 -43.80 72.56
N ASP O 107 -26.82 -44.50 71.44
CA ASP O 107 -27.89 -44.52 70.45
C ASP O 107 -29.14 -45.18 71.03
N ILE O 108 -28.98 -46.28 71.75
CA ILE O 108 -30.15 -46.97 72.30
C ILE O 108 -30.90 -46.05 73.26
N ASP O 109 -30.17 -45.42 74.19
CA ASP O 109 -30.81 -44.53 75.14
C ASP O 109 -31.42 -43.31 74.48
N MET O 110 -30.76 -42.77 73.46
CA MET O 110 -31.32 -41.62 72.75
C MET O 110 -32.63 -41.99 72.08
N ARG O 111 -32.67 -43.15 71.41
CA ARG O 111 -33.89 -43.54 70.72
C ARG O 111 -34.98 -44.00 71.67
N ARG O 112 -34.63 -44.35 72.91
CA ARG O 112 -35.65 -44.72 73.88
C ARG O 112 -36.55 -43.54 74.24
N GLN O 113 -36.15 -42.31 73.91
CA GLN O 113 -36.94 -41.14 74.29
C GLN O 113 -38.11 -40.89 73.35
N ASN O 114 -38.15 -41.55 72.20
CA ASN O 114 -39.23 -41.29 71.25
C ASN O 114 -40.55 -41.74 71.84
N PRO O 115 -41.57 -40.88 71.89
CA PRO O 115 -42.84 -41.31 72.49
C PRO O 115 -43.71 -42.14 71.57
N CYS O 116 -43.62 -41.93 70.26
CA CYS O 116 -44.51 -42.54 69.29
C CYS O 116 -44.10 -43.96 68.89
N SER O 117 -43.25 -44.62 69.67
CA SER O 117 -42.71 -45.93 69.31
C SER O 117 -43.41 -47.02 70.09
N VAL O 118 -43.72 -48.13 69.40
CA VAL O 118 -44.35 -49.26 70.06
C VAL O 118 -43.43 -49.78 71.15
N LYS O 119 -44.01 -50.46 72.13
CA LYS O 119 -43.31 -50.83 73.36
C LYS O 119 -43.10 -52.33 73.40
N LYS O 120 -41.85 -52.74 73.58
CA LYS O 120 -41.53 -54.16 73.64
C LYS O 120 -41.78 -54.70 75.04
N TYR O 121 -42.10 -55.99 75.13
CA TYR O 121 -42.31 -56.62 76.43
C TYR O 121 -41.02 -56.69 77.22
N THR O 122 -39.92 -57.09 76.59
CA THR O 122 -38.64 -57.20 77.29
C THR O 122 -37.53 -56.70 76.38
N GLU O 123 -36.53 -56.08 77.00
CA GLU O 123 -35.35 -55.59 76.31
C GLU O 123 -34.15 -56.42 76.72
N TYR O 124 -32.98 -56.07 76.18
CA TYR O 124 -31.78 -56.86 76.40
C TYR O 124 -31.35 -56.86 77.86
N GLY O 125 -31.33 -55.69 78.48
CA GLY O 125 -30.74 -55.55 79.80
C GLY O 125 -31.69 -55.73 80.97
N ASP O 126 -32.87 -56.32 80.75
CA ASP O 126 -33.86 -56.41 81.81
C ASP O 126 -33.39 -57.26 82.98
N ALA O 127 -32.47 -58.21 82.76
CA ALA O 127 -32.08 -59.14 83.81
C ALA O 127 -31.07 -58.56 84.79
N ALA O 128 -30.53 -57.37 84.54
CA ALA O 128 -29.49 -56.82 85.38
C ALA O 128 -29.82 -55.47 85.99
N ARG O 129 -30.99 -54.90 85.72
CA ARG O 129 -31.38 -53.62 86.30
C ARG O 129 -32.05 -53.84 87.64
N TYR O 130 -31.39 -53.37 88.70
CA TYR O 130 -31.96 -53.50 90.04
C TYR O 130 -33.26 -52.72 90.17
N GLU O 131 -33.45 -51.72 89.31
CA GLU O 131 -34.62 -50.85 89.40
C GLU O 131 -35.71 -51.22 88.42
N GLY O 132 -35.61 -52.35 87.74
CA GLY O 132 -36.69 -52.80 86.87
C GLY O 132 -36.95 -51.82 85.74
N ARG O 133 -38.21 -51.67 85.38
CA ARG O 133 -38.61 -50.81 84.28
C ARG O 133 -38.02 -51.31 82.97
N CYS P 2 -36.29 -23.38 19.23
CA CYS P 2 -34.84 -23.30 19.22
C CYS P 2 -34.31 -22.85 20.58
N TYR P 3 -33.22 -23.47 21.02
CA TYR P 3 -32.58 -23.09 22.26
C TYR P 3 -31.79 -21.80 22.05
N THR P 4 -32.17 -20.76 22.76
CA THR P 4 -31.60 -19.43 22.54
C THR P 4 -30.36 -19.16 23.37
N GLY P 5 -29.89 -20.12 24.15
CA GLY P 5 -28.71 -19.90 24.95
C GLY P 5 -28.89 -18.85 26.03
N ASP P 6 -30.00 -18.90 26.75
CA ASP P 6 -30.27 -17.93 27.80
C ASP P 6 -31.05 -18.59 28.92
N PRO P 7 -30.55 -19.68 29.49
CA PRO P 7 -31.32 -20.40 30.52
C PRO P 7 -31.63 -19.56 31.73
N ALA P 8 -30.80 -18.57 32.05
CA ALA P 8 -31.02 -17.80 33.27
C ALA P 8 -32.34 -17.05 33.22
N ASN P 9 -32.69 -16.49 32.07
CA ASN P 9 -33.85 -15.61 31.94
C ASN P 9 -35.06 -16.31 31.33
N ASN P 10 -34.84 -17.26 30.44
CA ASN P 10 -35.96 -17.83 29.68
C ASN P 10 -36.44 -19.14 30.32
N PRO P 11 -37.67 -19.18 30.86
CA PRO P 11 -38.16 -20.44 31.44
C PRO P 11 -38.23 -21.57 30.44
N LEU P 12 -38.51 -21.29 29.17
CA LEU P 12 -38.49 -22.34 28.17
C LEU P 12 -37.10 -22.90 27.96
N ASP P 13 -36.07 -22.05 28.02
CA ASP P 13 -34.71 -22.57 27.95
C ASP P 13 -34.40 -23.43 29.16
N ARG P 14 -34.89 -23.04 30.34
CA ARG P 14 -34.67 -23.89 31.51
C ARG P 14 -35.27 -25.29 31.29
N VAL P 15 -36.45 -25.36 30.69
CA VAL P 15 -37.06 -26.65 30.40
C VAL P 15 -36.23 -27.40 29.35
N ARG P 16 -35.81 -26.70 28.29
CA ARG P 16 -35.03 -27.33 27.25
C ARG P 16 -33.68 -27.81 27.74
N ILE P 17 -33.20 -27.32 28.87
CA ILE P 17 -32.01 -27.86 29.52
C ILE P 17 -32.36 -29.06 30.39
N LEU P 18 -33.40 -28.93 31.23
CA LEU P 18 -33.80 -30.06 32.06
C LEU P 18 -34.06 -31.30 31.20
N CYS P 19 -34.90 -31.16 30.18
CA CYS P 19 -34.94 -32.09 29.07
C CYS P 19 -33.70 -31.84 28.24
N THR P 20 -33.20 -32.87 27.56
CA THR P 20 -31.90 -32.76 26.91
C THR P 20 -32.03 -32.42 25.43
N ASP P 21 -33.05 -31.65 25.06
CA ASP P 21 -33.25 -31.22 23.67
C ASP P 21 -32.75 -29.79 23.48
N THR P 22 -31.45 -29.60 23.65
CA THR P 22 -30.84 -28.29 23.50
C THR P 22 -30.03 -28.14 22.22
N ASN P 23 -29.84 -29.21 21.46
CA ASN P 23 -29.00 -29.17 20.28
C ASN P 23 -29.79 -28.62 19.10
N ASN P 24 -29.42 -27.44 18.61
CA ASN P 24 -30.23 -26.74 17.61
C ASN P 24 -30.26 -27.45 16.27
N ASP P 25 -29.24 -28.26 15.94
CA ASP P 25 -29.22 -28.94 14.65
C ASP P 25 -30.17 -30.13 14.61
N GLU P 26 -30.58 -30.65 15.76
CA GLU P 26 -31.38 -31.87 15.84
C GLU P 26 -32.57 -31.63 16.76
N ILE P 27 -33.28 -30.52 16.55
CA ILE P 27 -34.49 -30.25 17.32
C ILE P 27 -35.45 -31.41 17.13
N LEU P 28 -35.77 -32.10 18.22
CA LEU P 28 -36.68 -33.24 18.17
C LEU P 28 -38.05 -32.93 18.78
N ILE P 29 -38.15 -31.92 19.64
CA ILE P 29 -39.41 -31.54 20.26
C ILE P 29 -39.78 -30.17 19.74
N GLU P 30 -40.98 -30.06 19.17
CA GLU P 30 -41.40 -28.81 18.56
C GLU P 30 -41.61 -27.75 19.64
N GLN P 31 -41.32 -26.49 19.28
CA GLN P 31 -41.44 -25.41 20.24
C GLN P 31 -42.88 -25.25 20.71
N SER P 32 -43.85 -25.37 19.80
CA SER P 32 -45.25 -25.28 20.18
C SER P 32 -45.65 -26.40 21.14
N VAL P 33 -45.20 -27.62 20.87
CA VAL P 33 -45.51 -28.73 21.75
C VAL P 33 -44.91 -28.49 23.13
N LEU P 34 -43.67 -27.99 23.16
CA LEU P 34 -43.02 -27.73 24.44
C LEU P 34 -43.78 -26.66 25.23
N GLU P 35 -44.22 -25.60 24.55
CA GLU P 35 -45.01 -24.58 25.23
C GLU P 35 -46.31 -25.15 25.76
N TRP P 36 -46.97 -26.00 24.97
CA TRP P 36 -48.22 -26.58 25.44
C TRP P 36 -48.00 -27.43 26.68
N PHE P 37 -46.94 -28.23 26.69
CA PHE P 37 -46.61 -28.97 27.91
C PHE P 37 -46.38 -28.03 29.08
N TYR P 38 -45.64 -26.94 28.86
CA TYR P 38 -45.34 -26.01 29.94
C TYR P 38 -46.61 -25.42 30.51
N LEU P 39 -47.56 -25.06 29.64
CA LEU P 39 -48.82 -24.51 30.13
C LEU P 39 -49.65 -25.57 30.84
N GLU P 40 -49.75 -26.77 30.27
CA GLU P 40 -50.58 -27.81 30.89
C GLU P 40 -50.04 -28.22 32.24
N SER P 41 -48.73 -28.08 32.46
CA SER P 41 -48.15 -28.32 33.76
C SER P 41 -48.30 -27.13 34.70
N GLY P 42 -49.28 -26.26 34.45
CA GLY P 42 -49.33 -24.99 35.13
C GLY P 42 -48.19 -24.14 34.64
N LYS P 43 -47.22 -23.89 35.52
CA LYS P 43 -45.93 -23.35 35.11
C LYS P 43 -44.88 -23.91 36.05
N ASP P 44 -44.28 -25.03 35.66
CA ASP P 44 -43.29 -25.71 36.49
C ASP P 44 -42.29 -26.38 35.56
N GLU P 45 -41.09 -25.82 35.46
CA GLU P 45 -40.09 -26.33 34.54
C GLU P 45 -39.72 -27.77 34.88
N LYS P 46 -39.58 -28.09 36.17
CA LYS P 46 -39.28 -29.46 36.55
C LYS P 46 -40.38 -30.41 36.11
N LYS P 47 -41.63 -30.01 36.30
CA LYS P 47 -42.75 -30.91 36.03
C LYS P 47 -43.08 -31.04 34.55
N ALA P 48 -42.65 -30.08 33.73
CA ALA P 48 -42.85 -30.23 32.29
C ALA P 48 -41.84 -31.20 31.69
N ALA P 49 -40.65 -31.28 32.27
CA ALA P 49 -39.59 -32.11 31.71
C ALA P 49 -39.95 -33.59 31.75
N ILE P 50 -40.63 -34.03 32.82
CA ILE P 50 -40.97 -35.45 32.93
C ILE P 50 -41.96 -35.88 31.87
N LYS P 51 -42.72 -34.96 31.29
CA LYS P 51 -43.61 -35.26 30.17
C LYS P 51 -42.87 -35.13 28.85
N ALA P 52 -42.04 -34.09 28.73
CA ALA P 52 -41.28 -33.90 27.50
C ALA P 52 -40.36 -35.09 27.24
N LEU P 53 -39.81 -35.67 28.30
CA LEU P 53 -38.91 -36.80 28.13
C LEU P 53 -39.65 -38.02 27.57
N LYS P 54 -40.84 -38.30 28.08
CA LYS P 54 -41.62 -39.40 27.55
C LYS P 54 -42.02 -39.14 26.10
N TYR P 55 -42.42 -37.92 25.79
CA TYR P 55 -42.72 -37.58 24.41
C TYR P 55 -41.51 -37.82 23.52
N LEU P 56 -40.32 -37.46 24.02
CA LEU P 56 -39.09 -37.67 23.26
C LEU P 56 -38.78 -39.14 23.07
N LEU P 57 -39.02 -39.97 24.10
CA LEU P 57 -38.85 -41.40 23.94
C LEU P 57 -39.74 -41.92 22.82
N PHE P 58 -41.01 -41.53 22.83
CA PHE P 58 -41.91 -41.95 21.76
C PHE P 58 -41.41 -41.48 20.40
N GLN P 59 -40.95 -40.23 20.32
CA GLN P 59 -40.48 -39.71 19.04
C GLN P 59 -39.28 -40.49 18.54
N VAL P 60 -38.34 -40.80 19.42
CA VAL P 60 -37.13 -41.51 19.02
C VAL P 60 -37.44 -42.94 18.61
N ALA P 61 -38.40 -43.60 19.28
CA ALA P 61 -38.68 -44.99 18.94
C ALA P 61 -39.20 -45.13 17.52
N LYS P 62 -39.80 -44.08 16.97
CA LYS P 62 -40.46 -44.21 15.67
C LYS P 62 -39.47 -44.34 14.52
N MET P 63 -38.41 -43.53 14.51
CA MET P 63 -37.60 -43.35 13.32
C MET P 63 -36.78 -44.60 13.00
N GLY P 64 -36.38 -44.70 11.74
CA GLY P 64 -35.54 -45.79 11.27
C GLY P 64 -34.41 -45.29 10.40
N ASP P 65 -33.72 -46.20 9.71
CA ASP P 65 -32.58 -45.84 8.89
C ASP P 65 -33.05 -45.32 7.55
N GLU P 66 -32.49 -44.19 7.12
CA GLU P 66 -32.85 -43.53 5.87
C GLU P 66 -31.60 -43.29 5.06
N LYS P 67 -31.67 -43.54 3.75
CA LYS P 67 -30.59 -43.24 2.83
C LYS P 67 -31.15 -42.44 1.67
N VAL P 68 -30.48 -41.33 1.35
CA VAL P 68 -30.73 -40.62 0.11
C VAL P 68 -29.38 -40.40 -0.55
N GLY P 69 -29.35 -40.31 -1.87
CA GLY P 69 -28.08 -40.26 -2.57
C GLY P 69 -27.10 -39.33 -1.87
N GLY P 70 -25.95 -39.88 -1.51
CA GLY P 70 -24.94 -39.13 -0.79
C GLY P 70 -25.04 -39.26 0.71
N VAL P 71 -26.08 -38.69 1.32
CA VAL P 71 -26.19 -38.72 2.77
C VAL P 71 -26.74 -40.07 3.22
N TYR P 72 -26.65 -40.32 4.52
CA TYR P 72 -27.15 -41.56 5.10
C TYR P 72 -27.13 -41.43 6.61
N LEU P 73 -28.26 -41.76 7.24
CA LEU P 73 -28.43 -41.59 8.68
C LEU P 73 -29.00 -42.88 9.24
N ARG P 74 -28.45 -43.34 10.37
CA ARG P 74 -28.80 -44.63 10.97
C ARG P 74 -29.28 -44.38 12.40
N ASN P 75 -30.57 -44.58 12.64
CA ASN P 75 -31.16 -44.24 13.92
C ASN P 75 -31.65 -45.45 14.71
N SER P 76 -31.17 -46.64 14.38
CA SER P 76 -31.74 -47.85 14.97
C SER P 76 -31.24 -48.15 16.38
N SER P 77 -30.19 -47.47 16.85
CA SER P 77 -29.65 -47.75 18.17
C SER P 77 -29.89 -46.63 19.18
N ARG P 78 -30.28 -45.45 18.70
CA ARG P 78 -30.53 -44.35 19.62
C ARG P 78 -31.52 -44.74 20.69
N PHE P 79 -32.57 -45.48 20.33
CA PHE P 79 -33.55 -45.89 21.33
C PHE P 79 -32.94 -46.84 22.35
N LYS P 80 -32.17 -47.82 21.89
CA LYS P 80 -31.62 -48.78 22.83
C LYS P 80 -30.69 -48.09 23.83
N SER P 81 -29.97 -47.06 23.40
CA SER P 81 -29.14 -46.31 24.33
C SER P 81 -30.00 -45.44 25.25
N LEU P 82 -30.98 -44.75 24.69
CA LEU P 82 -31.74 -43.75 25.44
C LEU P 82 -32.59 -44.41 26.52
N LYS P 83 -33.23 -45.54 26.18
CA LYS P 83 -34.03 -46.22 27.19
C LYS P 83 -33.16 -46.74 28.31
N ALA P 84 -31.96 -47.22 27.99
CA ALA P 84 -31.04 -47.64 29.04
C ALA P 84 -30.66 -46.48 29.95
N VAL P 85 -30.39 -45.30 29.40
CA VAL P 85 -30.11 -44.15 30.24
C VAL P 85 -31.31 -43.80 31.10
N TYR P 86 -32.51 -43.83 30.50
CA TYR P 86 -33.72 -43.41 31.18
C TYR P 86 -34.03 -44.31 32.36
N ASP P 87 -34.03 -45.63 32.13
CA ASP P 87 -34.37 -46.56 33.20
C ASP P 87 -33.44 -46.43 34.39
N ASP P 88 -32.22 -45.93 34.17
CA ASP P 88 -31.24 -45.82 35.24
C ASP P 88 -31.39 -44.49 35.96
N LEU P 89 -31.57 -43.41 35.20
CA LEU P 89 -31.51 -42.08 35.80
C LEU P 89 -32.87 -41.56 36.28
N VAL P 90 -33.98 -42.10 35.80
CA VAL P 90 -35.30 -41.58 36.15
C VAL P 90 -36.18 -42.68 36.73
N LYS P 91 -36.31 -43.79 36.00
CA LYS P 91 -37.28 -44.80 36.38
C LYS P 91 -36.97 -45.39 37.74
N SER P 92 -35.70 -45.67 38.02
CA SER P 92 -35.32 -46.35 39.25
C SER P 92 -35.12 -45.40 40.42
N SER P 93 -35.30 -44.10 40.23
CA SER P 93 -35.12 -43.13 41.31
C SER P 93 -36.36 -43.15 42.20
N VAL P 94 -36.17 -43.47 43.48
CA VAL P 94 -37.29 -43.61 44.39
C VAL P 94 -37.48 -42.33 45.19
N SER P 95 -38.75 -42.02 45.49
CA SER P 95 -39.08 -40.92 46.38
C SER P 95 -40.22 -41.37 47.29
N GLY P 96 -40.27 -40.78 48.47
CA GLY P 96 -41.23 -41.21 49.47
C GLY P 96 -40.62 -42.19 50.45
N LEU P 97 -41.49 -42.79 51.23
CA LEU P 97 -41.08 -43.66 52.33
C LEU P 97 -41.77 -45.01 52.23
N PRO P 98 -41.11 -46.07 52.70
CA PRO P 98 -41.78 -47.37 52.73
C PRO P 98 -42.48 -47.58 54.06
N TYR P 99 -43.68 -48.16 53.99
CA TYR P 99 -44.47 -48.39 55.19
C TYR P 99 -44.03 -49.68 55.87
N ALA P 100 -43.98 -49.63 57.21
CA ALA P 100 -43.70 -50.80 58.02
C ALA P 100 -44.88 -51.01 58.95
N GLY P 101 -45.43 -52.22 58.94
CA GLY P 101 -46.69 -52.47 59.63
C GLY P 101 -46.50 -52.55 61.12
N GLY P 102 -47.42 -51.92 61.87
CA GLY P 102 -47.45 -52.09 63.30
C GLY P 102 -46.18 -51.71 64.01
N ILE P 103 -45.56 -50.60 63.62
CA ILE P 103 -44.32 -50.16 64.23
C ILE P 103 -44.48 -48.85 65.01
N ASN P 104 -45.60 -48.14 64.81
CA ASN P 104 -45.82 -46.83 65.41
C ASN P 104 -47.15 -46.87 66.17
N GLN P 105 -47.07 -46.64 67.48
CA GLN P 105 -48.27 -46.67 68.32
C GLN P 105 -49.22 -45.56 67.94
N CYS P 106 -48.69 -44.37 67.66
CA CYS P 106 -49.50 -43.24 67.25
C CYS P 106 -50.24 -43.50 65.94
N ASP P 107 -49.79 -44.49 65.16
CA ASP P 107 -50.51 -44.87 63.94
C ASP P 107 -51.48 -46.01 64.22
N ILE P 108 -51.08 -46.95 65.08
CA ILE P 108 -51.97 -48.05 65.43
C ILE P 108 -53.26 -47.52 66.06
N ASP P 109 -53.12 -46.60 67.00
CA ASP P 109 -54.30 -46.07 67.67
C ASP P 109 -55.17 -45.26 66.72
N MET P 110 -54.59 -44.63 65.70
CA MET P 110 -55.40 -43.93 64.72
C MET P 110 -56.15 -44.90 63.83
N ARG P 111 -55.49 -45.99 63.44
CA ARG P 111 -56.14 -46.98 62.58
C ARG P 111 -57.22 -47.73 63.34
N ARG P 112 -57.14 -47.77 64.67
CA ARG P 112 -58.17 -48.45 65.45
C ARG P 112 -59.53 -47.78 65.35
N GLN P 113 -59.59 -46.53 64.89
CA GLN P 113 -60.85 -45.80 64.84
C GLN P 113 -61.70 -46.17 63.62
N ASN P 114 -61.16 -46.92 62.67
CA ASN P 114 -61.92 -47.28 61.47
C ASN P 114 -63.07 -48.19 61.85
N PRO P 115 -64.32 -47.85 61.50
CA PRO P 115 -65.45 -48.70 61.89
C PRO P 115 -65.64 -49.92 61.00
N CYS P 116 -65.17 -49.84 59.76
CA CYS P 116 -65.38 -50.90 58.78
C CYS P 116 -64.25 -51.92 58.75
N SER P 117 -63.48 -52.04 59.82
CA SER P 117 -62.36 -52.98 59.90
C SER P 117 -62.76 -54.19 60.71
N VAL P 118 -62.31 -55.37 60.27
CA VAL P 118 -62.71 -56.60 60.92
C VAL P 118 -62.08 -56.71 62.30
N LYS P 119 -62.89 -57.08 63.29
CA LYS P 119 -62.39 -57.25 64.65
C LYS P 119 -61.46 -58.45 64.74
N LYS P 120 -60.38 -58.28 65.49
CA LYS P 120 -59.46 -59.37 65.79
C LYS P 120 -59.70 -59.88 67.20
N TYR P 121 -59.62 -61.21 67.36
CA TYR P 121 -59.83 -61.79 68.67
C TYR P 121 -58.83 -61.30 69.70
N THR P 122 -57.55 -61.20 69.31
CA THR P 122 -56.51 -60.74 70.22
C THR P 122 -55.59 -59.78 69.50
N GLU P 123 -55.07 -58.82 70.23
CA GLU P 123 -54.13 -57.84 69.72
C GLU P 123 -52.86 -57.90 70.55
N TYR P 124 -51.85 -57.15 70.12
CA TYR P 124 -50.52 -57.31 70.69
C TYR P 124 -50.50 -57.02 72.18
N GLY P 125 -51.08 -55.91 72.60
CA GLY P 125 -51.00 -55.47 73.97
C GLY P 125 -52.06 -56.03 74.89
N ASP P 126 -52.86 -56.99 74.42
CA ASP P 126 -53.97 -57.50 75.22
C ASP P 126 -53.51 -58.06 76.56
N ALA P 127 -52.28 -58.56 76.65
CA ALA P 127 -51.83 -59.23 77.86
C ALA P 127 -51.53 -58.28 79.01
N ALA P 128 -51.48 -56.98 78.75
CA ALA P 128 -51.11 -56.01 79.79
C ALA P 128 -52.14 -54.89 79.94
N ARG P 129 -53.26 -54.95 79.22
CA ARG P 129 -54.31 -53.95 79.37
C ARG P 129 -55.08 -54.22 80.65
N TYR P 130 -55.01 -53.29 81.61
CA TYR P 130 -55.79 -53.44 82.83
C TYR P 130 -57.28 -53.32 82.54
N GLU P 131 -57.67 -52.40 81.66
CA GLU P 131 -59.08 -52.17 81.39
C GLU P 131 -59.69 -53.24 80.49
N GLY P 132 -58.88 -53.98 79.74
CA GLY P 132 -59.42 -55.00 78.86
C GLY P 132 -59.67 -54.44 77.48
N ARG P 133 -60.74 -54.90 76.84
CA ARG P 133 -61.08 -54.51 75.48
C ARG P 133 -59.91 -54.80 74.53
N ARG Q 12 31.43 84.00 -42.48
CA ARG Q 12 30.92 83.81 -41.14
C ARG Q 12 31.17 82.39 -40.65
N VAL Q 13 31.09 82.21 -39.33
CA VAL Q 13 31.02 80.89 -38.71
C VAL Q 13 29.95 80.95 -37.63
N HIS Q 14 28.96 80.07 -37.72
CA HIS Q 14 27.79 80.12 -36.85
C HIS Q 14 27.57 78.77 -36.22
N SER Q 15 26.89 78.78 -35.08
CA SER Q 15 26.54 77.56 -34.36
C SER Q 15 25.10 77.67 -33.90
N TYR Q 16 24.50 76.52 -33.65
CA TYR Q 16 23.11 76.45 -33.20
C TYR Q 16 22.99 75.33 -32.17
N ARG Q 17 21.82 75.24 -31.55
CA ARG Q 17 21.55 74.23 -30.55
C ARG Q 17 20.23 73.53 -30.84
N GLY Q 18 20.16 72.26 -30.45
CA GLY Q 18 18.96 71.47 -30.60
C GLY Q 18 18.70 70.65 -29.35
N VAL Q 19 17.50 70.06 -29.31
CA VAL Q 19 17.08 69.28 -28.16
C VAL Q 19 17.66 67.88 -28.24
N LEU Q 20 18.22 67.41 -27.13
CA LEU Q 20 18.80 66.08 -27.08
C LEU Q 20 17.69 65.04 -26.99
N ILE Q 21 17.67 64.11 -27.94
CA ILE Q 21 16.63 63.09 -28.05
C ILE Q 21 17.24 61.72 -27.86
N ILE Q 22 16.54 60.88 -27.10
CA ILE Q 22 16.98 59.51 -26.81
C ILE Q 22 15.81 58.58 -27.03
N THR Q 23 16.12 57.32 -27.34
CA THR Q 23 15.11 56.29 -27.59
C THR Q 23 15.44 55.05 -26.78
N ASP Q 24 14.42 54.30 -26.41
CA ASP Q 24 14.60 53.10 -25.59
C ASP Q 24 13.56 52.07 -26.00
N LYS Q 25 13.65 50.87 -25.41
CA LYS Q 25 12.86 49.72 -25.83
C LYS Q 25 12.06 49.06 -24.71
N LEU Q 26 11.87 49.70 -23.56
CA LEU Q 26 11.35 49.03 -22.37
C LEU Q 26 10.23 48.05 -22.70
N SER Q 27 10.34 46.84 -22.15
CA SER Q 27 9.31 45.81 -22.25
C SER Q 27 9.32 44.98 -20.96
N VAL Q 28 8.21 44.31 -20.68
CA VAL Q 28 8.02 43.61 -19.41
C VAL Q 28 7.51 42.21 -19.69
N GLU Q 29 7.74 41.30 -18.74
CA GLU Q 29 7.27 39.92 -18.83
C GLU Q 29 7.08 39.36 -17.43
N ALA Q 30 6.20 38.36 -17.31
CA ALA Q 30 5.74 37.92 -16.00
C ALA Q 30 6.08 36.47 -15.66
N GLY Q 31 5.73 35.53 -16.54
CA GLY Q 31 5.86 34.12 -16.21
C GLY Q 31 4.66 33.61 -15.44
N SER Q 32 4.62 32.29 -15.24
CA SER Q 32 3.47 31.64 -14.62
C SER Q 32 3.87 30.30 -14.04
N ARG Q 33 3.00 29.78 -13.19
CA ARG Q 33 3.21 28.50 -12.51
C ARG Q 33 1.86 27.87 -12.21
N ALA Q 34 1.88 26.58 -11.89
CA ALA Q 34 0.66 25.86 -11.53
C ALA Q 34 1.02 24.73 -10.58
N SER Q 35 0.02 24.29 -9.79
CA SER Q 35 0.25 23.28 -8.78
C SER Q 35 -1.03 22.49 -8.56
N LEU Q 36 -0.88 21.27 -8.03
CA LEU Q 36 -2.00 20.37 -7.80
C LEU Q 36 -1.56 19.18 -6.96
N SER Q 37 -2.35 18.83 -5.94
CA SER Q 37 -1.98 17.77 -5.02
C SER Q 37 -3.20 16.93 -4.69
N GLY Q 38 -3.03 15.62 -4.61
CA GLY Q 38 -4.14 14.74 -4.32
C GLY Q 38 -3.64 13.33 -4.06
N TYR Q 39 -4.60 12.44 -3.81
CA TYR Q 39 -4.29 11.04 -3.56
C TYR Q 39 -5.56 10.23 -3.70
N ILE Q 40 -5.39 8.92 -3.91
CA ILE Q 40 -6.52 8.01 -4.01
C ILE Q 40 -7.19 7.92 -2.64
N SER Q 41 -8.47 8.25 -2.57
CA SER Q 41 -9.13 8.39 -1.28
C SER Q 41 -9.52 7.04 -0.72
N ASP Q 42 -9.67 6.99 0.60
CA ASP Q 42 -10.20 5.83 1.29
C ASP Q 42 -10.89 6.25 2.58
N GLY Q 43 -12.20 6.03 2.64
CA GLY Q 43 -12.97 6.30 3.83
C GLY Q 43 -13.32 7.77 4.04
N GLY Q 44 -12.47 8.67 3.55
CA GLY Q 44 -12.72 10.09 3.77
C GLY Q 44 -12.71 10.43 5.24
N THR Q 45 -13.59 11.34 5.64
CA THR Q 45 -13.67 11.80 7.02
C THR Q 45 -15.13 11.99 7.39
N SER Q 46 -15.50 11.50 8.56
CA SER Q 46 -16.87 11.59 9.04
C SER Q 46 -16.85 11.91 10.53
N ASP Q 47 -17.74 12.82 10.95
CA ASP Q 47 -17.83 13.18 12.35
C ASP Q 47 -18.30 11.98 13.17
N VAL Q 48 -19.29 11.25 12.67
CA VAL Q 48 -19.82 10.09 13.38
C VAL Q 48 -19.10 8.84 12.89
N PHE Q 49 -18.63 8.03 13.83
CA PHE Q 49 -17.83 6.85 13.50
C PHE Q 49 -18.08 5.79 14.57
N THR Q 50 -18.96 4.84 14.28
CA THR Q 50 -19.35 3.85 15.27
C THR Q 50 -19.57 2.50 14.59
N ILE Q 51 -19.41 1.44 15.39
CA ILE Q 51 -19.72 0.08 14.99
C ILE Q 51 -21.14 0.05 14.46
N CYS Q 52 -21.40 -0.80 13.46
CA CYS Q 52 -22.68 -0.81 12.77
C CYS Q 52 -23.20 -2.22 12.58
N ARG Q 53 -24.52 -2.35 12.57
CA ARG Q 53 -25.21 -3.57 12.18
C ARG Q 53 -26.29 -3.20 11.16
N LEU Q 54 -26.35 -3.95 10.07
CA LEU Q 54 -27.22 -3.62 8.94
C LEU Q 54 -28.12 -4.83 8.64
N LEU Q 55 -29.39 -4.72 9.02
CA LEU Q 55 -30.35 -5.78 8.75
C LEU Q 55 -31.05 -5.56 7.42
N ASP Q 56 -31.72 -6.61 6.95
CA ASP Q 56 -32.59 -6.54 5.78
C ASP Q 56 -34.02 -6.85 6.21
N ALA Q 57 -34.97 -6.22 5.51
CA ALA Q 57 -36.38 -6.31 5.87
C ALA Q 57 -37.19 -6.57 4.61
N PRO Q 58 -37.45 -7.84 4.29
CA PRO Q 58 -38.30 -8.16 3.14
C PRO Q 58 -39.76 -8.13 3.53
N MET Q 59 -40.52 -7.22 2.91
CA MET Q 59 -41.96 -7.24 3.05
C MET Q 59 -42.52 -8.48 2.36
N SER Q 60 -43.74 -8.86 2.75
CA SER Q 60 -44.41 -10.04 2.21
C SER Q 60 -43.89 -11.32 2.87
N GLY Q 61 -43.05 -11.19 3.89
CA GLY Q 61 -42.68 -12.32 4.71
C GLY Q 61 -41.76 -13.33 4.06
N LYS Q 62 -41.23 -13.03 2.88
CA LYS Q 62 -40.35 -13.97 2.20
C LYS Q 62 -38.92 -13.83 2.72
N PRO Q 63 -38.34 -14.84 3.36
CA PRO Q 63 -36.89 -14.82 3.59
C PRO Q 63 -36.17 -15.10 2.28
N PHE Q 64 -35.08 -14.37 2.03
CA PHE Q 64 -34.43 -14.48 0.73
C PHE Q 64 -33.97 -15.92 0.47
N ILE Q 65 -33.45 -16.59 1.48
CA ILE Q 65 -33.16 -18.03 1.41
C ILE Q 65 -33.73 -18.67 2.66
N SER Q 66 -34.49 -19.74 2.47
CA SER Q 66 -35.29 -20.33 3.55
C SER Q 66 -34.38 -21.10 4.50
N GLY Q 67 -33.91 -20.39 5.53
CA GLY Q 67 -33.11 -21.00 6.56
C GLY Q 67 -33.98 -21.71 7.59
N ASN Q 68 -33.38 -21.92 8.76
CA ASN Q 68 -34.09 -22.53 9.87
C ASN Q 68 -33.58 -21.95 11.18
N CYS Q 69 -34.35 -22.15 12.24
CA CYS Q 69 -34.01 -21.62 13.55
C CYS Q 69 -34.04 -20.10 13.54
N SER Q 70 -33.44 -19.49 14.56
CA SER Q 70 -33.46 -18.04 14.73
C SER Q 70 -32.03 -17.53 14.76
N GLU Q 71 -31.80 -16.37 14.17
CA GLU Q 71 -30.49 -15.76 14.19
C GLU Q 71 -30.50 -14.62 15.20
N ILE Q 72 -29.39 -14.47 15.93
CA ILE Q 72 -29.30 -13.52 17.03
C ILE Q 72 -28.20 -12.54 16.69
N VAL Q 73 -28.53 -11.25 16.72
CA VAL Q 73 -27.52 -10.21 16.54
C VAL Q 73 -26.86 -9.93 17.88
N LYS Q 74 -25.55 -9.68 17.86
CA LYS Q 74 -24.78 -9.47 19.07
C LYS Q 74 -24.07 -8.13 19.02
N ILE Q 75 -24.20 -7.35 20.09
CA ILE Q 75 -23.60 -6.03 20.17
C ILE Q 75 -22.86 -5.93 21.50
N PRO Q 76 -21.72 -5.24 21.57
CA PRO Q 76 -21.08 -5.04 22.87
C PRO Q 76 -21.99 -4.26 23.81
N PHE Q 77 -21.88 -4.57 25.10
CA PHE Q 77 -22.89 -4.12 26.05
C PHE Q 77 -22.91 -2.60 26.18
N ASP Q 78 -21.75 -1.98 26.36
CA ASP Q 78 -21.68 -0.57 26.73
C ASP Q 78 -21.12 0.30 25.61
N SER Q 79 -21.51 0.02 24.37
CA SER Q 79 -20.99 0.74 23.22
C SER Q 79 -22.13 1.16 22.30
N SER Q 80 -22.11 2.42 21.89
CA SER Q 80 -23.08 2.88 20.91
C SER Q 80 -22.90 2.15 19.59
N CYS Q 81 -24.01 1.79 18.96
CA CYS Q 81 -23.95 1.02 17.71
C CYS Q 81 -25.04 1.53 16.78
N LEU Q 82 -24.63 2.01 15.60
CA LEU Q 82 -25.59 2.43 14.59
C LEU Q 82 -26.22 1.21 13.95
N LEU Q 83 -27.54 1.09 14.07
CA LEU Q 83 -28.30 -0.02 13.51
C LEU Q 83 -29.18 0.51 12.39
N GLY Q 84 -29.05 -0.09 11.20
CA GLY Q 84 -29.83 0.33 10.06
C GLY Q 84 -30.75 -0.79 9.60
N VAL Q 85 -31.61 -0.44 8.64
CA VAL Q 85 -32.56 -1.38 8.07
C VAL Q 85 -32.71 -1.07 6.59
N LYS Q 86 -32.99 -2.11 5.81
CA LYS Q 86 -33.20 -1.99 4.37
C LYS Q 86 -34.58 -2.55 4.04
N LEU Q 87 -35.27 -1.91 3.11
CA LEU Q 87 -36.63 -2.30 2.76
C LEU Q 87 -36.69 -2.85 1.35
N TYR Q 88 -37.41 -3.96 1.19
CA TYR Q 88 -37.64 -4.58 -0.10
C TYR Q 88 -39.12 -4.85 -0.28
N ASN Q 89 -39.64 -4.47 -1.45
CA ASN Q 89 -41.06 -4.57 -1.73
C ASN Q 89 -41.46 -6.02 -1.99
N CYS Q 90 -42.70 -6.22 -2.43
CA CYS Q 90 -43.23 -7.55 -2.64
C CYS Q 90 -42.57 -8.27 -3.80
N GLU Q 91 -41.75 -7.58 -4.61
CA GLU Q 91 -41.04 -8.18 -5.71
C GLU Q 91 -39.53 -8.14 -5.51
N ASN Q 92 -39.09 -7.98 -4.27
CA ASN Q 92 -37.67 -8.04 -3.89
C ASN Q 92 -36.88 -6.85 -4.40
N LYS Q 93 -37.52 -5.89 -5.04
CA LYS Q 93 -36.85 -4.67 -5.44
C LYS Q 93 -36.66 -3.75 -4.24
N ARG Q 94 -35.69 -2.85 -4.35
CA ARG Q 94 -35.37 -2.00 -3.20
C ARG Q 94 -36.30 -0.80 -3.14
N ILE Q 95 -36.86 -0.57 -1.95
CA ILE Q 95 -37.81 0.51 -1.74
C ILE Q 95 -37.05 1.78 -1.38
N ASN Q 96 -37.61 2.92 -1.81
CA ASN Q 96 -37.09 4.23 -1.43
C ASN Q 96 -37.85 4.71 -0.21
N VAL Q 97 -37.13 5.31 0.73
CA VAL Q 97 -37.67 5.66 2.04
C VAL Q 97 -38.47 6.96 1.95
N ASN Q 98 -38.53 7.56 0.77
CA ASN Q 98 -39.25 8.83 0.64
C ASN Q 98 -40.73 8.67 1.00
N SER Q 99 -41.28 7.47 0.81
CA SER Q 99 -42.70 7.22 1.06
C SER Q 99 -42.99 6.86 2.51
N ILE Q 100 -42.00 6.92 3.39
CA ILE Q 100 -42.17 6.59 4.80
C ILE Q 100 -42.26 7.88 5.59
N GLU Q 101 -43.25 7.97 6.48
CA GLU Q 101 -43.43 9.16 7.29
C GLU Q 101 -42.68 9.06 8.60
N ALA Q 102 -42.84 7.95 9.33
CA ALA Q 102 -42.21 7.77 10.61
C ALA Q 102 -42.01 6.29 10.87
N ALA Q 103 -41.17 5.98 11.86
CA ALA Q 103 -40.89 4.61 12.24
C ALA Q 103 -40.52 4.56 13.72
N PHE Q 104 -40.97 3.52 14.41
CA PHE Q 104 -40.74 3.35 15.83
C PHE Q 104 -40.00 2.04 16.06
N ILE Q 105 -38.82 2.13 16.66
CA ILE Q 105 -38.07 0.94 17.04
C ILE Q 105 -38.55 0.49 18.41
N THR Q 106 -38.52 -0.82 18.64
CA THR Q 106 -39.04 -1.40 19.86
C THR Q 106 -38.13 -2.52 20.35
N LEU Q 107 -37.84 -2.51 21.65
CA LEU Q 107 -37.23 -3.64 22.34
C LEU Q 107 -38.18 -4.07 23.43
N ASP Q 108 -38.66 -5.30 23.36
CA ASP Q 108 -39.75 -5.75 24.22
C ASP Q 108 -39.39 -5.55 25.68
N THR Q 109 -40.35 -5.07 26.47
CA THR Q 109 -40.21 -4.95 27.92
C THR Q 109 -38.99 -4.11 28.29
N ALA Q 110 -38.47 -3.35 27.31
CA ALA Q 110 -37.36 -2.44 27.58
C ALA Q 110 -37.76 -1.01 27.31
N PHE Q 111 -38.19 -0.72 26.08
CA PHE Q 111 -38.60 0.63 25.73
C PHE Q 111 -39.07 0.64 24.28
N GLN Q 112 -39.69 1.75 23.90
CA GLN Q 112 -40.04 2.05 22.52
C GLN Q 112 -39.64 3.48 22.23
N SER Q 113 -39.29 3.77 20.99
CA SER Q 113 -38.76 5.09 20.66
C SER Q 113 -38.99 5.39 19.19
N PRO Q 114 -39.05 6.67 18.81
CA PRO Q 114 -39.03 7.02 17.39
C PRO Q 114 -37.67 6.72 16.79
N MET Q 115 -37.64 6.65 15.46
CA MET Q 115 -36.47 6.15 14.76
C MET Q 115 -36.19 7.07 13.58
N THR Q 116 -34.91 7.28 13.30
CA THR Q 116 -34.48 8.25 12.30
C THR Q 116 -34.79 7.71 10.90
N VAL Q 117 -35.63 8.41 10.16
CA VAL Q 117 -35.96 8.02 8.79
C VAL Q 117 -34.98 8.70 7.84
N ASN Q 118 -33.81 8.09 7.65
CA ASN Q 118 -32.76 8.66 6.82
C ASN Q 118 -33.07 8.49 5.34
N LYS Q 119 -33.68 9.51 4.72
CA LYS Q 119 -33.97 9.45 3.29
C LYS Q 119 -32.73 9.63 2.43
N ASP Q 120 -31.63 10.13 3.00
CA ASP Q 120 -30.42 10.37 2.20
C ASP Q 120 -29.77 9.06 1.82
N THR Q 121 -29.35 8.27 2.82
CA THR Q 121 -28.75 6.97 2.57
C THR Q 121 -29.77 5.92 2.18
N ASN Q 122 -31.06 6.24 2.26
CA ASN Q 122 -32.13 5.30 1.91
C ASN Q 122 -32.19 4.14 2.89
N ARG Q 123 -32.14 4.48 4.18
CA ARG Q 123 -32.20 3.48 5.23
C ARG Q 123 -32.90 4.08 6.45
N LEU Q 124 -33.43 3.21 7.30
CA LEU Q 124 -33.96 3.60 8.59
C LEU Q 124 -32.90 3.29 9.64
N GLU Q 125 -32.63 4.24 10.52
CA GLU Q 125 -31.47 4.14 11.42
C GLU Q 125 -31.85 4.52 12.84
N TYR Q 126 -31.15 3.90 13.79
CA TYR Q 126 -31.26 4.23 15.20
C TYR Q 126 -29.90 4.02 15.85
N ILE Q 127 -29.56 4.88 16.80
CA ILE Q 127 -28.26 4.83 17.46
C ILE Q 127 -28.48 4.68 18.95
N PHE Q 128 -27.89 3.64 19.53
CA PHE Q 128 -27.95 3.46 20.97
C PHE Q 128 -27.01 4.43 21.67
N SER Q 129 -27.24 4.62 22.97
CA SER Q 129 -26.45 5.53 23.76
C SER Q 129 -26.32 4.97 25.17
N GLN Q 130 -25.49 5.64 25.97
CA GLN Q 130 -25.19 5.16 27.31
C GLN Q 130 -26.41 5.24 28.22
N ASN Q 131 -27.23 6.29 28.06
CA ASN Q 131 -28.47 6.36 28.80
C ASN Q 131 -29.48 5.32 28.34
N ASP Q 132 -29.25 4.72 27.17
CA ASP Q 132 -30.11 3.66 26.69
C ASP Q 132 -29.84 2.36 27.42
N TYR Q 133 -28.57 2.13 27.79
CA TYR Q 133 -28.18 0.88 28.44
C TYR Q 133 -28.52 0.91 29.92
N LYS Q 134 -29.20 1.95 30.37
CA LYS Q 134 -29.60 2.04 31.77
C LYS Q 134 -30.79 1.15 32.10
N VAL Q 135 -31.44 0.56 31.09
CA VAL Q 135 -32.54 -0.36 31.32
C VAL Q 135 -32.29 -1.74 30.72
N LEU Q 136 -31.26 -1.91 29.90
CA LEU Q 136 -31.02 -3.18 29.23
C LEU Q 136 -30.19 -4.09 30.11
N VAL Q 137 -30.63 -5.34 30.26
CA VAL Q 137 -29.90 -6.31 31.06
C VAL Q 137 -28.82 -6.96 30.19
N LYS Q 138 -27.61 -7.04 30.73
CA LYS Q 138 -26.52 -7.66 29.99
C LYS Q 138 -26.82 -9.13 29.75
N GLY Q 139 -26.59 -9.57 28.51
CA GLY Q 139 -26.71 -10.97 28.17
C GLY Q 139 -28.10 -11.42 27.79
N LYS Q 140 -29.12 -10.87 28.44
CA LYS Q 140 -30.49 -11.31 28.20
C LYS Q 140 -30.87 -11.06 26.74
N VAL Q 141 -31.65 -11.98 26.18
CA VAL Q 141 -32.06 -11.86 24.78
C VAL Q 141 -33.33 -11.04 24.70
N TYR Q 142 -33.30 -9.99 23.89
CA TYR Q 142 -34.43 -9.11 23.70
C TYR Q 142 -34.96 -9.24 22.28
N ASP Q 143 -36.26 -9.42 22.14
CA ASP Q 143 -36.89 -9.33 20.84
C ASP Q 143 -36.91 -7.89 20.37
N MET Q 144 -36.96 -7.71 19.06
CA MET Q 144 -36.89 -6.39 18.45
C MET Q 144 -37.96 -6.30 17.37
N ILE Q 145 -38.61 -5.15 17.29
CA ILE Q 145 -39.71 -4.93 16.36
C ILE Q 145 -39.56 -3.55 15.76
N VAL Q 146 -39.81 -3.44 14.46
CA VAL Q 146 -39.76 -2.18 13.73
C VAL Q 146 -41.14 -1.90 13.19
N ASN Q 147 -41.66 -0.71 13.48
CA ASN Q 147 -42.98 -0.29 13.01
C ASN Q 147 -42.83 0.90 12.07
N VAL Q 148 -43.77 1.00 11.14
CA VAL Q 148 -43.75 2.04 10.13
C VAL Q 148 -45.11 2.72 10.09
N VAL Q 149 -45.12 3.98 9.69
CA VAL Q 149 -46.35 4.77 9.59
C VAL Q 149 -46.47 5.25 8.16
N ASP Q 150 -47.61 4.96 7.54
CA ASP Q 150 -47.84 5.35 6.16
C ASP Q 150 -48.44 6.74 6.09
N GLU Q 151 -48.68 7.22 4.87
CA GLU Q 151 -49.31 8.52 4.69
C GLU Q 151 -50.74 8.50 5.22
N SER Q 152 -51.40 7.35 5.13
CA SER Q 152 -52.78 7.21 5.59
C SER Q 152 -52.83 6.71 7.04
N GLY Q 153 -51.70 6.75 7.73
CA GLY Q 153 -51.67 6.40 9.14
C GLY Q 153 -51.66 4.91 9.41
N ASN Q 154 -51.50 4.10 8.37
CA ASN Q 154 -51.40 2.66 8.56
C ASN Q 154 -50.13 2.32 9.35
N HIS Q 155 -50.24 1.31 10.21
CA HIS Q 155 -49.11 0.83 11.01
C HIS Q 155 -48.79 -0.59 10.60
N SER Q 156 -47.53 -0.84 10.26
CA SER Q 156 -47.06 -2.13 9.77
C SER Q 156 -45.87 -2.59 10.58
N THR Q 157 -45.84 -3.88 10.92
CA THR Q 157 -44.69 -4.49 11.58
C THR Q 157 -43.78 -5.07 10.50
N VAL Q 158 -42.79 -4.28 10.09
CA VAL Q 158 -41.98 -4.64 8.94
C VAL Q 158 -40.95 -5.72 9.27
N LEU Q 159 -40.51 -5.83 10.52
CA LEU Q 159 -39.43 -6.75 10.85
C LEU Q 159 -39.51 -7.14 12.31
N LYS Q 160 -39.18 -8.39 12.59
CA LYS Q 160 -38.96 -8.87 13.95
C LYS Q 160 -37.67 -9.66 13.97
N GLN Q 161 -36.83 -9.41 14.97
CA GLN Q 161 -35.50 -9.99 15.04
C GLN Q 161 -35.08 -10.10 16.49
N LYS Q 162 -34.26 -11.11 16.79
CA LYS Q 162 -33.76 -11.34 18.13
C LYS Q 162 -32.37 -10.75 18.28
N VAL Q 163 -32.12 -10.11 19.43
CA VAL Q 163 -30.87 -9.42 19.69
C VAL Q 163 -30.40 -9.79 21.10
N ARG Q 164 -29.12 -9.58 21.34
CA ARG Q 164 -28.55 -9.73 22.68
C ARG Q 164 -27.29 -8.91 22.76
N PHE Q 165 -26.87 -8.62 23.99
CA PHE Q 165 -25.71 -7.78 24.25
C PHE Q 165 -24.70 -8.56 25.08
N ASN Q 166 -23.46 -8.61 24.61
CA ASN Q 166 -22.43 -9.39 25.27
C ASN Q 166 -21.81 -8.58 26.41
N VAL R 28 -33.26 9.67 40.77
CA VAL R 28 -34.18 9.09 39.80
C VAL R 28 -34.53 10.11 38.74
N GLU R 29 -34.49 9.70 37.47
CA GLU R 29 -34.77 10.57 36.35
C GLU R 29 -35.33 9.73 35.22
N ALA R 30 -36.16 10.37 34.38
CA ALA R 30 -36.83 9.67 33.29
C ALA R 30 -36.72 10.37 31.94
N GLY R 31 -36.50 11.67 31.88
CA GLY R 31 -36.46 12.37 30.61
C GLY R 31 -37.77 12.27 29.86
N SER R 32 -37.88 12.95 28.73
CA SER R 32 -39.12 12.92 27.94
C SER R 32 -38.81 13.31 26.51
N ARG R 33 -39.71 12.96 25.61
CA ARG R 33 -39.56 13.26 24.19
C ARG R 33 -40.92 13.54 23.58
N ALA R 34 -40.91 14.29 22.48
CA ALA R 34 -42.11 14.56 21.71
C ALA R 34 -41.77 14.48 20.23
N SER R 35 -42.75 14.05 19.43
CA SER R 35 -42.52 13.84 18.01
C SER R 35 -43.79 14.14 17.24
N LEU R 36 -43.62 14.65 16.02
CA LEU R 36 -44.73 14.97 15.15
C LEU R 36 -44.29 14.77 13.70
N SER R 37 -45.26 14.45 12.85
CA SER R 37 -44.99 14.30 11.42
C SER R 37 -46.26 14.63 10.65
N GLY R 38 -46.08 15.09 9.43
CA GLY R 38 -47.21 15.45 8.59
C GLY R 38 -46.75 16.09 7.30
N TYR R 39 -47.73 16.47 6.50
CA TYR R 39 -47.47 17.07 5.19
C TYR R 39 -48.68 17.90 4.80
N ILE R 40 -48.57 18.57 3.66
CA ILE R 40 -49.62 19.42 3.12
C ILE R 40 -50.13 18.79 1.84
N SER R 41 -51.42 18.52 1.79
CA SER R 41 -52.02 17.84 0.64
C SER R 41 -51.80 18.62 -0.65
N ASP R 47 -51.57 8.10 -0.04
CA ASP R 47 -50.78 6.92 -0.36
C ASP R 47 -50.89 5.88 0.75
N VAL R 48 -50.59 4.63 0.41
CA VAL R 48 -50.59 3.54 1.38
C VAL R 48 -49.32 2.72 1.18
N PHE R 49 -48.68 2.35 2.27
CA PHE R 49 -47.40 1.65 2.21
C PHE R 49 -47.38 0.50 3.22
N THR R 50 -48.45 -0.28 3.28
CA THR R 50 -48.52 -1.41 4.20
C THR R 50 -47.88 -2.65 3.58
N ILE R 51 -47.57 -3.62 4.45
CA ILE R 51 -47.00 -4.87 4.00
C ILE R 51 -48.02 -5.66 3.20
N CYS R 52 -47.58 -6.28 2.11
CA CYS R 52 -48.45 -7.03 1.22
C CYS R 52 -48.10 -8.51 1.30
N ARG R 53 -49.11 -9.36 1.21
CA ARG R 53 -48.93 -10.80 1.15
C ARG R 53 -49.95 -11.39 0.19
N LEU R 54 -49.46 -12.03 -0.86
CA LEU R 54 -50.24 -12.35 -2.05
C LEU R 54 -50.55 -13.83 -2.10
N LEU R 55 -51.61 -14.18 -2.83
CA LEU R 55 -52.06 -15.55 -2.97
C LEU R 55 -52.53 -15.77 -4.40
N ASP R 56 -52.73 -17.04 -4.76
CA ASP R 56 -53.25 -17.42 -6.06
C ASP R 56 -54.45 -18.33 -5.87
N ALA R 57 -55.48 -18.12 -6.68
CA ALA R 57 -56.71 -18.88 -6.59
C ALA R 57 -56.99 -19.57 -7.91
N PRO R 58 -56.71 -20.87 -8.05
CA PRO R 58 -57.01 -21.56 -9.31
C PRO R 58 -58.46 -21.98 -9.41
N MET R 59 -59.19 -21.40 -10.36
CA MET R 59 -60.58 -21.80 -10.57
C MET R 59 -60.70 -23.22 -11.11
N SER R 60 -59.64 -23.75 -11.73
CA SER R 60 -59.69 -25.10 -12.26
C SER R 60 -59.75 -26.17 -11.18
N GLY R 61 -59.53 -25.80 -9.92
CA GLY R 61 -59.56 -26.76 -8.84
C GLY R 61 -58.21 -27.37 -8.55
N LYS R 62 -57.49 -27.72 -9.60
CA LYS R 62 -56.16 -28.32 -9.43
C LYS R 62 -55.16 -27.25 -9.04
N PRO R 63 -54.41 -27.42 -7.94
CA PRO R 63 -53.44 -26.39 -7.55
C PRO R 63 -52.30 -26.25 -8.55
N CYS R 69 -49.30 -30.22 6.77
CA CYS R 69 -49.50 -30.83 5.46
C CYS R 69 -49.95 -29.79 4.43
N SER R 70 -50.13 -28.55 4.87
CA SER R 70 -50.48 -27.47 3.97
C SER R 70 -49.96 -26.16 4.55
N GLU R 71 -49.84 -25.17 3.68
CA GLU R 71 -49.27 -23.89 4.07
C GLU R 71 -50.20 -23.15 5.03
N ILE R 72 -49.58 -22.33 5.89
CA ILE R 72 -50.31 -21.45 6.79
C ILE R 72 -49.73 -20.05 6.64
N VAL R 73 -50.55 -19.11 6.17
CA VAL R 73 -50.10 -17.73 6.02
C VAL R 73 -49.98 -17.09 7.40
N LYS R 74 -48.98 -16.22 7.55
CA LYS R 74 -48.70 -15.57 8.82
C LYS R 74 -48.78 -14.06 8.66
N ILE R 75 -49.40 -13.39 9.61
CA ILE R 75 -49.47 -11.92 9.62
C ILE R 75 -49.21 -11.46 11.04
N PRO R 76 -48.31 -10.50 11.26
CA PRO R 76 -48.10 -10.00 12.63
C PRO R 76 -49.40 -9.43 13.20
N PHE R 77 -49.64 -9.70 14.47
CA PHE R 77 -50.87 -9.25 15.10
C PHE R 77 -50.87 -7.74 15.26
N ASP R 78 -52.07 -7.16 15.15
CA ASP R 78 -52.25 -5.71 15.33
C ASP R 78 -51.53 -4.93 14.25
N SER R 79 -51.12 -5.59 13.18
CA SER R 79 -50.41 -4.91 12.10
C SER R 79 -51.25 -4.89 10.84
N SER R 80 -51.42 -3.70 10.26
CA SER R 80 -52.12 -3.59 9.01
C SER R 80 -51.37 -4.35 7.91
N CYS R 81 -52.13 -5.10 7.12
CA CYS R 81 -51.52 -5.93 6.09
C CYS R 81 -52.48 -6.07 4.92
N LEU R 82 -52.05 -5.64 3.75
CA LEU R 82 -52.83 -5.84 2.54
C LEU R 82 -52.76 -7.28 2.10
N LEU R 83 -53.91 -7.88 1.80
CA LEU R 83 -54.01 -9.24 1.30
C LEU R 83 -54.58 -9.20 -0.10
N GLY R 84 -53.88 -9.82 -1.04
CA GLY R 84 -54.30 -9.83 -2.43
C GLY R 84 -54.40 -11.23 -2.99
N VAL R 85 -55.25 -11.42 -3.99
CA VAL R 85 -55.45 -12.72 -4.63
C VAL R 85 -55.57 -12.52 -6.13
N LYS R 86 -55.03 -13.47 -6.89
CA LYS R 86 -55.05 -13.43 -8.35
C LYS R 86 -55.88 -14.59 -8.88
N LEU R 87 -56.70 -14.31 -9.88
CA LEU R 87 -57.57 -15.33 -10.45
C LEU R 87 -56.90 -16.03 -11.62
N TYR R 88 -57.06 -17.35 -11.69
CA TYR R 88 -56.58 -18.15 -12.80
C TYR R 88 -57.76 -18.92 -13.38
N ASN R 89 -57.94 -18.83 -14.69
CA ASN R 89 -59.12 -19.41 -15.33
C ASN R 89 -58.99 -20.93 -15.37
N CYS R 90 -59.94 -21.58 -16.02
CA CYS R 90 -59.96 -23.03 -16.09
C CYS R 90 -58.79 -23.61 -16.87
N GLU R 91 -58.17 -22.83 -17.75
CA GLU R 91 -56.99 -23.27 -18.48
C GLU R 91 -55.72 -23.04 -17.68
N ASN R 92 -55.79 -22.25 -16.61
CA ASN R 92 -54.64 -21.88 -15.77
C ASN R 92 -53.79 -20.79 -16.42
N LYS R 93 -54.41 -19.91 -17.18
CA LYS R 93 -53.87 -18.57 -17.40
C LYS R 93 -54.28 -17.68 -16.24
N ARG R 94 -53.62 -16.54 -16.11
CA ARG R 94 -54.13 -15.49 -15.24
C ARG R 94 -55.18 -14.69 -16.00
N ILE R 95 -56.36 -14.54 -15.40
CA ILE R 95 -57.54 -14.10 -16.12
C ILE R 95 -57.95 -12.73 -15.62
N ASN R 96 -58.47 -11.92 -16.54
CA ASN R 96 -58.93 -10.58 -16.21
C ASN R 96 -60.07 -10.65 -15.19
N VAL R 97 -60.08 -9.69 -14.27
CA VAL R 97 -61.10 -9.61 -13.23
C VAL R 97 -62.13 -8.59 -13.65
N ASN R 98 -62.27 -8.35 -14.95
CA ASN R 98 -63.24 -7.39 -15.45
C ASN R 98 -64.64 -7.72 -14.93
N SER R 99 -65.06 -8.97 -15.11
CA SER R 99 -66.27 -9.43 -14.45
C SER R 99 -66.02 -9.54 -12.95
N ILE R 100 -67.02 -10.04 -12.23
CA ILE R 100 -66.96 -10.22 -10.78
C ILE R 100 -67.37 -8.91 -10.13
N GLU R 101 -68.37 -8.97 -9.25
CA GLU R 101 -68.77 -7.83 -8.44
C GLU R 101 -69.04 -8.32 -7.02
N ALA R 102 -68.83 -7.42 -6.07
CA ALA R 102 -69.19 -7.69 -4.67
C ALA R 102 -68.50 -8.95 -4.16
N ALA R 103 -67.21 -9.08 -4.45
CA ALA R 103 -66.44 -10.15 -3.84
C ALA R 103 -66.36 -9.94 -2.34
N PHE R 104 -66.42 -11.03 -1.59
CA PHE R 104 -66.43 -10.98 -0.13
C PHE R 104 -65.30 -11.82 0.44
N ILE R 105 -64.85 -11.45 1.63
CA ILE R 105 -63.84 -12.20 2.38
C ILE R 105 -64.44 -12.59 3.71
N THR R 106 -64.11 -13.79 4.17
CA THR R 106 -64.66 -14.33 5.40
C THR R 106 -63.55 -14.95 6.23
N LEU R 107 -63.46 -14.51 7.48
CA LEU R 107 -62.66 -15.18 8.49
C LEU R 107 -63.60 -16.05 9.31
N ASP R 108 -63.45 -17.37 9.20
CA ASP R 108 -64.42 -18.29 9.77
C ASP R 108 -64.56 -18.04 11.26
N THR R 109 -65.81 -18.06 11.73
CA THR R 109 -66.17 -17.86 13.14
C THR R 109 -65.51 -16.61 13.74
N ALA R 110 -65.15 -15.65 12.89
CA ALA R 110 -64.67 -14.36 13.38
C ALA R 110 -65.56 -13.23 12.86
N PHE R 111 -65.72 -13.16 11.55
CA PHE R 111 -66.50 -12.09 10.94
C PHE R 111 -66.55 -12.30 9.43
N GLN R 112 -67.32 -11.44 8.77
CA GLN R 112 -67.35 -11.35 7.32
C GLN R 112 -67.26 -9.88 6.93
N SER R 113 -66.68 -9.63 5.75
CA SER R 113 -66.40 -8.27 5.32
C SER R 113 -66.51 -8.22 3.81
N PRO R 114 -66.76 -7.05 3.24
CA PRO R 114 -66.68 -6.90 1.78
C PRO R 114 -65.26 -6.66 1.32
N MET R 115 -65.02 -6.98 0.05
CA MET R 115 -63.69 -6.90 -0.54
C MET R 115 -63.74 -6.00 -1.77
N THR R 116 -62.58 -5.44 -2.11
CA THR R 116 -62.47 -4.44 -3.16
C THR R 116 -61.95 -5.06 -4.45
N VAL R 117 -62.67 -4.84 -5.53
CA VAL R 117 -62.28 -5.35 -6.84
C VAL R 117 -61.37 -4.32 -7.51
N ASN R 118 -60.07 -4.41 -7.26
CA ASN R 118 -59.12 -3.49 -7.88
C ASN R 118 -58.96 -3.81 -9.36
N LYS R 119 -59.68 -3.09 -10.20
CA LYS R 119 -59.72 -3.40 -11.63
C LYS R 119 -58.52 -2.87 -12.39
N ASP R 120 -57.63 -2.13 -11.74
CA ASP R 120 -56.42 -1.64 -12.40
C ASP R 120 -55.36 -2.73 -12.36
N THR R 121 -55.00 -3.18 -11.15
CA THR R 121 -53.99 -4.23 -11.02
C THR R 121 -54.54 -5.62 -11.27
N ASN R 122 -55.85 -5.75 -11.47
CA ASN R 122 -56.47 -7.05 -11.74
C ASN R 122 -56.30 -8.00 -10.56
N ARG R 123 -56.52 -7.49 -9.35
CA ARG R 123 -56.46 -8.29 -8.15
C ARG R 123 -57.61 -7.92 -7.22
N LEU R 124 -58.16 -8.93 -6.55
CA LEU R 124 -59.12 -8.71 -5.48
C LEU R 124 -58.34 -8.46 -4.20
N GLU R 125 -58.60 -7.34 -3.53
CA GLU R 125 -57.73 -6.85 -2.48
C GLU R 125 -58.51 -6.58 -1.21
N TYR R 126 -57.79 -6.59 -0.09
CA TYR R 126 -58.35 -6.28 1.22
C TYR R 126 -57.24 -5.72 2.10
N ILE R 127 -57.62 -5.05 3.17
CA ILE R 127 -56.67 -4.49 4.13
C ILE R 127 -57.19 -4.74 5.53
N PHE R 128 -56.48 -5.57 6.28
CA PHE R 128 -56.87 -5.85 7.66
C PHE R 128 -56.79 -4.58 8.49
N SER R 129 -57.95 -4.10 8.94
CA SER R 129 -58.05 -2.86 9.70
C SER R 129 -57.82 -3.14 11.17
N GLN R 130 -57.42 -2.10 11.90
CA GLN R 130 -57.16 -2.22 13.33
C GLN R 130 -58.42 -2.49 14.14
N ASN R 131 -59.60 -2.34 13.54
CA ASN R 131 -60.84 -2.75 14.18
C ASN R 131 -61.01 -4.26 14.16
N ASP R 132 -60.48 -4.92 13.13
CA ASP R 132 -60.64 -6.36 12.99
C ASP R 132 -60.01 -7.10 14.15
N TYR R 133 -58.84 -6.63 14.60
CA TYR R 133 -58.11 -7.34 15.66
C TYR R 133 -58.84 -7.30 16.98
N LYS R 134 -59.88 -6.47 17.11
CA LYS R 134 -60.65 -6.43 18.35
C LYS R 134 -61.45 -7.70 18.57
N VAL R 135 -61.58 -8.56 17.56
CA VAL R 135 -62.39 -9.76 17.66
C VAL R 135 -61.61 -10.98 17.22
N LEU R 136 -60.31 -10.82 17.01
CA LEU R 136 -59.44 -11.91 16.56
C LEU R 136 -58.56 -12.36 17.72
N VAL R 137 -58.46 -13.68 17.90
CA VAL R 137 -57.63 -14.24 18.96
C VAL R 137 -56.20 -14.32 18.48
N LYS R 138 -55.26 -13.95 19.33
CA LYS R 138 -53.85 -14.02 18.99
C LYS R 138 -53.37 -15.46 19.01
N GLY R 139 -52.67 -15.85 17.94
CA GLY R 139 -52.05 -17.15 17.88
C GLY R 139 -52.93 -18.23 17.27
N LYS R 140 -54.24 -18.12 17.44
CA LYS R 140 -55.14 -19.15 16.94
C LYS R 140 -55.10 -19.22 15.42
N VAL R 141 -55.38 -20.40 14.88
CA VAL R 141 -55.38 -20.62 13.44
C VAL R 141 -56.79 -20.49 12.92
N TYR R 142 -56.97 -19.72 11.85
CA TYR R 142 -58.28 -19.41 11.30
C TYR R 142 -58.38 -19.93 9.88
N ASP R 143 -59.59 -20.27 9.47
CA ASP R 143 -59.87 -20.60 8.09
C ASP R 143 -60.40 -19.37 7.38
N MET R 144 -60.06 -19.24 6.10
CA MET R 144 -60.45 -18.09 5.30
C MET R 144 -61.09 -18.57 4.01
N ILE R 145 -62.09 -17.81 3.55
CA ILE R 145 -62.84 -18.17 2.36
C ILE R 145 -63.10 -16.90 1.56
N VAL R 146 -63.03 -16.99 0.24
CA VAL R 146 -63.28 -15.89 -0.66
C VAL R 146 -64.45 -16.28 -1.57
N ASN R 147 -65.47 -15.43 -1.60
CA ASN R 147 -66.67 -15.68 -2.38
C ASN R 147 -66.77 -14.65 -3.49
N VAL R 148 -67.33 -15.07 -4.62
CA VAL R 148 -67.46 -14.22 -5.80
C VAL R 148 -68.89 -14.28 -6.30
N VAL R 149 -69.46 -13.11 -6.61
CA VAL R 149 -70.82 -13.01 -7.12
C VAL R 149 -70.74 -12.38 -8.50
N ASP R 150 -71.13 -13.14 -9.52
CA ASP R 150 -71.03 -12.68 -10.89
C ASP R 150 -72.27 -11.87 -11.27
N GLU R 151 -72.48 -11.71 -12.57
CA GLU R 151 -73.62 -10.94 -13.06
C GLU R 151 -74.88 -11.78 -13.14
N SER R 152 -74.76 -13.10 -13.04
CA SER R 152 -75.92 -13.98 -13.04
C SER R 152 -76.45 -14.24 -11.63
N GLY R 153 -75.81 -13.72 -10.60
CA GLY R 153 -76.22 -13.97 -9.23
C GLY R 153 -75.67 -15.23 -8.62
N ASN R 154 -74.85 -16.00 -9.36
CA ASN R 154 -74.26 -17.21 -8.83
C ASN R 154 -73.12 -16.87 -7.86
N HIS R 155 -72.95 -17.72 -6.86
CA HIS R 155 -71.89 -17.56 -5.87
C HIS R 155 -70.91 -18.71 -6.00
N SER R 156 -69.62 -18.39 -6.04
CA SER R 156 -68.55 -19.38 -6.16
C SER R 156 -67.54 -19.16 -5.04
N THR R 157 -67.09 -20.27 -4.45
CA THR R 157 -66.03 -20.21 -3.44
C THR R 157 -64.70 -20.46 -4.14
N VAL R 158 -63.94 -19.39 -4.37
CA VAL R 158 -62.78 -19.45 -5.25
C VAL R 158 -61.48 -19.72 -4.50
N LEU R 159 -61.49 -19.75 -3.17
CA LEU R 159 -60.27 -19.97 -2.41
C LEU R 159 -60.58 -20.31 -0.97
N LYS R 160 -59.83 -21.27 -0.42
CA LYS R 160 -59.81 -21.55 1.00
C LYS R 160 -58.36 -21.69 1.45
N GLN R 161 -58.02 -21.02 2.55
CA GLN R 161 -56.64 -20.99 3.00
C GLN R 161 -56.62 -20.80 4.50
N LYS R 162 -55.56 -21.31 5.13
CA LYS R 162 -55.37 -21.18 6.57
C LYS R 162 -54.40 -20.05 6.87
N VAL R 163 -54.71 -19.28 7.90
CA VAL R 163 -53.88 -18.16 8.33
C VAL R 163 -53.81 -18.15 9.85
N ARG R 164 -52.87 -17.35 10.37
CA ARG R 164 -52.75 -17.16 11.81
C ARG R 164 -52.00 -15.86 12.04
N PHE R 165 -52.37 -15.18 13.12
CA PHE R 165 -51.80 -13.87 13.45
C PHE R 165 -50.84 -14.02 14.61
N ASN R 166 -49.55 -13.93 14.32
CA ASN R 166 -48.51 -14.18 15.30
C ASN R 166 -48.61 -13.23 16.48
#